data_4ZGS
#
_entry.id   4ZGS
#
_cell.length_a   83.760
_cell.length_b   110.920
_cell.length_c   193.160
_cell.angle_alpha   90.00
_cell.angle_beta   90.11
_cell.angle_gamma   90.00
#
_symmetry.space_group_name_H-M   'P 1 21 1'
#
loop_
_entity.id
_entity.type
_entity.pdbx_description
1 polymer 'Putative D-lactate dehydrogenase'
2 non-polymer NICOTINAMIDE-ADENINE-DINUCLEOTIDE
3 water water
#
_entity_poly.entity_id   1
_entity_poly.type   'polypeptide(L)'
_entity_poly.pdbx_seq_one_letter_code
;MALNVGPGGGSPVSTVEDTGRVELTPQEAAKVATTRCICYSTTQYVKDFLAGPMQKVFTDTYFVEPPLDKDTAQLARGYD
VAVLFVNDRADASVIKELAKAGVKLIALRCAGFDRVDLHACAEHGVRVVRVPTYSPESVAEHAVALIFALNRHLTDAYIR
VRMGNYSLSGLVGVEMRHKVVGVVGTGAIGQQAARILKGIGCKVFAYDIKPNPAVEAMGIPYVSLDELLAMSDIVTLHCP
LLPSTRQLINKESIQKMKKGVMLINVSRGGLIDSAALFDALESGQIGALGLDVYENEGGLFFVDHTKFDPSVRMQKWDRQ
FRTLLSYPQVLVTPHTAFLTEEALNNICTTTIQNIADYVLDRPLGNEVKAQPAPAGKTLEHHHHHH
;
_entity_poly.pdbx_strand_id   A,B,C,D,E,F,G,H
#
# COMPACT_ATOMS: atom_id res chain seq x y z
N THR A 25 28.59 -7.17 40.11
CA THR A 25 28.74 -6.97 38.68
C THR A 25 30.09 -6.33 38.29
N PRO A 26 31.10 -6.38 39.18
CA PRO A 26 32.33 -5.69 38.77
C PRO A 26 33.05 -6.38 37.62
N GLN A 27 33.36 -7.67 37.85
CA GLN A 27 33.99 -8.48 36.82
C GLN A 27 33.11 -8.61 35.58
N GLU A 28 31.80 -8.76 35.79
CA GLU A 28 30.88 -8.80 34.66
C GLU A 28 30.87 -7.51 33.91
N ALA A 29 31.26 -6.41 34.57
CA ALA A 29 31.31 -5.14 33.86
C ALA A 29 32.54 -5.07 32.96
N ALA A 30 33.63 -5.69 33.38
CA ALA A 30 34.85 -5.68 32.59
C ALA A 30 34.70 -6.56 31.38
N LYS A 31 33.96 -7.67 31.58
CA LYS A 31 33.70 -8.58 30.49
C LYS A 31 32.72 -7.92 29.51
N VAL A 32 31.70 -7.24 30.04
CA VAL A 32 30.75 -6.55 29.18
C VAL A 32 31.46 -5.44 28.41
N ALA A 33 32.34 -4.73 29.11
CA ALA A 33 33.08 -3.61 28.54
C ALA A 33 33.93 -3.99 27.32
N THR A 34 34.37 -5.25 27.27
CA THR A 34 35.20 -5.73 26.17
C THR A 34 34.38 -5.90 24.88
N THR A 35 33.07 -5.76 24.99
CA THR A 35 32.22 -5.82 23.80
C THR A 35 32.55 -4.68 22.83
N ARG A 36 32.61 -5.01 21.54
CA ARG A 36 32.82 -4.04 20.46
C ARG A 36 31.51 -3.82 19.72
N CYS A 37 31.00 -2.59 19.80
CA CYS A 37 29.69 -2.23 19.28
C CYS A 37 29.75 -1.19 18.14
N ILE A 38 29.09 -1.50 17.03
CA ILE A 38 28.93 -0.50 15.98
C ILE A 38 27.46 -0.03 15.90
N CYS A 39 27.22 1.28 15.81
CA CYS A 39 25.85 1.82 15.65
C CYS A 39 25.63 2.55 14.33
N TYR A 40 24.71 2.03 13.54
CA TYR A 40 24.34 2.66 12.29
C TYR A 40 23.30 3.79 12.41
N SER A 41 23.29 4.68 11.43
CA SER A 41 22.35 5.82 11.47
C SER A 41 22.51 6.69 12.70
N THR A 42 23.75 7.09 13.02
CA THR A 42 23.90 7.92 14.20
C THR A 42 23.75 9.34 13.75
N THR A 43 22.54 9.87 14.00
CA THR A 43 22.22 11.25 13.65
C THR A 43 22.36 12.01 14.95
N GLN A 44 22.01 13.28 14.96
CA GLN A 44 22.29 14.07 16.14
C GLN A 44 21.59 13.55 17.43
N TYR A 45 20.36 13.05 17.29
CA TYR A 45 19.57 12.69 18.47
C TYR A 45 20.11 11.40 19.11
N VAL A 46 20.65 10.53 18.26
CA VAL A 46 21.27 9.29 18.69
C VAL A 46 22.57 9.58 19.42
N LYS A 47 23.33 10.55 18.93
CA LYS A 47 24.52 10.98 19.64
C LYS A 47 24.09 11.52 20.99
N ASP A 48 23.06 12.32 21.01
CA ASP A 48 22.63 12.91 22.27
C ASP A 48 22.19 11.86 23.33
N PHE A 49 21.26 10.98 22.98
CA PHE A 49 20.67 10.08 23.96
C PHE A 49 21.49 8.78 24.14
N LEU A 50 22.21 8.34 23.11
CA LEU A 50 22.76 6.97 23.12
C LEU A 50 24.27 6.93 23.42
N ALA A 51 25.07 7.62 22.63
CA ALA A 51 26.54 7.55 22.70
C ALA A 51 27.15 7.73 24.10
N GLY A 52 26.64 8.66 24.89
CA GLY A 52 27.17 8.88 26.23
C GLY A 52 27.02 7.66 27.12
N PRO A 53 25.81 7.13 27.23
CA PRO A 53 25.63 5.89 28.01
C PRO A 53 26.46 4.71 27.52
N MET A 54 26.65 4.62 26.20
CA MET A 54 27.33 3.47 25.62
C MET A 54 28.80 3.45 25.96
N GLN A 55 29.40 4.63 26.00
CA GLN A 55 30.84 4.71 26.19
C GLN A 55 31.17 4.57 27.68
N LYS A 56 30.16 4.66 28.53
CA LYS A 56 30.34 4.34 29.95
C LYS A 56 30.37 2.83 30.23
N VAL A 57 29.79 2.05 29.32
CA VAL A 57 29.71 0.61 29.46
C VAL A 57 30.70 -0.09 28.54
N PHE A 58 30.58 0.14 27.24
CA PHE A 58 31.46 -0.53 26.30
C PHE A 58 32.69 0.33 26.03
N THR A 59 33.85 -0.30 26.09
CA THR A 59 35.13 0.38 25.94
C THR A 59 35.37 0.92 24.51
N ASP A 60 34.97 0.12 23.51
CA ASP A 60 35.11 0.47 22.09
C ASP A 60 33.73 0.48 21.50
N THR A 61 33.28 1.66 21.08
CA THR A 61 31.98 1.79 20.44
C THR A 61 32.11 2.69 19.22
N TYR A 62 31.76 2.14 18.06
CA TYR A 62 31.87 2.82 16.77
C TYR A 62 30.54 3.44 16.32
N PHE A 63 30.49 4.75 16.17
CA PHE A 63 29.26 5.40 15.71
C PHE A 63 29.34 5.85 14.24
N VAL A 64 28.60 5.17 13.36
CA VAL A 64 28.57 5.50 11.93
C VAL A 64 27.32 6.31 11.56
N GLU A 65 27.52 7.47 10.95
CA GLU A 65 26.38 8.32 10.64
C GLU A 65 25.46 7.79 9.53
N PRO A 66 26.00 7.36 8.39
CA PRO A 66 25.06 6.82 7.40
C PRO A 66 24.33 5.56 7.90
N PRO A 67 23.18 5.26 7.29
CA PRO A 67 22.43 4.04 7.65
C PRO A 67 23.19 2.82 7.19
N LEU A 68 22.60 1.67 7.43
CA LEU A 68 23.26 0.43 7.08
C LEU A 68 22.88 -0.07 5.68
N ASP A 69 23.91 -0.40 4.90
CA ASP A 69 23.79 -0.99 3.57
C ASP A 69 24.66 -2.21 3.45
N LYS A 70 24.81 -2.62 2.21
CA LYS A 70 25.61 -3.74 1.83
C LYS A 70 27.03 -3.20 1.92
N ASP A 71 27.20 -2.00 1.37
CA ASP A 71 28.40 -1.18 1.51
C ASP A 71 28.80 -0.65 2.89
N THR A 72 27.86 -0.37 3.78
CA THR A 72 28.28 0.13 5.09
C THR A 72 28.32 -0.96 6.14
N ALA A 73 28.11 -2.18 5.69
CA ALA A 73 28.14 -3.32 6.60
C ALA A 73 29.59 -3.73 6.78
N GLN A 74 30.36 -3.44 5.75
CA GLN A 74 31.78 -3.74 5.74
C GLN A 74 32.49 -2.91 6.79
N LEU A 75 31.76 -1.94 7.34
CA LEU A 75 32.25 -1.10 8.43
C LEU A 75 32.26 -1.84 9.77
N ALA A 76 31.52 -2.95 9.83
CA ALA A 76 31.25 -3.66 11.08
C ALA A 76 32.29 -4.73 11.33
N ARG A 77 33.32 -4.74 10.50
CA ARG A 77 34.39 -5.73 10.56
C ARG A 77 35.09 -5.71 11.93
N GLY A 78 35.08 -6.85 12.61
CA GLY A 78 35.73 -6.92 13.90
C GLY A 78 34.75 -6.70 15.04
N TYR A 79 33.61 -6.09 14.75
CA TYR A 79 32.64 -5.78 15.79
C TYR A 79 31.68 -6.91 16.17
N ASP A 80 31.30 -6.89 17.43
CA ASP A 80 30.48 -7.94 18.01
C ASP A 80 28.98 -7.76 17.86
N VAL A 81 28.53 -6.51 18.01
CA VAL A 81 27.11 -6.20 17.96
C VAL A 81 26.86 -4.95 17.16
N ALA A 82 25.86 -5.02 16.29
CA ALA A 82 25.47 -3.89 15.47
C ALA A 82 24.19 -3.28 16.02
N VAL A 83 24.21 -1.99 16.36
CA VAL A 83 22.98 -1.34 16.78
C VAL A 83 22.33 -0.59 15.62
N LEU A 84 21.07 -0.96 15.38
CA LEU A 84 20.31 -0.57 14.21
C LEU A 84 18.99 0.05 14.62
N PHE A 85 18.37 0.73 13.67
CA PHE A 85 17.11 1.43 13.88
C PHE A 85 16.20 1.00 12.74
N VAL A 86 14.96 1.49 12.76
CA VAL A 86 13.95 1.05 11.82
C VAL A 86 14.34 1.35 10.38
N ASN A 87 15.04 2.47 10.16
CA ASN A 87 15.47 2.89 8.82
C ASN A 87 16.69 2.16 8.22
N ASP A 88 17.40 1.37 9.02
CA ASP A 88 18.60 0.63 8.59
C ASP A 88 18.31 -0.64 7.79
N ARG A 89 19.16 -1.03 6.83
CA ARG A 89 18.83 -2.27 6.11
C ARG A 89 19.46 -3.49 6.76
N ALA A 90 18.63 -4.47 7.15
CA ALA A 90 19.07 -5.85 7.10
C ALA A 90 18.06 -6.60 6.25
N ASP A 91 18.35 -6.75 4.96
CA ASP A 91 17.58 -7.63 4.10
C ASP A 91 18.49 -8.84 4.01
N ALA A 92 18.13 -9.85 3.22
CA ALA A 92 18.92 -11.07 3.26
C ALA A 92 20.39 -10.85 2.91
N SER A 93 20.70 -9.84 2.11
CA SER A 93 22.07 -9.63 1.63
C SER A 93 23.01 -8.94 2.64
N VAL A 94 22.53 -7.97 3.42
CA VAL A 94 23.43 -7.28 4.34
C VAL A 94 23.70 -8.13 5.59
N ILE A 95 22.79 -9.04 5.93
CA ILE A 95 23.00 -9.95 7.05
C ILE A 95 24.18 -10.84 6.68
N LYS A 96 24.37 -11.04 5.38
CA LYS A 96 25.42 -11.94 4.95
C LYS A 96 26.74 -11.26 5.23
N GLU A 97 26.81 -9.96 5.01
CA GLU A 97 28.08 -9.28 5.19
C GLU A 97 28.38 -8.96 6.64
N LEU A 98 27.34 -8.79 7.44
CA LEU A 98 27.51 -8.59 8.88
C LEU A 98 27.98 -9.86 9.54
N ALA A 99 27.49 -11.00 9.07
CA ALA A 99 27.91 -12.27 9.63
C ALA A 99 29.41 -12.46 9.48
N LYS A 100 29.92 -12.21 8.28
CA LYS A 100 31.34 -12.41 7.97
C LYS A 100 32.21 -11.33 8.59
N ALA A 101 31.60 -10.20 8.92
CA ALA A 101 32.29 -9.16 9.69
C ALA A 101 32.54 -9.66 11.10
N GLY A 102 31.74 -10.62 11.55
CA GLY A 102 31.91 -11.14 12.89
C GLY A 102 30.83 -10.81 13.90
N VAL A 103 29.87 -9.96 13.53
CA VAL A 103 28.80 -9.59 14.47
C VAL A 103 27.80 -10.75 14.69
N LYS A 104 27.64 -11.17 15.95
CA LYS A 104 26.63 -12.17 16.31
C LYS A 104 25.34 -11.61 16.90
N LEU A 105 25.26 -10.29 17.12
CA LEU A 105 24.04 -9.75 17.72
C LEU A 105 23.63 -8.45 17.05
N ILE A 106 22.34 -8.36 16.71
CA ILE A 106 21.82 -7.12 16.22
C ILE A 106 20.86 -6.57 17.24
N ALA A 107 21.13 -5.35 17.73
CA ALA A 107 20.21 -4.71 18.69
C ALA A 107 19.50 -3.54 18.04
N LEU A 108 18.18 -3.63 17.96
CA LEU A 108 17.36 -2.55 17.48
C LEU A 108 17.12 -1.57 18.63
N ARG A 109 17.32 -0.29 18.35
CA ARG A 109 17.09 0.83 19.26
C ARG A 109 15.62 1.17 19.13
N CYS A 110 14.86 0.23 18.58
CA CYS A 110 13.44 0.45 18.30
C CYS A 110 12.62 -0.82 18.56
N ALA A 111 11.32 -0.77 18.35
CA ALA A 111 10.52 -1.99 18.50
C ALA A 111 10.24 -2.67 17.18
N GLY A 112 10.42 -1.97 16.06
CA GLY A 112 10.24 -2.58 14.75
C GLY A 112 11.41 -3.41 14.29
N PHE A 113 11.14 -4.68 14.03
CA PHE A 113 12.07 -5.60 13.36
C PHE A 113 11.67 -5.85 11.91
N ASP A 114 10.63 -5.15 11.47
CA ASP A 114 10.00 -5.40 10.18
C ASP A 114 11.01 -5.47 9.02
N ARG A 115 12.02 -4.62 9.04
CA ARG A 115 13.01 -4.57 7.97
C ARG A 115 14.18 -5.56 8.08
N VAL A 116 14.37 -6.19 9.23
CA VAL A 116 15.43 -7.19 9.32
C VAL A 116 14.92 -8.54 8.89
N ASP A 117 15.77 -9.30 8.20
CA ASP A 117 15.42 -10.62 7.73
C ASP A 117 15.91 -11.64 8.75
N LEU A 118 14.96 -12.29 9.40
CA LEU A 118 15.25 -13.21 10.51
C LEU A 118 15.53 -14.58 9.97
N HIS A 119 15.15 -14.79 8.70
CA HIS A 119 15.43 -16.05 8.04
C HIS A 119 16.88 -16.01 7.58
N ALA A 120 17.38 -14.81 7.32
CA ALA A 120 18.79 -14.67 6.96
C ALA A 120 19.67 -14.73 8.21
N CYS A 121 19.19 -14.16 9.31
CA CYS A 121 19.97 -14.17 10.53
C CYS A 121 20.11 -15.57 11.08
N ALA A 122 19.05 -16.37 10.92
CA ALA A 122 19.09 -17.74 11.40
C ALA A 122 20.18 -18.52 10.68
N GLU A 123 20.34 -18.25 9.39
CA GLU A 123 21.28 -19.00 8.56
C GLU A 123 22.73 -18.59 8.84
N HIS A 124 22.94 -17.32 9.18
CA HIS A 124 24.28 -16.78 9.36
C HIS A 124 24.75 -16.65 10.83
N GLY A 125 23.94 -17.11 11.77
CA GLY A 125 24.37 -17.16 13.16
C GLY A 125 24.21 -15.85 13.90
N VAL A 126 23.51 -14.92 13.27
CA VAL A 126 23.24 -13.62 13.88
C VAL A 126 21.95 -13.63 14.71
N ARG A 127 22.00 -13.12 15.94
CA ARG A 127 20.81 -13.06 16.79
C ARG A 127 20.33 -11.61 16.87
N VAL A 128 19.01 -11.45 16.87
CA VAL A 128 18.41 -10.14 16.86
C VAL A 128 17.68 -9.84 18.18
N VAL A 129 18.00 -8.71 18.78
CA VAL A 129 17.34 -8.31 20.01
C VAL A 129 16.69 -6.94 19.76
N ARG A 130 15.90 -6.43 20.69
CA ARG A 130 14.94 -5.39 20.34
C ARG A 130 14.40 -4.58 21.53
N VAL A 131 13.87 -3.39 21.30
CA VAL A 131 13.12 -2.76 22.39
C VAL A 131 11.61 -2.76 22.16
N PRO A 132 10.88 -3.66 22.85
CA PRO A 132 9.45 -3.79 22.56
C PRO A 132 8.53 -2.66 23.06
N THR A 133 8.92 -1.89 24.08
CA THR A 133 8.04 -0.81 24.54
C THR A 133 8.71 0.51 24.92
N TYR A 134 8.22 1.57 24.25
CA TYR A 134 8.44 2.97 24.61
C TYR A 134 7.43 3.38 25.71
N SER A 135 7.73 4.43 26.47
CA SER A 135 6.77 4.99 27.44
C SER A 135 5.47 5.37 26.79
N PRO A 136 4.38 4.73 27.19
CA PRO A 136 3.07 4.90 26.56
C PRO A 136 2.56 6.33 26.77
N GLU A 137 3.04 6.99 27.82
CA GLU A 137 2.73 8.41 28.01
C GLU A 137 3.25 9.28 26.88
N SER A 138 4.46 8.99 26.40
CA SER A 138 5.05 9.82 25.33
C SER A 138 4.16 9.88 24.12
N VAL A 139 3.70 8.71 23.69
CA VAL A 139 2.89 8.58 22.47
C VAL A 139 1.52 9.18 22.71
N ALA A 140 0.88 8.83 23.82
CA ALA A 140 -0.46 9.34 24.15
C ALA A 140 -0.41 10.86 24.28
N GLU A 141 0.59 11.41 24.95
CA GLU A 141 0.69 12.85 25.04
C GLU A 141 0.91 13.48 23.64
N HIS A 142 1.44 12.73 22.67
CA HIS A 142 1.68 13.35 21.38
C HIS A 142 0.39 13.56 20.59
N ALA A 143 -0.45 12.54 20.59
CA ALA A 143 -1.77 12.65 19.99
C ALA A 143 -2.58 13.81 20.63
N VAL A 144 -2.44 13.94 21.95
CA VAL A 144 -3.17 14.97 22.67
C VAL A 144 -2.57 16.31 22.23
N ALA A 145 -1.26 16.31 22.00
CA ALA A 145 -0.55 17.49 21.51
C ALA A 145 -1.13 17.96 20.16
N LEU A 146 -1.32 17.02 19.26
CA LEU A 146 -1.86 17.29 17.95
C LEU A 146 -3.23 17.87 18.11
N ILE A 147 -3.99 17.31 19.04
CA ILE A 147 -5.37 17.78 19.21
C ILE A 147 -5.36 19.27 19.62
N PHE A 148 -4.54 19.60 20.60
CA PHE A 148 -4.51 20.97 21.03
C PHE A 148 -4.07 21.93 19.93
N ALA A 149 -3.02 21.56 19.18
CA ALA A 149 -2.45 22.42 18.17
C ALA A 149 -3.51 22.70 17.11
N LEU A 150 -4.20 21.66 16.64
CA LEU A 150 -5.27 21.84 15.66
C LEU A 150 -6.44 22.66 16.17
N ASN A 151 -6.86 22.40 17.41
CA ASN A 151 -7.95 23.14 18.00
C ASN A 151 -7.69 24.62 18.00
N ARG A 152 -6.45 24.98 18.33
CA ARG A 152 -6.11 26.37 18.49
C ARG A 152 -5.33 26.92 17.31
N HIS A 153 -5.21 26.16 16.22
CA HIS A 153 -4.51 26.61 15.02
C HIS A 153 -3.13 27.15 15.35
N LEU A 154 -2.40 26.42 16.19
CA LEU A 154 -1.08 26.87 16.61
C LEU A 154 -0.06 26.96 15.45
N THR A 155 -0.08 26.05 14.46
CA THR A 155 0.94 26.17 13.40
C THR A 155 0.68 27.41 12.52
N ASP A 156 -0.54 27.59 12.03
CA ASP A 156 -0.91 28.86 11.38
C ASP A 156 -0.50 30.07 12.23
N ALA A 157 -0.82 30.07 13.53
CA ALA A 157 -0.58 31.25 14.34
C ALA A 157 0.89 31.60 14.42
N TYR A 158 1.69 30.58 14.64
CA TYR A 158 3.12 30.75 14.79
C TYR A 158 3.70 31.40 13.53
N ILE A 159 3.29 30.91 12.36
CA ILE A 159 3.87 31.39 11.08
C ILE A 159 3.53 32.84 10.76
N ARG A 160 2.26 33.18 10.93
CA ARG A 160 1.78 34.54 10.77
C ARG A 160 2.49 35.46 11.73
N VAL A 161 2.56 35.07 13.00
CA VAL A 161 3.24 35.94 13.97
C VAL A 161 4.69 36.14 13.55
N ARG A 162 5.32 35.10 13.00
CA ARG A 162 6.70 35.20 12.51
C ARG A 162 6.84 36.15 11.30
N MET A 163 5.85 36.14 10.40
CA MET A 163 5.82 37.07 9.27
C MET A 163 5.44 38.48 9.72
N GLY A 164 4.79 38.60 10.87
CA GLY A 164 4.31 39.89 11.35
C GLY A 164 2.84 40.13 11.05
N ASN A 165 2.10 39.05 10.79
CA ASN A 165 0.64 39.15 10.76
C ASN A 165 0.09 38.83 12.16
N TYR A 166 -0.39 39.87 12.86
CA TYR A 166 -0.95 39.66 14.20
C TYR A 166 -2.49 39.67 14.22
N SER A 167 -3.12 39.65 13.06
CA SER A 167 -4.59 39.63 12.99
C SER A 167 -5.21 38.29 13.43
N LEU A 168 -6.48 38.34 13.83
CA LEU A 168 -7.19 37.19 14.42
C LEU A 168 -7.88 36.17 13.49
N SER A 169 -8.48 36.65 12.40
CA SER A 169 -9.14 35.74 11.45
C SER A 169 -7.99 34.95 10.86
N GLY A 170 -8.13 33.73 10.35
CA GLY A 170 -9.14 32.71 10.52
C GLY A 170 -8.54 31.75 11.57
N LEU A 171 -7.93 32.32 12.60
CA LEU A 171 -7.36 31.58 13.75
C LEU A 171 -8.36 31.16 14.86
N VAL A 172 -9.65 31.38 14.67
CA VAL A 172 -10.58 31.08 15.73
C VAL A 172 -10.62 29.58 16.09
N GLY A 173 -10.41 29.28 17.38
CA GLY A 173 -10.35 27.91 17.82
C GLY A 173 -11.61 27.37 18.43
N VAL A 174 -11.44 26.30 19.21
CA VAL A 174 -12.56 25.58 19.81
C VAL A 174 -12.18 25.03 21.19
N GLU A 175 -13.14 25.01 22.13
CA GLU A 175 -12.94 24.42 23.46
C GLU A 175 -12.98 22.90 23.48
N MET A 176 -12.09 22.30 24.25
CA MET A 176 -12.11 20.85 24.39
C MET A 176 -12.95 20.31 25.54
N ARG A 177 -13.29 21.16 26.52
CA ARG A 177 -13.78 20.66 27.79
C ARG A 177 -14.92 19.65 27.71
N HIS A 178 -16.01 19.93 27.03
CA HIS A 178 -17.07 18.93 27.11
C HIS A 178 -17.19 18.03 25.87
N LYS A 179 -16.24 18.11 24.96
CA LYS A 179 -16.28 17.34 23.71
C LYS A 179 -16.26 15.81 23.88
N VAL A 180 -16.93 15.12 22.98
CA VAL A 180 -16.95 13.66 22.92
C VAL A 180 -15.75 13.14 22.14
N VAL A 181 -14.98 12.27 22.80
CA VAL A 181 -13.74 11.69 22.31
C VAL A 181 -13.78 10.17 22.25
N GLY A 182 -13.78 9.61 21.04
CA GLY A 182 -13.56 8.19 20.85
C GLY A 182 -12.10 7.77 20.90
N VAL A 183 -11.76 6.86 21.79
CA VAL A 183 -10.43 6.23 21.74
C VAL A 183 -10.58 4.87 21.15
N VAL A 184 -9.92 4.65 20.01
CA VAL A 184 -9.97 3.36 19.33
C VAL A 184 -8.69 2.55 19.59
N GLY A 185 -8.87 1.53 20.42
CA GLY A 185 -7.84 0.65 20.96
C GLY A 185 -7.42 1.22 22.31
N THR A 186 -7.47 0.33 23.30
CA THR A 186 -7.26 0.63 24.72
C THR A 186 -6.02 -0.03 25.36
N GLY A 187 -5.06 -0.44 24.53
CA GLY A 187 -3.85 -1.03 25.06
C GLY A 187 -3.05 0.02 25.81
N ALA A 188 -1.77 -0.28 26.04
CA ALA A 188 -0.93 0.56 26.89
C ALA A 188 -1.01 2.04 26.51
N ILE A 189 -0.93 2.34 25.22
CA ILE A 189 -1.01 3.72 24.73
C ILE A 189 -2.45 4.32 24.75
N GLY A 190 -3.43 3.60 24.19
CA GLY A 190 -4.81 4.04 24.22
C GLY A 190 -5.30 4.28 25.65
N GLN A 191 -4.88 3.41 26.57
CA GLN A 191 -5.22 3.60 27.99
C GLN A 191 -4.74 4.98 28.48
N GLN A 192 -3.52 5.37 28.09
CA GLN A 192 -3.02 6.67 28.51
C GLN A 192 -3.78 7.79 27.80
N ALA A 193 -4.20 7.56 26.56
CA ALA A 193 -4.85 8.62 25.81
C ALA A 193 -6.19 8.87 26.47
N ALA A 194 -6.87 7.79 26.80
CA ALA A 194 -8.12 7.85 27.56
C ALA A 194 -7.94 8.53 28.92
N ARG A 195 -6.89 8.17 29.68
CA ARG A 195 -6.64 8.81 30.97
C ARG A 195 -6.46 10.32 30.81
N ILE A 196 -5.58 10.74 29.90
CA ILE A 196 -5.29 12.15 29.67
C ILE A 196 -6.52 12.94 29.20
N LEU A 197 -7.24 12.37 28.23
CA LEU A 197 -8.35 13.09 27.63
C LEU A 197 -9.53 13.23 28.62
N LYS A 198 -9.76 12.21 29.45
CA LYS A 198 -10.77 12.29 30.53
C LYS A 198 -10.33 13.37 31.51
N GLY A 199 -9.02 13.42 31.76
CA GLY A 199 -8.46 14.39 32.69
C GLY A 199 -8.64 15.80 32.19
N ILE A 200 -8.59 16.01 30.88
CA ILE A 200 -8.79 17.36 30.31
C ILE A 200 -10.24 17.77 30.51
N GLY A 201 -11.09 16.79 30.74
CA GLY A 201 -12.49 17.04 30.93
C GLY A 201 -13.39 16.56 29.81
N CYS A 202 -12.84 15.89 28.81
CA CYS A 202 -13.66 15.40 27.71
C CYS A 202 -14.56 14.26 28.15
N LYS A 203 -15.62 14.02 27.38
CA LYS A 203 -16.43 12.84 27.60
C LYS A 203 -15.81 11.77 26.72
N VAL A 204 -15.14 10.82 27.34
CA VAL A 204 -14.36 9.87 26.60
C VAL A 204 -15.14 8.58 26.41
N PHE A 205 -15.10 8.05 25.19
CA PHE A 205 -15.72 6.77 24.91
C PHE A 205 -14.63 5.92 24.30
N ALA A 206 -14.75 4.61 24.41
CA ALA A 206 -13.69 3.74 23.94
C ALA A 206 -14.27 2.59 23.19
N TYR A 207 -13.45 2.08 22.26
CA TYR A 207 -13.75 0.85 21.57
C TYR A 207 -12.52 -0.04 21.60
N ASP A 208 -12.74 -1.31 21.88
CA ASP A 208 -11.69 -2.28 21.72
C ASP A 208 -12.32 -3.62 21.59
N ILE A 209 -11.58 -4.56 21.02
CA ILE A 209 -12.12 -5.87 20.85
C ILE A 209 -12.19 -6.46 22.27
N LYS A 210 -11.17 -6.15 23.08
CA LYS A 210 -11.16 -6.52 24.49
C LYS A 210 -11.10 -5.29 25.39
N PRO A 211 -12.14 -5.08 26.23
CA PRO A 211 -12.13 -3.98 27.22
C PRO A 211 -10.93 -4.04 28.19
N ASN A 212 -10.36 -2.87 28.47
CA ASN A 212 -9.25 -2.71 29.41
C ASN A 212 -9.74 -2.30 30.80
N PRO A 213 -9.52 -3.16 31.81
CA PRO A 213 -10.10 -2.93 33.15
C PRO A 213 -9.66 -1.60 33.77
N ALA A 214 -8.48 -1.12 33.39
CA ALA A 214 -8.01 0.19 33.82
C ALA A 214 -8.82 1.34 33.16
N VAL A 215 -9.38 1.07 31.99
CA VAL A 215 -10.16 2.10 31.33
C VAL A 215 -11.55 2.12 31.97
N GLU A 216 -12.10 0.95 32.21
CA GLU A 216 -13.38 0.88 32.91
C GLU A 216 -13.32 1.54 34.30
N ALA A 217 -12.22 1.32 35.01
CA ALA A 217 -12.05 1.91 36.34
C ALA A 217 -11.85 3.42 36.32
N MET A 218 -11.69 3.99 35.14
CA MET A 218 -11.62 5.43 34.94
C MET A 218 -13.02 5.93 34.66
N GLY A 219 -13.96 4.99 34.60
CA GLY A 219 -15.33 5.32 34.30
C GLY A 219 -15.57 5.70 32.86
N ILE A 220 -14.81 5.09 31.95
CA ILE A 220 -15.00 5.31 30.51
C ILE A 220 -15.73 4.15 29.86
N PRO A 221 -16.92 4.40 29.30
CA PRO A 221 -17.73 3.33 28.69
C PRO A 221 -17.19 2.76 27.37
N TYR A 222 -17.35 1.46 27.18
CA TYR A 222 -17.08 0.80 25.90
C TYR A 222 -18.33 0.69 25.01
N VAL A 223 -18.19 1.13 23.76
CA VAL A 223 -19.29 1.09 22.82
C VAL A 223 -18.81 0.41 21.55
N SER A 224 -19.70 0.23 20.59
CA SER A 224 -19.28 -0.34 19.31
C SER A 224 -18.51 0.67 18.46
N LEU A 225 -17.74 0.16 17.50
CA LEU A 225 -16.94 1.03 16.64
C LEU A 225 -17.88 2.00 15.88
N ASP A 226 -18.96 1.47 15.33
CA ASP A 226 -19.93 2.33 14.64
C ASP A 226 -20.51 3.40 15.57
N GLU A 227 -20.74 3.04 16.86
CA GLU A 227 -21.30 3.97 17.86
C GLU A 227 -20.35 5.09 18.22
N LEU A 228 -19.08 4.73 18.41
CA LEU A 228 -18.04 5.70 18.72
C LEU A 228 -17.85 6.68 17.55
N LEU A 229 -17.81 6.13 16.34
CA LEU A 229 -17.59 6.97 15.14
C LEU A 229 -18.72 7.95 14.91
N ALA A 230 -19.92 7.51 15.26
CA ALA A 230 -21.09 8.31 15.01
C ALA A 230 -21.16 9.47 15.99
N MET A 231 -20.73 9.24 17.22
CA MET A 231 -20.88 10.25 18.26
C MET A 231 -19.69 11.18 18.47
N SER A 232 -18.54 10.86 17.87
CA SER A 232 -17.31 11.53 18.30
C SER A 232 -16.98 12.84 17.60
N ASP A 233 -16.58 13.83 18.38
CA ASP A 233 -16.03 15.09 17.87
C ASP A 233 -14.60 14.85 17.48
N ILE A 234 -14.01 13.93 18.24
CA ILE A 234 -12.62 13.55 18.13
C ILE A 234 -12.46 12.04 18.21
N VAL A 235 -11.74 11.51 17.23
CA VAL A 235 -11.37 10.10 17.17
C VAL A 235 -9.86 9.98 17.13
N THR A 236 -9.31 9.17 18.04
CA THR A 236 -7.87 8.96 18.08
C THR A 236 -7.54 7.48 17.99
N LEU A 237 -6.75 7.11 16.98
CA LEU A 237 -6.51 5.70 16.71
C LEU A 237 -5.31 5.21 17.48
N HIS A 238 -5.52 4.26 18.40
CA HIS A 238 -4.37 3.58 19.02
C HIS A 238 -4.24 2.06 18.81
N CYS A 239 -5.12 1.45 18.01
CA CYS A 239 -5.03 0.01 17.81
C CYS A 239 -3.82 -0.36 16.95
N PRO A 240 -3.34 -1.61 17.09
CA PRO A 240 -2.27 -2.14 16.23
C PRO A 240 -2.80 -2.36 14.83
N LEU A 241 -1.93 -2.56 13.86
CA LEU A 241 -2.40 -2.80 12.51
C LEU A 241 -2.66 -4.30 12.29
N LEU A 242 -3.93 -4.64 12.12
CA LEU A 242 -4.35 -6.03 11.91
C LEU A 242 -5.19 -6.14 10.67
N PRO A 243 -5.36 -7.37 10.16
CA PRO A 243 -6.27 -7.55 9.02
C PRO A 243 -7.64 -6.96 9.35
N SER A 244 -8.10 -7.03 10.61
CA SER A 244 -9.38 -6.43 11.01
C SER A 244 -9.32 -4.91 11.03
N THR A 245 -8.15 -4.36 11.33
CA THR A 245 -7.99 -2.92 11.45
C THR A 245 -7.47 -2.27 10.17
N ARG A 246 -7.28 -3.08 9.14
CA ARG A 246 -6.69 -2.54 7.95
C ARG A 246 -7.66 -1.58 7.29
N GLN A 247 -7.23 -0.33 7.14
CA GLN A 247 -8.05 0.71 6.55
C GLN A 247 -9.39 0.82 7.27
N LEU A 248 -9.29 0.72 8.58
CA LEU A 248 -10.37 0.97 9.51
C LEU A 248 -11.08 2.24 9.12
N ILE A 249 -10.28 3.28 8.88
CA ILE A 249 -10.79 4.50 8.27
C ILE A 249 -10.70 4.40 6.74
N ASN A 250 -11.86 4.43 6.09
CA ASN A 250 -11.93 4.36 4.64
C ASN A 250 -13.06 5.22 4.13
N LYS A 251 -13.35 5.10 2.85
CA LYS A 251 -14.36 5.96 2.23
C LYS A 251 -15.70 5.80 2.90
N GLU A 252 -16.05 4.54 3.20
CA GLU A 252 -17.34 4.18 3.77
C GLU A 252 -17.47 4.58 5.23
N SER A 253 -16.50 4.16 6.04
CA SER A 253 -16.61 4.38 7.48
C SER A 253 -16.57 5.87 7.77
N ILE A 254 -15.92 6.61 6.90
CA ILE A 254 -15.82 8.04 7.13
C ILE A 254 -17.21 8.71 7.07
N GLN A 255 -18.11 8.21 6.22
CA GLN A 255 -19.44 8.80 6.14
C GLN A 255 -20.29 8.43 7.36
N LYS A 256 -19.83 7.47 8.15
CA LYS A 256 -20.51 7.13 9.42
C LYS A 256 -20.10 8.06 10.55
N MET A 257 -19.03 8.82 10.36
CA MET A 257 -18.56 9.73 11.40
C MET A 257 -19.40 10.98 11.47
N LYS A 258 -19.07 11.81 12.45
CA LYS A 258 -19.79 13.05 12.71
C LYS A 258 -19.15 14.23 11.98
N LYS A 259 -19.96 14.99 11.24
CA LYS A 259 -19.45 16.05 10.41
C LYS A 259 -18.59 17.04 11.18
N GLY A 260 -17.36 17.22 10.73
CA GLY A 260 -16.46 18.14 11.38
C GLY A 260 -15.52 17.43 12.33
N VAL A 261 -15.58 16.09 12.32
CA VAL A 261 -14.77 15.30 13.22
C VAL A 261 -13.28 15.55 13.03
N MET A 262 -12.55 15.59 14.12
CA MET A 262 -11.09 15.64 14.12
C MET A 262 -10.56 14.23 14.27
N LEU A 263 -9.76 13.78 13.31
CA LEU A 263 -9.20 12.42 13.35
C LEU A 263 -7.72 12.50 13.69
N ILE A 264 -7.29 11.72 14.67
CA ILE A 264 -5.88 11.70 15.09
C ILE A 264 -5.31 10.32 14.95
N ASN A 265 -4.22 10.20 14.20
CA ASN A 265 -3.60 8.91 14.11
C ASN A 265 -2.10 8.95 14.36
N VAL A 266 -1.70 8.46 15.52
CA VAL A 266 -0.30 8.25 15.88
C VAL A 266 0.09 6.77 15.91
N SER A 267 -0.79 5.86 15.48
CA SER A 267 -0.40 4.44 15.54
C SER A 267 0.22 3.92 14.25
N ARG A 268 -0.58 3.64 13.23
CA ARG A 268 -0.07 3.00 12.02
C ARG A 268 -0.74 3.55 10.77
N GLY A 269 0.06 3.87 9.76
CA GLY A 269 -0.45 4.48 8.56
C GLY A 269 -1.48 3.62 7.89
N GLY A 270 -1.32 2.31 8.01
CA GLY A 270 -2.25 1.35 7.46
C GLY A 270 -3.69 1.44 7.99
N LEU A 271 -3.89 2.13 9.11
CA LEU A 271 -5.24 2.23 9.68
C LEU A 271 -6.14 3.15 8.86
N ILE A 272 -5.52 3.98 8.04
CA ILE A 272 -6.23 4.97 7.23
C ILE A 272 -6.01 4.78 5.75
N ASP A 273 -7.07 4.86 4.96
CA ASP A 273 -6.88 4.81 3.52
C ASP A 273 -6.76 6.24 3.03
N SER A 274 -5.53 6.63 2.68
CA SER A 274 -5.21 8.02 2.45
C SER A 274 -5.96 8.60 1.26
N ALA A 275 -6.24 7.78 0.27
CA ALA A 275 -7.01 8.27 -0.86
C ALA A 275 -8.34 8.89 -0.40
N ALA A 276 -8.96 8.29 0.60
CA ALA A 276 -10.31 8.72 1.00
C ALA A 276 -10.30 10.06 1.75
N LEU A 277 -9.15 10.53 2.18
CA LEU A 277 -9.11 11.69 3.05
C LEU A 277 -9.51 13.01 2.36
N PHE A 278 -9.14 13.16 1.09
CA PHE A 278 -9.28 14.43 0.37
C PHE A 278 -10.74 14.83 0.18
N ASP A 279 -11.55 13.90 -0.31
CA ASP A 279 -12.97 14.14 -0.51
C ASP A 279 -13.61 14.58 0.77
N ALA A 280 -13.22 13.90 1.85
CA ALA A 280 -13.83 14.10 3.16
C ALA A 280 -13.39 15.41 3.75
N LEU A 281 -12.12 15.74 3.53
CA LEU A 281 -11.60 17.04 3.97
C LEU A 281 -12.27 18.19 3.23
N GLU A 282 -12.47 18.01 1.93
CA GLU A 282 -13.05 19.05 1.11
C GLU A 282 -14.56 19.13 1.28
N SER A 283 -15.21 18.03 1.66
CA SER A 283 -16.66 18.06 1.91
C SER A 283 -16.96 18.56 3.31
N GLY A 284 -15.93 18.59 4.15
CA GLY A 284 -16.09 18.99 5.54
C GLY A 284 -16.43 17.84 6.48
N GLN A 285 -16.57 16.63 5.94
CA GLN A 285 -16.85 15.44 6.73
C GLN A 285 -15.73 15.20 7.73
N ILE A 286 -14.48 15.20 7.28
CA ILE A 286 -13.38 15.29 8.22
C ILE A 286 -12.98 16.74 8.38
N GLY A 287 -13.16 17.25 9.59
CA GLY A 287 -12.84 18.64 9.86
C GLY A 287 -11.37 18.89 10.14
N ALA A 288 -10.66 17.90 10.64
CA ALA A 288 -9.25 18.12 10.91
C ALA A 288 -8.49 16.80 10.99
N LEU A 289 -7.20 16.87 10.73
CA LEU A 289 -6.44 15.64 10.74
C LEU A 289 -5.09 15.93 11.36
N GLY A 290 -4.79 15.26 12.48
CA GLY A 290 -3.40 15.14 12.91
C GLY A 290 -2.91 13.73 12.67
N LEU A 291 -1.67 13.60 12.22
CA LEU A 291 -1.01 12.34 11.86
C LEU A 291 0.42 12.41 12.30
N ASP A 292 0.90 11.37 12.95
CA ASP A 292 2.31 11.12 13.17
C ASP A 292 2.79 10.05 12.18
N VAL A 293 1.84 9.52 11.40
CA VAL A 293 2.10 8.35 10.55
C VAL A 293 1.26 8.38 9.26
N TYR A 294 1.77 7.75 8.20
CA TYR A 294 1.15 7.72 6.86
C TYR A 294 1.44 6.40 6.14
N GLU A 295 0.53 5.94 5.29
CA GLU A 295 0.53 4.55 4.79
C GLU A 295 1.80 3.95 4.17
N ASN A 296 2.53 4.67 3.32
CA ASN A 296 3.82 4.12 2.89
C ASN A 296 4.92 5.01 3.44
N GLU A 297 5.57 4.55 4.49
CA GLU A 297 6.59 5.37 5.13
C GLU A 297 7.99 5.05 4.68
N GLY A 298 8.14 3.94 3.94
CA GLY A 298 9.43 3.42 3.51
C GLY A 298 10.17 4.27 2.52
N GLY A 299 11.37 4.71 2.92
CA GLY A 299 12.15 5.62 2.10
C GLY A 299 11.71 7.05 2.28
N LEU A 300 10.51 7.25 2.84
CA LEU A 300 9.95 8.59 3.05
C LEU A 300 10.35 9.20 4.40
N PHE A 301 9.98 8.54 5.50
CA PHE A 301 10.30 9.10 6.82
C PHE A 301 11.76 8.90 7.30
N PHE A 302 12.12 9.73 8.27
CA PHE A 302 13.47 9.73 8.85
C PHE A 302 14.56 10.16 7.87
N VAL A 303 14.15 10.83 6.79
CA VAL A 303 15.08 11.36 5.82
C VAL A 303 14.78 12.84 5.63
N ASP A 304 15.81 13.67 5.56
CA ASP A 304 15.59 15.03 5.14
C ASP A 304 15.79 15.09 3.62
N HIS A 305 14.71 15.20 2.88
CA HIS A 305 14.79 15.21 1.42
C HIS A 305 15.23 16.57 0.88
N THR A 306 15.31 17.59 1.74
CA THR A 306 15.74 18.92 1.33
C THR A 306 17.25 18.96 1.02
N LYS A 307 17.96 17.90 1.41
CA LYS A 307 19.38 17.85 1.12
C LYS A 307 19.64 17.37 -0.31
N PHE A 308 18.62 16.85 -0.98
CA PHE A 308 18.76 16.37 -2.35
C PHE A 308 18.33 17.44 -3.38
N ASP A 309 18.99 17.43 -4.53
CA ASP A 309 18.49 18.21 -5.64
C ASP A 309 17.07 17.81 -5.97
N PRO A 310 16.22 18.80 -6.31
CA PRO A 310 14.79 18.53 -6.60
C PRO A 310 14.61 17.45 -7.66
N SER A 311 15.53 17.37 -8.60
CA SER A 311 15.44 16.34 -9.61
C SER A 311 15.63 14.93 -9.03
N VAL A 312 16.44 14.82 -7.99
CA VAL A 312 16.59 13.52 -7.32
C VAL A 312 15.34 13.29 -6.45
N ARG A 313 14.85 14.36 -5.84
CA ARG A 313 13.63 14.26 -5.06
C ARG A 313 12.45 13.80 -5.91
N MET A 314 12.43 14.14 -7.21
CA MET A 314 11.30 13.75 -8.06
C MET A 314 11.19 12.25 -8.24
N GLN A 315 12.25 11.50 -7.92
CA GLN A 315 12.26 10.05 -8.18
C GLN A 315 11.31 9.30 -7.25
N LYS A 316 11.38 9.60 -5.96
CA LYS A 316 10.47 9.02 -4.96
C LYS A 316 9.28 9.91 -4.60
N TRP A 317 9.04 10.99 -5.36
CA TRP A 317 8.01 11.96 -4.97
C TRP A 317 6.65 11.32 -4.71
N ASP A 318 6.07 11.60 -3.54
CA ASP A 318 4.75 11.07 -3.18
C ASP A 318 3.76 12.20 -3.40
N ARG A 319 3.00 12.13 -4.47
CA ARG A 319 2.20 13.28 -4.83
C ARG A 319 1.06 13.42 -3.85
N GLN A 320 0.45 12.30 -3.47
CA GLN A 320 -0.69 12.39 -2.58
C GLN A 320 -0.32 12.80 -1.15
N PHE A 321 0.82 12.37 -0.62
CA PHE A 321 1.28 12.90 0.67
C PHE A 321 1.54 14.43 0.60
N ARG A 322 2.26 14.88 -0.42
CA ARG A 322 2.58 16.32 -0.54
C ARG A 322 1.30 17.16 -0.69
N THR A 323 0.33 16.60 -1.39
CA THR A 323 -0.98 17.22 -1.53
C THR A 323 -1.65 17.33 -0.15
N LEU A 324 -1.61 16.23 0.61
CA LEU A 324 -2.22 16.18 1.93
C LEU A 324 -1.72 17.27 2.88
N LEU A 325 -0.41 17.53 2.80
CA LEU A 325 0.27 18.57 3.56
C LEU A 325 -0.19 19.97 3.15
N SER A 326 -0.93 20.05 2.05
CA SER A 326 -1.41 21.34 1.55
C SER A 326 -2.59 21.95 2.35
N TYR A 327 -3.33 21.11 3.07
CA TYR A 327 -4.53 21.55 3.75
C TYR A 327 -4.23 22.30 5.05
N PRO A 328 -4.95 23.41 5.28
CA PRO A 328 -4.76 24.23 6.47
C PRO A 328 -5.25 23.50 7.74
N GLN A 329 -6.19 22.56 7.61
CA GLN A 329 -6.71 21.83 8.79
C GLN A 329 -6.00 20.49 9.02
N VAL A 330 -4.92 20.24 8.27
CA VAL A 330 -4.09 19.05 8.47
C VAL A 330 -2.74 19.38 9.13
N LEU A 331 -2.33 18.56 10.09
CA LEU A 331 -1.04 18.73 10.75
C LEU A 331 -0.35 17.38 10.82
N VAL A 332 0.89 17.34 10.35
CA VAL A 332 1.66 16.10 10.25
C VAL A 332 3.03 16.24 10.91
N THR A 333 3.34 15.32 11.82
CA THR A 333 4.68 15.22 12.43
C THR A 333 5.36 13.99 11.86
N PRO A 334 6.69 14.01 11.83
CA PRO A 334 7.48 12.97 11.18
C PRO A 334 7.82 11.81 12.14
N HIS A 335 6.81 11.03 12.52
CA HIS A 335 6.99 9.87 13.41
C HIS A 335 7.74 10.25 14.70
N THR A 336 7.33 11.33 15.33
CA THR A 336 7.98 11.77 16.56
C THR A 336 7.21 11.45 17.86
N ALA A 337 6.06 10.78 17.75
CA ALA A 337 5.26 10.53 18.95
C ALA A 337 6.04 9.79 20.07
N PHE A 338 6.98 8.91 19.69
CA PHE A 338 7.79 8.19 20.67
C PHE A 338 8.98 9.01 21.06
N LEU A 339 9.21 10.11 20.38
CA LEU A 339 10.51 10.72 20.51
C LEU A 339 10.52 11.76 21.62
N THR A 340 11.06 11.31 22.75
CA THR A 340 10.98 12.01 24.01
C THR A 340 12.23 11.69 24.79
N GLU A 341 12.70 12.61 25.62
CA GLU A 341 13.79 12.30 26.55
C GLU A 341 13.49 10.97 27.27
N GLU A 342 12.33 10.91 27.94
CA GLU A 342 11.95 9.74 28.75
C GLU A 342 11.89 8.43 27.94
N ALA A 343 11.32 8.46 26.74
CA ALA A 343 11.21 7.24 25.95
C ALA A 343 12.58 6.75 25.44
N LEU A 344 13.46 7.67 25.05
CA LEU A 344 14.80 7.31 24.56
C LEU A 344 15.66 6.67 25.66
N ASN A 345 15.45 7.14 26.89
CA ASN A 345 16.12 6.57 28.05
C ASN A 345 15.74 5.10 28.23
N ASN A 346 14.46 4.78 28.19
CA ASN A 346 14.01 3.41 28.21
C ASN A 346 14.73 2.63 27.11
N ILE A 347 14.74 3.20 25.92
CA ILE A 347 15.37 2.60 24.75
C ILE A 347 16.86 2.37 24.96
N CYS A 348 17.58 3.38 25.45
CA CYS A 348 19.03 3.23 25.69
C CYS A 348 19.31 2.16 26.74
N THR A 349 18.67 2.28 27.90
CA THR A 349 18.97 1.37 29.00
C THR A 349 18.53 -0.06 28.68
N THR A 350 17.40 -0.23 27.98
CA THR A 350 16.97 -1.56 27.58
C THR A 350 17.90 -2.20 26.57
N THR A 351 18.44 -1.38 25.68
CA THR A 351 19.35 -1.81 24.62
C THR A 351 20.69 -2.21 25.19
N ILE A 352 21.13 -1.48 26.22
CA ILE A 352 22.44 -1.74 26.84
C ILE A 352 22.31 -3.02 27.67
N GLN A 353 21.19 -3.15 28.39
CA GLN A 353 20.83 -4.34 29.16
C GLN A 353 20.64 -5.54 28.20
N ASN A 354 20.08 -5.30 27.02
CA ASN A 354 19.97 -6.35 26.01
C ASN A 354 21.35 -6.84 25.60
N ILE A 355 22.29 -5.90 25.39
CA ILE A 355 23.66 -6.26 25.06
C ILE A 355 24.32 -7.04 26.19
N ALA A 356 24.17 -6.54 27.42
CA ALA A 356 24.83 -7.13 28.58
C ALA A 356 24.35 -8.55 28.79
N ASP A 357 23.03 -8.75 28.73
CA ASP A 357 22.47 -10.10 28.92
C ASP A 357 23.05 -11.07 27.91
N TYR A 358 23.13 -10.63 26.65
CA TYR A 358 23.72 -11.39 25.56
C TYR A 358 25.17 -11.78 25.92
N VAL A 359 25.98 -10.78 26.31
CA VAL A 359 27.38 -10.97 26.68
C VAL A 359 27.55 -11.92 27.90
N LEU A 360 26.65 -11.77 28.87
CA LEU A 360 26.69 -12.52 30.10
C LEU A 360 25.94 -13.80 29.92
N ASP A 361 25.47 -14.03 28.71
CA ASP A 361 24.85 -15.32 28.41
C ASP A 361 23.56 -15.59 29.19
N ARG A 362 22.87 -14.52 29.60
CA ARG A 362 21.59 -14.63 30.29
C ARG A 362 20.45 -14.88 29.30
N PRO A 363 19.28 -15.31 29.77
CA PRO A 363 18.17 -15.44 28.83
C PRO A 363 17.74 -14.07 28.32
N LEU A 364 17.59 -13.94 27.01
CA LEU A 364 17.39 -12.64 26.36
C LEU A 364 15.99 -12.08 26.55
N GLY A 365 15.01 -12.71 25.91
CA GLY A 365 13.62 -12.36 26.12
C GLY A 365 13.12 -11.21 25.26
N ASN A 366 14.04 -10.35 24.83
CA ASN A 366 13.71 -9.31 23.86
C ASN A 366 14.14 -9.81 22.47
N GLU A 367 14.58 -11.06 22.44
CA GLU A 367 14.96 -11.69 21.18
C GLU A 367 13.76 -11.87 20.24
N VAL A 368 13.89 -11.37 19.01
CA VAL A 368 12.96 -11.72 17.93
C VAL A 368 13.69 -12.75 17.03
N LYS A 369 12.97 -13.76 16.54
CA LYS A 369 13.61 -14.90 15.84
C LYS A 369 12.67 -15.66 14.90
N ALA A 370 13.27 -16.46 14.00
CA ALA A 370 12.52 -17.42 13.19
C ALA A 370 13.31 -18.72 13.01
N ALA B 29 -42.09 44.72 24.66
CA ALA B 29 -40.92 43.86 24.48
C ALA B 29 -40.26 44.16 23.12
N ALA B 30 -41.08 44.68 22.22
CA ALA B 30 -40.67 45.10 20.87
C ALA B 30 -39.84 46.40 20.82
N LYS B 31 -39.66 47.02 21.99
CA LYS B 31 -38.87 48.25 22.11
C LYS B 31 -37.37 48.01 21.86
N VAL B 32 -36.86 46.86 22.30
CA VAL B 32 -35.45 46.54 22.11
C VAL B 32 -35.08 46.42 20.63
N ALA B 33 -35.99 45.86 19.84
CA ALA B 33 -35.75 45.66 18.41
C ALA B 33 -35.40 46.96 17.66
N THR B 34 -35.93 48.07 18.15
CA THR B 34 -35.76 49.38 17.51
C THR B 34 -34.36 49.98 17.69
N THR B 35 -33.52 49.34 18.50
CA THR B 35 -32.17 49.83 18.70
C THR B 35 -31.31 49.87 17.43
N ARG B 36 -30.57 50.97 17.24
CA ARG B 36 -29.65 51.09 16.13
C ARG B 36 -28.19 51.05 16.57
N CYS B 37 -27.48 50.04 16.06
CA CYS B 37 -26.11 49.71 16.45
C CYS B 37 -25.05 49.81 15.34
N ILE B 38 -23.96 50.51 15.63
CA ILE B 38 -22.78 50.50 14.74
C ILE B 38 -21.63 49.73 15.39
N CYS B 39 -20.98 48.84 14.64
CA CYS B 39 -19.85 48.08 15.15
C CYS B 39 -18.56 48.37 14.39
N TYR B 40 -17.57 48.93 15.10
CA TYR B 40 -16.22 49.20 14.56
C TYR B 40 -15.23 48.02 14.60
N SER B 41 -14.23 48.10 13.72
CA SER B 41 -13.20 47.07 13.59
C SER B 41 -13.78 45.72 13.20
N THR B 42 -14.62 45.70 12.18
CA THR B 42 -15.21 44.42 11.80
C THR B 42 -14.33 43.74 10.78
N THR B 43 -13.64 42.71 11.24
CA THR B 43 -12.82 41.89 10.38
C THR B 43 -13.64 40.64 10.08
N GLN B 44 -13.05 39.67 9.39
CA GLN B 44 -13.83 38.50 8.99
C GLN B 44 -14.48 37.77 10.18
N TYR B 45 -13.72 37.51 11.23
CA TYR B 45 -14.19 36.65 12.30
C TYR B 45 -15.28 37.36 13.09
N VAL B 46 -15.22 38.69 13.11
CA VAL B 46 -16.24 39.48 13.78
C VAL B 46 -17.53 39.33 12.99
N LYS B 47 -17.42 39.27 11.68
CA LYS B 47 -18.59 39.02 10.86
C LYS B 47 -19.19 37.65 11.17
N ASP B 48 -18.36 36.61 11.11
CA ASP B 48 -18.87 35.26 11.24
C ASP B 48 -19.66 35.06 12.52
N PHE B 49 -19.07 35.43 13.65
CA PHE B 49 -19.68 35.14 14.96
C PHE B 49 -20.75 36.13 15.42
N LEU B 50 -20.61 37.39 15.02
CA LEU B 50 -21.33 38.50 15.62
C LEU B 50 -22.52 39.03 14.80
N ALA B 51 -22.27 39.46 13.56
CA ALA B 51 -23.30 40.10 12.71
C ALA B 51 -24.63 39.34 12.60
N GLY B 52 -24.56 38.01 12.52
CA GLY B 52 -25.74 37.16 12.40
C GLY B 52 -26.70 37.23 13.58
N PRO B 53 -26.19 36.98 14.80
CA PRO B 53 -26.98 37.12 16.04
C PRO B 53 -27.56 38.54 16.27
N MET B 54 -26.80 39.56 15.86
CA MET B 54 -27.16 40.96 16.05
C MET B 54 -28.32 41.39 15.17
N GLN B 55 -28.35 40.85 13.96
CA GLN B 55 -29.39 41.21 13.00
C GLN B 55 -30.63 40.35 13.27
N LYS B 56 -30.50 39.37 14.17
CA LYS B 56 -31.69 38.65 14.64
C LYS B 56 -32.43 39.53 15.65
N VAL B 57 -31.71 40.49 16.23
CA VAL B 57 -32.30 41.37 17.24
C VAL B 57 -32.62 42.76 16.72
N PHE B 58 -31.57 43.45 16.26
CA PHE B 58 -31.66 44.83 15.81
C PHE B 58 -31.86 44.98 14.31
N THR B 59 -32.84 45.80 13.94
CA THR B 59 -33.28 45.92 12.56
C THR B 59 -32.20 46.51 11.65
N ASP B 60 -31.54 47.57 12.12
CA ASP B 60 -30.45 48.19 11.35
C ASP B 60 -29.14 48.14 12.10
N THR B 61 -28.17 47.45 11.52
CA THR B 61 -26.87 47.36 12.14
C THR B 61 -25.74 47.62 11.14
N TYR B 62 -24.94 48.64 11.44
CA TYR B 62 -23.86 49.11 10.56
C TYR B 62 -22.50 48.56 11.00
N PHE B 63 -21.87 47.75 10.15
CA PHE B 63 -20.54 47.19 10.50
C PHE B 63 -19.39 47.81 9.72
N VAL B 64 -18.55 48.60 10.39
CA VAL B 64 -17.43 49.29 9.75
C VAL B 64 -16.11 48.47 9.89
N GLU B 65 -15.45 48.20 8.76
CA GLU B 65 -14.25 47.35 8.72
C GLU B 65 -13.10 48.07 9.44
N PRO B 66 -12.89 49.36 9.13
CA PRO B 66 -11.86 50.10 9.87
C PRO B 66 -12.21 50.29 11.35
N PRO B 67 -11.17 50.46 12.20
CA PRO B 67 -11.23 50.71 13.65
C PRO B 67 -11.78 52.08 14.04
N LEU B 68 -11.84 52.36 15.34
CA LEU B 68 -12.35 53.64 15.83
C LEU B 68 -11.22 54.63 16.11
N ASP B 69 -11.31 55.79 15.46
CA ASP B 69 -10.40 56.90 15.68
C ASP B 69 -11.24 58.16 15.61
N LYS B 70 -10.64 59.29 15.30
CA LYS B 70 -11.39 60.53 15.24
C LYS B 70 -12.20 60.57 13.94
N ASP B 71 -11.50 60.28 12.84
CA ASP B 71 -11.99 60.39 11.45
C ASP B 71 -13.09 59.41 11.01
N THR B 72 -13.10 58.20 11.55
CA THR B 72 -14.16 57.26 11.18
C THR B 72 -15.26 57.24 12.25
N ALA B 73 -15.23 58.19 13.18
CA ALA B 73 -16.22 58.25 14.25
C ALA B 73 -17.48 58.96 13.76
N GLN B 74 -17.33 59.87 12.80
CA GLN B 74 -18.49 60.52 12.21
C GLN B 74 -19.36 59.53 11.41
N LEU B 75 -18.88 58.30 11.22
CA LEU B 75 -19.68 57.24 10.57
C LEU B 75 -20.83 56.81 11.47
N ALA B 76 -20.72 57.18 12.75
CA ALA B 76 -21.64 56.77 13.81
C ALA B 76 -22.73 57.83 13.94
N ARG B 77 -22.74 58.74 12.97
CA ARG B 77 -23.70 59.85 12.95
C ARG B 77 -25.11 59.29 13.00
N GLY B 78 -25.80 59.58 14.09
CA GLY B 78 -27.17 59.17 14.25
C GLY B 78 -27.40 57.89 15.02
N TYR B 79 -26.40 57.02 15.10
CA TYR B 79 -26.59 55.72 15.75
C TYR B 79 -26.50 55.92 17.24
N ASP B 80 -27.26 55.12 17.96
CA ASP B 80 -27.30 55.24 19.42
C ASP B 80 -26.24 54.47 20.18
N VAL B 81 -25.85 53.30 19.66
CA VAL B 81 -24.86 52.48 20.35
C VAL B 81 -23.77 51.97 19.41
N ALA B 82 -22.52 52.18 19.83
CA ALA B 82 -21.35 51.69 19.10
C ALA B 82 -20.72 50.51 19.83
N VAL B 83 -20.62 49.36 19.15
CA VAL B 83 -19.94 48.19 19.72
C VAL B 83 -18.49 48.13 19.22
N LEU B 84 -17.55 48.09 20.16
CA LEU B 84 -16.13 48.27 19.89
C LEU B 84 -15.25 47.18 20.49
N PHE B 85 -14.00 47.17 20.04
CA PHE B 85 -13.01 46.16 20.42
C PHE B 85 -11.75 46.84 20.95
N VAL B 86 -10.79 46.02 21.40
CA VAL B 86 -9.59 46.50 22.08
C VAL B 86 -8.73 47.36 21.17
N ASN B 87 -8.69 47.06 19.88
CA ASN B 87 -7.85 47.84 18.98
C ASN B 87 -8.43 49.24 18.77
N ASP B 88 -9.71 49.39 19.09
CA ASP B 88 -10.33 50.71 18.98
C ASP B 88 -9.88 51.55 20.16
N ARG B 89 -9.50 52.78 19.88
CA ARG B 89 -9.12 53.69 20.94
C ARG B 89 -10.24 54.71 21.04
N ALA B 90 -10.75 54.96 22.25
CA ALA B 90 -11.57 56.14 22.42
C ALA B 90 -11.01 57.06 23.49
N ASP B 91 -10.31 58.10 23.05
CA ASP B 91 -9.88 59.17 23.93
C ASP B 91 -10.87 60.32 23.79
N ALA B 92 -10.55 61.46 24.39
CA ALA B 92 -11.47 62.59 24.42
C ALA B 92 -11.89 63.06 23.02
N SER B 93 -11.03 62.88 22.02
CA SER B 93 -11.31 63.42 20.67
C SER B 93 -12.31 62.58 19.89
N VAL B 94 -12.19 61.26 19.99
CA VAL B 94 -13.09 60.39 19.24
C VAL B 94 -14.43 60.25 19.98
N ILE B 95 -14.43 60.48 21.29
CA ILE B 95 -15.65 60.49 22.10
C ILE B 95 -16.57 61.67 21.79
N LYS B 96 -15.98 62.78 21.40
CA LYS B 96 -16.72 64.00 21.17
C LYS B 96 -17.47 63.88 19.84
N GLU B 97 -16.85 63.19 18.89
CA GLU B 97 -17.39 63.04 17.54
C GLU B 97 -18.49 61.99 17.40
N LEU B 98 -18.45 60.99 18.28
CA LEU B 98 -19.55 60.05 18.41
C LEU B 98 -20.70 60.63 19.21
N ALA B 99 -20.35 61.38 20.25
CA ALA B 99 -21.33 62.03 21.12
C ALA B 99 -22.20 62.98 20.31
N LYS B 100 -21.56 63.80 19.48
CA LYS B 100 -22.33 64.71 18.64
C LYS B 100 -22.88 63.92 17.45
N ALA B 101 -22.28 62.77 17.17
CA ALA B 101 -22.80 61.82 16.19
C ALA B 101 -24.11 61.17 16.68
N GLY B 102 -24.31 61.20 17.99
CA GLY B 102 -25.51 60.69 18.64
C GLY B 102 -25.47 59.43 19.49
N VAL B 103 -24.36 58.68 19.51
CA VAL B 103 -24.28 57.45 20.32
C VAL B 103 -24.14 57.76 21.81
N LYS B 104 -25.07 57.24 22.59
CA LYS B 104 -25.03 57.41 24.04
C LYS B 104 -24.46 56.20 24.76
N LEU B 105 -24.10 55.17 24.00
CA LEU B 105 -23.54 53.94 24.59
C LEU B 105 -22.40 53.29 23.84
N ILE B 106 -21.35 52.89 24.56
CA ILE B 106 -20.29 52.06 23.99
C ILE B 106 -20.32 50.65 24.57
N ALA B 107 -20.46 49.66 23.70
CA ALA B 107 -20.49 48.25 24.08
C ALA B 107 -19.24 47.49 23.57
N LEU B 108 -18.42 46.98 24.47
CA LEU B 108 -17.23 46.28 24.06
C LEU B 108 -17.43 44.77 23.80
N ARG B 109 -16.85 44.29 22.71
CA ARG B 109 -16.84 42.86 22.35
C ARG B 109 -15.67 42.23 23.09
N CYS B 110 -15.12 42.97 24.03
CA CYS B 110 -13.92 42.58 24.75
C CYS B 110 -14.09 43.00 26.20
N ALA B 111 -13.10 42.69 27.05
CA ALA B 111 -13.21 43.14 28.43
C ALA B 111 -12.37 44.37 28.75
N GLY B 112 -11.58 44.86 27.80
CA GLY B 112 -10.82 46.07 28.04
C GLY B 112 -11.53 47.38 27.81
N PHE B 113 -11.61 48.22 28.84
CA PHE B 113 -12.00 49.60 28.68
C PHE B 113 -10.78 50.52 28.77
N ASP B 114 -9.60 49.92 28.93
CA ASP B 114 -8.36 50.67 29.19
C ASP B 114 -8.06 51.81 28.21
N ARG B 115 -8.33 51.60 26.92
CA ARG B 115 -7.97 52.58 25.89
C ARG B 115 -8.98 53.73 25.79
N VAL B 116 -10.16 53.53 26.37
CA VAL B 116 -11.19 54.58 26.49
C VAL B 116 -11.12 55.33 27.82
N ASP B 117 -11.43 56.62 27.79
CA ASP B 117 -11.51 57.42 29.02
C ASP B 117 -12.95 57.52 29.53
N LEU B 118 -13.13 57.24 30.81
CA LEU B 118 -14.46 57.23 31.42
C LEU B 118 -14.86 58.62 31.90
N HIS B 119 -13.89 59.54 31.93
CA HIS B 119 -14.12 60.93 32.33
C HIS B 119 -14.69 61.76 31.17
N ALA B 120 -14.38 61.36 29.94
CA ALA B 120 -14.91 62.01 28.75
C ALA B 120 -16.34 61.54 28.52
N CYS B 121 -16.58 60.29 28.89
CA CYS B 121 -17.89 59.68 28.79
C CYS B 121 -18.81 60.34 29.82
N ALA B 122 -18.21 60.74 30.94
CA ALA B 122 -18.95 61.45 31.96
C ALA B 122 -19.46 62.78 31.41
N GLU B 123 -18.63 63.45 30.61
CA GLU B 123 -19.00 64.76 30.08
C GLU B 123 -19.98 64.72 28.92
N HIS B 124 -19.89 63.69 28.09
CA HIS B 124 -20.70 63.59 26.87
C HIS B 124 -21.95 62.70 26.97
N GLY B 125 -22.20 62.13 28.16
CA GLY B 125 -23.43 61.40 28.40
C GLY B 125 -23.41 59.99 27.85
N VAL B 126 -22.23 59.58 27.38
CA VAL B 126 -22.04 58.24 26.82
C VAL B 126 -21.64 57.25 27.91
N ARG B 127 -22.27 56.09 27.93
CA ARG B 127 -22.07 55.08 28.97
C ARG B 127 -21.21 53.92 28.46
N VAL B 128 -20.40 53.33 29.34
CA VAL B 128 -19.47 52.28 28.92
C VAL B 128 -19.94 50.90 29.35
N VAL B 129 -20.08 50.00 28.37
CA VAL B 129 -20.42 48.61 28.64
C VAL B 129 -19.44 47.66 27.90
N ARG B 130 -19.27 46.43 28.38
CA ARG B 130 -18.19 45.56 27.91
C ARG B 130 -18.48 44.12 28.32
N VAL B 131 -17.77 43.16 27.74
CA VAL B 131 -17.89 41.82 28.27
C VAL B 131 -16.71 41.51 29.19
N PRO B 132 -16.94 41.51 30.51
CA PRO B 132 -15.87 41.41 31.50
C PRO B 132 -15.17 40.04 31.62
N THR B 133 -15.75 38.93 31.15
CA THR B 133 -15.11 37.60 31.24
C THR B 133 -15.29 36.72 30.00
N TYR B 134 -14.19 36.21 29.45
CA TYR B 134 -14.27 35.14 28.46
C TYR B 134 -14.43 33.79 29.18
N SER B 135 -14.99 32.82 28.48
CA SER B 135 -15.10 31.46 28.98
C SER B 135 -13.72 30.91 29.35
N PRO B 136 -13.52 30.65 30.65
CA PRO B 136 -12.19 30.38 31.19
C PRO B 136 -11.58 29.07 30.74
N GLU B 137 -12.39 28.10 30.34
CA GLU B 137 -11.80 26.91 29.76
C GLU B 137 -11.04 27.33 28.49
N SER B 138 -11.62 28.22 27.66
CA SER B 138 -10.96 28.61 26.40
C SER B 138 -9.55 29.09 26.65
N VAL B 139 -9.45 30.03 27.58
CA VAL B 139 -8.20 30.69 27.91
C VAL B 139 -7.25 29.68 28.55
N ALA B 140 -7.74 28.88 29.49
CA ALA B 140 -6.88 27.89 30.13
C ALA B 140 -6.36 26.80 29.19
N GLU B 141 -7.24 26.29 28.32
CA GLU B 141 -6.89 25.23 27.40
C GLU B 141 -5.84 25.76 26.40
N HIS B 142 -5.84 27.08 26.17
CA HIS B 142 -4.86 27.63 25.24
C HIS B 142 -3.48 27.62 25.86
N ALA B 143 -3.40 28.01 27.12
CA ALA B 143 -2.15 27.87 27.89
C ALA B 143 -1.70 26.40 27.85
N VAL B 144 -2.63 25.47 27.98
CA VAL B 144 -2.21 24.08 27.94
C VAL B 144 -1.73 23.71 26.52
N ALA B 145 -2.43 24.16 25.48
CA ALA B 145 -2.00 23.93 24.10
C ALA B 145 -0.58 24.47 23.89
N LEU B 146 -0.27 25.64 24.41
CA LEU B 146 1.09 26.18 24.27
C LEU B 146 2.10 25.22 24.85
N ILE B 147 1.83 24.72 26.05
CA ILE B 147 2.76 23.86 26.72
C ILE B 147 2.99 22.61 25.86
N PHE B 148 1.89 22.05 25.37
CA PHE B 148 2.00 20.85 24.56
C PHE B 148 2.81 21.11 23.27
N ALA B 149 2.56 22.23 22.58
CA ALA B 149 3.22 22.50 21.31
C ALA B 149 4.73 22.64 21.56
N LEU B 150 5.14 23.40 22.56
CA LEU B 150 6.55 23.55 22.89
C LEU B 150 7.21 22.24 23.33
N ASN B 151 6.49 21.45 24.14
CA ASN B 151 7.05 20.18 24.62
C ASN B 151 7.47 19.29 23.47
N ARG B 152 6.59 19.26 22.46
CA ARG B 152 6.75 18.35 21.33
C ARG B 152 7.28 19.08 20.07
N HIS B 153 7.71 20.33 20.21
CA HIS B 153 8.28 21.06 19.07
C HIS B 153 7.40 20.98 17.84
N LEU B 154 6.11 21.20 18.02
CA LEU B 154 5.15 21.07 16.93
C LEU B 154 5.35 22.07 15.79
N THR B 155 5.71 23.32 16.11
CA THR B 155 5.84 24.31 15.06
C THR B 155 7.04 23.95 14.15
N ASP B 156 8.20 23.66 14.77
CA ASP B 156 9.38 23.10 14.09
C ASP B 156 9.02 21.92 13.20
N ALA B 157 8.28 20.99 13.75
CA ALA B 157 8.00 19.76 13.02
C ALA B 157 7.15 20.06 11.79
N TYR B 158 6.15 20.92 11.96
CA TYR B 158 5.23 21.26 10.91
C TYR B 158 5.94 21.86 9.71
N ILE B 159 6.78 22.84 9.98
CA ILE B 159 7.47 23.58 8.93
C ILE B 159 8.47 22.68 8.17
N ARG B 160 9.24 21.91 8.92
CA ARG B 160 10.20 21.00 8.30
C ARG B 160 9.52 20.02 7.38
N VAL B 161 8.47 19.42 7.92
CA VAL B 161 7.66 18.50 7.14
C VAL B 161 7.05 19.18 5.91
N ARG B 162 6.68 20.45 6.05
CA ARG B 162 6.12 21.15 4.90
C ARG B 162 7.24 21.29 3.87
N MET B 163 8.48 21.51 4.32
CA MET B 163 9.65 21.56 3.43
C MET B 163 10.06 20.20 2.89
N GLY B 164 9.69 19.13 3.59
CA GLY B 164 10.13 17.80 3.18
C GLY B 164 11.35 17.30 3.94
N ASN B 165 11.66 17.94 5.06
CA ASN B 165 12.60 17.38 6.03
C ASN B 165 11.78 16.61 7.01
N TYR B 166 11.84 15.28 6.88
CA TYR B 166 11.20 14.29 7.73
C TYR B 166 12.22 13.67 8.73
N SER B 167 13.40 14.25 8.88
CA SER B 167 14.38 13.70 9.84
C SER B 167 13.97 13.99 11.30
N LEU B 168 14.48 13.18 12.23
CA LEU B 168 14.08 13.26 13.67
C LEU B 168 14.82 14.29 14.52
N SER B 169 16.10 14.50 14.31
CA SER B 169 16.83 15.49 15.11
C SER B 169 16.23 16.81 14.73
N GLY B 170 16.18 17.87 15.53
CA GLY B 170 16.25 18.11 16.96
C GLY B 170 14.78 18.31 17.43
N LEU B 171 13.91 17.44 16.96
CA LEU B 171 12.52 17.41 17.41
C LEU B 171 12.28 16.62 18.75
N VAL B 172 13.32 16.18 19.45
CA VAL B 172 13.08 15.38 20.63
C VAL B 172 12.34 16.13 21.75
N GLY B 173 11.22 15.58 22.17
CA GLY B 173 10.42 16.26 23.15
C GLY B 173 10.56 15.81 24.58
N VAL B 174 9.50 16.10 25.33
CA VAL B 174 9.41 15.86 26.78
C VAL B 174 8.03 15.40 27.20
N GLU B 175 8.02 14.49 28.17
CA GLU B 175 6.77 14.02 28.76
C GLU B 175 6.23 15.05 29.71
N MET B 176 4.91 15.21 29.76
CA MET B 176 4.34 16.06 30.77
C MET B 176 3.89 15.33 32.02
N ARG B 177 3.77 14.01 31.99
CA ARG B 177 3.01 13.33 33.04
C ARG B 177 3.37 13.65 34.48
N HIS B 178 4.59 13.53 34.92
CA HIS B 178 4.78 13.76 36.38
C HIS B 178 5.36 15.09 36.74
N LYS B 179 5.45 15.97 35.75
CA LYS B 179 6.13 17.25 35.88
C LYS B 179 5.49 18.17 36.91
N VAL B 180 6.32 19.01 37.51
CA VAL B 180 5.82 19.98 38.46
C VAL B 180 5.37 21.31 37.81
N VAL B 181 4.11 21.68 38.02
CA VAL B 181 3.52 22.87 37.42
C VAL B 181 3.00 23.90 38.45
N GLY B 182 3.62 25.08 38.51
CA GLY B 182 3.08 26.22 39.23
C GLY B 182 1.97 27.01 38.54
N VAL B 183 0.81 27.14 39.15
CA VAL B 183 -0.20 28.03 38.61
C VAL B 183 -0.18 29.35 39.39
N VAL B 184 0.16 30.46 38.74
CA VAL B 184 0.21 31.72 39.45
C VAL B 184 -1.07 32.47 39.17
N GLY B 185 -1.89 32.55 40.21
CA GLY B 185 -3.23 33.11 40.22
C GLY B 185 -4.27 32.04 40.02
N THR B 186 -5.22 32.11 40.95
CA THR B 186 -6.24 31.12 41.20
C THR B 186 -7.68 31.55 40.87
N GLY B 187 -7.83 32.63 40.12
CA GLY B 187 -9.16 33.06 39.73
C GLY B 187 -9.79 32.09 38.75
N ALA B 188 -10.88 32.50 38.12
CA ALA B 188 -11.69 31.62 37.29
C ALA B 188 -10.88 30.85 36.24
N ILE B 189 -9.93 31.51 35.57
CA ILE B 189 -9.09 30.85 34.54
C ILE B 189 -7.97 29.97 35.14
N GLY B 190 -7.22 30.50 36.10
CA GLY B 190 -6.24 29.69 36.81
C GLY B 190 -6.86 28.43 37.42
N GLN B 191 -8.10 28.54 37.92
CA GLN B 191 -8.78 27.34 38.41
C GLN B 191 -8.88 26.27 37.34
N GLN B 192 -9.28 26.68 36.15
CA GLN B 192 -9.44 25.74 35.05
C GLN B 192 -8.08 25.21 34.60
N ALA B 193 -7.05 26.06 34.69
CA ALA B 193 -5.70 25.66 34.27
C ALA B 193 -5.22 24.58 35.22
N ALA B 194 -5.46 24.82 36.52
CA ALA B 194 -5.13 23.84 37.56
C ALA B 194 -5.88 22.55 37.34
N ARG B 195 -7.19 22.63 37.11
CA ARG B 195 -7.98 21.42 36.91
C ARG B 195 -7.43 20.61 35.75
N ILE B 196 -7.26 21.25 34.60
CA ILE B 196 -6.74 20.58 33.41
C ILE B 196 -5.38 19.94 33.65
N LEU B 197 -4.49 20.68 34.30
CA LEU B 197 -3.14 20.19 34.49
C LEU B 197 -3.09 18.98 35.43
N LYS B 198 -3.91 19.01 36.50
CA LYS B 198 -4.03 17.84 37.37
C LYS B 198 -4.59 16.64 36.61
N GLY B 199 -5.58 16.89 35.75
CA GLY B 199 -6.18 15.80 34.99
C GLY B 199 -5.15 15.19 34.05
N ILE B 200 -4.22 16.01 33.55
CA ILE B 200 -3.16 15.51 32.65
C ILE B 200 -2.19 14.65 33.40
N GLY B 201 -2.19 14.78 34.73
CA GLY B 201 -1.28 13.98 35.54
C GLY B 201 -0.12 14.72 36.17
N CYS B 202 -0.07 16.04 36.02
CA CYS B 202 1.02 16.82 36.60
C CYS B 202 0.91 16.97 38.11
N LYS B 203 2.02 17.29 38.75
CA LYS B 203 1.98 17.64 40.15
C LYS B 203 1.84 19.13 40.20
N VAL B 204 0.64 19.60 40.54
CA VAL B 204 0.33 21.03 40.46
C VAL B 204 0.40 21.74 41.81
N PHE B 205 1.02 22.91 41.78
CA PHE B 205 1.13 23.81 42.92
C PHE B 205 0.60 25.19 42.52
N ALA B 206 0.14 25.97 43.51
CA ALA B 206 -0.44 27.29 43.20
C ALA B 206 0.02 28.40 44.13
N TYR B 207 -0.02 29.62 43.62
CA TYR B 207 0.18 30.79 44.44
C TYR B 207 -0.93 31.76 44.17
N ASP B 208 -1.52 32.27 45.24
CA ASP B 208 -2.49 33.34 45.13
C ASP B 208 -2.62 33.94 46.49
N ILE B 209 -3.13 35.16 46.59
CA ILE B 209 -3.34 35.78 47.91
C ILE B 209 -4.54 35.14 48.59
N LYS B 210 -5.53 34.77 47.80
CA LYS B 210 -6.73 34.07 48.30
C LYS B 210 -6.77 32.66 47.72
N PRO B 211 -6.70 31.63 48.59
CA PRO B 211 -6.92 30.25 48.15
C PRO B 211 -8.30 30.04 47.53
N ASN B 212 -8.35 29.28 46.46
CA ASN B 212 -9.60 28.94 45.81
C ASN B 212 -10.03 27.55 46.29
N PRO B 213 -11.18 27.49 46.97
CA PRO B 213 -11.60 26.22 47.59
C PRO B 213 -11.82 25.12 46.56
N ALA B 214 -12.16 25.51 45.34
CA ALA B 214 -12.27 24.54 44.26
C ALA B 214 -10.91 23.95 43.91
N VAL B 215 -9.85 24.71 44.12
CA VAL B 215 -8.51 24.25 43.80
C VAL B 215 -7.97 23.38 44.95
N GLU B 216 -8.22 23.83 46.17
CA GLU B 216 -7.92 23.06 47.36
C GLU B 216 -8.70 21.73 47.43
N ALA B 217 -9.91 21.68 46.91
CA ALA B 217 -10.65 20.41 46.91
C ALA B 217 -10.08 19.43 45.87
N MET B 218 -9.18 19.90 45.02
CA MET B 218 -8.50 18.98 44.09
C MET B 218 -7.19 18.49 44.67
N GLY B 219 -6.89 18.92 45.90
CA GLY B 219 -5.65 18.54 46.55
C GLY B 219 -4.43 19.20 45.95
N ILE B 220 -4.61 20.43 45.46
CA ILE B 220 -3.51 21.25 44.97
C ILE B 220 -3.14 22.21 46.08
N PRO B 221 -1.90 22.12 46.56
CA PRO B 221 -1.42 23.01 47.62
C PRO B 221 -1.13 24.46 47.18
N TYR B 222 -1.49 25.41 48.03
CA TYR B 222 -1.07 26.79 47.85
C TYR B 222 0.21 27.02 48.63
N VAL B 223 1.25 27.45 47.92
CA VAL B 223 2.55 27.73 48.52
C VAL B 223 2.95 29.15 48.15
N SER B 224 4.04 29.64 48.76
CA SER B 224 4.53 30.98 48.47
C SER B 224 5.08 31.06 47.04
N LEU B 225 5.12 32.26 46.47
CA LEU B 225 5.56 32.44 45.09
C LEU B 225 7.01 31.97 44.90
N ASP B 226 7.89 32.33 45.83
CA ASP B 226 9.30 31.90 45.78
C ASP B 226 9.45 30.39 45.74
N GLU B 227 8.62 29.71 46.54
CA GLU B 227 8.64 28.25 46.59
C GLU B 227 8.14 27.68 45.28
N LEU B 228 7.09 28.26 44.73
CA LEU B 228 6.54 27.82 43.46
C LEU B 228 7.57 28.06 42.35
N LEU B 229 8.21 29.23 42.39
CA LEU B 229 9.20 29.52 41.35
C LEU B 229 10.39 28.57 41.43
N ALA B 230 10.74 28.15 42.64
CA ALA B 230 11.92 27.31 42.81
C ALA B 230 11.68 25.86 42.37
N MET B 231 10.47 25.37 42.58
CA MET B 231 10.14 23.96 42.29
C MET B 231 9.51 23.67 40.93
N SER B 232 9.07 24.69 40.18
CA SER B 232 8.22 24.41 38.98
C SER B 232 9.05 24.08 37.72
N ASP B 233 8.63 23.03 37.00
CA ASP B 233 9.15 22.72 35.65
C ASP B 233 8.45 23.59 34.65
N ILE B 234 7.20 23.89 34.96
CA ILE B 234 6.34 24.72 34.13
C ILE B 234 5.66 25.72 35.05
N VAL B 235 5.78 27.00 34.72
CA VAL B 235 5.14 28.06 35.45
C VAL B 235 4.19 28.74 34.48
N THR B 236 2.93 28.90 34.86
CA THR B 236 1.94 29.52 33.97
C THR B 236 1.23 30.66 34.67
N LEU B 237 1.31 31.87 34.10
CA LEU B 237 0.80 33.06 34.79
C LEU B 237 -0.68 33.27 34.51
N HIS B 238 -1.49 33.22 35.54
CA HIS B 238 -2.88 33.58 35.39
C HIS B 238 -3.39 34.76 36.23
N CYS B 239 -2.50 35.45 36.93
CA CYS B 239 -2.97 36.60 37.73
C CYS B 239 -3.28 37.86 36.90
N PRO B 240 -4.13 38.75 37.45
CA PRO B 240 -4.41 40.05 36.81
C PRO B 240 -3.18 40.95 36.87
N LEU B 241 -3.16 42.04 36.09
CA LEU B 241 -2.02 42.94 36.17
C LEU B 241 -2.30 44.00 37.23
N LEU B 242 -1.55 43.93 38.32
CA LEU B 242 -1.66 44.88 39.43
C LEU B 242 -0.29 45.41 39.78
N PRO B 243 -0.23 46.53 40.50
CA PRO B 243 1.08 47.06 40.91
C PRO B 243 1.94 46.00 41.62
N SER B 244 1.29 45.12 42.37
CA SER B 244 1.96 44.03 43.08
C SER B 244 2.51 42.96 42.15
N THR B 245 1.84 42.76 41.02
CA THR B 245 2.24 41.74 40.07
C THR B 245 3.06 42.22 38.86
N ARG B 246 3.29 43.53 38.73
CA ARG B 246 3.94 44.05 37.53
C ARG B 246 5.38 43.56 37.48
N GLN B 247 5.79 42.99 36.35
CA GLN B 247 7.13 42.43 36.19
C GLN B 247 7.40 41.45 37.31
N LEU B 248 6.36 40.68 37.60
CA LEU B 248 6.45 39.53 38.46
C LEU B 248 7.65 38.68 38.05
N ILE B 249 7.70 38.34 36.78
CA ILE B 249 8.86 37.70 36.18
C ILE B 249 9.84 38.80 35.75
N ASN B 250 11.01 38.85 36.36
CA ASN B 250 12.03 39.83 36.01
C ASN B 250 13.42 39.23 36.18
N LYS B 251 14.46 40.06 36.07
CA LYS B 251 15.83 39.55 36.07
C LYS B 251 16.18 38.76 37.34
N GLU B 252 15.73 39.26 38.49
CA GLU B 252 16.02 38.66 39.79
C GLU B 252 15.21 37.40 40.09
N SER B 253 13.90 37.47 39.92
CA SER B 253 13.05 36.33 40.22
C SER B 253 13.33 35.18 39.26
N ILE B 254 13.80 35.51 38.07
CA ILE B 254 14.10 34.47 37.09
C ILE B 254 15.24 33.57 37.60
N GLN B 255 16.18 34.17 38.33
CA GLN B 255 17.29 33.37 38.82
C GLN B 255 16.83 32.49 39.98
N LYS B 256 15.65 32.81 40.53
CA LYS B 256 15.04 32.00 41.58
C LYS B 256 14.31 30.79 41.00
N MET B 257 14.11 30.77 39.69
CA MET B 257 13.43 29.64 39.07
C MET B 257 14.36 28.43 38.88
N LYS B 258 13.77 27.37 38.36
CA LYS B 258 14.47 26.13 38.14
C LYS B 258 15.02 26.12 36.70
N LYS B 259 16.32 25.85 36.57
CA LYS B 259 16.97 25.92 35.27
C LYS B 259 16.23 25.04 34.28
N GLY B 260 15.84 25.62 33.15
CA GLY B 260 15.14 24.88 32.12
C GLY B 260 13.64 25.07 32.20
N VAL B 261 13.20 25.98 33.07
CA VAL B 261 11.77 26.15 33.27
C VAL B 261 11.07 26.64 32.02
N MET B 262 9.90 26.06 31.76
CA MET B 262 9.00 26.51 30.75
C MET B 262 8.04 27.53 31.32
N LEU B 263 8.06 28.75 30.78
CA LEU B 263 7.22 29.83 31.29
C LEU B 263 6.11 30.11 30.31
N ILE B 264 4.88 30.19 30.83
CA ILE B 264 3.71 30.46 30.03
C ILE B 264 3.01 31.69 30.55
N ASN B 265 2.77 32.65 29.64
CA ASN B 265 1.99 33.80 30.01
C ASN B 265 0.90 34.07 28.98
N VAL B 266 -0.32 33.75 29.37
CA VAL B 266 -1.56 33.96 28.64
C VAL B 266 -2.43 35.08 29.27
N SER B 267 -1.92 35.75 30.29
CA SER B 267 -2.72 36.80 30.94
C SER B 267 -2.40 38.18 30.48
N ARG B 268 -1.25 38.69 30.91
CA ARG B 268 -0.89 40.08 30.67
C ARG B 268 0.59 40.26 30.42
N GLY B 269 0.92 41.03 29.38
CA GLY B 269 2.31 41.25 29.04
C GLY B 269 3.10 41.95 30.13
N GLY B 270 2.42 42.81 30.87
CA GLY B 270 3.04 43.51 31.98
C GLY B 270 3.56 42.62 33.13
N LEU B 271 3.09 41.38 33.19
CA LEU B 271 3.54 40.45 34.23
C LEU B 271 4.99 40.06 33.99
N ILE B 272 5.47 40.26 32.77
CA ILE B 272 6.84 39.86 32.41
C ILE B 272 7.69 41.03 32.00
N ASP B 273 8.93 41.07 32.47
CA ASP B 273 9.85 42.09 31.97
C ASP B 273 10.67 41.51 30.81
N SER B 274 10.28 41.94 29.61
CA SER B 274 10.71 41.23 28.41
C SER B 274 12.20 41.32 28.16
N ALA B 275 12.79 42.47 28.46
CA ALA B 275 14.22 42.68 28.31
C ALA B 275 15.01 41.58 28.97
N ALA B 276 14.50 41.08 30.09
CA ALA B 276 15.25 40.09 30.88
C ALA B 276 15.20 38.70 30.24
N LEU B 277 14.34 38.51 29.23
CA LEU B 277 14.15 37.19 28.66
C LEU B 277 15.36 36.64 27.92
N PHE B 278 16.07 37.53 27.23
CA PHE B 278 17.12 37.07 26.31
C PHE B 278 18.32 36.41 26.99
N ASP B 279 18.91 37.07 27.99
CA ASP B 279 20.03 36.45 28.70
C ASP B 279 19.60 35.13 29.30
N ALA B 280 18.35 35.10 29.80
CA ALA B 280 17.83 33.92 30.48
C ALA B 280 17.51 32.82 29.46
N LEU B 281 17.04 33.19 28.27
CA LEU B 281 16.88 32.17 27.23
C LEU B 281 18.24 31.61 26.85
N GLU B 282 19.20 32.52 26.76
CA GLU B 282 20.51 32.16 26.26
C GLU B 282 21.34 31.42 27.31
N SER B 283 21.04 31.64 28.58
CA SER B 283 21.77 30.94 29.65
C SER B 283 21.18 29.57 29.88
N GLY B 284 19.98 29.34 29.37
CA GLY B 284 19.29 28.08 29.58
C GLY B 284 18.43 28.11 30.84
N GLN B 285 18.47 29.25 31.53
CA GLN B 285 17.70 29.48 32.73
C GLN B 285 16.22 29.35 32.42
N ILE B 286 15.76 30.03 31.39
CA ILE B 286 14.45 29.69 30.84
C ILE B 286 14.61 28.72 29.66
N GLY B 287 14.08 27.51 29.76
CA GLY B 287 14.19 26.52 28.71
C GLY B 287 13.15 26.67 27.59
N ALA B 288 12.01 27.30 27.89
CA ALA B 288 10.99 27.48 26.87
C ALA B 288 10.01 28.54 27.31
N LEU B 289 9.37 29.20 26.34
CA LEU B 289 8.49 30.32 26.58
C LEU B 289 7.28 30.34 25.64
N GLY B 290 6.04 30.22 26.17
CA GLY B 290 4.86 30.54 25.39
C GLY B 290 4.16 31.83 25.87
N LEU B 291 3.67 32.60 24.89
CA LEU B 291 3.08 33.92 25.13
C LEU B 291 1.86 34.08 24.26
N ASP B 292 0.74 34.50 24.84
CA ASP B 292 -0.38 35.00 24.05
C ASP B 292 -0.40 36.51 24.15
N VAL B 293 0.53 37.06 24.92
CA VAL B 293 0.49 38.50 25.29
C VAL B 293 1.92 39.02 25.40
N TYR B 294 2.11 40.31 25.15
CA TYR B 294 3.43 40.90 25.18
C TYR B 294 3.28 42.32 25.74
N GLU B 295 4.29 42.82 26.43
CA GLU B 295 4.12 44.05 27.22
C GLU B 295 3.72 45.25 26.37
N ASN B 296 4.32 45.41 25.18
CA ASN B 296 3.85 46.48 24.30
C ASN B 296 3.10 45.95 23.10
N GLU B 297 1.78 45.88 23.21
CA GLU B 297 0.95 45.39 22.13
C GLU B 297 0.30 46.55 21.40
N GLY B 298 0.49 47.77 21.92
CA GLY B 298 -0.17 48.94 21.35
C GLY B 298 0.36 49.22 19.96
N GLY B 299 -0.53 49.19 18.99
CA GLY B 299 -0.12 49.43 17.62
C GLY B 299 0.50 48.19 17.02
N LEU B 300 0.86 47.23 17.87
CA LEU B 300 1.48 46.00 17.42
C LEU B 300 0.46 44.90 17.14
N PHE B 301 -0.30 44.50 18.15
CA PHE B 301 -1.27 43.41 18.01
C PHE B 301 -2.57 43.76 17.27
N PHE B 302 -3.25 42.73 16.76
CA PHE B 302 -4.50 42.87 16.02
C PHE B 302 -4.28 43.63 14.69
N VAL B 303 -3.04 43.66 14.24
CA VAL B 303 -2.70 44.24 12.96
C VAL B 303 -1.89 43.26 12.15
N ASP B 304 -2.24 43.13 10.89
CA ASP B 304 -1.37 42.43 9.98
C ASP B 304 -0.47 43.47 9.34
N HIS B 305 0.78 43.50 9.79
CA HIS B 305 1.77 44.48 9.37
C HIS B 305 2.37 44.11 7.99
N THR B 306 2.07 42.91 7.51
CA THR B 306 2.61 42.45 6.23
C THR B 306 1.93 43.17 5.03
N LYS B 307 0.81 43.84 5.24
CA LYS B 307 0.16 44.56 4.14
C LYS B 307 0.83 45.93 3.87
N PHE B 308 1.75 46.31 4.76
CA PHE B 308 2.48 47.57 4.69
C PHE B 308 3.85 47.42 4.00
N ASP B 309 4.28 48.45 3.30
CA ASP B 309 5.66 48.48 2.83
C ASP B 309 6.64 48.46 4.01
N PRO B 310 7.78 47.73 3.87
CA PRO B 310 8.77 47.68 4.96
C PRO B 310 9.20 49.06 5.44
N SER B 311 9.25 50.04 4.55
CA SER B 311 9.64 51.38 4.95
C SER B 311 8.63 51.93 5.93
N VAL B 312 7.36 51.55 5.77
CA VAL B 312 6.29 51.94 6.71
C VAL B 312 6.33 51.09 7.99
N ARG B 313 6.58 49.79 7.85
CA ARG B 313 6.71 48.92 9.03
C ARG B 313 7.87 49.36 9.90
N MET B 314 8.91 49.95 9.31
CA MET B 314 10.04 50.38 10.11
C MET B 314 9.66 51.46 11.13
N GLN B 315 8.51 52.09 10.94
CA GLN B 315 8.09 53.20 11.79
C GLN B 315 7.61 52.71 13.16
N LYS B 316 6.79 51.65 13.20
CA LYS B 316 6.37 51.03 14.47
C LYS B 316 7.21 49.79 14.89
N TRP B 317 8.34 49.55 14.24
CA TRP B 317 9.10 48.31 14.44
C TRP B 317 9.51 48.05 15.92
N ASP B 318 9.15 46.88 16.42
CA ASP B 318 9.53 46.55 17.79
C ASP B 318 10.70 45.58 17.75
N ARG B 319 11.90 46.10 18.00
CA ARG B 319 13.06 45.27 17.68
C ARG B 319 13.14 44.12 18.68
N GLN B 320 12.93 44.41 19.96
CA GLN B 320 13.07 43.34 20.96
C GLN B 320 11.94 42.33 20.78
N PHE B 321 10.75 42.76 20.39
CA PHE B 321 9.77 41.74 20.03
C PHE B 321 10.23 40.88 18.81
N ARG B 322 10.69 41.52 17.73
CA ARG B 322 11.12 40.75 16.56
C ARG B 322 12.31 39.83 16.92
N THR B 323 13.20 40.29 17.78
CA THR B 323 14.30 39.43 18.22
C THR B 323 13.78 38.18 18.94
N LEU B 324 12.83 38.39 19.87
CA LEU B 324 12.26 37.31 20.67
C LEU B 324 11.66 36.17 19.83
N LEU B 325 11.00 36.52 18.74
CA LEU B 325 10.40 35.50 17.85
C LEU B 325 11.50 34.66 17.21
N SER B 326 12.74 35.13 17.33
CA SER B 326 13.86 34.46 16.69
C SER B 326 14.29 33.07 17.33
N TYR B 327 13.95 32.87 18.60
CA TYR B 327 14.40 31.69 19.34
C TYR B 327 13.58 30.43 19.06
N PRO B 328 14.26 29.29 18.88
CA PRO B 328 13.57 28.04 18.57
C PRO B 328 12.71 27.53 19.73
N GLN B 329 13.02 27.92 20.97
CA GLN B 329 12.20 27.45 22.11
C GLN B 329 11.12 28.46 22.52
N VAL B 330 10.92 29.52 21.71
CA VAL B 330 9.86 30.51 21.99
C VAL B 330 8.65 30.37 21.09
N LEU B 331 7.47 30.48 21.66
CA LEU B 331 6.27 30.33 20.87
C LEU B 331 5.31 31.43 21.27
N VAL B 332 4.87 32.22 20.31
CA VAL B 332 4.02 33.38 20.57
C VAL B 332 2.79 33.32 19.69
N THR B 333 1.60 33.44 20.30
CA THR B 333 0.36 33.55 19.55
C THR B 333 -0.19 34.97 19.70
N PRO B 334 -0.98 35.43 18.71
CA PRO B 334 -1.40 36.84 18.68
C PRO B 334 -2.69 37.12 19.45
N HIS B 335 -2.58 37.00 20.78
CA HIS B 335 -3.67 37.24 21.72
C HIS B 335 -4.92 36.45 21.30
N THR B 336 -4.73 35.16 21.04
CA THR B 336 -5.86 34.29 20.68
C THR B 336 -6.37 33.41 21.84
N ALA B 337 -5.83 33.56 23.04
CA ALA B 337 -6.25 32.65 24.11
C ALA B 337 -7.76 32.63 24.27
N PHE B 338 -8.42 33.78 24.04
CA PHE B 338 -9.87 33.88 24.22
C PHE B 338 -10.65 33.46 23.01
N LEU B 339 -9.95 33.25 21.89
CA LEU B 339 -10.64 33.26 20.60
C LEU B 339 -11.13 31.86 20.22
N THR B 340 -12.41 31.67 20.50
CA THR B 340 -13.01 30.36 20.49
C THR B 340 -14.47 30.51 20.11
N GLU B 341 -15.04 29.49 19.47
CA GLU B 341 -16.46 29.43 19.20
C GLU B 341 -17.22 29.77 20.49
N GLU B 342 -17.00 28.94 21.51
CA GLU B 342 -17.66 29.05 22.79
C GLU B 342 -17.48 30.43 23.42
N ALA B 343 -16.24 30.94 23.42
CA ALA B 343 -15.99 32.25 24.02
C ALA B 343 -16.62 33.37 23.17
N LEU B 344 -16.59 33.23 21.84
CA LEU B 344 -17.19 34.24 20.99
C LEU B 344 -18.71 34.27 21.21
N ASN B 345 -19.31 33.10 21.43
CA ASN B 345 -20.73 33.03 21.75
C ASN B 345 -21.08 33.79 23.03
N ASN B 346 -20.36 33.51 24.12
CA ASN B 346 -20.55 34.21 25.39
C ASN B 346 -20.43 35.69 25.20
N ILE B 347 -19.37 36.11 24.52
CA ILE B 347 -19.16 37.53 24.26
C ILE B 347 -20.34 38.10 23.48
N CYS B 348 -20.81 37.39 22.48
CA CYS B 348 -21.91 37.89 21.68
C CYS B 348 -23.17 38.06 22.55
N THR B 349 -23.57 36.99 23.23
CA THR B 349 -24.80 37.01 24.00
C THR B 349 -24.74 38.00 25.17
N THR B 350 -23.57 38.20 25.76
CA THR B 350 -23.43 39.20 26.82
C THR B 350 -23.53 40.63 26.23
N THR B 351 -23.06 40.78 24.98
CA THR B 351 -23.11 42.07 24.29
C THR B 351 -24.54 42.41 23.94
N ILE B 352 -25.30 41.40 23.55
CA ILE B 352 -26.67 41.63 23.16
C ILE B 352 -27.48 41.92 24.43
N GLN B 353 -27.21 41.19 25.50
CA GLN B 353 -27.87 41.46 26.78
C GLN B 353 -27.46 42.83 27.36
N ASN B 354 -26.19 43.23 27.21
CA ASN B 354 -25.77 44.54 27.68
C ASN B 354 -26.53 45.65 26.98
N ILE B 355 -26.67 45.52 25.66
CA ILE B 355 -27.41 46.47 24.85
C ILE B 355 -28.86 46.53 25.29
N ALA B 356 -29.45 45.35 25.47
CA ALA B 356 -30.86 45.27 25.80
C ALA B 356 -31.13 45.98 27.14
N ASP B 357 -30.30 45.65 28.13
CA ASP B 357 -30.38 46.22 29.48
C ASP B 357 -30.24 47.74 29.48
N TYR B 358 -29.29 48.25 28.69
CA TYR B 358 -29.16 49.70 28.53
C TYR B 358 -30.47 50.33 28.03
N VAL B 359 -31.01 49.79 26.94
CA VAL B 359 -32.22 50.29 26.32
C VAL B 359 -33.43 50.25 27.26
N LEU B 360 -33.49 49.22 28.08
CA LEU B 360 -34.61 49.00 28.97
C LEU B 360 -34.41 49.71 30.28
N ASP B 361 -33.33 50.51 30.37
CA ASP B 361 -33.09 51.32 31.56
C ASP B 361 -32.81 50.42 32.77
N ARG B 362 -32.37 49.19 32.52
CA ARG B 362 -32.00 48.29 33.62
C ARG B 362 -30.60 48.61 34.13
N PRO B 363 -30.29 48.14 35.33
CA PRO B 363 -28.93 48.30 35.85
C PRO B 363 -27.89 47.50 35.06
N LEU B 364 -26.78 48.14 34.70
CA LEU B 364 -25.83 47.51 33.79
C LEU B 364 -24.96 46.47 34.45
N GLY B 365 -24.05 46.94 35.29
CA GLY B 365 -23.13 46.09 36.00
C GLY B 365 -21.91 45.81 35.15
N ASN B 366 -22.07 45.92 33.84
CA ASN B 366 -20.97 45.79 32.91
C ASN B 366 -20.48 47.16 32.45
N PRO C 26 -5.23 75.48 -18.67
CA PRO C 26 -6.42 76.31 -18.44
C PRO C 26 -7.09 76.01 -17.10
N GLN C 27 -8.07 76.81 -16.73
CA GLN C 27 -8.77 76.65 -15.46
C GLN C 27 -9.87 75.58 -15.57
N GLU C 28 -9.86 74.89 -16.71
CA GLU C 28 -10.70 73.73 -16.93
C GLU C 28 -10.41 72.67 -15.85
N ALA C 29 -9.30 72.86 -15.13
CA ALA C 29 -8.98 71.99 -14.01
C ALA C 29 -9.98 72.24 -12.88
N ALA C 30 -10.53 73.45 -12.83
CA ALA C 30 -11.54 73.78 -11.84
C ALA C 30 -12.80 73.05 -12.19
N LYS C 31 -12.99 72.83 -13.49
CA LYS C 31 -14.10 72.02 -13.98
C LYS C 31 -13.78 70.56 -13.67
N VAL C 32 -12.52 70.19 -13.87
CA VAL C 32 -12.07 68.82 -13.59
C VAL C 32 -12.14 68.48 -12.11
N ALA C 33 -11.74 69.43 -11.25
CA ALA C 33 -11.69 69.23 -9.80
C ALA C 33 -13.03 68.87 -9.16
N THR C 34 -14.13 69.38 -9.73
CA THR C 34 -15.46 69.18 -9.18
C THR C 34 -15.93 67.76 -9.43
N THR C 35 -15.14 67.01 -10.19
CA THR C 35 -15.47 65.63 -10.46
C THR C 35 -15.54 64.84 -9.16
N ARG C 36 -16.55 63.99 -9.04
CA ARG C 36 -16.74 63.19 -7.83
C ARG C 36 -16.34 61.76 -8.14
N CYS C 37 -15.32 61.27 -7.44
CA CYS C 37 -14.77 59.95 -7.70
C CYS C 37 -14.86 58.99 -6.52
N ILE C 38 -15.39 57.80 -6.78
CA ILE C 38 -15.31 56.67 -5.84
C ILE C 38 -14.45 55.50 -6.42
N CYS C 39 -13.56 54.93 -5.60
CA CYS C 39 -12.76 53.75 -6.05
C CYS C 39 -13.01 52.51 -5.15
N TYR C 40 -13.48 51.43 -5.79
CA TYR C 40 -13.67 50.12 -5.11
C TYR C 40 -12.40 49.26 -4.97
N SER C 41 -12.45 48.36 -4.01
CA SER C 41 -11.33 47.48 -3.72
C SER C 41 -10.10 48.28 -3.34
N THR C 42 -10.26 49.22 -2.40
CA THR C 42 -9.10 49.99 -1.99
C THR C 42 -8.44 49.25 -0.87
N THR C 43 -7.31 48.64 -1.19
CA THR C 43 -6.49 47.92 -0.22
C THR C 43 -5.36 48.85 0.16
N GLN C 44 -4.41 48.38 0.98
CA GLN C 44 -3.35 49.29 1.44
C GLN C 44 -2.55 49.88 0.26
N TYR C 45 -2.24 49.03 -0.71
CA TYR C 45 -1.33 49.43 -1.76
C TYR C 45 -2.07 50.43 -2.68
N VAL C 46 -3.38 50.28 -2.78
CA VAL C 46 -4.21 51.20 -3.56
C VAL C 46 -4.27 52.58 -2.89
N LYS C 47 -4.31 52.58 -1.57
CA LYS C 47 -4.24 53.82 -0.83
C LYS C 47 -2.91 54.56 -1.08
N ASP C 48 -1.81 53.82 -0.96
CA ASP C 48 -0.48 54.40 -1.03
C ASP C 48 -0.18 55.13 -2.34
N PHE C 49 -0.36 54.44 -3.46
CA PHE C 49 0.06 54.94 -4.76
C PHE C 49 -0.99 55.88 -5.37
N LEU C 50 -2.24 55.67 -5.00
CA LEU C 50 -3.37 56.24 -5.73
C LEU C 50 -4.03 57.43 -5.02
N ALA C 51 -4.53 57.22 -3.80
CA ALA C 51 -5.28 58.22 -3.06
C ALA C 51 -4.65 59.62 -2.98
N GLY C 52 -3.32 59.65 -2.78
CA GLY C 52 -2.57 60.89 -2.67
C GLY C 52 -2.62 61.76 -3.90
N PRO C 53 -2.25 61.21 -5.06
CA PRO C 53 -2.34 61.85 -6.38
C PRO C 53 -3.77 62.29 -6.79
N MET C 54 -4.78 61.54 -6.35
CA MET C 54 -6.19 61.81 -6.66
C MET C 54 -6.81 63.00 -5.93
N GLN C 55 -6.43 63.19 -4.68
CA GLN C 55 -7.00 64.27 -3.88
C GLN C 55 -6.25 65.58 -4.13
N LYS C 56 -5.15 65.48 -4.89
CA LYS C 56 -4.40 66.63 -5.39
C LYS C 56 -5.20 67.25 -6.51
N VAL C 57 -6.05 66.41 -7.09
CA VAL C 57 -6.85 66.81 -8.24
C VAL C 57 -8.31 67.01 -7.85
N PHE C 58 -8.92 65.94 -7.35
CA PHE C 58 -10.34 65.90 -7.00
C PHE C 58 -10.68 66.19 -5.52
N THR C 59 -11.60 67.13 -5.35
CA THR C 59 -12.01 67.64 -4.04
C THR C 59 -12.79 66.61 -3.19
N ASP C 60 -13.67 65.84 -3.85
CA ASP C 60 -14.49 64.83 -3.17
C ASP C 60 -14.09 63.47 -3.70
N THR C 61 -13.44 62.68 -2.85
CA THR C 61 -13.01 61.36 -3.26
C THR C 61 -13.27 60.27 -2.21
N TYR C 62 -14.11 59.31 -2.58
CA TYR C 62 -14.57 58.25 -1.69
C TYR C 62 -13.83 56.92 -1.91
N PHE C 63 -13.14 56.42 -0.88
CA PHE C 63 -12.42 55.16 -1.01
C PHE C 63 -13.08 53.99 -0.29
N VAL C 64 -13.59 53.03 -1.06
CA VAL C 64 -14.24 51.85 -0.51
C VAL C 64 -13.28 50.66 -0.42
N GLU C 65 -13.07 50.12 0.78
CA GLU C 65 -12.14 49.02 0.99
C GLU C 65 -12.72 47.76 0.33
N PRO C 66 -13.99 47.43 0.61
CA PRO C 66 -14.58 46.26 -0.05
C PRO C 66 -14.71 46.41 -1.57
N PRO C 67 -14.75 45.28 -2.28
CA PRO C 67 -14.87 45.19 -3.75
C PRO C 67 -16.24 45.61 -4.27
N LEU C 68 -16.41 45.54 -5.59
CA LEU C 68 -17.66 45.95 -6.24
C LEU C 68 -18.67 44.85 -6.47
N ASP C 69 -19.87 45.06 -5.94
CA ASP C 69 -21.00 44.19 -6.16
C ASP C 69 -22.30 45.00 -6.25
N LYS C 70 -23.44 44.34 -6.07
CA LYS C 70 -24.72 45.04 -6.13
C LYS C 70 -25.03 45.78 -4.83
N ASP C 71 -24.79 45.11 -3.70
CA ASP C 71 -24.88 45.75 -2.37
C ASP C 71 -23.90 46.91 -2.10
N THR C 72 -22.72 46.89 -2.71
CA THR C 72 -21.83 48.03 -2.53
C THR C 72 -21.91 49.01 -3.70
N ALA C 73 -22.90 48.84 -4.58
CA ALA C 73 -23.06 49.74 -5.72
C ALA C 73 -23.82 50.99 -5.27
N GLN C 74 -24.69 50.83 -4.26
CA GLN C 74 -25.38 51.96 -3.65
C GLN C 74 -24.43 52.84 -2.83
N LEU C 75 -23.20 52.40 -2.61
CA LEU C 75 -22.18 53.24 -1.95
C LEU C 75 -21.75 54.31 -2.94
N ALA C 76 -22.09 54.08 -4.21
CA ALA C 76 -21.73 54.92 -5.37
C ALA C 76 -22.81 55.96 -5.75
N ARG C 77 -23.83 56.13 -4.93
CA ARG C 77 -25.01 56.97 -5.24
C ARG C 77 -24.85 58.46 -5.61
N GLY C 78 -23.83 59.14 -5.13
CA GLY C 78 -23.66 60.53 -5.54
C GLY C 78 -22.57 60.83 -6.56
N TYR C 79 -21.67 59.87 -6.70
CA TYR C 79 -20.42 60.03 -7.45
C TYR C 79 -20.59 59.91 -8.95
N ASP C 80 -19.72 60.60 -9.67
CA ASP C 80 -19.77 60.64 -11.13
C ASP C 80 -19.03 59.48 -11.81
N VAL C 81 -17.91 59.10 -11.23
CA VAL C 81 -17.06 58.08 -11.83
C VAL C 81 -16.62 57.06 -10.80
N ALA C 82 -16.73 55.80 -11.21
CA ALA C 82 -16.33 54.67 -10.40
C ALA C 82 -14.99 54.13 -10.89
N VAL C 83 -14.02 54.07 -9.99
CA VAL C 83 -12.71 53.51 -10.27
C VAL C 83 -12.68 52.03 -9.83
N LEU C 84 -12.28 51.15 -10.75
CA LEU C 84 -12.46 49.71 -10.57
C LEU C 84 -11.18 48.92 -10.79
N PHE C 85 -11.19 47.65 -10.36
CA PHE C 85 -10.04 46.79 -10.47
C PHE C 85 -10.45 45.44 -11.10
N VAL C 86 -9.46 44.56 -11.35
CA VAL C 86 -9.71 43.30 -12.06
C VAL C 86 -10.63 42.34 -11.33
N ASN C 87 -10.45 42.22 -10.02
CA ASN C 87 -11.24 41.28 -9.22
C ASN C 87 -12.66 41.81 -9.02
N ASP C 88 -12.89 43.08 -9.30
CA ASP C 88 -14.23 43.64 -9.19
C ASP C 88 -15.09 43.16 -10.36
N ARG C 89 -16.29 43.71 -10.45
CA ARG C 89 -17.22 43.35 -11.49
C ARG C 89 -17.06 44.29 -12.70
N ALA C 90 -18.03 44.41 -13.60
CA ALA C 90 -19.45 44.43 -13.28
C ALA C 90 -20.26 43.32 -13.90
N ASP C 91 -21.47 43.17 -13.38
CA ASP C 91 -22.43 42.28 -13.97
C ASP C 91 -23.12 43.17 -14.96
N ALA C 92 -24.06 42.64 -15.72
CA ALA C 92 -24.74 43.48 -16.68
C ALA C 92 -25.62 44.46 -15.91
N SER C 93 -26.14 43.96 -14.79
CA SER C 93 -27.14 44.63 -13.96
C SER C 93 -26.58 45.71 -13.04
N VAL C 94 -25.36 45.52 -12.54
CA VAL C 94 -24.79 46.47 -11.61
C VAL C 94 -24.45 47.74 -12.37
N ILE C 95 -24.38 47.68 -13.70
CA ILE C 95 -24.17 48.89 -14.45
C ILE C 95 -25.38 49.80 -14.19
N LYS C 96 -26.53 49.19 -13.92
CA LYS C 96 -27.78 49.94 -13.76
C LYS C 96 -27.94 50.66 -12.41
N GLU C 97 -27.64 50.00 -11.30
CA GLU C 97 -27.76 50.67 -10.00
C GLU C 97 -26.48 51.47 -9.74
N LEU C 98 -25.43 51.14 -10.49
CA LEU C 98 -24.28 52.03 -10.53
C LEU C 98 -24.73 53.22 -11.37
N ALA C 99 -25.52 52.92 -12.41
CA ALA C 99 -26.11 53.94 -13.27
C ALA C 99 -27.10 54.81 -12.51
N LYS C 100 -27.97 54.18 -11.72
CA LYS C 100 -28.95 54.91 -10.93
C LYS C 100 -28.26 55.59 -9.76
N ALA C 101 -27.07 55.10 -9.43
CA ALA C 101 -26.19 55.78 -8.49
C ALA C 101 -25.71 57.06 -9.16
N GLY C 102 -25.73 57.07 -10.48
CA GLY C 102 -25.37 58.25 -11.23
C GLY C 102 -24.04 58.16 -11.95
N VAL C 103 -23.24 57.14 -11.65
CA VAL C 103 -21.94 57.04 -12.32
C VAL C 103 -22.15 56.51 -13.74
N LYS C 104 -21.79 57.35 -14.70
CA LYS C 104 -21.80 57.00 -16.11
C LYS C 104 -20.40 56.69 -16.60
N LEU C 105 -19.44 56.72 -15.67
CA LEU C 105 -18.06 56.42 -16.03
C LEU C 105 -17.42 55.42 -15.06
N ILE C 106 -16.81 54.41 -15.65
CA ILE C 106 -16.00 53.46 -14.90
C ILE C 106 -14.55 53.65 -15.29
N ALA C 107 -13.69 53.93 -14.32
CA ALA C 107 -12.26 54.08 -14.60
C ALA C 107 -11.47 52.90 -14.04
N LEU C 108 -10.89 52.10 -14.93
CA LEU C 108 -10.17 50.94 -14.47
C LEU C 108 -8.71 51.26 -14.11
N ARG C 109 -8.28 50.79 -12.94
CA ARG C 109 -6.89 50.96 -12.49
C ARG C 109 -6.05 49.83 -13.03
N CYS C 110 -6.61 49.07 -13.98
CA CYS C 110 -5.98 47.88 -14.54
C CYS C 110 -6.26 47.87 -16.03
N ALA C 111 -5.77 46.87 -16.75
CA ALA C 111 -6.07 46.82 -18.17
C ALA C 111 -7.19 45.85 -18.58
N GLY C 112 -7.83 45.17 -17.64
CA GLY C 112 -8.97 44.34 -18.02
C GLY C 112 -10.31 45.03 -18.00
N PHE C 113 -11.01 45.04 -19.13
CA PHE C 113 -12.42 45.46 -19.10
C PHE C 113 -13.28 44.20 -19.21
N ASP C 114 -12.61 43.07 -19.35
CA ASP C 114 -13.26 41.80 -19.65
C ASP C 114 -14.39 41.40 -18.70
N ARG C 115 -14.21 41.64 -17.41
CA ARG C 115 -15.17 41.14 -16.44
C ARG C 115 -16.42 42.04 -16.35
N VAL C 116 -16.33 43.26 -16.88
CA VAL C 116 -17.53 44.10 -17.06
C VAL C 116 -18.06 43.87 -18.48
N ASP C 117 -19.38 43.91 -18.65
CA ASP C 117 -19.95 43.80 -19.99
C ASP C 117 -20.21 45.19 -20.55
N LEU C 118 -19.77 45.40 -21.78
CA LEU C 118 -19.90 46.71 -22.39
C LEU C 118 -21.28 46.82 -23.00
N HIS C 119 -21.96 45.69 -23.07
CA HIS C 119 -23.32 45.62 -23.61
C HIS C 119 -24.38 46.10 -22.62
N ALA C 120 -24.12 45.92 -21.33
CA ALA C 120 -24.98 46.41 -20.27
C ALA C 120 -24.70 47.89 -20.03
N CYS C 121 -23.44 48.26 -20.18
CA CYS C 121 -23.01 49.65 -20.02
C CYS C 121 -23.53 50.47 -21.19
N ALA C 122 -23.61 49.83 -22.34
CA ALA C 122 -24.14 50.46 -23.55
C ALA C 122 -25.58 50.89 -23.34
N GLU C 123 -26.33 50.05 -22.63
CA GLU C 123 -27.75 50.29 -22.42
C GLU C 123 -27.97 51.39 -21.37
N HIS C 124 -27.04 51.47 -20.42
CA HIS C 124 -27.17 52.40 -19.30
C HIS C 124 -26.36 53.69 -19.44
N GLY C 125 -25.66 53.86 -20.55
CA GLY C 125 -25.00 55.13 -20.80
C GLY C 125 -23.70 55.22 -20.03
N VAL C 126 -23.30 54.11 -19.41
CA VAL C 126 -22.08 54.08 -18.63
C VAL C 126 -20.92 53.78 -19.58
N ARG C 127 -19.87 54.57 -19.48
CA ARG C 127 -18.74 54.46 -20.40
C ARG C 127 -17.57 53.78 -19.71
N VAL C 128 -16.84 52.97 -20.46
CA VAL C 128 -15.76 52.20 -19.88
C VAL C 128 -14.40 52.75 -20.30
N VAL C 129 -13.61 53.10 -19.30
CA VAL C 129 -12.25 53.56 -19.50
C VAL C 129 -11.30 52.76 -18.60
N ARG C 130 -10.01 52.79 -18.92
CA ARG C 130 -9.08 51.83 -18.34
C ARG C 130 -7.63 52.14 -18.69
N VAL C 131 -6.69 51.53 -17.97
CA VAL C 131 -5.27 51.64 -18.32
C VAL C 131 -4.74 50.41 -19.06
N PRO C 132 -4.57 50.58 -20.38
CA PRO C 132 -4.23 49.53 -21.34
C PRO C 132 -2.79 49.05 -21.22
N THR C 133 -1.92 49.82 -20.55
CA THR C 133 -0.50 49.46 -20.47
C THR C 133 0.23 49.65 -19.13
N TYR C 134 0.83 48.56 -18.63
CA TYR C 134 1.83 48.64 -17.57
C TYR C 134 3.20 48.89 -18.20
N SER C 135 4.08 49.58 -17.49
CA SER C 135 5.43 49.76 -17.95
C SER C 135 6.05 48.37 -18.09
N PRO C 136 6.41 48.03 -19.33
CA PRO C 136 6.77 46.66 -19.69
C PRO C 136 8.06 46.15 -19.06
N GLU C 137 8.95 47.03 -18.63
CA GLU C 137 10.14 46.57 -17.92
C GLU C 137 9.72 45.86 -16.63
N SER C 138 8.71 46.38 -15.96
CA SER C 138 8.26 45.83 -14.69
C SER C 138 7.90 44.37 -14.87
N VAL C 139 7.08 44.10 -15.88
CA VAL C 139 6.60 42.75 -16.18
C VAL C 139 7.74 41.88 -16.66
N ALA C 140 8.58 42.40 -17.56
CA ALA C 140 9.72 41.63 -18.05
C ALA C 140 10.74 41.37 -16.93
N GLU C 141 11.04 42.39 -16.13
CA GLU C 141 12.01 42.21 -15.07
C GLU C 141 11.49 41.19 -14.02
N HIS C 142 10.18 41.02 -13.91
CA HIS C 142 9.65 40.09 -12.91
C HIS C 142 9.90 38.66 -13.36
N ALA C 143 9.64 38.39 -14.62
CA ALA C 143 9.95 37.11 -15.27
C ALA C 143 11.43 36.78 -15.11
N VAL C 144 12.29 37.79 -15.18
CA VAL C 144 13.71 37.56 -14.99
C VAL C 144 13.98 37.23 -13.50
N ALA C 145 13.30 37.92 -12.60
CA ALA C 145 13.39 37.67 -11.17
C ALA C 145 13.07 36.20 -10.82
N LEU C 146 11.98 35.68 -11.38
CA LEU C 146 11.59 34.29 -11.19
C LEU C 146 12.71 33.34 -11.63
N ILE C 147 13.30 33.63 -12.80
CA ILE C 147 14.35 32.79 -13.31
C ILE C 147 15.53 32.74 -12.35
N PHE C 148 15.97 33.91 -11.88
CA PHE C 148 17.08 34.00 -10.97
C PHE C 148 16.78 33.29 -9.63
N ALA C 149 15.57 33.49 -9.11
CA ALA C 149 15.19 32.95 -7.82
C ALA C 149 15.25 31.43 -7.91
N LEU C 150 14.65 30.85 -8.95
CA LEU C 150 14.69 29.39 -9.12
C LEU C 150 16.10 28.83 -9.36
N ASN C 151 16.91 29.54 -10.15
CA ASN C 151 18.26 29.06 -10.44
C ASN C 151 19.04 28.84 -9.17
N ARG C 152 18.89 29.77 -8.24
CA ARG C 152 19.67 29.81 -7.03
C ARG C 152 18.91 29.35 -5.78
N HIS C 153 17.69 28.82 -5.93
CA HIS C 153 16.90 28.31 -4.80
C HIS C 153 16.76 29.32 -3.68
N LEU C 154 16.45 30.55 -4.05
CA LEU C 154 16.36 31.65 -3.12
C LEU C 154 15.24 31.43 -2.11
N THR C 155 14.10 30.84 -2.52
CA THR C 155 13.03 30.65 -1.53
C THR C 155 13.36 29.52 -0.52
N ASP C 156 13.80 28.36 -0.99
CA ASP C 156 14.37 27.29 -0.14
C ASP C 156 15.41 27.85 0.83
N ALA C 157 16.35 28.61 0.28
CA ALA C 157 17.48 29.14 1.03
C ALA C 157 17.02 30.09 2.13
N TYR C 158 16.12 30.99 1.76
CA TYR C 158 15.60 31.97 2.71
C TYR C 158 14.94 31.30 3.93
N ILE C 159 14.06 30.34 3.65
CA ILE C 159 13.30 29.66 4.68
C ILE C 159 14.21 28.85 5.60
N ARG C 160 15.13 28.08 5.04
CA ARG C 160 16.08 27.34 5.83
C ARG C 160 16.89 28.26 6.72
N VAL C 161 17.42 29.32 6.13
CA VAL C 161 18.22 30.25 6.90
C VAL C 161 17.41 30.85 8.07
N ARG C 162 16.12 31.10 7.83
CA ARG C 162 15.27 31.64 8.88
C ARG C 162 15.08 30.63 10.04
N MET C 163 14.98 29.33 9.71
CA MET C 163 14.93 28.25 10.70
C MET C 163 16.29 27.99 11.42
N GLY C 164 17.39 28.40 10.80
CA GLY C 164 18.72 28.16 11.33
C GLY C 164 19.45 26.98 10.71
N ASN C 165 18.97 26.56 9.52
CA ASN C 165 19.71 25.63 8.68
C ASN C 165 20.57 26.42 7.69
N TYR C 166 21.87 26.41 7.96
CA TYR C 166 22.90 27.03 7.14
C TYR C 166 23.65 26.00 6.29
N SER C 167 23.15 24.77 6.22
CA SER C 167 23.80 23.78 5.37
C SER C 167 23.53 24.08 3.87
N LEU C 168 24.43 23.57 3.02
CA LEU C 168 24.45 23.82 1.56
C LEU C 168 23.61 22.92 0.62
N SER C 169 23.51 21.62 0.91
CA SER C 169 22.73 20.71 0.06
C SER C 169 21.33 21.21 0.22
N GLY C 170 20.36 21.11 -0.67
CA GLY C 170 20.24 20.92 -2.09
C GLY C 170 19.97 22.34 -2.65
N LEU C 171 20.75 23.29 -2.15
CA LEU C 171 20.73 24.64 -2.63
C LEU C 171 21.59 24.89 -3.91
N VAL C 172 22.19 23.84 -4.45
CA VAL C 172 23.08 24.01 -5.61
C VAL C 172 22.33 24.50 -6.85
N GLY C 173 22.79 25.61 -7.39
CA GLY C 173 22.11 26.24 -8.50
C GLY C 173 22.78 26.02 -9.84
N VAL C 174 22.51 26.95 -10.75
CA VAL C 174 22.99 26.92 -12.12
C VAL C 174 23.31 28.33 -12.61
N GLU C 175 24.31 28.45 -13.49
CA GLU C 175 24.68 29.70 -14.17
C GLU C 175 23.72 30.05 -15.30
N MET C 176 23.39 31.34 -15.45
CA MET C 176 22.59 31.77 -16.59
C MET C 176 23.39 32.18 -17.84
N ARG C 177 24.68 32.46 -17.68
CA ARG C 177 25.40 33.16 -18.73
C ARG C 177 25.28 32.55 -20.11
N HIS C 178 25.52 31.27 -20.29
CA HIS C 178 25.46 30.84 -21.70
C HIS C 178 24.23 30.09 -22.12
N LYS C 179 23.25 30.07 -21.25
CA LYS C 179 22.02 29.32 -21.47
C LYS C 179 21.16 29.85 -22.63
N VAL C 180 20.46 28.94 -23.28
CA VAL C 180 19.56 29.23 -24.37
C VAL C 180 18.16 29.60 -23.91
N VAL C 181 17.72 30.80 -24.27
CA VAL C 181 16.42 31.26 -23.81
C VAL C 181 15.45 31.66 -24.93
N GLY C 182 14.36 30.89 -25.10
CA GLY C 182 13.23 31.26 -25.94
C GLY C 182 12.26 32.26 -25.31
N VAL C 183 12.08 33.37 -25.99
CA VAL C 183 11.05 34.35 -25.66
C VAL C 183 9.89 34.11 -26.60
N VAL C 184 8.74 33.72 -26.05
CA VAL C 184 7.56 33.44 -26.85
C VAL C 184 6.61 34.64 -26.80
N GLY C 185 6.60 35.36 -27.91
CA GLY C 185 5.88 36.62 -28.14
C GLY C 185 6.83 37.77 -27.84
N THR C 186 6.92 38.67 -28.84
CA THR C 186 7.86 39.79 -28.88
C THR C 186 7.25 41.19 -28.87
N GLY C 187 6.02 41.31 -28.38
CA GLY C 187 5.41 42.60 -28.22
C GLY C 187 6.15 43.38 -27.14
N ALA C 188 5.52 44.45 -26.64
CA ALA C 188 6.20 45.42 -25.79
C ALA C 188 6.98 44.81 -24.62
N ILE C 189 6.35 43.85 -23.92
CA ILE C 189 6.97 43.17 -22.77
C ILE C 189 8.01 42.13 -23.20
N GLY C 190 7.66 41.30 -24.20
CA GLY C 190 8.62 40.37 -24.77
C GLY C 190 9.86 41.08 -25.29
N GLN C 191 9.70 42.29 -25.84
CA GLN C 191 10.88 43.02 -26.26
C GLN C 191 11.84 43.29 -25.09
N GLN C 192 11.31 43.74 -23.96
CA GLN C 192 12.18 44.06 -22.83
C GLN C 192 12.82 42.81 -22.25
N ALA C 193 12.07 41.71 -22.31
CA ALA C 193 12.52 40.42 -21.74
C ALA C 193 13.68 39.92 -22.56
N ALA C 194 13.53 39.99 -23.90
CA ALA C 194 14.60 39.63 -24.83
C ALA C 194 15.80 40.51 -24.60
N ARG C 195 15.57 41.81 -24.49
CA ARG C 195 16.65 42.77 -24.26
C ARG C 195 17.38 42.46 -22.98
N ILE C 196 16.64 42.34 -21.88
CA ILE C 196 17.31 42.06 -20.61
C ILE C 196 18.12 40.74 -20.60
N LEU C 197 17.54 39.68 -21.16
CA LEU C 197 18.18 38.38 -21.10
C LEU C 197 19.45 38.36 -21.96
N LYS C 198 19.44 39.10 -23.06
CA LYS C 198 20.65 39.26 -23.85
C LYS C 198 21.72 40.04 -23.11
N GLY C 199 21.35 41.09 -22.38
CA GLY C 199 22.34 41.87 -21.67
C GLY C 199 23.03 40.99 -20.63
N ILE C 200 22.29 40.06 -20.04
CA ILE C 200 22.81 39.13 -19.02
C ILE C 200 23.79 38.12 -19.58
N GLY C 201 23.74 37.95 -20.90
CA GLY C 201 24.60 37.01 -21.61
C GLY C 201 23.96 35.76 -22.18
N CYS C 202 22.66 35.58 -22.05
CA CYS C 202 22.03 34.40 -22.60
C CYS C 202 22.03 34.40 -24.12
N LYS C 203 21.87 33.21 -24.69
CA LYS C 203 21.68 33.06 -26.13
C LYS C 203 20.19 33.07 -26.31
N VAL C 204 19.69 34.15 -26.89
CA VAL C 204 18.26 34.41 -26.97
C VAL C 204 17.65 34.12 -28.34
N PHE C 205 16.53 33.43 -28.33
CA PHE C 205 15.78 33.14 -29.55
C PHE C 205 14.36 33.63 -29.32
N ALA C 206 13.64 33.94 -30.39
CA ALA C 206 12.29 34.44 -30.23
C ALA C 206 11.33 33.74 -31.17
N TYR C 207 10.07 33.70 -30.78
CA TYR C 207 9.02 33.26 -31.67
C TYR C 207 7.89 34.27 -31.59
N ASP C 208 7.34 34.60 -32.76
CA ASP C 208 6.19 35.48 -32.88
C ASP C 208 5.67 35.44 -34.31
N ILE C 209 4.45 35.89 -34.54
CA ILE C 209 3.91 35.92 -35.90
C ILE C 209 4.60 37.00 -36.69
N LYS C 210 4.83 38.12 -36.01
CA LYS C 210 5.51 39.26 -36.60
C LYS C 210 6.80 39.54 -35.85
N PRO C 211 7.93 39.44 -36.55
CA PRO C 211 9.20 39.85 -35.95
C PRO C 211 9.16 41.32 -35.50
N ASN C 212 9.77 41.59 -34.35
CA ASN C 212 9.89 42.93 -33.78
C ASN C 212 11.27 43.52 -34.14
N PRO C 213 11.28 44.60 -34.94
CA PRO C 213 12.60 45.04 -35.48
C PRO C 213 13.59 45.52 -34.41
N ALA C 214 13.11 45.96 -33.26
CA ALA C 214 14.01 46.27 -32.16
C ALA C 214 14.68 44.98 -31.70
N VAL C 215 13.99 43.86 -31.84
CA VAL C 215 14.56 42.58 -31.43
C VAL C 215 15.54 42.04 -32.48
N GLU C 216 15.16 42.07 -33.75
CA GLU C 216 16.07 41.70 -34.84
C GLU C 216 17.34 42.56 -34.84
N ALA C 217 17.20 43.83 -34.47
CA ALA C 217 18.35 44.71 -34.35
C ALA C 217 19.29 44.34 -33.18
N MET C 218 18.82 43.50 -32.25
CA MET C 218 19.67 43.00 -31.18
C MET C 218 20.34 41.70 -31.65
N GLY C 219 20.03 41.28 -32.88
CA GLY C 219 20.59 40.05 -33.40
C GLY C 219 19.99 38.83 -32.75
N ILE C 220 18.73 38.92 -32.35
CA ILE C 220 18.04 37.79 -31.79
C ILE C 220 17.27 37.15 -32.92
N PRO C 221 17.59 35.91 -33.26
CA PRO C 221 16.91 35.25 -34.39
C PRO C 221 15.47 34.87 -34.09
N TYR C 222 14.58 35.02 -35.06
CA TYR C 222 13.24 34.44 -34.93
C TYR C 222 13.16 33.04 -35.52
N VAL C 223 12.75 32.07 -34.72
CA VAL C 223 12.68 30.69 -35.19
C VAL C 223 11.26 30.19 -35.03
N SER C 224 11.00 28.95 -35.47
CA SER C 224 9.66 28.40 -35.26
C SER C 224 9.46 28.06 -33.78
N LEU C 225 8.20 28.00 -33.34
CA LEU C 225 7.88 27.70 -31.93
C LEU C 225 8.44 26.33 -31.57
N ASP C 226 8.23 25.34 -32.43
CA ASP C 226 8.79 24.01 -32.22
C ASP C 226 10.32 23.98 -32.12
N GLU C 227 11.00 24.78 -32.92
CA GLU C 227 12.46 24.82 -32.84
C GLU C 227 12.81 25.44 -31.52
N LEU C 228 12.09 26.52 -31.17
CA LEU C 228 12.37 27.21 -29.92
C LEU C 228 12.10 26.30 -28.72
N LEU C 229 11.03 25.53 -28.75
CA LEU C 229 10.79 24.65 -27.62
C LEU C 229 11.86 23.57 -27.56
N ALA C 230 12.39 23.15 -28.71
CA ALA C 230 13.36 22.07 -28.72
C ALA C 230 14.74 22.50 -28.19
N MET C 231 15.14 23.72 -28.47
CA MET C 231 16.46 24.18 -28.07
C MET C 231 16.55 24.91 -26.73
N SER C 232 15.42 25.26 -26.12
CA SER C 232 15.50 26.21 -25.01
C SER C 232 15.79 25.57 -23.64
N ASP C 233 16.72 26.18 -22.89
CA ASP C 233 16.96 25.84 -21.49
C ASP C 233 15.92 26.54 -20.60
N ILE C 234 15.49 27.71 -21.06
CA ILE C 234 14.53 28.52 -20.39
C ILE C 234 13.52 29.06 -21.41
N VAL C 235 12.24 28.88 -21.12
CA VAL C 235 11.20 29.38 -21.97
C VAL C 235 10.33 30.34 -21.19
N THR C 236 10.16 31.54 -21.71
CA THR C 236 9.35 32.53 -21.01
C THR C 236 8.24 33.05 -21.93
N LEU C 237 6.99 32.90 -21.50
CA LEU C 237 5.83 33.19 -22.36
C LEU C 237 5.39 34.66 -22.24
N HIS C 238 5.50 35.41 -23.33
CA HIS C 238 4.93 36.74 -23.34
C HIS C 238 3.81 37.02 -24.32
N CYS C 239 3.35 35.99 -25.03
CA CYS C 239 2.26 36.20 -25.99
C CYS C 239 0.96 36.41 -25.23
N PRO C 240 -0.01 37.07 -25.87
CA PRO C 240 -1.35 37.30 -25.33
C PRO C 240 -2.17 36.01 -25.35
N LEU C 241 -3.30 35.94 -24.64
CA LEU C 241 -4.11 34.74 -24.74
C LEU C 241 -5.07 34.88 -25.91
N LEU C 242 -4.85 34.06 -26.94
CA LEU C 242 -5.69 33.96 -28.13
C LEU C 242 -6.03 32.49 -28.35
N PRO C 243 -7.05 32.20 -29.18
CA PRO C 243 -7.35 30.80 -29.47
C PRO C 243 -6.14 30.01 -29.98
N SER C 244 -5.27 30.66 -30.73
CA SER C 244 -4.09 30.01 -31.25
C SER C 244 -3.07 29.69 -30.15
N THR C 245 -3.02 30.50 -29.10
CA THR C 245 -2.04 30.28 -28.03
C THR C 245 -2.61 29.55 -26.79
N ARG C 246 -3.91 29.26 -26.80
CA ARG C 246 -4.51 28.66 -25.62
C ARG C 246 -3.95 27.26 -25.39
N GLN C 247 -3.46 27.03 -24.19
CA GLN C 247 -2.84 25.76 -23.83
C GLN C 247 -1.71 25.45 -24.83
N LEU C 248 -1.00 26.51 -25.20
CA LEU C 248 0.26 26.46 -25.94
C LEU C 248 1.15 25.40 -25.37
N ILE C 249 1.32 25.47 -24.05
CA ILE C 249 2.00 24.44 -23.29
C ILE C 249 0.98 23.36 -22.88
N ASN C 250 1.15 22.15 -23.38
CA ASN C 250 0.26 21.02 -23.05
C ASN C 250 1.02 19.70 -22.98
N LYS C 251 0.32 18.58 -22.87
CA LYS C 251 1.00 17.29 -22.76
C LYS C 251 1.93 17.01 -23.95
N GLU C 252 1.45 17.37 -25.14
CA GLU C 252 2.16 17.12 -26.40
C GLU C 252 3.35 18.04 -26.61
N SER C 253 3.12 19.34 -26.45
CA SER C 253 4.18 20.31 -26.72
C SER C 253 5.30 20.17 -25.69
N ILE C 254 4.93 19.74 -24.48
CA ILE C 254 5.91 19.59 -23.41
C ILE C 254 6.92 18.52 -23.77
N GLN C 255 6.49 17.48 -24.48
CA GLN C 255 7.44 16.42 -24.85
C GLN C 255 8.39 16.89 -25.98
N LYS C 256 8.04 17.99 -26.64
CA LYS C 256 8.84 18.59 -27.70
C LYS C 256 9.96 19.43 -27.14
N MET C 257 9.84 19.78 -25.85
CA MET C 257 10.82 20.65 -25.19
C MET C 257 12.08 19.87 -24.80
N LYS C 258 13.04 20.60 -24.26
CA LYS C 258 14.31 20.02 -23.83
C LYS C 258 14.28 19.62 -22.36
N LYS C 259 14.65 18.37 -22.05
CA LYS C 259 14.56 17.80 -20.69
C LYS C 259 15.25 18.69 -19.66
N GLY C 260 14.51 19.09 -18.62
CA GLY C 260 15.09 19.92 -17.58
C GLY C 260 14.77 21.40 -17.76
N VAL C 261 13.91 21.72 -18.74
CA VAL C 261 13.61 23.11 -19.06
C VAL C 261 12.96 23.91 -17.94
N MET C 262 13.37 25.17 -17.81
CA MET C 262 12.74 26.07 -16.90
C MET C 262 11.67 26.83 -17.68
N LEU C 263 10.41 26.69 -17.29
CA LEU C 263 9.29 27.33 -17.95
C LEU C 263 8.77 28.44 -17.06
N ILE C 264 8.63 29.62 -17.67
CA ILE C 264 8.18 30.84 -17.02
C ILE C 264 6.97 31.42 -17.69
N ASN C 265 5.91 31.63 -16.93
CA ASN C 265 4.72 32.28 -17.44
C ASN C 265 4.26 33.43 -16.56
N VAL C 266 4.50 34.60 -17.07
CA VAL C 266 4.10 35.86 -16.49
C VAL C 266 2.94 36.53 -17.25
N SER C 267 2.39 35.87 -18.27
CA SER C 267 1.30 36.50 -19.06
C SER C 267 -0.13 36.09 -18.71
N ARG C 268 -0.51 34.90 -19.13
CA ARG C 268 -1.89 34.45 -18.99
C ARG C 268 -1.93 32.98 -18.65
N GLY C 269 -2.77 32.62 -17.66
CA GLY C 269 -2.87 31.25 -17.21
C GLY C 269 -3.35 30.30 -18.29
N GLY C 270 -4.14 30.83 -19.21
CA GLY C 270 -4.67 30.06 -20.34
C GLY C 270 -3.63 29.49 -21.29
N LEU C 271 -2.41 30.02 -21.25
CA LEU C 271 -1.33 29.56 -22.13
C LEU C 271 -0.81 28.17 -21.72
N ILE C 272 -1.10 27.76 -20.49
CA ILE C 272 -0.62 26.48 -19.97
C ILE C 272 -1.77 25.56 -19.56
N ASP C 273 -1.66 24.29 -19.91
CA ASP C 273 -2.63 23.32 -19.45
C ASP C 273 -2.07 22.74 -18.15
N SER C 274 -2.67 23.16 -17.04
CA SER C 274 -2.05 22.98 -15.73
C SER C 274 -1.99 21.52 -15.33
N ALA C 275 -3.00 20.78 -15.72
CA ALA C 275 -3.05 19.35 -15.45
C ALA C 275 -1.78 18.63 -15.93
N ALA C 276 -1.24 19.09 -17.06
CA ALA C 276 -0.12 18.41 -17.70
C ALA C 276 1.21 18.66 -16.99
N LEU C 277 1.23 19.61 -16.06
CA LEU C 277 2.46 19.99 -15.37
C LEU C 277 3.00 18.94 -14.39
N PHE C 278 2.09 18.19 -13.75
CA PHE C 278 2.49 17.28 -12.68
C PHE C 278 3.32 16.11 -13.15
N ASP C 279 2.86 15.41 -14.18
CA ASP C 279 3.68 14.35 -14.76
C ASP C 279 5.00 14.88 -15.27
N ALA C 280 4.98 16.08 -15.85
CA ALA C 280 6.19 16.65 -16.49
C ALA C 280 7.21 17.11 -15.45
N LEU C 281 6.71 17.61 -14.31
CA LEU C 281 7.58 17.96 -13.20
C LEU C 281 8.23 16.70 -12.59
N GLU C 282 7.43 15.65 -12.46
CA GLU C 282 7.90 14.43 -11.80
C GLU C 282 8.83 13.60 -12.70
N SER C 283 8.71 13.71 -14.02
CA SER C 283 9.63 12.98 -14.92
C SER C 283 10.95 13.72 -15.15
N GLY C 284 10.98 14.99 -14.80
CA GLY C 284 12.15 15.85 -14.98
C GLY C 284 12.14 16.58 -16.31
N GLN C 285 11.08 16.34 -17.09
CA GLN C 285 10.91 16.98 -18.39
C GLN C 285 10.81 18.49 -18.22
N ILE C 286 9.91 18.96 -17.36
CA ILE C 286 9.97 20.34 -16.90
C ILE C 286 10.81 20.37 -15.61
N GLY C 287 11.94 21.05 -15.65
CA GLY C 287 12.85 21.08 -14.50
C GLY C 287 12.52 22.11 -13.44
N ALA C 288 11.87 23.19 -13.85
CA ALA C 288 11.46 24.23 -12.92
C ALA C 288 10.36 25.04 -13.58
N LEU C 289 9.50 25.66 -12.77
CA LEU C 289 8.36 26.42 -13.25
C LEU C 289 8.23 27.68 -12.43
N GLY C 290 8.34 28.86 -13.05
CA GLY C 290 7.87 30.07 -12.38
C GLY C 290 6.59 30.57 -12.99
N LEU C 291 5.68 31.05 -12.14
CA LEU C 291 4.37 31.53 -12.55
C LEU C 291 3.99 32.77 -11.79
N ASP C 292 3.52 33.79 -12.51
CA ASP C 292 2.81 34.91 -11.90
C ASP C 292 1.33 34.78 -12.17
N VAL C 293 0.93 33.75 -12.89
CA VAL C 293 -0.46 33.59 -13.31
C VAL C 293 -0.80 32.11 -13.36
N TYR C 294 -2.06 31.78 -13.13
CA TYR C 294 -2.51 30.40 -13.10
C TYR C 294 -3.90 30.42 -13.71
N GLU C 295 -4.27 29.37 -14.41
CA GLU C 295 -5.41 29.45 -15.31
C GLU C 295 -6.74 29.84 -14.66
N ASN C 296 -7.03 29.32 -13.45
CA ASN C 296 -8.25 29.78 -12.79
C ASN C 296 -7.95 30.71 -11.63
N GLU C 297 -7.98 32.00 -11.91
CA GLU C 297 -7.72 33.00 -10.91
C GLU C 297 -9.01 33.63 -10.42
N GLY C 298 -10.14 33.26 -11.03
CA GLY C 298 -11.41 33.83 -10.64
C GLY C 298 -11.72 33.35 -9.25
N GLY C 299 -11.82 34.30 -8.31
CA GLY C 299 -12.10 33.97 -6.94
C GLY C 299 -10.88 33.51 -6.16
N LEU C 300 -9.82 33.15 -6.87
CA LEU C 300 -8.61 32.62 -6.25
C LEU C 300 -7.59 33.70 -5.90
N PHE C 301 -7.09 34.42 -6.92
CA PHE C 301 -6.10 35.50 -6.74
C PHE C 301 -6.71 36.81 -6.16
N PHE C 302 -5.85 37.66 -5.61
CA PHE C 302 -6.23 38.93 -5.00
C PHE C 302 -7.12 38.81 -3.74
N VAL C 303 -7.11 37.63 -3.12
CA VAL C 303 -7.81 37.38 -1.88
C VAL C 303 -6.84 36.78 -0.88
N ASP C 304 -6.90 37.23 0.37
CA ASP C 304 -6.17 36.56 1.41
C ASP C 304 -7.10 35.53 2.01
N HIS C 305 -6.91 34.27 1.67
CA HIS C 305 -7.81 33.22 2.09
C HIS C 305 -7.53 32.78 3.53
N THR C 306 -6.40 33.20 4.07
CA THR C 306 -6.02 32.81 5.42
C THR C 306 -6.90 33.55 6.46
N LYS C 307 -7.64 34.57 6.02
CA LYS C 307 -8.50 35.24 6.96
C LYS C 307 -9.80 34.45 7.23
N PHE C 308 -10.06 33.42 6.41
CA PHE C 308 -11.27 32.61 6.54
C PHE C 308 -11.01 31.32 7.33
N ASP C 309 -12.02 30.88 8.08
CA ASP C 309 -12.01 29.56 8.67
C ASP C 309 -11.87 28.52 7.56
N PRO C 310 -11.11 27.44 7.82
CA PRO C 310 -10.85 26.40 6.80
C PRO C 310 -12.10 25.79 6.13
N SER C 311 -13.18 25.65 6.89
CA SER C 311 -14.43 25.08 6.37
C SER C 311 -15.05 25.95 5.26
N VAL C 312 -14.82 27.26 5.38
CA VAL C 312 -15.20 28.23 4.35
C VAL C 312 -14.17 28.16 3.19
N ARG C 313 -12.89 27.97 3.52
CA ARG C 313 -11.87 27.79 2.48
C ARG C 313 -12.09 26.53 1.64
N MET C 314 -12.67 25.51 2.24
CA MET C 314 -12.90 24.26 1.53
C MET C 314 -13.91 24.41 0.37
N GLN C 315 -14.67 25.49 0.38
CA GLN C 315 -15.74 25.66 -0.60
C GLN C 315 -15.20 25.97 -2.00
N LYS C 316 -14.25 26.90 -2.06
CA LYS C 316 -13.56 27.21 -3.31
C LYS C 316 -12.17 26.54 -3.48
N TRP C 317 -11.82 25.60 -2.60
CA TRP C 317 -10.48 25.00 -2.61
C TRP C 317 -10.07 24.47 -3.98
N ASP C 318 -8.89 24.89 -4.44
CA ASP C 318 -8.37 24.42 -5.72
C ASP C 318 -7.31 23.35 -5.44
N ARG C 319 -7.66 22.09 -5.65
CA ARG C 319 -6.76 21.04 -5.20
C ARG C 319 -5.51 20.99 -6.08
N GLN C 320 -5.68 21.10 -7.40
CA GLN C 320 -4.52 20.99 -8.27
C GLN C 320 -3.62 22.21 -8.15
N PHE C 321 -4.16 23.41 -7.89
CA PHE C 321 -3.27 24.55 -7.60
C PHE C 321 -2.46 24.32 -6.32
N ARG C 322 -3.11 23.89 -5.25
CA ARG C 322 -2.44 23.65 -3.97
C ARG C 322 -1.39 22.53 -4.04
N THR C 323 -1.65 21.51 -4.86
CA THR C 323 -0.67 20.45 -5.11
C THR C 323 0.56 21.08 -5.75
N LEU C 324 0.30 21.91 -6.76
CA LEU C 324 1.33 22.57 -7.55
C LEU C 324 2.33 23.35 -6.68
N LEU C 325 1.83 24.05 -5.67
CA LEU C 325 2.67 24.80 -4.73
C LEU C 325 3.58 23.88 -3.95
N SER C 326 3.26 22.58 -3.97
CA SER C 326 4.00 21.61 -3.18
C SER C 326 5.42 21.32 -3.68
N TYR C 327 5.67 21.53 -4.97
CA TYR C 327 6.98 21.16 -5.53
C TYR C 327 8.04 22.18 -5.20
N PRO C 328 9.24 21.71 -4.86
CA PRO C 328 10.34 22.62 -4.52
C PRO C 328 10.85 23.42 -5.74
N GLN C 329 10.67 22.88 -6.94
CA GLN C 329 11.16 23.59 -8.13
C GLN C 329 10.05 24.46 -8.78
N VAL C 330 8.93 24.64 -8.08
CA VAL C 330 7.86 25.53 -8.53
C VAL C 330 7.86 26.83 -7.75
N LEU C 331 7.68 27.96 -8.43
CA LEU C 331 7.70 29.24 -7.73
C LEU C 331 6.57 30.07 -8.30
N VAL C 332 5.67 30.50 -7.43
CA VAL C 332 4.45 31.19 -7.84
C VAL C 332 4.29 32.50 -7.07
N THR C 333 4.14 33.59 -7.79
CA THR C 333 3.88 34.89 -7.18
C THR C 333 2.44 35.23 -7.49
N PRO C 334 1.81 36.06 -6.63
CA PRO C 334 0.38 36.30 -6.78
C PRO C 334 0.05 37.44 -7.78
N HIS C 335 0.32 37.22 -9.07
CA HIS C 335 0.05 38.27 -10.08
C HIS C 335 0.65 39.65 -9.70
N THR C 336 1.91 39.65 -9.29
CA THR C 336 2.63 40.87 -8.93
C THR C 336 3.59 41.39 -10.04
N ALA C 337 3.62 40.73 -11.20
CA ALA C 337 4.57 41.15 -12.22
C ALA C 337 4.40 42.63 -12.60
N PHE C 338 3.16 43.15 -12.55
CA PHE C 338 2.88 44.54 -12.96
C PHE C 338 3.14 45.49 -11.83
N LEU C 339 3.35 44.92 -10.63
CA LEU C 339 3.20 45.71 -9.42
C LEU C 339 4.48 46.36 -8.95
N THR C 340 4.61 47.63 -9.27
CA THR C 340 5.86 48.31 -9.13
C THR C 340 5.59 49.77 -8.84
N GLU C 341 6.51 50.45 -8.16
CA GLU C 341 6.42 51.88 -8.01
C GLU C 341 6.14 52.52 -9.37
N GLU C 342 7.06 52.29 -10.30
CA GLU C 342 6.97 52.87 -11.62
C GLU C 342 5.65 52.52 -12.32
N ALA C 343 5.26 51.24 -12.32
CA ALA C 343 4.03 50.87 -13.02
C ALA C 343 2.82 51.49 -12.33
N LEU C 344 2.81 51.53 -10.99
CA LEU C 344 1.68 52.12 -10.30
C LEU C 344 1.61 53.62 -10.65
N ASN C 345 2.78 54.26 -10.81
CA ASN C 345 2.81 55.66 -11.23
C ASN C 345 2.17 55.88 -12.59
N ASN C 346 2.54 55.06 -13.57
CA ASN C 346 1.93 55.12 -14.90
C ASN C 346 0.42 55.00 -14.83
N ILE C 347 -0.04 53.99 -14.11
CA ILE C 347 -1.46 53.71 -13.96
C ILE C 347 -2.18 54.91 -13.35
N CYS C 348 -1.55 55.51 -12.35
CA CYS C 348 -2.13 56.65 -11.69
C CYS C 348 -2.30 57.79 -12.67
N THR C 349 -1.22 58.16 -13.32
CA THR C 349 -1.26 59.29 -14.24
C THR C 349 -2.13 59.01 -15.48
N THR C 350 -2.19 57.77 -15.95
CA THR C 350 -3.13 57.45 -17.03
C THR C 350 -4.59 57.51 -16.56
N THR C 351 -4.82 57.11 -15.32
CA THR C 351 -6.15 57.14 -14.76
C THR C 351 -6.63 58.56 -14.55
N ILE C 352 -5.72 59.43 -14.11
CA ILE C 352 -6.08 60.81 -13.83
C ILE C 352 -6.31 61.50 -15.17
N GLN C 353 -5.46 61.20 -16.15
CA GLN C 353 -5.70 61.74 -17.48
C GLN C 353 -7.00 61.16 -18.04
N ASN C 354 -7.30 59.90 -17.73
CA ASN C 354 -8.58 59.33 -18.16
C ASN C 354 -9.78 60.05 -17.61
N ILE C 355 -9.76 60.40 -16.33
CA ILE C 355 -10.85 61.14 -15.72
C ILE C 355 -10.99 62.51 -16.42
N ALA C 356 -9.85 63.17 -16.60
CA ALA C 356 -9.81 64.51 -17.15
C ALA C 356 -10.37 64.55 -18.58
N ASP C 357 -9.91 63.62 -19.42
CA ASP C 357 -10.36 63.52 -20.80
C ASP C 357 -11.86 63.26 -20.91
N TYR C 358 -12.38 62.38 -20.06
CA TYR C 358 -13.83 62.16 -19.99
C TYR C 358 -14.58 63.46 -19.65
N VAL C 359 -14.19 64.10 -18.56
CA VAL C 359 -14.86 65.32 -18.09
C VAL C 359 -14.85 66.46 -19.15
N LEU C 360 -13.75 66.58 -19.87
CA LEU C 360 -13.59 67.69 -20.80
C LEU C 360 -14.14 67.37 -22.17
N ASP C 361 -14.80 66.23 -22.29
CA ASP C 361 -15.45 65.85 -23.54
C ASP C 361 -14.39 65.61 -24.60
N ARG C 362 -13.16 65.32 -24.17
CA ARG C 362 -12.12 64.96 -25.11
C ARG C 362 -12.33 63.51 -25.50
N PRO C 363 -11.72 63.08 -26.62
CA PRO C 363 -11.84 61.68 -27.00
C PRO C 363 -11.11 60.75 -26.02
N LEU C 364 -11.74 59.63 -25.67
CA LEU C 364 -11.24 58.75 -24.62
C LEU C 364 -10.01 57.99 -25.08
N GLY C 365 -10.23 57.11 -26.07
CA GLY C 365 -9.16 56.33 -26.64
C GLY C 365 -9.01 55.09 -25.80
N ASN C 366 -9.43 55.20 -24.55
CA ASN C 366 -9.50 54.06 -23.65
C ASN C 366 -10.98 53.66 -23.54
N GLU C 367 -11.28 52.37 -23.73
CA GLU C 367 -12.67 51.91 -23.65
C GLU C 367 -12.79 50.48 -23.08
N VAL D 22 49.60 18.79 -21.77
CA VAL D 22 48.62 19.70 -21.19
C VAL D 22 47.32 18.95 -20.88
N GLU D 23 47.21 17.70 -21.34
CA GLU D 23 46.07 16.85 -21.02
C GLU D 23 46.38 15.35 -20.96
N LEU D 24 45.35 14.59 -20.57
CA LEU D 24 45.40 13.17 -20.22
C LEU D 24 46.54 12.85 -19.24
N THR D 25 46.89 11.57 -19.08
CA THR D 25 48.04 11.24 -18.25
C THR D 25 49.36 10.92 -19.01
N PRO D 26 49.31 9.94 -19.93
CA PRO D 26 48.31 8.90 -20.17
C PRO D 26 48.21 7.74 -19.17
N GLN D 27 49.30 6.99 -18.97
CA GLN D 27 49.35 5.87 -18.01
C GLN D 27 50.09 6.18 -16.73
N GLU D 28 50.60 7.39 -16.65
CA GLU D 28 51.12 7.91 -15.41
C GLU D 28 49.93 7.95 -14.44
N ALA D 29 48.75 7.75 -15.03
CA ALA D 29 47.48 7.71 -14.33
C ALA D 29 47.38 6.49 -13.45
N ALA D 30 48.14 5.44 -13.78
CA ALA D 30 48.13 4.24 -12.97
C ALA D 30 48.79 4.59 -11.65
N LYS D 31 49.76 5.50 -11.76
CA LYS D 31 50.47 6.02 -10.61
C LYS D 31 49.53 6.95 -9.82
N VAL D 32 48.77 7.76 -10.53
CA VAL D 32 47.83 8.68 -9.88
C VAL D 32 46.76 7.87 -9.13
N ALA D 33 46.29 6.81 -9.77
CA ALA D 33 45.28 5.91 -9.25
C ALA D 33 45.70 5.24 -7.93
N THR D 34 47.00 5.06 -7.70
CA THR D 34 47.41 4.40 -6.46
C THR D 34 47.33 5.38 -5.29
N THR D 35 47.12 6.65 -5.59
CA THR D 35 46.90 7.65 -4.53
C THR D 35 45.63 7.33 -3.75
N ARG D 36 45.73 7.34 -2.42
CA ARG D 36 44.58 7.05 -1.59
C ARG D 36 44.11 8.38 -0.97
N CYS D 37 42.88 8.76 -1.27
CA CYS D 37 42.36 10.06 -0.87
C CYS D 37 41.21 9.94 0.16
N ILE D 38 41.30 10.67 1.27
CA ILE D 38 40.18 10.72 2.21
C ILE D 38 39.54 12.12 2.13
N CYS D 39 38.21 12.16 2.04
CA CYS D 39 37.48 13.42 1.93
C CYS D 39 36.56 13.64 3.11
N TYR D 40 36.86 14.69 3.88
CA TYR D 40 36.05 15.11 5.02
C TYR D 40 34.84 15.99 4.67
N SER D 41 33.84 16.00 5.55
CA SER D 41 32.61 16.82 5.35
C SER D 41 31.91 16.46 4.07
N THR D 42 31.69 15.16 3.83
CA THR D 42 31.07 14.80 2.58
C THR D 42 29.58 14.81 2.86
N THR D 43 28.96 15.89 2.40
CA THR D 43 27.52 16.06 2.59
C THR D 43 26.89 15.68 1.26
N GLN D 44 25.58 15.82 1.16
CA GLN D 44 24.93 15.31 -0.04
C GLN D 44 25.49 15.95 -1.30
N TYR D 45 25.74 17.26 -1.31
CA TYR D 45 26.16 17.93 -2.55
C TYR D 45 27.60 17.54 -2.94
N VAL D 46 28.43 17.25 -1.93
CA VAL D 46 29.79 16.81 -2.17
C VAL D 46 29.76 15.46 -2.82
N LYS D 47 28.79 14.64 -2.40
CA LYS D 47 28.59 13.34 -3.02
C LYS D 47 28.19 13.52 -4.47
N ASP D 48 27.24 14.41 -4.72
CA ASP D 48 26.73 14.66 -6.07
C ASP D 48 27.85 15.12 -7.07
N PHE D 49 28.61 16.16 -6.72
CA PHE D 49 29.58 16.70 -7.67
C PHE D 49 30.98 16.03 -7.66
N LEU D 50 31.41 15.55 -6.51
CA LEU D 50 32.81 15.19 -6.30
C LEU D 50 33.07 13.68 -6.34
N ALA D 51 32.37 12.93 -5.49
CA ALA D 51 32.57 11.51 -5.31
C ALA D 51 32.64 10.74 -6.61
N GLY D 52 31.78 11.08 -7.56
CA GLY D 52 31.77 10.40 -8.85
C GLY D 52 33.05 10.59 -9.66
N PRO D 53 33.43 11.85 -9.93
CA PRO D 53 34.68 12.13 -10.66
C PRO D 53 35.94 11.55 -9.98
N MET D 54 35.98 11.51 -8.66
CA MET D 54 37.18 11.03 -7.98
C MET D 54 37.39 9.54 -8.12
N GLN D 55 36.32 8.77 -8.11
CA GLN D 55 36.49 7.33 -8.14
C GLN D 55 36.79 6.85 -9.56
N LYS D 56 36.63 7.75 -10.55
CA LYS D 56 37.09 7.42 -11.89
C LYS D 56 38.62 7.48 -12.01
N VAL D 57 39.23 8.28 -11.14
CA VAL D 57 40.65 8.52 -11.22
C VAL D 57 41.34 7.70 -10.14
N PHE D 58 40.96 7.92 -8.89
CA PHE D 58 41.59 7.25 -7.74
C PHE D 58 40.89 5.95 -7.37
N THR D 59 41.69 4.91 -7.21
CA THR D 59 41.21 3.56 -6.96
C THR D 59 40.51 3.44 -5.58
N ASP D 60 41.12 4.07 -4.57
CA ASP D 60 40.66 4.05 -3.19
C ASP D 60 40.37 5.43 -2.69
N THR D 61 39.10 5.74 -2.46
CA THR D 61 38.74 7.05 -1.92
C THR D 61 37.66 6.92 -0.81
N TYR D 62 38.02 7.40 0.38
CA TYR D 62 37.18 7.27 1.57
C TYR D 62 36.38 8.56 1.79
N PHE D 63 35.06 8.48 1.75
CA PHE D 63 34.26 9.70 1.97
C PHE D 63 33.66 9.74 3.37
N VAL D 64 34.20 10.64 4.19
CA VAL D 64 33.77 10.84 5.58
C VAL D 64 32.79 11.99 5.68
N GLU D 65 31.58 11.71 6.16
CA GLU D 65 30.56 12.74 6.26
C GLU D 65 30.85 13.79 7.33
N PRO D 66 31.24 13.36 8.55
CA PRO D 66 31.55 14.37 9.56
C PRO D 66 32.77 15.21 9.19
N PRO D 67 32.87 16.43 9.75
CA PRO D 67 34.02 17.28 9.45
C PRO D 67 35.34 16.75 10.01
N LEU D 68 36.41 17.48 9.74
CA LEU D 68 37.75 17.10 10.17
C LEU D 68 38.15 17.79 11.47
N ASP D 69 38.50 16.98 12.46
CA ASP D 69 39.01 17.49 13.71
C ASP D 69 40.09 16.57 14.23
N LYS D 70 40.30 16.64 15.53
CA LYS D 70 41.31 15.84 16.15
C LYS D 70 40.84 14.40 16.28
N ASP D 71 39.61 14.18 16.72
CA ASP D 71 38.99 12.84 16.69
C ASP D 71 38.73 12.16 15.30
N THR D 72 38.47 12.91 14.22
CA THR D 72 38.29 12.25 12.91
C THR D 72 39.55 12.29 12.04
N ALA D 73 40.65 12.75 12.60
CA ALA D 73 41.89 12.81 11.84
C ALA D 73 42.56 11.44 11.87
N GLN D 74 42.32 10.68 12.93
CA GLN D 74 42.82 9.30 13.01
C GLN D 74 42.12 8.43 11.97
N LEU D 75 41.10 8.99 11.31
CA LEU D 75 40.39 8.29 10.25
C LEU D 75 41.25 8.23 9.01
N ALA D 76 42.28 9.07 8.96
CA ALA D 76 43.08 9.25 7.76
C ALA D 76 44.33 8.38 7.69
N ARG D 77 44.51 7.48 8.66
CA ARG D 77 45.67 6.58 8.68
C ARG D 77 45.68 5.71 7.42
N GLY D 78 46.74 5.86 6.62
CA GLY D 78 46.89 5.07 5.43
C GLY D 78 46.67 5.89 4.19
N TYR D 79 45.96 7.01 4.33
CA TYR D 79 45.66 7.85 3.19
C TYR D 79 46.78 8.83 2.90
N ASP D 80 46.98 9.10 1.62
CA ASP D 80 48.06 9.94 1.16
C ASP D 80 47.69 11.40 1.18
N VAL D 81 46.44 11.67 0.82
CA VAL D 81 45.92 13.02 0.66
C VAL D 81 44.54 13.22 1.28
N ALA D 82 44.40 14.31 2.01
CA ALA D 82 43.14 14.68 2.65
C ALA D 82 42.44 15.82 1.89
N VAL D 83 41.21 15.58 1.45
CA VAL D 83 40.42 16.62 0.80
C VAL D 83 39.53 17.33 1.82
N LEU D 84 39.67 18.66 1.91
CA LEU D 84 39.02 19.47 2.96
C LEU D 84 38.28 20.70 2.43
N PHE D 85 37.42 21.26 3.28
CA PHE D 85 36.59 22.42 2.94
C PHE D 85 36.73 23.44 4.07
N VAL D 86 36.07 24.58 3.94
CA VAL D 86 36.20 25.69 4.89
C VAL D 86 35.78 25.33 6.33
N ASN D 87 34.76 24.49 6.47
CA ASN D 87 34.30 24.11 7.79
C ASN D 87 35.21 23.11 8.51
N ASP D 88 36.10 22.44 7.79
CA ASP D 88 37.01 21.46 8.38
C ASP D 88 38.13 22.15 9.13
N ARG D 89 38.55 21.60 10.25
CA ARG D 89 39.63 22.22 11.01
C ARG D 89 40.97 21.61 10.73
N ALA D 90 41.96 22.41 10.37
CA ALA D 90 43.31 21.94 10.58
C ALA D 90 44.08 22.99 11.35
N ASP D 91 44.18 22.83 12.66
CA ASP D 91 45.12 23.62 13.44
C ASP D 91 46.24 22.72 13.87
N ALA D 92 47.15 23.23 14.69
CA ALA D 92 48.38 22.50 15.01
C ALA D 92 48.15 21.08 15.53
N SER D 93 47.02 20.85 16.19
CA SER D 93 46.79 19.53 16.80
C SER D 93 46.35 18.49 15.78
N VAL D 94 45.49 18.88 14.85
CA VAL D 94 44.97 17.93 13.88
C VAL D 94 45.96 17.66 12.74
N ILE D 95 46.86 18.61 12.48
CA ILE D 95 47.90 18.39 11.47
C ILE D 95 48.90 17.36 11.95
N LYS D 96 49.07 17.26 13.27
CA LYS D 96 50.11 16.38 13.79
C LYS D 96 49.63 14.95 13.61
N GLU D 97 48.33 14.72 13.78
CA GLU D 97 47.80 13.37 13.63
C GLU D 97 47.49 12.98 12.18
N LEU D 98 47.34 13.96 11.28
CA LEU D 98 47.27 13.64 9.84
C LEU D 98 48.64 13.24 9.31
N ALA D 99 49.68 13.94 9.79
CA ALA D 99 51.05 13.63 9.41
C ALA D 99 51.38 12.21 9.87
N LYS D 100 51.00 11.88 11.11
CA LYS D 100 51.21 10.54 11.66
C LYS D 100 50.30 9.51 11.00
N ALA D 101 49.18 9.97 10.46
CA ALA D 101 48.29 9.14 9.65
C ALA D 101 48.92 8.79 8.29
N GLY D 102 49.85 9.62 7.82
CA GLY D 102 50.56 9.35 6.58
C GLY D 102 50.21 10.24 5.40
N VAL D 103 49.17 11.06 5.54
CA VAL D 103 48.77 11.93 4.44
C VAL D 103 49.82 13.03 4.30
N LYS D 104 50.43 13.14 3.13
CA LYS D 104 51.37 14.24 2.90
C LYS D 104 50.86 15.42 2.07
N LEU D 105 49.61 15.37 1.60
CA LEU D 105 49.04 16.49 0.85
C LEU D 105 47.61 16.74 1.31
N ILE D 106 47.30 18.02 1.53
CA ILE D 106 45.94 18.43 1.81
C ILE D 106 45.42 19.26 0.67
N ALA D 107 44.30 18.83 0.06
CA ALA D 107 43.69 19.58 -1.04
C ALA D 107 42.35 20.20 -0.66
N LEU D 108 42.26 21.52 -0.71
CA LEU D 108 41.01 22.23 -0.43
C LEU D 108 40.11 22.29 -1.67
N ARG D 109 38.82 21.99 -1.48
CA ARG D 109 37.77 22.06 -2.51
C ARG D 109 37.28 23.49 -2.59
N CYS D 110 38.03 24.39 -1.99
CA CYS D 110 37.64 25.79 -1.89
C CYS D 110 38.88 26.64 -2.01
N ALA D 111 38.73 27.96 -1.93
CA ALA D 111 39.90 28.81 -1.92
C ALA D 111 40.29 29.33 -0.53
N GLY D 112 39.49 29.04 0.49
CA GLY D 112 39.91 29.44 1.82
C GLY D 112 40.96 28.51 2.39
N PHE D 113 42.12 29.04 2.75
CA PHE D 113 43.07 28.28 3.56
C PHE D 113 43.16 28.75 5.02
N ASP D 114 42.44 29.81 5.35
CA ASP D 114 42.60 30.49 6.63
C ASP D 114 42.52 29.59 7.88
N ARG D 115 41.62 28.63 7.86
CA ARG D 115 41.36 27.79 9.02
C ARG D 115 42.40 26.66 9.15
N VAL D 116 43.23 26.49 8.12
CA VAL D 116 44.36 25.55 8.21
C VAL D 116 45.61 26.26 8.77
N ASP D 117 46.38 25.51 9.54
CA ASP D 117 47.60 26.03 10.11
C ASP D 117 48.75 25.62 9.18
N LEU D 118 49.43 26.61 8.61
CA LEU D 118 50.50 26.35 7.66
C LEU D 118 51.86 26.21 8.32
N HIS D 119 51.95 26.68 9.56
CA HIS D 119 53.19 26.60 10.32
C HIS D 119 53.31 25.20 10.88
N ALA D 120 52.15 24.56 11.08
CA ALA D 120 52.09 23.20 11.57
C ALA D 120 52.38 22.22 10.45
N CYS D 121 51.95 22.58 9.23
CA CYS D 121 52.18 21.73 8.07
C CYS D 121 53.66 21.71 7.72
N ALA D 122 54.32 22.85 7.91
CA ALA D 122 55.74 22.96 7.62
C ALA D 122 56.56 22.02 8.49
N GLU D 123 56.17 21.89 9.74
CA GLU D 123 56.93 21.04 10.65
C GLU D 123 56.65 19.58 10.36
N HIS D 124 55.45 19.29 9.89
CA HIS D 124 55.03 17.92 9.70
C HIS D 124 55.18 17.42 8.26
N GLY D 125 55.63 18.31 7.37
CA GLY D 125 55.97 17.94 6.00
C GLY D 125 54.79 17.87 5.04
N VAL D 126 53.63 18.30 5.50
CA VAL D 126 52.43 18.22 4.68
C VAL D 126 52.22 19.44 3.77
N ARG D 127 51.95 19.18 2.49
CA ARG D 127 51.78 20.25 1.52
C ARG D 127 50.31 20.42 1.26
N VAL D 128 49.89 21.67 1.18
CA VAL D 128 48.50 22.03 1.01
C VAL D 128 48.29 22.73 -0.33
N VAL D 129 47.30 22.26 -1.08
CA VAL D 129 47.01 22.85 -2.37
C VAL D 129 45.54 23.28 -2.36
N ARG D 130 45.14 24.12 -3.31
CA ARG D 130 43.90 24.86 -3.16
C ARG D 130 43.32 25.30 -4.51
N VAL D 131 42.03 25.59 -4.52
CA VAL D 131 41.39 26.13 -5.71
C VAL D 131 41.15 27.65 -5.56
N PRO D 132 41.98 28.47 -6.24
CA PRO D 132 42.03 29.94 -6.08
C PRO D 132 40.82 30.68 -6.67
N THR D 133 40.13 30.03 -7.60
CA THR D 133 39.06 30.69 -8.29
C THR D 133 37.82 29.84 -8.54
N TYR D 134 36.69 30.33 -8.07
CA TYR D 134 35.40 29.84 -8.51
C TYR D 134 35.03 30.56 -9.81
N SER D 135 34.20 29.94 -10.63
CA SER D 135 33.67 30.59 -11.83
C SER D 135 32.94 31.89 -11.45
N PRO D 136 33.45 33.03 -11.93
CA PRO D 136 33.08 34.38 -11.50
C PRO D 136 31.64 34.78 -11.88
N GLU D 137 31.10 34.21 -12.94
CA GLU D 137 29.70 34.39 -13.26
C GLU D 137 28.79 33.87 -12.15
N SER D 138 29.13 32.71 -11.59
CA SER D 138 28.30 32.08 -10.55
C SER D 138 28.08 33.04 -9.41
N VAL D 139 29.18 33.63 -8.93
CA VAL D 139 29.10 34.52 -7.80
C VAL D 139 28.40 35.81 -8.15
N ALA D 140 28.76 36.39 -9.29
CA ALA D 140 28.18 37.64 -9.76
C ALA D 140 26.67 37.49 -10.00
N GLU D 141 26.29 36.39 -10.63
CA GLU D 141 24.88 36.17 -10.88
C GLU D 141 24.15 36.00 -9.52
N HIS D 142 24.84 35.57 -8.47
CA HIS D 142 24.15 35.36 -7.20
C HIS D 142 23.80 36.72 -6.57
N ALA D 143 24.74 37.66 -6.61
CA ALA D 143 24.47 39.03 -6.18
C ALA D 143 23.25 39.64 -6.92
N VAL D 144 23.15 39.36 -8.21
CA VAL D 144 22.08 39.89 -9.05
C VAL D 144 20.76 39.24 -8.68
N ALA D 145 20.82 37.95 -8.34
CA ALA D 145 19.64 37.21 -7.88
C ALA D 145 19.00 37.87 -6.62
N LEU D 146 19.85 38.25 -5.68
CA LEU D 146 19.46 38.90 -4.46
C LEU D 146 18.71 40.20 -4.76
N ILE D 147 19.26 40.98 -5.70
CA ILE D 147 18.70 42.27 -6.06
C ILE D 147 17.29 42.06 -6.63
N PHE D 148 17.16 41.10 -7.53
CA PHE D 148 15.87 40.83 -8.14
C PHE D 148 14.88 40.35 -7.08
N ALA D 149 15.33 39.46 -6.16
CA ALA D 149 14.43 38.89 -5.13
C ALA D 149 13.93 39.99 -4.20
N LEU D 150 14.85 40.83 -3.76
CA LEU D 150 14.52 41.94 -2.90
C LEU D 150 13.61 42.97 -3.56
N ASN D 151 13.92 43.31 -4.82
CA ASN D 151 13.11 44.27 -5.57
C ASN D 151 11.69 43.80 -5.71
N ARG D 152 11.52 42.50 -5.94
CA ARG D 152 10.18 42.00 -6.22
C ARG D 152 9.57 41.32 -5.00
N HIS D 153 10.23 41.42 -3.84
CA HIS D 153 9.72 40.81 -2.62
C HIS D 153 9.34 39.34 -2.86
N LEU D 154 10.20 38.61 -3.56
CA LEU D 154 9.90 37.22 -3.92
C LEU D 154 9.79 36.23 -2.75
N THR D 155 10.61 36.37 -1.70
CA THR D 155 10.51 35.43 -0.59
C THR D 155 9.19 35.70 0.13
N ASP D 156 8.89 36.96 0.42
CA ASP D 156 7.57 37.32 0.97
C ASP D 156 6.41 36.68 0.23
N ALA D 157 6.40 36.85 -1.09
CA ALA D 157 5.30 36.39 -1.91
C ALA D 157 5.21 34.89 -1.93
N TYR D 158 6.34 34.21 -2.02
CA TYR D 158 6.35 32.75 -2.01
C TYR D 158 5.61 32.25 -0.75
N ILE D 159 6.01 32.78 0.40
CA ILE D 159 5.49 32.33 1.68
C ILE D 159 4.00 32.64 1.82
N ARG D 160 3.62 33.86 1.46
CA ARG D 160 2.22 34.22 1.49
C ARG D 160 1.41 33.31 0.59
N VAL D 161 1.86 33.14 -0.66
CA VAL D 161 1.12 32.28 -1.57
C VAL D 161 1.04 30.85 -1.04
N ARG D 162 2.11 30.34 -0.44
CA ARG D 162 2.05 28.98 0.13
C ARG D 162 1.03 28.87 1.25
N MET D 163 0.90 29.91 2.06
CA MET D 163 -0.12 29.93 3.12
C MET D 163 -1.52 30.10 2.53
N GLY D 164 -1.58 30.64 1.31
CA GLY D 164 -2.86 30.91 0.69
C GLY D 164 -3.30 32.36 0.81
N ASN D 165 -2.35 33.25 1.11
CA ASN D 165 -2.58 34.68 1.01
C ASN D 165 -2.18 35.18 -0.38
N TYR D 166 -3.17 35.49 -1.21
CA TYR D 166 -2.94 36.00 -2.59
C TYR D 166 -3.13 37.52 -2.78
N SER D 167 -3.26 38.27 -1.70
CA SER D 167 -3.43 39.72 -1.77
C SER D 167 -2.13 40.43 -2.13
N LEU D 168 -2.26 41.64 -2.68
CA LEU D 168 -1.14 42.41 -3.25
C LEU D 168 -0.33 43.28 -2.27
N SER D 169 -0.99 43.86 -1.27
CA SER D 169 -0.25 44.67 -0.30
C SER D 169 0.63 43.68 0.44
N GLY D 170 1.80 44.02 0.97
CA GLY D 170 2.72 45.12 0.76
C GLY D 170 3.83 44.52 -0.10
N LEU D 171 3.44 43.76 -1.11
CA LEU D 171 4.37 43.19 -2.07
C LEU D 171 4.83 44.14 -3.23
N VAL D 172 4.42 45.40 -3.23
CA VAL D 172 4.81 46.27 -4.33
C VAL D 172 6.34 46.45 -4.46
N GLY D 173 6.87 46.17 -5.66
CA GLY D 173 8.29 46.23 -5.95
C GLY D 173 8.82 47.44 -6.71
N VAL D 174 9.97 47.26 -7.33
CA VAL D 174 10.71 48.33 -7.99
C VAL D 174 11.37 47.92 -9.31
N GLU D 175 11.38 48.83 -10.29
CA GLU D 175 12.07 48.60 -11.58
C GLU D 175 13.54 48.78 -11.43
N MET D 176 14.31 47.91 -12.08
CA MET D 176 15.75 48.04 -12.07
C MET D 176 16.30 48.88 -13.24
N ARG D 177 15.49 49.04 -14.29
CA ARG D 177 16.05 49.47 -15.57
C ARG D 177 16.93 50.71 -15.55
N HIS D 178 16.51 51.84 -15.01
CA HIS D 178 17.47 52.94 -15.10
C HIS D 178 18.22 53.25 -13.82
N LYS D 179 18.07 52.39 -12.81
CA LYS D 179 18.70 52.61 -11.50
C LYS D 179 20.22 52.71 -11.59
N VAL D 180 20.79 53.53 -10.70
CA VAL D 180 22.24 53.66 -10.56
C VAL D 180 22.82 52.59 -9.62
N VAL D 181 23.81 51.86 -10.13
CA VAL D 181 24.43 50.73 -9.46
C VAL D 181 25.92 50.98 -9.24
N GLY D 182 26.36 51.16 -7.99
CA GLY D 182 27.77 51.11 -7.66
C GLY D 182 28.34 49.69 -7.56
N VAL D 183 29.36 49.37 -8.35
CA VAL D 183 30.11 48.13 -8.17
C VAL D 183 31.39 48.46 -7.45
N VAL D 184 31.55 47.91 -6.25
CA VAL D 184 32.73 48.15 -5.42
C VAL D 184 33.69 46.95 -5.52
N GLY D 185 34.77 47.18 -6.24
CA GLY D 185 35.80 46.20 -6.55
C GLY D 185 35.44 45.60 -7.90
N THR D 186 36.41 45.67 -8.79
CA THR D 186 36.27 45.31 -10.21
C THR D 186 37.13 44.14 -10.67
N GLY D 187 37.53 43.31 -9.72
CA GLY D 187 38.28 42.12 -10.08
C GLY D 187 37.38 41.18 -10.86
N ALA D 188 37.79 39.92 -10.94
CA ALA D 188 37.13 38.95 -11.79
C ALA D 188 35.61 38.87 -11.66
N ILE D 189 35.13 38.82 -10.42
CA ILE D 189 33.70 38.70 -10.10
C ILE D 189 32.92 40.03 -10.27
N GLY D 190 33.46 41.11 -9.70
CA GLY D 190 32.88 42.42 -9.88
C GLY D 190 32.77 42.83 -11.34
N GLN D 191 33.76 42.48 -12.14
CA GLN D 191 33.71 42.73 -13.57
C GLN D 191 32.47 42.06 -14.14
N GLN D 192 32.23 40.84 -13.69
CA GLN D 192 31.08 40.11 -14.18
C GLN D 192 29.78 40.78 -13.71
N ALA D 193 29.82 41.35 -12.51
CA ALA D 193 28.65 41.98 -11.92
C ALA D 193 28.33 43.21 -12.73
N ALA D 194 29.38 43.98 -13.03
CA ALA D 194 29.28 45.18 -13.85
C ALA D 194 28.74 44.86 -15.23
N ARG D 195 29.26 43.82 -15.87
CA ARG D 195 28.72 43.42 -17.17
C ARG D 195 27.22 43.10 -17.03
N ILE D 196 26.87 42.21 -16.10
CA ILE D 196 25.47 41.82 -15.98
C ILE D 196 24.52 42.99 -15.68
N LEU D 197 24.92 43.82 -14.73
CA LEU D 197 24.08 44.91 -14.29
C LEU D 197 23.97 45.94 -15.43
N LYS D 198 25.04 46.10 -16.21
CA LYS D 198 25.00 46.99 -17.36
C LYS D 198 24.00 46.42 -18.38
N GLY D 199 24.06 45.11 -18.59
CA GLY D 199 23.15 44.45 -19.52
C GLY D 199 21.68 44.50 -19.11
N ILE D 200 21.41 44.46 -17.81
CA ILE D 200 20.00 44.54 -17.34
C ILE D 200 19.45 45.92 -17.70
N GLY D 201 20.38 46.85 -17.95
CA GLY D 201 20.06 48.21 -18.32
C GLY D 201 20.34 49.25 -17.25
N CYS D 202 20.90 48.85 -16.10
CA CYS D 202 21.17 49.82 -15.05
C CYS D 202 22.27 50.80 -15.49
N LYS D 203 22.37 51.94 -14.83
CA LYS D 203 23.49 52.86 -15.06
C LYS D 203 24.56 52.49 -14.04
N VAL D 204 25.65 51.90 -14.52
CA VAL D 204 26.64 51.33 -13.64
C VAL D 204 27.86 52.23 -13.44
N PHE D 205 28.31 52.29 -12.19
CA PHE D 205 29.52 53.03 -11.84
C PHE D 205 30.41 52.11 -11.05
N ALA D 206 31.71 52.33 -11.07
CA ALA D 206 32.58 51.44 -10.32
C ALA D 206 33.62 52.20 -9.53
N TYR D 207 34.11 51.54 -8.49
CA TYR D 207 35.26 51.99 -7.73
C TYR D 207 36.26 50.88 -7.52
N ASP D 208 37.53 51.21 -7.69
CA ASP D 208 38.58 50.29 -7.35
C ASP D 208 39.87 51.06 -7.21
N ILE D 209 40.87 50.47 -6.58
CA ILE D 209 42.15 51.17 -6.45
C ILE D 209 42.84 51.14 -7.81
N LYS D 210 42.71 50.01 -8.51
CA LYS D 210 43.22 49.90 -9.87
C LYS D 210 42.07 49.63 -10.85
N PRO D 211 41.83 50.58 -11.76
CA PRO D 211 40.84 50.38 -12.83
C PRO D 211 41.08 49.14 -13.68
N ASN D 212 39.98 48.48 -14.00
CA ASN D 212 39.96 47.30 -14.86
C ASN D 212 39.60 47.70 -16.30
N PRO D 213 40.53 47.50 -17.23
CA PRO D 213 40.32 47.99 -18.60
C PRO D 213 39.11 47.33 -19.25
N ALA D 214 38.80 46.12 -18.82
CA ALA D 214 37.62 45.41 -19.32
C ALA D 214 36.34 46.12 -18.90
N VAL D 215 36.40 46.77 -17.74
CA VAL D 215 35.22 47.44 -17.23
C VAL D 215 35.09 48.80 -17.92
N GLU D 216 36.22 49.48 -18.07
CA GLU D 216 36.27 50.74 -18.81
C GLU D 216 35.80 50.58 -20.27
N ALA D 217 36.18 49.46 -20.89
CA ALA D 217 35.78 49.15 -22.25
C ALA D 217 34.31 48.79 -22.39
N MET D 218 33.61 48.61 -21.26
CA MET D 218 32.16 48.42 -21.26
C MET D 218 31.49 49.76 -21.11
N GLY D 219 32.31 50.79 -20.93
CA GLY D 219 31.85 52.15 -20.73
C GLY D 219 31.28 52.45 -19.36
N ILE D 220 31.80 51.77 -18.35
CA ILE D 220 31.42 52.00 -16.97
C ILE D 220 32.50 52.87 -16.36
N PRO D 221 32.15 54.10 -15.98
CA PRO D 221 33.13 55.04 -15.41
C PRO D 221 33.58 54.66 -14.00
N TYR D 222 34.85 54.90 -13.71
CA TYR D 222 35.38 54.79 -12.35
C TYR D 222 35.30 56.11 -11.60
N VAL D 223 34.72 56.04 -10.41
CA VAL D 223 34.49 57.19 -9.57
C VAL D 223 35.08 56.91 -8.19
N SER D 224 35.19 57.92 -7.33
CA SER D 224 35.73 57.67 -5.97
C SER D 224 34.71 56.94 -5.12
N LEU D 225 35.16 56.29 -4.04
CA LEU D 225 34.20 55.59 -3.18
C LEU D 225 33.13 56.51 -2.58
N ASP D 226 33.51 57.70 -2.09
CA ASP D 226 32.50 58.62 -1.54
C ASP D 226 31.42 58.99 -2.55
N GLU D 227 31.83 59.16 -3.81
CA GLU D 227 30.92 59.51 -4.88
C GLU D 227 30.00 58.33 -5.20
N LEU D 228 30.58 57.14 -5.21
CA LEU D 228 29.80 55.94 -5.54
C LEU D 228 28.72 55.71 -4.46
N LEU D 229 29.08 55.92 -3.20
CA LEU D 229 28.11 55.74 -2.10
C LEU D 229 26.96 56.75 -2.12
N ALA D 230 27.27 57.97 -2.56
CA ALA D 230 26.30 59.06 -2.55
C ALA D 230 25.26 58.93 -3.65
N MET D 231 25.67 58.43 -4.82
CA MET D 231 24.80 58.40 -5.99
C MET D 231 23.99 57.10 -6.20
N SER D 232 24.27 56.03 -5.44
CA SER D 232 23.76 54.69 -5.78
C SER D 232 22.38 54.30 -5.24
N ASP D 233 21.57 53.71 -6.10
CA ASP D 233 20.35 53.04 -5.66
C ASP D 233 20.73 51.67 -5.13
N ILE D 234 21.76 51.08 -5.74
CA ILE D 234 22.22 49.77 -5.39
C ILE D 234 23.73 49.75 -5.31
N VAL D 235 24.24 49.23 -4.22
CA VAL D 235 25.67 49.06 -4.01
C VAL D 235 25.97 47.58 -3.80
N THR D 236 26.93 47.04 -4.55
CA THR D 236 27.33 45.64 -4.45
C THR D 236 28.79 45.51 -4.16
N LEU D 237 29.11 44.81 -3.07
CA LEU D 237 30.52 44.68 -2.62
C LEU D 237 31.16 43.47 -3.27
N HIS D 238 32.18 43.67 -4.10
CA HIS D 238 33.02 42.57 -4.61
C HIS D 238 34.49 42.54 -4.28
N CYS D 239 34.97 43.52 -3.52
CA CYS D 239 36.38 43.58 -3.21
C CYS D 239 36.78 42.52 -2.18
N PRO D 240 38.08 42.19 -2.13
CA PRO D 240 38.59 41.23 -1.13
C PRO D 240 38.58 41.84 0.25
N LEU D 241 38.72 41.02 1.28
CA LEU D 241 38.82 41.54 2.65
C LEU D 241 40.27 41.80 3.00
N LEU D 242 40.62 43.07 3.12
CA LEU D 242 41.97 43.46 3.48
C LEU D 242 41.85 44.44 4.61
N PRO D 243 42.93 44.70 5.35
CA PRO D 243 42.79 45.73 6.39
C PRO D 243 42.23 47.05 5.85
N SER D 244 42.57 47.40 4.61
CA SER D 244 42.08 48.63 3.99
C SER D 244 40.58 48.59 3.66
N THR D 245 40.03 47.40 3.43
CA THR D 245 38.62 47.26 3.07
C THR D 245 37.70 46.84 4.23
N ARG D 246 38.28 46.61 5.40
CA ARG D 246 37.53 46.08 6.52
C ARG D 246 36.50 47.07 7.03
N GLN D 247 35.26 46.63 7.11
CA GLN D 247 34.16 47.46 7.58
C GLN D 247 34.07 48.74 6.77
N LEU D 248 34.29 48.57 5.48
CA LEU D 248 34.08 49.54 4.43
C LEU D 248 32.72 50.20 4.64
N ILE D 249 31.71 49.35 4.84
CA ILE D 249 30.40 49.80 5.28
C ILE D 249 30.35 49.88 6.81
N ASN D 250 30.18 51.09 7.33
CA ASN D 250 30.08 51.25 8.78
C ASN D 250 29.09 52.37 9.08
N LYS D 251 29.02 52.79 10.33
CA LYS D 251 28.02 53.79 10.71
C LYS D 251 28.21 55.08 9.92
N GLU D 252 29.46 55.48 9.71
CA GLU D 252 29.78 56.73 9.00
C GLU D 252 29.54 56.65 7.50
N SER D 253 30.05 55.61 6.85
CA SER D 253 29.89 55.53 5.41
C SER D 253 28.40 55.32 5.05
N ILE D 254 27.64 54.70 5.96
CA ILE D 254 26.23 54.45 5.69
C ILE D 254 25.46 55.77 5.63
N GLN D 255 25.88 56.74 6.43
CA GLN D 255 25.20 58.04 6.42
C GLN D 255 25.55 58.78 5.13
N LYS D 256 26.62 58.36 4.46
CA LYS D 256 26.99 58.95 3.19
C LYS D 256 26.23 58.34 2.01
N MET D 257 25.57 57.20 2.22
CA MET D 257 24.87 56.58 1.10
C MET D 257 23.56 57.30 0.82
N LYS D 258 22.87 56.86 -0.21
CA LYS D 258 21.62 57.48 -0.61
C LYS D 258 20.47 56.80 0.09
N LYS D 259 19.62 57.62 0.72
CA LYS D 259 18.53 57.11 1.53
C LYS D 259 17.69 56.11 0.73
N GLY D 260 17.53 54.91 1.30
CA GLY D 260 16.73 53.88 0.69
C GLY D 260 17.55 52.88 -0.07
N VAL D 261 18.87 52.99 0.02
CA VAL D 261 19.78 52.18 -0.79
C VAL D 261 19.66 50.70 -0.53
N MET D 262 19.75 49.91 -1.60
CA MET D 262 19.85 48.44 -1.50
C MET D 262 21.31 48.05 -1.47
N LEU D 263 21.73 47.41 -0.39
CA LEU D 263 23.12 46.99 -0.23
C LEU D 263 23.25 45.49 -0.38
N ILE D 264 24.14 45.07 -1.27
CA ILE D 264 24.38 43.65 -1.56
C ILE D 264 25.80 43.24 -1.23
N ASN D 265 25.94 42.22 -0.41
CA ASN D 265 27.26 41.68 -0.15
C ASN D 265 27.37 40.16 -0.27
N VAL D 266 28.01 39.71 -1.34
CA VAL D 266 28.42 38.31 -1.55
C VAL D 266 29.93 38.06 -1.41
N SER D 267 30.72 39.03 -0.95
CA SER D 267 32.17 38.81 -0.85
C SER D 267 32.66 38.26 0.49
N ARG D 268 32.68 39.15 1.47
CA ARG D 268 33.19 38.87 2.81
C ARG D 268 32.42 39.60 3.87
N GLY D 269 32.08 38.91 4.94
CA GLY D 269 31.33 39.53 6.02
C GLY D 269 32.08 40.67 6.67
N GLY D 270 33.40 40.57 6.70
CA GLY D 270 34.23 41.62 7.27
C GLY D 270 34.08 42.96 6.58
N LEU D 271 33.51 42.98 5.36
CA LEU D 271 33.33 44.25 4.66
C LEU D 271 32.25 45.12 5.29
N ILE D 272 31.35 44.50 6.06
CA ILE D 272 30.23 45.22 6.68
C ILE D 272 30.29 45.11 8.18
N ASP D 273 30.09 46.22 8.85
CA ASP D 273 30.02 46.20 10.30
C ASP D 273 28.55 46.04 10.74
N SER D 274 28.22 44.83 11.19
CA SER D 274 26.82 44.42 11.34
C SER D 274 26.10 45.24 12.38
N ALA D 275 26.81 45.66 13.41
CA ALA D 275 26.21 46.49 14.43
C ALA D 275 25.50 47.72 13.85
N ALA D 276 26.07 48.31 12.80
CA ALA D 276 25.56 49.59 12.28
C ALA D 276 24.32 49.43 11.44
N LEU D 277 24.02 48.19 11.06
CA LEU D 277 22.95 47.90 10.13
C LEU D 277 21.51 48.19 10.65
N PHE D 278 21.25 47.92 11.93
CA PHE D 278 19.90 47.97 12.52
C PHE D 278 19.31 49.37 12.54
N ASP D 279 20.06 50.31 13.09
CA ASP D 279 19.66 51.71 13.04
C ASP D 279 19.44 52.16 11.62
N ALA D 280 20.32 51.71 10.71
CA ALA D 280 20.30 52.20 9.33
C ALA D 280 19.09 51.66 8.61
N LEU D 281 18.77 50.40 8.93
CA LEU D 281 17.57 49.75 8.42
C LEU D 281 16.29 50.40 8.97
N GLU D 282 16.30 50.72 10.25
CA GLU D 282 15.10 51.23 10.89
C GLU D 282 14.89 52.70 10.53
N SER D 283 15.97 53.39 10.16
CA SER D 283 15.81 54.79 9.76
C SER D 283 15.37 54.84 8.30
N GLY D 284 15.55 53.73 7.60
CA GLY D 284 15.20 53.70 6.19
C GLY D 284 16.38 54.14 5.33
N GLN D 285 17.49 54.45 6.00
CA GLN D 285 18.75 54.81 5.38
C GLN D 285 19.19 53.67 4.51
N ILE D 286 19.23 52.47 5.07
CA ILE D 286 19.34 51.30 4.22
C ILE D 286 17.96 50.72 3.96
N GLY D 287 17.56 50.73 2.70
CA GLY D 287 16.24 50.24 2.31
C GLY D 287 16.13 48.74 2.10
N ALA D 288 17.25 48.11 1.78
CA ALA D 288 17.24 46.67 1.56
C ALA D 288 18.65 46.10 1.72
N LEU D 289 18.74 44.82 2.07
CA LEU D 289 20.04 44.21 2.30
C LEU D 289 20.03 42.79 1.77
N GLY D 290 20.86 42.43 0.77
CA GLY D 290 21.08 41.01 0.51
C GLY D 290 22.46 40.57 1.01
N LEU D 291 22.55 39.40 1.62
CA LEU D 291 23.82 38.91 2.15
C LEU D 291 23.98 37.43 1.88
N ASP D 292 25.13 37.07 1.32
CA ASP D 292 25.52 35.69 1.24
C ASP D 292 26.55 35.39 2.35
N VAL D 293 26.92 36.45 3.07
CA VAL D 293 28.01 36.41 4.04
C VAL D 293 27.74 37.36 5.21
N TYR D 294 28.32 37.03 6.37
CA TYR D 294 28.13 37.78 7.62
C TYR D 294 29.42 37.74 8.44
N GLU D 295 29.74 38.80 9.19
CA GLU D 295 31.10 39.01 9.68
C GLU D 295 31.73 37.86 10.48
N ASN D 296 31.00 37.21 11.38
CA ASN D 296 31.57 36.01 12.01
C ASN D 296 30.84 34.72 11.62
N GLU D 297 31.36 33.99 10.63
CA GLU D 297 30.74 32.77 10.14
C GLU D 297 31.37 31.47 10.66
N GLY D 298 32.44 31.58 11.44
CA GLY D 298 33.11 30.39 11.94
C GLY D 298 32.18 29.68 12.91
N GLY D 299 31.83 28.44 12.59
CA GLY D 299 30.92 27.64 13.40
C GLY D 299 29.45 27.91 13.13
N LEU D 300 29.18 29.04 12.51
CA LEU D 300 27.80 29.41 12.22
C LEU D 300 27.37 28.80 10.87
N PHE D 301 28.06 29.18 9.79
CA PHE D 301 27.68 28.71 8.46
C PHE D 301 28.08 27.26 8.17
N PHE D 302 27.45 26.67 7.17
CA PHE D 302 27.71 25.28 6.75
C PHE D 302 27.33 24.28 7.82
N VAL D 303 26.46 24.71 8.72
CA VAL D 303 25.93 23.84 9.75
C VAL D 303 24.41 23.98 9.75
N ASP D 304 23.71 22.86 9.83
CA ASP D 304 22.28 22.91 10.07
C ASP D 304 22.06 22.81 11.58
N HIS D 305 21.73 23.94 12.21
CA HIS D 305 21.57 24.00 13.67
C HIS D 305 20.22 23.47 14.10
N THR D 306 19.38 23.21 13.12
CA THR D 306 18.02 22.74 13.30
C THR D 306 18.03 21.31 13.88
N LYS D 307 19.17 20.65 13.71
CA LYS D 307 19.30 19.28 14.14
C LYS D 307 19.69 19.16 15.61
N PHE D 308 20.07 20.26 16.26
CA PHE D 308 20.48 20.26 17.67
C PHE D 308 19.30 20.65 18.54
N ASP D 309 19.26 20.10 19.75
CA ASP D 309 18.36 20.58 20.79
C ASP D 309 18.60 22.06 21.07
N PRO D 310 17.54 22.83 21.27
CA PRO D 310 17.64 24.28 21.50
C PRO D 310 18.59 24.71 22.62
N SER D 311 18.75 23.90 23.66
CA SER D 311 19.67 24.24 24.76
C SER D 311 21.11 24.23 24.31
N VAL D 312 21.42 23.33 23.38
CA VAL D 312 22.72 23.28 22.74
C VAL D 312 22.90 24.42 21.71
N ARG D 313 21.85 24.76 20.97
CA ARG D 313 21.94 25.88 20.05
C ARG D 313 22.23 27.16 20.83
N MET D 314 21.75 27.24 22.07
CA MET D 314 21.94 28.44 22.90
C MET D 314 23.41 28.68 23.23
N GLN D 315 24.23 27.67 23.02
CA GLN D 315 25.63 27.77 23.41
C GLN D 315 26.38 28.70 22.46
N LYS D 316 26.19 28.47 21.16
CA LYS D 316 26.80 29.31 20.11
C LYS D 316 25.89 30.41 19.51
N TRP D 317 24.73 30.64 20.10
CA TRP D 317 23.72 31.55 19.56
C TRP D 317 24.20 32.97 19.30
N ASP D 318 23.98 33.43 18.07
CA ASP D 318 24.36 34.77 17.64
C ASP D 318 23.10 35.63 17.60
N ARG D 319 22.93 36.45 18.61
CA ARG D 319 21.66 37.14 18.71
C ARG D 319 21.55 38.21 17.62
N GLN D 320 22.63 38.96 17.42
CA GLN D 320 22.51 40.07 16.47
C GLN D 320 22.28 39.50 15.06
N PHE D 321 22.88 38.37 14.71
CA PHE D 321 22.54 37.73 13.43
C PHE D 321 21.06 37.31 13.29
N ARG D 322 20.54 36.61 14.30
CA ARG D 322 19.14 36.16 14.32
C ARG D 322 18.14 37.35 14.30
N THR D 323 18.54 38.47 14.91
CA THR D 323 17.78 39.71 14.86
C THR D 323 17.77 40.23 13.43
N LEU D 324 18.94 40.19 12.80
CA LEU D 324 19.10 40.70 11.44
C LEU D 324 18.13 40.02 10.47
N LEU D 325 17.99 38.71 10.66
CA LEU D 325 17.08 37.88 9.88
C LEU D 325 15.63 38.25 10.05
N SER D 326 15.35 39.06 11.06
CA SER D 326 13.97 39.43 11.37
C SER D 326 13.33 40.43 10.39
N TYR D 327 14.14 41.20 9.69
CA TYR D 327 13.59 42.30 8.89
C TYR D 327 12.99 41.86 7.56
N PRO D 328 11.84 42.42 7.22
CA PRO D 328 11.28 41.94 5.95
C PRO D 328 12.15 42.37 4.74
N GLN D 329 12.93 43.46 4.87
CA GLN D 329 13.75 43.96 3.74
C GLN D 329 15.18 43.39 3.74
N VAL D 330 15.44 42.39 4.57
CA VAL D 330 16.72 41.70 4.60
C VAL D 330 16.60 40.31 4.02
N LEU D 331 17.55 39.93 3.18
CA LEU D 331 17.53 38.59 2.59
C LEU D 331 18.92 37.99 2.64
N VAL D 332 19.03 36.82 3.28
CA VAL D 332 20.33 36.20 3.49
C VAL D 332 20.34 34.77 3.00
N THR D 333 21.36 34.43 2.22
CA THR D 333 21.57 33.04 1.81
C THR D 333 22.81 32.54 2.53
N PRO D 334 22.93 31.21 2.70
CA PRO D 334 24.04 30.63 3.48
C PRO D 334 25.31 30.36 2.66
N HIS D 335 26.01 31.41 2.22
CA HIS D 335 27.26 31.24 1.47
C HIS D 335 27.10 30.29 0.27
N THR D 336 26.03 30.50 -0.51
CA THR D 336 25.80 29.74 -1.73
C THR D 336 26.19 30.46 -3.05
N ALA D 337 26.75 31.66 -2.97
CA ALA D 337 27.08 32.41 -4.21
C ALA D 337 28.01 31.62 -5.14
N PHE D 338 28.93 30.85 -4.59
CA PHE D 338 29.81 30.08 -5.45
C PHE D 338 29.12 28.76 -5.82
N LEU D 339 27.95 28.47 -5.25
CA LEU D 339 27.47 27.10 -5.33
C LEU D 339 26.60 26.83 -6.53
N THR D 340 27.21 26.27 -7.56
CA THR D 340 26.61 26.17 -8.87
C THR D 340 27.17 24.92 -9.51
N GLU D 341 26.40 24.26 -10.37
CA GLU D 341 26.92 23.17 -11.20
C GLU D 341 28.26 23.60 -11.82
N GLU D 342 28.24 24.68 -12.62
CA GLU D 342 29.45 25.12 -13.32
C GLU D 342 30.60 25.34 -12.34
N ALA D 343 30.37 26.02 -11.21
CA ALA D 343 31.47 26.27 -10.27
C ALA D 343 31.99 24.99 -9.59
N LEU D 344 31.08 24.07 -9.27
CA LEU D 344 31.53 22.84 -8.63
C LEU D 344 32.38 21.99 -9.58
N ASN D 345 32.02 21.99 -10.88
CA ASN D 345 32.78 21.26 -11.88
C ASN D 345 34.22 21.77 -11.93
N ASN D 346 34.38 23.08 -12.02
CA ASN D 346 35.69 23.69 -11.95
C ASN D 346 36.46 23.29 -10.68
N ILE D 347 35.81 23.39 -9.52
CA ILE D 347 36.43 23.06 -8.23
C ILE D 347 36.94 21.62 -8.18
N CYS D 348 36.11 20.73 -8.73
CA CYS D 348 36.40 19.32 -8.83
C CYS D 348 37.60 19.07 -9.75
N THR D 349 37.54 19.57 -10.98
CA THR D 349 38.60 19.27 -11.91
C THR D 349 39.90 19.92 -11.45
N THR D 350 39.81 21.11 -10.84
CA THR D 350 41.03 21.72 -10.34
C THR D 350 41.62 20.99 -9.13
N THR D 351 40.77 20.39 -8.30
CA THR D 351 41.23 19.64 -7.14
C THR D 351 41.92 18.35 -7.57
N ILE D 352 41.40 17.75 -8.64
CA ILE D 352 41.93 16.53 -9.19
C ILE D 352 43.24 16.78 -9.96
N GLN D 353 43.30 17.90 -10.67
CA GLN D 353 44.53 18.26 -11.37
C GLN D 353 45.62 18.53 -10.36
N ASN D 354 45.20 19.13 -9.26
CA ASN D 354 46.07 19.39 -8.13
C ASN D 354 46.60 18.09 -7.49
N ILE D 355 45.73 17.08 -7.34
CA ILE D 355 46.20 15.81 -6.80
C ILE D 355 47.27 15.24 -7.73
N ALA D 356 46.98 15.23 -9.02
CA ALA D 356 47.85 14.65 -10.03
C ALA D 356 49.19 15.37 -10.13
N ASP D 357 49.18 16.70 -10.11
CA ASP D 357 50.43 17.46 -10.20
C ASP D 357 51.32 17.09 -9.02
N TYR D 358 50.72 16.99 -7.84
CA TYR D 358 51.47 16.58 -6.67
C TYR D 358 52.16 15.20 -6.86
N VAL D 359 51.35 14.17 -7.14
CA VAL D 359 51.81 12.80 -7.33
C VAL D 359 52.79 12.66 -8.51
N LEU D 360 52.55 13.42 -9.58
CA LEU D 360 53.39 13.33 -10.76
C LEU D 360 54.56 14.30 -10.68
N ASP D 361 54.72 14.96 -9.54
CA ASP D 361 55.87 15.83 -9.30
C ASP D 361 55.90 17.06 -10.19
N ARG D 362 54.75 17.46 -10.71
CA ARG D 362 54.72 18.65 -11.54
C ARG D 362 54.77 19.89 -10.65
N PRO D 363 55.09 21.05 -11.23
CA PRO D 363 55.01 22.23 -10.35
C PRO D 363 53.54 22.51 -9.98
N LEU D 364 53.26 22.74 -8.71
CA LEU D 364 51.88 22.81 -8.27
C LEU D 364 51.26 24.14 -8.65
N GLY D 365 51.72 25.21 -8.01
CA GLY D 365 51.26 26.54 -8.35
C GLY D 365 49.98 26.90 -7.63
N ASN D 366 49.24 25.88 -7.21
CA ASN D 366 48.08 26.15 -6.38
C ASN D 366 48.42 25.98 -4.90
N GLU D 367 49.69 25.77 -4.60
CA GLU D 367 50.14 25.68 -3.23
C GLU D 367 50.01 27.03 -2.51
N LEU E 24 7.07 -64.61 23.00
CA LEU E 24 8.01 -63.96 23.91
C LEU E 24 9.45 -64.03 23.40
N THR E 25 10.38 -63.62 24.25
CA THR E 25 11.79 -63.63 23.93
C THR E 25 12.70 -64.43 24.88
N PRO E 26 12.44 -65.73 25.04
CA PRO E 26 13.44 -66.52 25.77
C PRO E 26 14.70 -66.75 24.94
N GLN E 27 15.25 -65.70 24.35
CA GLN E 27 16.46 -65.78 23.52
C GLN E 27 16.26 -66.76 22.38
N GLU E 28 14.98 -67.03 22.13
CA GLU E 28 14.51 -67.61 20.90
C GLU E 28 14.71 -66.48 19.91
N ALA E 29 14.89 -65.28 20.47
CA ALA E 29 15.08 -64.09 19.68
C ALA E 29 16.42 -64.08 18.99
N ALA E 30 17.42 -64.74 19.57
CA ALA E 30 18.69 -64.77 18.90
C ALA E 30 18.51 -65.63 17.67
N LYS E 31 17.64 -66.63 17.83
CA LYS E 31 17.25 -67.52 16.76
C LYS E 31 16.26 -66.82 15.79
N VAL E 32 15.33 -66.05 16.34
CA VAL E 32 14.39 -65.32 15.48
C VAL E 32 15.13 -64.26 14.65
N ALA E 33 16.04 -63.55 15.31
CA ALA E 33 16.79 -62.45 14.72
C ALA E 33 17.64 -62.83 13.50
N THR E 34 18.11 -64.06 13.47
CA THR E 34 18.96 -64.51 12.36
C THR E 34 18.11 -64.75 11.12
N THR E 35 16.79 -64.64 11.27
CA THR E 35 15.87 -64.74 10.13
C THR E 35 16.09 -63.57 9.14
N ARG E 36 16.16 -63.90 7.86
CA ARG E 36 16.37 -62.92 6.79
C ARG E 36 15.07 -62.70 6.05
N CYS E 37 14.59 -61.45 6.08
CA CYS E 37 13.29 -61.07 5.53
C CYS E 37 13.39 -60.08 4.39
N ILE E 38 12.73 -60.37 3.27
CA ILE E 38 12.63 -59.38 2.21
C ILE E 38 11.18 -58.83 2.19
N CYS E 39 11.04 -57.51 2.14
CA CYS E 39 9.71 -56.91 2.08
C CYS E 39 9.49 -56.12 0.81
N TYR E 40 8.56 -56.59 -0.01
CA TYR E 40 8.17 -55.91 -1.25
C TYR E 40 7.11 -54.79 -1.06
N SER E 41 7.09 -53.87 -2.01
CA SER E 41 6.14 -52.74 -1.98
C SER E 41 6.28 -51.87 -0.74
N THR E 42 7.50 -51.49 -0.42
CA THR E 42 7.72 -50.63 0.73
C THR E 42 7.64 -49.18 0.27
N THR E 43 6.52 -48.55 0.57
CA THR E 43 6.30 -47.15 0.23
C THR E 43 6.52 -46.39 1.53
N GLN E 44 6.27 -45.09 1.55
CA GLN E 44 6.61 -44.35 2.77
C GLN E 44 5.89 -44.88 4.02
N TYR E 45 4.60 -45.21 3.89
CA TYR E 45 3.82 -45.55 5.05
C TYR E 45 4.30 -46.88 5.60
N VAL E 46 4.80 -47.73 4.71
CA VAL E 46 5.35 -49.02 5.11
C VAL E 46 6.65 -48.82 5.87
N LYS E 47 7.47 -47.89 5.42
CA LYS E 47 8.67 -47.56 6.15
C LYS E 47 8.24 -47.04 7.51
N ASP E 48 7.25 -46.16 7.51
CA ASP E 48 6.83 -45.52 8.75
C ASP E 48 6.39 -46.56 9.80
N PHE E 49 5.48 -47.46 9.44
CA PHE E 49 4.88 -48.34 10.44
C PHE E 49 5.69 -49.66 10.71
N LEU E 50 6.42 -50.14 9.70
CA LEU E 50 6.95 -51.51 9.71
C LEU E 50 8.46 -51.61 9.99
N ALA E 51 9.25 -50.94 9.17
CA ALA E 51 10.72 -51.04 9.18
C ALA E 51 11.33 -50.89 10.58
N GLY E 52 10.80 -49.99 11.38
CA GLY E 52 11.31 -49.75 12.72
C GLY E 52 11.19 -50.97 13.60
N PRO E 53 9.97 -51.50 13.76
CA PRO E 53 9.71 -52.73 14.51
C PRO E 53 10.46 -53.96 13.96
N MET E 54 10.69 -54.03 12.65
CA MET E 54 11.33 -55.19 12.06
C MET E 54 12.80 -55.25 12.44
N GLN E 55 13.44 -54.10 12.48
CA GLN E 55 14.88 -54.04 12.71
C GLN E 55 15.20 -54.17 14.21
N LYS E 56 14.15 -54.11 15.03
CA LYS E 56 14.21 -54.35 16.47
C LYS E 56 14.34 -55.84 16.73
N VAL E 57 13.84 -56.61 15.78
CA VAL E 57 13.80 -58.07 15.89
C VAL E 57 14.78 -58.75 14.93
N PHE E 58 14.66 -58.48 13.64
CA PHE E 58 15.50 -59.15 12.64
C PHE E 58 16.76 -58.35 12.33
N THR E 59 17.91 -59.03 12.36
CA THR E 59 19.18 -58.35 12.15
C THR E 59 19.37 -57.83 10.74
N ASP E 60 18.95 -58.62 9.77
CA ASP E 60 19.03 -58.24 8.38
C ASP E 60 17.64 -58.28 7.78
N THR E 61 17.16 -57.10 7.37
CA THR E 61 15.85 -56.95 6.76
C THR E 61 15.95 -56.07 5.53
N TYR E 62 15.55 -56.62 4.39
CA TYR E 62 15.67 -55.98 3.09
C TYR E 62 14.35 -55.32 2.67
N PHE E 63 14.34 -54.00 2.51
CA PHE E 63 13.10 -53.34 2.07
C PHE E 63 13.15 -52.92 0.59
N VAL E 64 12.37 -53.61 -0.24
CA VAL E 64 12.26 -53.31 -1.67
C VAL E 64 11.01 -52.42 -1.96
N GLU E 65 11.22 -51.25 -2.54
CA GLU E 65 10.11 -50.32 -2.79
C GLU E 65 9.16 -50.83 -3.85
N PRO E 66 9.68 -51.29 -5.01
CA PRO E 66 8.78 -51.83 -6.02
C PRO E 66 8.09 -53.11 -5.58
N PRO E 67 6.94 -53.43 -6.19
CA PRO E 67 6.15 -54.64 -5.91
C PRO E 67 6.81 -55.93 -6.38
N LEU E 68 6.16 -57.06 -6.13
CA LEU E 68 6.67 -58.39 -6.47
C LEU E 68 6.10 -58.91 -7.80
N ASP E 69 6.96 -59.21 -8.77
CA ASP E 69 6.47 -59.77 -10.04
C ASP E 69 7.22 -60.99 -10.60
N LYS E 70 8.43 -60.86 -11.13
CA LYS E 70 9.01 -62.12 -11.60
C LYS E 70 10.34 -62.59 -10.99
N ASP E 71 11.54 -62.04 -11.27
CA ASP E 71 12.03 -60.76 -11.83
C ASP E 71 12.10 -59.55 -10.92
N THR E 72 11.29 -59.40 -9.87
CA THR E 72 11.83 -58.74 -8.70
C THR E 72 12.06 -59.76 -7.58
N ALA E 73 11.89 -61.04 -7.92
CA ALA E 73 12.02 -62.13 -6.95
C ALA E 73 13.47 -62.53 -6.75
N GLN E 74 14.29 -62.30 -7.76
CA GLN E 74 15.73 -62.56 -7.65
C GLN E 74 16.36 -61.64 -6.61
N LEU E 75 15.60 -60.65 -6.15
CA LEU E 75 16.07 -59.81 -5.07
C LEU E 75 16.00 -60.60 -3.77
N ALA E 76 15.28 -61.72 -3.82
CA ALA E 76 15.01 -62.54 -2.64
C ALA E 76 16.09 -63.62 -2.45
N ARG E 77 17.16 -63.57 -3.24
CA ARG E 77 18.26 -64.54 -3.10
C ARG E 77 18.85 -64.49 -1.70
N GLY E 78 18.74 -65.59 -0.97
CA GLY E 78 19.31 -65.69 0.36
C GLY E 78 18.32 -65.47 1.49
N TYR E 79 17.20 -64.81 1.20
CA TYR E 79 16.23 -64.51 2.25
C TYR E 79 15.29 -65.68 2.51
N ASP E 80 14.91 -65.82 3.78
CA ASP E 80 14.09 -66.92 4.27
C ASP E 80 12.60 -66.66 4.18
N VAL E 81 12.24 -65.40 4.42
CA VAL E 81 10.85 -64.99 4.46
C VAL E 81 10.57 -63.70 3.72
N ALA E 82 9.55 -63.74 2.88
CA ALA E 82 9.14 -62.60 2.10
C ALA E 82 7.87 -61.99 2.69
N VAL E 83 7.91 -60.69 3.03
CA VAL E 83 6.72 -59.96 3.47
C VAL E 83 6.05 -59.23 2.32
N LEU E 84 4.77 -59.51 2.11
CA LEU E 84 4.10 -59.13 0.88
C LEU E 84 2.82 -58.35 1.16
N PHE E 85 2.26 -57.70 0.13
CA PHE E 85 1.03 -56.93 0.29
C PHE E 85 0.04 -57.29 -0.81
N VAL E 86 -1.16 -56.72 -0.76
CA VAL E 86 -2.23 -57.10 -1.69
C VAL E 86 -1.87 -56.82 -3.15
N ASN E 87 -1.17 -55.71 -3.38
CA ASN E 87 -0.80 -55.30 -4.72
C ASN E 87 0.32 -56.17 -5.34
N ASP E 88 0.99 -56.96 -4.50
CA ASP E 88 2.03 -57.88 -5.00
C ASP E 88 1.38 -59.10 -5.66
N ARG E 89 1.84 -59.50 -6.86
CA ARG E 89 1.25 -60.69 -7.47
C ARG E 89 2.15 -61.90 -7.35
N ALA E 90 1.62 -63.02 -6.86
CA ALA E 90 2.30 -64.30 -7.05
C ALA E 90 1.39 -65.38 -7.63
N ASP E 91 1.53 -65.64 -8.92
CA ASP E 91 0.88 -66.81 -9.51
C ASP E 91 1.91 -67.92 -9.54
N ALA E 92 1.56 -69.03 -10.17
CA ALA E 92 2.41 -70.21 -10.16
C ALA E 92 3.79 -69.89 -10.70
N SER E 93 3.88 -68.89 -11.57
CA SER E 93 5.13 -68.58 -12.25
C SER E 93 6.16 -67.82 -11.40
N VAL E 94 5.69 -66.88 -10.59
CA VAL E 94 6.58 -66.05 -9.80
C VAL E 94 7.10 -66.73 -8.54
N ILE E 95 6.37 -67.73 -8.08
CA ILE E 95 6.77 -68.41 -6.87
C ILE E 95 8.06 -69.20 -6.96
N LYS E 96 8.43 -69.74 -8.12
CA LYS E 96 9.55 -70.68 -8.08
C LYS E 96 10.89 -70.00 -7.88
N GLU E 97 11.09 -68.82 -8.44
CA GLU E 97 12.40 -68.22 -8.27
C GLU E 97 12.53 -67.59 -6.90
N LEU E 98 11.40 -67.39 -6.22
CA LEU E 98 11.43 -67.08 -4.81
C LEU E 98 11.80 -68.33 -4.03
N ALA E 99 11.27 -69.47 -4.45
CA ALA E 99 11.59 -70.75 -3.80
C ALA E 99 13.09 -71.02 -3.91
N LYS E 100 13.64 -70.84 -5.11
CA LYS E 100 15.08 -70.99 -5.39
C LYS E 100 15.93 -69.87 -4.81
N ALA E 101 15.27 -68.75 -4.51
CA ALA E 101 15.93 -67.68 -3.79
C ALA E 101 16.22 -68.18 -2.37
N GLY E 102 15.44 -69.16 -1.93
CA GLY E 102 15.63 -69.73 -0.61
C GLY E 102 14.54 -69.36 0.37
N VAL E 103 13.60 -68.48 0.00
CA VAL E 103 12.56 -68.06 0.93
C VAL E 103 11.62 -69.24 1.18
N LYS E 104 11.50 -69.59 2.45
CA LYS E 104 10.62 -70.68 2.86
C LYS E 104 9.27 -70.20 3.44
N LEU E 105 9.11 -68.88 3.58
CA LEU E 105 7.86 -68.35 4.12
C LEU E 105 7.45 -67.04 3.46
N ILE E 106 6.17 -66.95 3.14
CA ILE E 106 5.63 -65.68 2.69
C ILE E 106 4.66 -65.19 3.74
N ALA E 107 4.91 -63.98 4.25
CA ALA E 107 4.05 -63.32 5.23
C ALA E 107 3.35 -62.07 4.69
N LEU E 108 2.02 -62.08 4.66
CA LEU E 108 1.25 -60.95 4.18
C LEU E 108 1.00 -59.88 5.25
N ARG E 109 1.20 -58.61 4.88
CA ARG E 109 0.94 -57.48 5.76
C ARG E 109 -0.53 -57.13 5.66
N CYS E 110 -1.29 -58.05 5.08
CA CYS E 110 -2.69 -57.85 4.79
C CYS E 110 -3.44 -59.13 5.05
N ALA E 111 -4.74 -59.13 4.85
CA ALA E 111 -5.50 -60.37 4.96
C ALA E 111 -5.86 -61.02 3.62
N GLY E 112 -5.54 -60.37 2.49
CA GLY E 112 -5.78 -61.00 1.20
C GLY E 112 -4.65 -61.87 0.72
N PHE E 113 -4.94 -63.15 0.47
CA PHE E 113 -4.02 -64.06 -0.22
C PHE E 113 -4.51 -64.24 -1.64
N ASP E 114 -5.55 -63.51 -1.96
CA ASP E 114 -6.30 -63.70 -3.20
C ASP E 114 -5.39 -63.82 -4.42
N ARG E 115 -4.36 -62.99 -4.50
CA ARG E 115 -3.52 -62.98 -5.71
C ARG E 115 -2.48 -64.08 -5.72
N VAL E 116 -2.19 -64.68 -4.58
CA VAL E 116 -1.35 -65.87 -4.57
C VAL E 116 -2.24 -67.14 -4.52
N ASP E 117 -1.82 -68.20 -5.20
CA ASP E 117 -2.50 -69.50 -5.11
C ASP E 117 -1.74 -70.44 -4.17
N LEU E 118 -2.48 -71.26 -3.43
CA LEU E 118 -1.89 -72.15 -2.44
C LEU E 118 -1.32 -73.36 -3.14
N HIS E 119 -1.74 -73.53 -4.39
CA HIS E 119 -1.30 -74.64 -5.22
C HIS E 119 0.09 -74.44 -5.81
N ALA E 120 0.49 -73.19 -6.02
CA ALA E 120 1.83 -72.96 -6.50
C ALA E 120 2.79 -73.07 -5.34
N CYS E 121 2.35 -72.59 -4.18
CA CYS E 121 3.16 -72.60 -2.98
C CYS E 121 3.34 -74.00 -2.43
N ALA E 122 2.32 -74.82 -2.61
CA ALA E 122 2.36 -76.21 -2.18
C ALA E 122 3.47 -76.96 -2.90
N GLU E 123 3.65 -76.64 -4.17
CA GLU E 123 4.59 -77.35 -5.02
C GLU E 123 6.05 -76.99 -4.73
N HIS E 124 6.29 -75.73 -4.36
CA HIS E 124 7.65 -75.27 -4.10
C HIS E 124 8.03 -75.22 -2.62
N GLY E 125 7.15 -75.65 -1.74
CA GLY E 125 7.56 -75.77 -0.35
C GLY E 125 7.51 -74.46 0.39
N VAL E 126 6.88 -73.47 -0.23
CA VAL E 126 6.74 -72.14 0.37
C VAL E 126 5.53 -72.07 1.28
N ARG E 127 5.68 -71.52 2.48
CA ARG E 127 4.55 -71.41 3.39
C ARG E 127 4.00 -69.99 3.47
N VAL E 128 2.68 -69.90 3.55
CA VAL E 128 1.96 -68.64 3.54
C VAL E 128 1.37 -68.33 4.88
N VAL E 129 1.70 -67.15 5.40
CA VAL E 129 1.17 -66.73 6.68
C VAL E 129 0.53 -65.35 6.45
N ARG E 130 -0.33 -64.90 7.36
CA ARG E 130 -1.19 -63.76 7.01
C ARG E 130 -1.78 -63.03 8.23
N VAL E 131 -2.18 -61.77 8.04
CA VAL E 131 -2.89 -61.07 9.11
C VAL E 131 -4.36 -61.05 8.75
N PRO E 132 -5.17 -61.91 9.41
CA PRO E 132 -6.58 -62.10 9.02
C PRO E 132 -7.54 -60.96 9.40
N THR E 133 -7.18 -60.10 10.35
CA THR E 133 -8.11 -59.05 10.77
C THR E 133 -7.48 -57.68 11.07
N TYR E 134 -8.05 -56.63 10.45
CA TYR E 134 -7.79 -55.25 10.84
C TYR E 134 -8.68 -54.88 12.03
N SER E 135 -8.27 -53.89 12.83
CA SER E 135 -9.10 -53.35 13.90
C SER E 135 -10.42 -52.85 13.36
N PRO E 136 -11.53 -53.46 13.75
CA PRO E 136 -12.81 -53.17 13.09
C PRO E 136 -13.32 -51.72 13.30
N GLU E 137 -12.90 -51.07 14.39
CA GLU E 137 -13.23 -49.68 14.59
C GLU E 137 -12.67 -48.83 13.45
N SER E 138 -11.45 -49.14 12.99
CA SER E 138 -10.83 -48.34 11.91
C SER E 138 -11.71 -48.30 10.70
N VAL E 139 -12.10 -49.50 10.26
CA VAL E 139 -12.89 -49.64 9.07
C VAL E 139 -14.26 -49.05 9.32
N ALA E 140 -14.83 -49.36 10.48
CA ALA E 140 -16.14 -48.84 10.83
C ALA E 140 -16.13 -47.31 10.95
N GLU E 141 -15.12 -46.73 11.59
CA GLU E 141 -15.05 -45.28 11.73
C GLU E 141 -14.85 -44.61 10.36
N HIS E 142 -14.31 -45.35 9.40
CA HIS E 142 -14.05 -44.79 8.10
C HIS E 142 -15.33 -44.60 7.30
N ALA E 143 -16.18 -45.60 7.33
CA ALA E 143 -17.51 -45.46 6.75
C ALA E 143 -18.23 -44.27 7.40
N VAL E 144 -18.09 -44.17 8.72
CA VAL E 144 -18.80 -43.10 9.42
C VAL E 144 -18.23 -41.75 8.96
N ALA E 145 -16.92 -41.71 8.74
CA ALA E 145 -16.24 -40.55 8.20
C ALA E 145 -16.81 -40.14 6.82
N LEU E 146 -17.03 -41.12 5.96
CA LEU E 146 -17.57 -40.86 4.62
C LEU E 146 -18.94 -40.26 4.79
N ILE E 147 -19.75 -40.85 5.67
CA ILE E 147 -21.11 -40.38 5.85
C ILE E 147 -21.03 -38.93 6.29
N PHE E 148 -20.16 -38.63 7.24
CA PHE E 148 -20.08 -37.24 7.68
C PHE E 148 -19.64 -36.27 6.58
N ALA E 149 -18.60 -36.63 5.80
CA ALA E 149 -18.02 -35.75 4.79
C ALA E 149 -19.09 -35.38 3.76
N LEU E 150 -19.80 -36.38 3.27
CA LEU E 150 -20.86 -36.20 2.29
C LEU E 150 -22.05 -35.37 2.82
N ASN E 151 -22.45 -35.64 4.06
CA ASN E 151 -23.55 -34.89 4.62
C ASN E 151 -23.25 -33.41 4.67
N ARG E 152 -22.02 -33.08 5.03
CA ARG E 152 -21.69 -31.68 5.24
C ARG E 152 -20.89 -31.04 4.09
N HIS E 153 -20.74 -31.76 2.98
CA HIS E 153 -20.02 -31.30 1.78
C HIS E 153 -18.63 -30.78 2.15
N LEU E 154 -17.92 -31.50 3.01
CA LEU E 154 -16.59 -31.06 3.46
C LEU E 154 -15.56 -30.98 2.29
N THR E 155 -15.61 -31.89 1.32
CA THR E 155 -14.62 -31.75 0.25
C THR E 155 -14.96 -30.54 -0.65
N ASP E 156 -16.22 -30.41 -1.07
CA ASP E 156 -16.67 -29.18 -1.75
C ASP E 156 -16.24 -27.93 -0.98
N ALA E 157 -16.52 -27.90 0.32
CA ALA E 157 -16.26 -26.72 1.12
C ALA E 157 -14.78 -26.40 1.21
N TYR E 158 -13.97 -27.43 1.46
CA TYR E 158 -12.52 -27.28 1.59
C TYR E 158 -11.92 -26.62 0.33
N ILE E 159 -12.28 -27.17 -0.82
CA ILE E 159 -11.71 -26.71 -2.08
C ILE E 159 -12.10 -25.27 -2.38
N ARG E 160 -13.37 -24.96 -2.16
CA ARG E 160 -13.83 -23.59 -2.32
C ARG E 160 -13.09 -22.66 -1.41
N VAL E 161 -13.05 -22.98 -0.12
CA VAL E 161 -12.31 -22.13 0.80
C VAL E 161 -10.81 -22.02 0.37
N ARG E 162 -10.21 -23.09 -0.16
CA ARG E 162 -8.84 -22.93 -0.65
C ARG E 162 -8.77 -21.96 -1.84
N MET E 163 -9.77 -21.98 -2.73
CA MET E 163 -9.83 -21.03 -3.85
C MET E 163 -10.16 -19.61 -3.36
N GLY E 164 -10.74 -19.51 -2.17
CA GLY E 164 -11.15 -18.20 -1.65
C GLY E 164 -12.61 -17.91 -1.91
N ASN E 165 -13.39 -18.95 -2.19
CA ASN E 165 -14.85 -18.83 -2.21
C ASN E 165 -15.41 -19.20 -0.82
N TYR E 166 -15.83 -18.15 -0.10
CA TYR E 166 -16.38 -18.29 1.25
C TYR E 166 -17.91 -18.22 1.25
N SER E 167 -18.54 -18.29 0.09
CA SER E 167 -20.02 -18.28 0.02
C SER E 167 -20.67 -19.60 0.45
N LEU E 168 -21.94 -19.54 0.85
CA LEU E 168 -22.67 -20.70 1.40
C LEU E 168 -23.37 -21.67 0.42
N SER E 169 -23.93 -21.14 -0.67
CA SER E 169 -24.60 -22.02 -1.62
C SER E 169 -23.49 -22.88 -2.20
N GLY E 170 -23.70 -24.10 -2.70
CA GLY E 170 -24.73 -25.10 -2.59
C GLY E 170 -24.11 -26.08 -1.58
N LEU E 171 -23.52 -25.53 -0.52
CA LEU E 171 -22.96 -26.31 0.59
C LEU E 171 -23.97 -26.79 1.67
N VAL E 172 -25.26 -26.53 1.47
CA VAL E 172 -26.21 -26.90 2.50
C VAL E 172 -26.27 -28.41 2.75
N GLY E 173 -26.07 -28.77 4.01
CA GLY E 173 -26.04 -30.16 4.42
C GLY E 173 -27.29 -30.70 5.06
N VAL E 174 -27.10 -31.79 5.80
CA VAL E 174 -28.19 -32.51 6.44
C VAL E 174 -27.79 -33.01 7.83
N GLU E 175 -28.75 -33.01 8.78
CA GLU E 175 -28.54 -33.60 10.13
C GLU E 175 -28.60 -35.11 10.14
N MET E 176 -27.73 -35.73 10.93
CA MET E 176 -27.77 -37.17 11.09
C MET E 176 -28.61 -37.71 12.26
N ARG E 177 -28.95 -36.87 13.23
CA ARG E 177 -29.44 -37.40 14.50
C ARG E 177 -30.57 -38.42 14.38
N HIS E 178 -31.67 -38.14 13.73
CA HIS E 178 -32.70 -39.18 13.81
C HIS E 178 -32.84 -40.06 12.57
N LYS E 179 -31.92 -39.91 11.63
CA LYS E 179 -32.04 -40.60 10.35
C LYS E 179 -32.01 -42.13 10.49
N VAL E 180 -32.72 -42.81 9.59
CA VAL E 180 -32.73 -44.26 9.56
C VAL E 180 -31.51 -44.81 8.81
N VAL E 181 -30.77 -45.68 9.50
CA VAL E 181 -29.54 -46.27 9.01
C VAL E 181 -29.58 -47.77 8.92
N GLY E 182 -29.56 -48.31 7.71
CA GLY E 182 -29.33 -49.74 7.47
C GLY E 182 -27.88 -50.19 7.55
N VAL E 183 -27.58 -51.16 8.41
CA VAL E 183 -26.27 -51.82 8.39
C VAL E 183 -26.44 -53.20 7.78
N VAL E 184 -25.81 -53.39 6.62
CA VAL E 184 -25.89 -54.65 5.88
C VAL E 184 -24.60 -55.46 6.05
N GLY E 185 -24.75 -56.50 6.85
CA GLY E 185 -23.74 -57.43 7.33
C GLY E 185 -23.30 -56.88 8.69
N THR E 186 -23.39 -57.76 9.68
CA THR E 186 -23.16 -57.46 11.09
C THR E 186 -21.97 -58.20 11.74
N GLY E 187 -21.03 -58.64 10.93
CA GLY E 187 -19.83 -59.24 11.48
C GLY E 187 -19.02 -58.17 12.22
N ALA E 188 -17.77 -58.47 12.52
CA ALA E 188 -16.93 -57.63 13.36
C ALA E 188 -16.94 -56.15 12.96
N ILE E 189 -16.85 -55.86 11.67
CA ILE E 189 -16.87 -54.49 11.22
C ILE E 189 -18.27 -53.88 11.31
N GLY E 190 -19.25 -54.60 10.78
CA GLY E 190 -20.63 -54.17 10.85
C GLY E 190 -21.12 -53.92 12.27
N GLN E 191 -20.69 -54.77 13.20
CA GLN E 191 -21.07 -54.54 14.59
C GLN E 191 -20.64 -53.16 15.09
N GLN E 192 -19.39 -52.81 14.84
CA GLN E 192 -18.81 -51.54 15.27
C GLN E 192 -19.50 -50.39 14.54
N ALA E 193 -19.89 -50.65 13.28
CA ALA E 193 -20.55 -49.62 12.48
C ALA E 193 -21.90 -49.31 13.13
N ALA E 194 -22.62 -50.36 13.50
CA ALA E 194 -23.91 -50.24 14.21
C ALA E 194 -23.76 -49.50 15.53
N ARG E 195 -22.76 -49.88 16.33
CA ARG E 195 -22.51 -49.20 17.59
C ARG E 195 -22.26 -47.71 17.39
N ILE E 196 -21.34 -47.37 16.50
CA ILE E 196 -21.02 -45.97 16.26
C ILE E 196 -22.25 -45.16 15.80
N LEU E 197 -22.99 -45.72 14.85
CA LEU E 197 -24.11 -44.96 14.29
C LEU E 197 -25.27 -44.84 15.28
N LYS E 198 -25.51 -45.87 16.08
CA LYS E 198 -26.53 -45.79 17.14
C LYS E 198 -26.10 -44.72 18.14
N GLY E 199 -24.81 -44.68 18.44
CA GLY E 199 -24.25 -43.74 19.39
C GLY E 199 -24.38 -42.31 18.93
N ILE E 200 -24.27 -42.09 17.61
CA ILE E 200 -24.40 -40.75 17.05
C ILE E 200 -25.86 -40.31 17.24
N GLY E 201 -26.73 -41.30 17.44
CA GLY E 201 -28.15 -41.06 17.60
C GLY E 201 -29.06 -41.53 16.48
N CYS E 202 -28.53 -42.20 15.47
CA CYS E 202 -29.37 -42.66 14.35
C CYS E 202 -30.30 -43.81 14.77
N LYS E 203 -31.38 -44.03 14.01
CA LYS E 203 -32.22 -45.20 14.27
C LYS E 203 -31.67 -46.28 13.40
N VAL E 204 -31.01 -47.24 14.03
CA VAL E 204 -30.21 -48.20 13.30
C VAL E 204 -30.97 -49.51 13.12
N PHE E 205 -30.91 -50.06 11.91
CA PHE E 205 -31.52 -51.35 11.59
C PHE E 205 -30.44 -52.22 10.96
N ALA E 206 -30.56 -53.54 11.07
CA ALA E 206 -29.53 -54.41 10.54
C ALA E 206 -30.10 -55.58 9.76
N TYR E 207 -29.27 -56.06 8.84
CA TYR E 207 -29.56 -57.28 8.10
C TYR E 207 -28.34 -58.17 8.17
N ASP E 208 -28.55 -59.44 8.42
CA ASP E 208 -27.53 -60.43 8.29
C ASP E 208 -28.26 -61.75 8.23
N ILE E 209 -27.61 -62.80 7.74
CA ILE E 209 -28.21 -64.11 7.71
C ILE E 209 -28.21 -64.65 9.12
N LYS E 210 -27.17 -64.28 9.86
CA LYS E 210 -27.03 -64.61 11.26
C LYS E 210 -27.06 -63.35 12.11
N PRO E 211 -28.08 -63.19 12.96
CA PRO E 211 -28.10 -62.08 13.93
C PRO E 211 -26.90 -62.13 14.87
N ASN E 212 -26.34 -60.95 15.15
CA ASN E 212 -25.21 -60.78 16.07
C ASN E 212 -25.77 -60.35 17.44
N PRO E 213 -25.59 -61.19 18.49
CA PRO E 213 -26.24 -60.91 19.79
C PRO E 213 -25.75 -59.59 20.39
N ALA E 214 -24.53 -59.21 20.03
CA ALA E 214 -23.98 -57.92 20.46
C ALA E 214 -24.78 -56.75 19.84
N VAL E 215 -25.35 -56.97 18.66
CA VAL E 215 -26.14 -55.94 18.01
C VAL E 215 -27.52 -55.92 18.62
N GLU E 216 -28.07 -57.10 18.85
CA GLU E 216 -29.35 -57.19 19.54
C GLU E 216 -29.30 -56.54 20.91
N ALA E 217 -28.22 -56.77 21.64
CA ALA E 217 -28.05 -56.21 22.96
C ALA E 217 -27.84 -54.70 22.93
N MET E 218 -27.65 -54.14 21.73
CA MET E 218 -27.55 -52.68 21.54
C MET E 218 -28.91 -52.07 21.26
N GLY E 219 -29.92 -52.92 21.14
CA GLY E 219 -31.28 -52.53 20.79
C GLY E 219 -31.48 -52.19 19.33
N ILE E 220 -30.70 -52.83 18.46
CA ILE E 220 -30.84 -52.66 17.01
C ILE E 220 -31.60 -53.83 16.41
N PRO E 221 -32.79 -53.57 15.86
CA PRO E 221 -33.60 -54.68 15.34
C PRO E 221 -33.07 -55.27 14.05
N TYR E 222 -33.22 -56.58 13.89
CA TYR E 222 -32.96 -57.24 12.62
C TYR E 222 -34.20 -57.33 11.74
N VAL E 223 -34.05 -56.87 10.51
CA VAL E 223 -35.13 -56.89 9.55
C VAL E 223 -34.58 -57.55 8.30
N SER E 224 -35.45 -57.76 7.32
CA SER E 224 -35.04 -58.32 6.03
C SER E 224 -34.28 -57.28 5.20
N LEU E 225 -33.46 -57.76 4.25
CA LEU E 225 -32.70 -56.85 3.40
C LEU E 225 -33.63 -55.93 2.62
N ASP E 226 -34.68 -56.48 2.02
CA ASP E 226 -35.63 -55.66 1.30
C ASP E 226 -36.28 -54.59 2.20
N GLU E 227 -36.53 -54.92 3.47
CA GLU E 227 -37.11 -53.94 4.39
C GLU E 227 -36.14 -52.83 4.73
N LEU E 228 -34.89 -53.21 4.97
CA LEU E 228 -33.83 -52.27 5.29
C LEU E 228 -33.62 -51.32 4.11
N LEU E 229 -33.64 -51.87 2.90
CA LEU E 229 -33.43 -51.04 1.70
C LEU E 229 -34.58 -50.05 1.54
N ALA E 230 -35.78 -50.47 1.89
CA ALA E 230 -36.93 -49.61 1.70
C ALA E 230 -36.95 -48.47 2.72
N MET E 231 -36.51 -48.72 3.94
CA MET E 231 -36.62 -47.71 5.00
C MET E 231 -35.43 -46.79 5.21
N SER E 232 -34.29 -47.10 4.59
CA SER E 232 -33.04 -46.45 5.00
C SER E 232 -32.76 -45.14 4.31
N ASP E 233 -32.32 -44.15 5.08
CA ASP E 233 -31.77 -42.91 4.51
C ASP E 233 -30.32 -43.15 4.13
N ILE E 234 -29.70 -44.04 4.90
CA ILE E 234 -28.31 -44.37 4.78
C ILE E 234 -28.16 -45.87 4.83
N VAL E 235 -27.48 -46.43 3.83
CA VAL E 235 -27.19 -47.85 3.77
C VAL E 235 -25.69 -48.06 3.70
N THR E 236 -25.14 -48.89 4.60
CA THR E 236 -23.71 -49.11 4.61
C THR E 236 -23.38 -50.61 4.56
N LEU E 237 -22.58 -51.02 3.57
CA LEU E 237 -22.33 -52.43 3.34
C LEU E 237 -21.13 -52.91 4.14
N HIS E 238 -21.35 -53.85 5.06
CA HIS E 238 -20.24 -54.54 5.71
C HIS E 238 -20.08 -56.05 5.52
N CYS E 239 -20.94 -56.66 4.69
CA CYS E 239 -20.88 -58.10 4.45
C CYS E 239 -19.67 -58.46 3.57
N PRO E 240 -19.24 -59.74 3.64
CA PRO E 240 -18.19 -60.26 2.75
C PRO E 240 -18.69 -60.43 1.33
N LEU E 241 -17.79 -60.59 0.35
CA LEU E 241 -18.23 -60.78 -1.01
C LEU E 241 -18.43 -62.25 -1.27
N LEU E 242 -19.69 -62.63 -1.47
CA LEU E 242 -20.08 -64.01 -1.72
C LEU E 242 -20.88 -64.10 -2.99
N PRO E 243 -21.02 -65.31 -3.54
CA PRO E 243 -21.91 -65.47 -4.70
C PRO E 243 -23.29 -64.94 -4.33
N SER E 244 -23.64 -65.13 -3.06
CA SER E 244 -24.92 -64.68 -2.54
C SER E 244 -24.99 -63.15 -2.43
N THR E 245 -23.86 -62.49 -2.15
CA THR E 245 -23.84 -61.03 -2.05
C THR E 245 -23.32 -60.24 -3.29
N ARG E 246 -22.87 -60.94 -4.33
CA ARG E 246 -22.26 -60.20 -5.44
C ARG E 246 -23.29 -59.36 -6.15
N GLN E 247 -22.98 -58.07 -6.26
CA GLN E 247 -23.84 -57.08 -6.88
C GLN E 247 -25.19 -57.09 -6.20
N LEU E 248 -25.13 -57.21 -4.89
CA LEU E 248 -26.25 -57.01 -3.99
C LEU E 248 -26.97 -55.72 -4.35
N ILE E 249 -26.20 -54.63 -4.44
CA ILE E 249 -26.73 -53.40 -4.99
C ILE E 249 -26.64 -53.44 -6.51
N ASN E 250 -27.79 -53.40 -7.17
CA ASN E 250 -27.86 -53.40 -8.62
C ASN E 250 -29.01 -52.56 -9.11
N LYS E 251 -29.29 -52.61 -10.41
CA LYS E 251 -30.30 -51.73 -11.00
C LYS E 251 -31.67 -52.00 -10.36
N GLU E 252 -31.95 -53.28 -10.10
CA GLU E 252 -33.23 -53.68 -9.52
C GLU E 252 -33.31 -53.27 -8.06
N SER E 253 -32.31 -53.67 -7.28
CA SER E 253 -32.35 -53.38 -5.86
C SER E 253 -32.24 -51.89 -5.63
N ILE E 254 -31.62 -51.17 -6.53
CA ILE E 254 -31.49 -49.74 -6.29
C ILE E 254 -32.86 -49.07 -6.29
N GLN E 255 -33.79 -49.57 -7.11
CA GLN E 255 -35.13 -49.01 -7.12
C GLN E 255 -35.97 -49.42 -5.92
N LYS E 256 -35.55 -50.46 -5.20
CA LYS E 256 -36.29 -50.86 -4.00
C LYS E 256 -35.92 -49.94 -2.84
N MET E 257 -34.86 -49.18 -3.01
CA MET E 257 -34.40 -48.27 -1.98
C MET E 257 -35.25 -47.01 -1.88
N LYS E 258 -34.90 -46.16 -0.93
CA LYS E 258 -35.58 -44.89 -0.70
C LYS E 258 -34.93 -43.72 -1.46
N LYS E 259 -35.76 -42.98 -2.20
CA LYS E 259 -35.27 -41.88 -3.03
C LYS E 259 -34.42 -40.93 -2.22
N GLY E 260 -33.20 -40.72 -2.68
CA GLY E 260 -32.27 -39.81 -2.04
C GLY E 260 -31.27 -40.48 -1.14
N VAL E 261 -31.30 -41.81 -1.10
CA VAL E 261 -30.49 -42.56 -0.15
C VAL E 261 -28.98 -42.31 -0.30
N MET E 262 -28.30 -42.29 0.84
CA MET E 262 -26.86 -42.24 0.91
C MET E 262 -26.34 -43.69 0.96
N LEU E 263 -25.50 -44.06 -0.01
CA LEU E 263 -24.99 -45.41 -0.04
C LEU E 263 -23.51 -45.40 0.34
N ILE E 264 -23.12 -46.24 1.29
CA ILE E 264 -21.73 -46.33 1.72
C ILE E 264 -21.21 -47.73 1.56
N ASN E 265 -20.13 -47.88 0.79
CA ASN E 265 -19.48 -49.17 0.69
C ASN E 265 -17.98 -49.10 0.92
N VAL E 266 -17.58 -49.60 2.09
CA VAL E 266 -16.18 -49.86 2.47
C VAL E 266 -15.79 -51.34 2.50
N SER E 267 -16.67 -52.25 2.07
CA SER E 267 -16.31 -53.67 2.13
C SER E 267 -15.70 -54.21 0.86
N ARG E 268 -16.50 -54.45 -0.17
CA ARG E 268 -15.96 -55.11 -1.37
C ARG E 268 -16.58 -54.50 -2.63
N GLY E 269 -15.75 -54.27 -3.64
CA GLY E 269 -16.24 -53.65 -4.86
C GLY E 269 -17.29 -54.52 -5.52
N GLY E 270 -17.15 -55.83 -5.41
CA GLY E 270 -18.13 -56.71 -6.03
C GLY E 270 -19.55 -56.55 -5.51
N LEU E 271 -19.73 -55.95 -4.33
CA LEU E 271 -21.09 -55.83 -3.77
C LEU E 271 -21.99 -54.91 -4.56
N ILE E 272 -21.39 -54.06 -5.40
CA ILE E 272 -22.09 -53.06 -6.21
C ILE E 272 -21.86 -53.21 -7.70
N ASP E 273 -22.91 -53.14 -8.52
CA ASP E 273 -22.66 -53.17 -9.97
C ASP E 273 -22.52 -51.71 -10.45
N SER E 274 -21.28 -51.34 -10.69
CA SER E 274 -20.93 -49.93 -10.80
C SER E 274 -21.63 -49.26 -11.98
N ALA E 275 -21.88 -50.02 -13.04
CA ALA E 275 -22.64 -49.51 -14.18
C ALA E 275 -24.02 -48.93 -13.82
N ALA E 276 -24.69 -49.52 -12.83
CA ALA E 276 -26.07 -49.13 -12.50
C ALA E 276 -26.11 -47.81 -11.76
N LEU E 277 -24.94 -47.36 -11.31
CA LEU E 277 -24.84 -46.19 -10.43
C LEU E 277 -25.17 -44.83 -11.07
N PHE E 278 -24.83 -44.64 -12.35
CA PHE E 278 -24.92 -43.32 -12.98
C PHE E 278 -26.37 -42.83 -13.16
N ASP E 279 -27.21 -43.67 -13.76
CA ASP E 279 -28.62 -43.33 -13.93
C ASP E 279 -29.27 -43.02 -12.57
N ALA E 280 -28.89 -43.79 -11.55
CA ALA E 280 -29.51 -43.65 -10.24
C ALA E 280 -29.03 -42.38 -9.57
N LEU E 281 -27.79 -41.99 -9.84
CA LEU E 281 -27.24 -40.73 -9.36
C LEU E 281 -27.92 -39.54 -10.03
N GLU E 282 -28.15 -39.67 -11.33
CA GLU E 282 -28.76 -38.61 -12.13
C GLU E 282 -30.27 -38.51 -11.94
N SER E 283 -30.91 -39.61 -11.55
CA SER E 283 -32.35 -39.62 -11.32
C SER E 283 -32.69 -39.12 -9.92
N GLY E 284 -31.68 -39.09 -9.06
CA GLY E 284 -31.87 -38.71 -7.66
C GLY E 284 -32.23 -39.88 -6.74
N GLN E 285 -32.35 -41.08 -7.32
CA GLN E 285 -32.65 -42.27 -6.56
C GLN E 285 -31.56 -42.55 -5.53
N ILE E 286 -30.31 -42.60 -5.97
CA ILE E 286 -29.17 -42.54 -5.06
C ILE E 286 -28.68 -41.10 -4.95
N GLY E 287 -28.80 -40.52 -3.75
CA GLY E 287 -28.44 -39.15 -3.49
C GLY E 287 -26.98 -38.89 -3.15
N ALA E 288 -26.30 -39.91 -2.65
CA ALA E 288 -24.89 -39.75 -2.33
C ALA E 288 -24.23 -41.12 -2.28
N LEU E 289 -22.93 -41.15 -2.55
CA LEU E 289 -22.22 -42.41 -2.61
C LEU E 289 -20.86 -42.22 -1.97
N GLY E 290 -20.57 -42.92 -0.86
CA GLY E 290 -19.19 -43.05 -0.43
C GLY E 290 -18.65 -44.44 -0.70
N LEU E 291 -17.42 -44.51 -1.19
CA LEU E 291 -16.80 -45.78 -1.54
C LEU E 291 -15.35 -45.75 -1.14
N ASP E 292 -14.89 -46.80 -0.49
CA ASP E 292 -13.48 -47.03 -0.29
C ASP E 292 -13.03 -48.11 -1.27
N VAL E 293 -14.00 -48.63 -2.00
CA VAL E 293 -13.78 -49.81 -2.84
C VAL E 293 -14.63 -49.77 -4.11
N TYR E 294 -14.11 -50.40 -5.18
CA TYR E 294 -14.73 -50.40 -6.51
C TYR E 294 -14.48 -51.73 -7.21
N GLU E 295 -15.44 -52.27 -7.95
CA GLU E 295 -15.38 -53.69 -8.36
C GLU E 295 -14.15 -54.12 -9.17
N ASN E 296 -13.64 -53.30 -10.10
CA ASN E 296 -12.36 -53.69 -10.72
C ASN E 296 -11.23 -52.80 -10.28
N GLU E 297 -10.52 -53.22 -9.25
CA GLU E 297 -9.42 -52.46 -8.71
C GLU E 297 -8.08 -52.99 -9.16
N GLY E 298 -8.07 -54.11 -9.90
CA GLY E 298 -6.82 -54.75 -10.29
C GLY E 298 -6.02 -53.89 -11.22
N GLY E 299 -4.82 -53.52 -10.80
CA GLY E 299 -3.98 -52.62 -11.58
C GLY E 299 -4.34 -51.15 -11.37
N LEU E 300 -5.48 -50.90 -10.76
CA LEU E 300 -5.97 -49.55 -10.54
C LEU E 300 -5.52 -48.96 -9.19
N PHE E 301 -5.91 -49.58 -8.09
CA PHE E 301 -5.60 -49.06 -6.76
C PHE E 301 -4.16 -49.24 -6.30
N PHE E 302 -3.77 -48.47 -5.28
CA PHE E 302 -2.43 -48.53 -4.69
C PHE E 302 -1.33 -48.11 -5.64
N VAL E 303 -1.71 -47.38 -6.68
CA VAL E 303 -0.77 -46.83 -7.64
C VAL E 303 -1.04 -45.34 -7.77
N ASP E 304 0.02 -44.56 -7.81
CA ASP E 304 -0.13 -43.17 -8.17
C ASP E 304 0.13 -43.04 -9.67
N HIS E 305 -0.93 -42.86 -10.45
CA HIS E 305 -0.82 -42.83 -11.92
C HIS E 305 -0.32 -41.50 -12.44
N THR E 306 -0.29 -40.49 -11.58
CA THR E 306 0.12 -39.14 -11.99
C THR E 306 1.62 -39.08 -12.29
N LYS E 307 2.35 -40.12 -11.91
CA LYS E 307 3.78 -40.14 -12.14
C LYS E 307 4.09 -40.60 -13.57
N PHE E 308 3.07 -41.11 -14.26
CA PHE E 308 3.18 -41.57 -15.64
C PHE E 308 2.79 -40.51 -16.66
N ASP E 309 3.42 -40.55 -17.83
CA ASP E 309 2.90 -39.79 -18.95
C ASP E 309 1.48 -40.21 -19.28
N PRO E 310 0.62 -39.24 -19.63
CA PRO E 310 -0.78 -39.54 -19.96
C PRO E 310 -0.98 -40.61 -21.04
N SER E 311 -0.10 -40.72 -22.05
CA SER E 311 -0.25 -41.77 -23.06
C SER E 311 -0.11 -43.17 -22.45
N VAL E 312 0.74 -43.29 -21.44
CA VAL E 312 0.87 -44.55 -20.71
C VAL E 312 -0.34 -44.73 -19.80
N ARG E 313 -0.83 -43.64 -19.21
CA ARG E 313 -2.05 -43.71 -18.38
C ARG E 313 -3.24 -44.18 -19.22
N MET E 314 -3.25 -43.87 -20.51
CA MET E 314 -4.34 -44.28 -21.38
C MET E 314 -4.42 -45.78 -21.56
N GLN E 315 -3.36 -46.51 -21.21
CA GLN E 315 -3.34 -47.95 -21.46
C GLN E 315 -4.28 -48.71 -20.50
N LYS E 316 -4.20 -48.40 -19.21
CA LYS E 316 -5.10 -48.99 -18.21
C LYS E 316 -6.35 -48.14 -17.82
N TRP E 317 -6.63 -47.09 -18.57
CA TRP E 317 -7.69 -46.14 -18.22
C TRP E 317 -9.08 -46.75 -18.01
N ASP E 318 -9.66 -46.46 -16.86
CA ASP E 318 -10.98 -46.97 -16.55
C ASP E 318 -11.96 -45.83 -16.77
N ARG E 319 -12.67 -45.84 -17.89
CA ARG E 319 -13.45 -44.65 -18.21
C ARG E 319 -14.62 -44.52 -17.26
N GLN E 320 -15.29 -45.63 -16.96
CA GLN E 320 -16.48 -45.51 -16.12
C GLN E 320 -16.10 -45.12 -14.68
N PHE E 321 -14.98 -45.61 -14.16
CA PHE E 321 -14.53 -45.14 -12.84
C PHE E 321 -14.22 -43.63 -12.83
N ARG E 322 -13.48 -43.15 -13.83
CA ARG E 322 -13.14 -41.72 -13.87
C ARG E 322 -14.39 -40.81 -13.97
N THR E 323 -15.41 -41.25 -14.70
CA THR E 323 -16.64 -40.48 -14.75
C THR E 323 -17.32 -40.47 -13.37
N LEU E 324 -17.34 -41.61 -12.69
CA LEU E 324 -17.98 -41.71 -11.38
C LEU E 324 -17.42 -40.65 -10.43
N LEU E 325 -16.10 -40.44 -10.51
CA LEU E 325 -15.44 -39.43 -9.71
C LEU E 325 -15.89 -38.00 -10.09
N SER E 326 -16.60 -37.87 -11.21
CA SER E 326 -17.01 -36.56 -11.68
C SER E 326 -18.14 -35.93 -10.84
N TYR E 327 -18.92 -36.78 -10.17
CA TYR E 327 -20.12 -36.31 -9.49
C TYR E 327 -19.86 -35.59 -8.18
N PRO E 328 -20.58 -34.50 -7.97
CA PRO E 328 -20.40 -33.74 -6.73
C PRO E 328 -20.88 -34.51 -5.48
N GLN E 329 -21.85 -35.42 -5.62
CA GLN E 329 -22.33 -36.16 -4.45
C GLN E 329 -21.63 -37.54 -4.28
N VAL E 330 -20.55 -37.79 -5.04
CA VAL E 330 -19.75 -39.00 -4.86
C VAL E 330 -18.43 -38.72 -4.16
N LEU E 331 -18.05 -39.58 -3.22
CA LEU E 331 -16.77 -39.42 -2.53
C LEU E 331 -16.08 -40.76 -2.47
N VAL E 332 -14.86 -40.82 -3.01
CA VAL E 332 -14.12 -42.08 -3.10
C VAL E 332 -12.76 -41.94 -2.47
N THR E 333 -12.46 -42.84 -1.54
CA THR E 333 -11.11 -42.91 -0.99
C THR E 333 -10.47 -44.18 -1.52
N PRO E 334 -9.16 -44.19 -1.58
CA PRO E 334 -8.45 -45.30 -2.22
C PRO E 334 -8.15 -46.45 -1.28
N HIS E 335 -9.18 -47.17 -0.81
CA HIS E 335 -8.95 -48.30 0.10
C HIS E 335 -8.14 -47.91 1.33
N THR E 336 -8.51 -46.81 1.97
CA THR E 336 -7.85 -46.37 3.19
C THR E 336 -8.64 -46.71 4.49
N ALA E 337 -9.78 -47.39 4.37
CA ALA E 337 -10.58 -47.68 5.54
C ALA E 337 -9.79 -48.42 6.65
N PHE E 338 -8.86 -49.29 6.25
CA PHE E 338 -8.05 -50.02 7.21
C PHE E 338 -6.82 -49.21 7.62
N LEU E 339 -6.59 -48.04 7.00
CA LEU E 339 -5.26 -47.46 7.13
C LEU E 339 -5.17 -46.50 8.29
N THR E 340 -4.63 -47.01 9.39
CA THR E 340 -4.72 -46.37 10.68
C THR E 340 -3.48 -46.66 11.51
N GLU E 341 -3.07 -45.70 12.34
CA GLU E 341 -2.02 -45.97 13.29
C GLU E 341 -2.30 -47.29 13.96
N GLU E 342 -3.44 -47.36 14.67
CA GLU E 342 -3.79 -48.55 15.45
C GLU E 342 -3.85 -49.86 14.61
N ALA E 343 -4.52 -49.82 13.45
CA ALA E 343 -4.66 -51.02 12.62
C ALA E 343 -3.32 -51.44 12.05
N LEU E 344 -2.47 -50.47 11.68
CA LEU E 344 -1.17 -50.84 11.14
C LEU E 344 -0.30 -51.54 12.21
N ASN E 345 -0.44 -51.08 13.45
CA ASN E 345 0.23 -51.68 14.60
C ASN E 345 -0.17 -53.14 14.79
N ASN E 346 -1.47 -53.41 14.75
CA ASN E 346 -1.92 -54.79 14.82
C ASN E 346 -1.26 -55.60 13.72
N ILE E 347 -1.31 -55.06 12.51
CA ILE E 347 -0.75 -55.73 11.33
C ILE E 347 0.71 -56.04 11.55
N CYS E 348 1.43 -55.07 12.07
CA CYS E 348 2.86 -55.18 12.31
C CYS E 348 3.19 -56.29 13.33
N THR E 349 2.55 -56.25 14.50
CA THR E 349 2.89 -57.24 15.53
C THR E 349 2.43 -58.63 15.15
N THR E 350 1.31 -58.73 14.43
CA THR E 350 0.85 -60.04 13.98
C THR E 350 1.80 -60.63 12.96
N THR E 351 2.38 -59.76 12.13
CA THR E 351 3.29 -60.20 11.10
C THR E 351 4.59 -60.65 11.75
N ILE E 352 5.03 -59.93 12.77
CA ILE E 352 6.27 -60.23 13.46
C ILE E 352 6.11 -61.49 14.32
N GLN E 353 4.95 -61.60 15.00
CA GLN E 353 4.64 -62.80 15.78
C GLN E 353 4.49 -64.03 14.86
N ASN E 354 3.93 -63.83 13.67
CA ASN E 354 3.81 -64.89 12.66
C ASN E 354 5.17 -65.40 12.16
N ILE E 355 6.10 -64.48 11.89
CA ILE E 355 7.42 -64.85 11.46
C ILE E 355 8.03 -65.66 12.58
N ALA E 356 7.87 -65.13 13.79
CA ALA E 356 8.48 -65.71 14.97
C ALA E 356 7.98 -67.12 15.22
N ASP E 357 6.66 -67.32 15.13
CA ASP E 357 6.10 -68.65 15.36
C ASP E 357 6.63 -69.69 14.36
N TYR E 358 6.74 -69.29 13.09
CA TYR E 358 7.32 -70.13 12.05
C TYR E 358 8.72 -70.59 12.46
N VAL E 359 9.57 -69.62 12.79
CA VAL E 359 10.96 -69.85 13.18
C VAL E 359 11.09 -70.73 14.44
N LEU E 360 10.18 -70.52 15.38
CA LEU E 360 10.20 -71.24 16.65
C LEU E 360 9.37 -72.51 16.56
N ASP E 361 8.86 -72.79 15.37
CA ASP E 361 8.16 -74.04 15.15
C ASP E 361 6.87 -74.14 15.98
N ARG E 362 6.28 -73.01 16.35
CA ARG E 362 5.03 -73.05 17.09
C ARG E 362 3.90 -73.37 16.13
N PRO E 363 2.74 -73.74 16.67
CA PRO E 363 1.60 -73.90 15.77
C PRO E 363 1.22 -72.52 15.25
N LEU E 364 1.03 -72.37 13.94
CA LEU E 364 0.89 -71.04 13.33
C LEU E 364 -0.50 -70.42 13.54
N GLY E 365 -1.49 -71.00 12.90
CA GLY E 365 -2.88 -70.60 13.05
C GLY E 365 -3.26 -69.47 12.13
N ASN E 366 -2.27 -68.71 11.69
CA ASN E 366 -2.48 -67.68 10.72
C ASN E 366 -2.09 -68.17 9.32
N GLU E 367 -1.74 -69.45 9.21
CA GLU E 367 -1.42 -69.99 7.90
C GLU E 367 -2.68 -70.01 7.02
N PRO F 26 -56.13 -20.93 13.25
CA PRO F 26 -55.45 -19.66 12.94
C PRO F 26 -56.06 -18.87 11.78
N GLN F 27 -57.36 -19.03 11.53
CA GLN F 27 -58.07 -18.35 10.44
C GLN F 27 -58.03 -16.81 10.35
N GLU F 28 -57.65 -16.15 11.42
CA GLU F 28 -57.39 -14.71 11.38
C GLU F 28 -56.12 -14.31 10.62
N ALA F 29 -55.33 -15.31 10.26
CA ALA F 29 -54.08 -15.12 9.51
C ALA F 29 -54.34 -14.58 8.10
N ALA F 30 -55.61 -14.41 7.76
CA ALA F 30 -55.99 -13.84 6.47
C ALA F 30 -55.47 -12.40 6.44
N LYS F 31 -55.35 -11.84 7.64
CA LYS F 31 -54.75 -10.53 7.87
C LYS F 31 -53.24 -10.59 7.62
N VAL F 32 -52.62 -11.69 8.05
CA VAL F 32 -51.18 -11.91 7.94
C VAL F 32 -50.72 -11.98 6.49
N ALA F 33 -51.53 -12.61 5.65
CA ALA F 33 -51.20 -12.78 4.23
C ALA F 33 -50.95 -11.44 3.53
N THR F 34 -51.59 -10.38 4.02
CA THR F 34 -51.48 -9.05 3.42
C THR F 34 -50.13 -8.36 3.71
N THR F 35 -49.32 -8.94 4.60
CA THR F 35 -47.98 -8.41 4.87
C THR F 35 -47.03 -8.43 3.66
N ARG F 36 -46.28 -7.34 3.47
CA ARG F 36 -45.30 -7.21 2.39
C ARG F 36 -43.88 -7.36 2.92
N CYS F 37 -43.20 -8.41 2.48
CA CYS F 37 -41.85 -8.71 2.95
C CYS F 37 -40.83 -8.68 1.82
N ILE F 38 -39.74 -7.93 2.01
CA ILE F 38 -38.57 -8.02 1.11
C ILE F 38 -37.40 -8.60 1.86
N CYS F 39 -36.66 -9.53 1.23
CA CYS F 39 -35.47 -10.12 1.85
C CYS F 39 -34.18 -9.80 1.06
N TYR F 40 -33.23 -9.16 1.74
CA TYR F 40 -31.90 -8.84 1.22
C TYR F 40 -30.88 -9.99 1.31
N SER F 41 -29.85 -9.93 0.47
CA SER F 41 -28.85 -11.01 0.44
C SER F 41 -29.49 -12.33 0.10
N THR F 42 -30.30 -12.36 -0.95
CA THR F 42 -30.93 -13.59 -1.33
C THR F 42 -30.06 -14.32 -2.33
N THR F 43 -29.36 -15.34 -1.85
CA THR F 43 -28.49 -16.14 -2.70
C THR F 43 -29.23 -17.41 -3.02
N GLN F 44 -28.56 -18.33 -3.70
CA GLN F 44 -29.25 -19.52 -4.18
C GLN F 44 -29.88 -20.31 -3.00
N TYR F 45 -29.14 -20.48 -1.93
CA TYR F 45 -29.58 -21.33 -0.82
C TYR F 45 -30.73 -20.68 -0.03
N VAL F 46 -30.76 -19.35 -0.02
CA VAL F 46 -31.84 -18.62 0.62
C VAL F 46 -33.10 -18.83 -0.22
N LYS F 47 -32.95 -18.85 -1.53
CA LYS F 47 -34.07 -19.13 -2.41
C LYS F 47 -34.62 -20.53 -2.13
N ASP F 48 -33.70 -21.50 -2.08
CA ASP F 48 -34.10 -22.88 -1.91
C ASP F 48 -34.94 -23.05 -0.65
N PHE F 49 -34.42 -22.59 0.49
CA PHE F 49 -35.05 -22.90 1.79
C PHE F 49 -36.19 -21.97 2.25
N LEU F 50 -36.12 -20.72 1.81
CA LEU F 50 -36.94 -19.64 2.38
C LEU F 50 -38.11 -19.21 1.49
N ALA F 51 -37.83 -18.79 0.25
CA ALA F 51 -38.85 -18.23 -0.65
C ALA F 51 -40.15 -19.06 -0.81
N GLY F 52 -40.02 -20.38 -0.90
CA GLY F 52 -41.17 -21.27 -1.08
C GLY F 52 -42.19 -21.24 0.06
N PRO F 53 -41.72 -21.49 1.30
CA PRO F 53 -42.58 -21.37 2.50
C PRO F 53 -43.20 -19.95 2.68
N MET F 54 -42.46 -18.91 2.29
CA MET F 54 -42.88 -17.51 2.44
C MET F 54 -44.01 -17.13 1.49
N GLN F 55 -43.98 -17.68 0.28
CA GLN F 55 -44.98 -17.31 -0.70
C GLN F 55 -46.22 -18.17 -0.47
N LYS F 56 -46.10 -19.16 0.41
CA LYS F 56 -47.24 -19.92 0.90
C LYS F 56 -47.99 -19.11 1.96
N VAL F 57 -47.31 -18.12 2.55
CA VAL F 57 -47.92 -17.24 3.56
C VAL F 57 -48.27 -15.85 3.02
N PHE F 58 -47.25 -15.11 2.57
CA PHE F 58 -47.43 -13.73 2.10
C PHE F 58 -47.66 -13.58 0.59
N THR F 59 -48.68 -12.80 0.24
CA THR F 59 -49.13 -12.68 -1.15
C THR F 59 -48.06 -12.05 -2.03
N ASP F 60 -47.39 -11.03 -1.53
CA ASP F 60 -46.31 -10.39 -2.27
C ASP F 60 -45.00 -10.41 -1.48
N THR F 61 -44.00 -11.11 -1.98
CA THR F 61 -42.71 -11.16 -1.33
C THR F 61 -41.57 -10.93 -2.32
N TYR F 62 -40.79 -9.90 -2.03
CA TYR F 62 -39.71 -9.38 -2.87
C TYR F 62 -38.31 -9.90 -2.47
N PHE F 63 -37.67 -10.66 -3.34
CA PHE F 63 -36.36 -11.20 -2.99
C PHE F 63 -35.19 -10.54 -3.68
N VAL F 64 -34.42 -9.80 -2.89
CA VAL F 64 -33.24 -9.07 -3.37
C VAL F 64 -31.96 -9.89 -3.18
N GLU F 65 -31.27 -10.12 -4.30
CA GLU F 65 -30.03 -10.89 -4.32
C GLU F 65 -28.92 -10.08 -3.63
N PRO F 66 -28.81 -8.78 -3.98
CA PRO F 66 -27.79 -7.96 -3.31
C PRO F 66 -28.06 -7.73 -1.83
N PRO F 67 -26.99 -7.52 -1.04
CA PRO F 67 -27.12 -7.24 0.39
C PRO F 67 -27.69 -5.88 0.70
N LEU F 68 -27.86 -5.63 1.98
CA LEU F 68 -28.41 -4.37 2.46
C LEU F 68 -27.36 -3.38 2.92
N ASP F 69 -27.33 -2.21 2.30
CA ASP F 69 -26.50 -1.11 2.78
C ASP F 69 -27.25 0.19 2.55
N LYS F 70 -26.51 1.29 2.49
CA LYS F 70 -27.09 2.61 2.30
C LYS F 70 -27.86 2.71 0.98
N ASP F 71 -27.23 2.30 -0.11
CA ASP F 71 -27.80 2.28 -1.47
C ASP F 71 -28.95 1.30 -1.84
N THR F 72 -29.03 0.10 -1.25
CA THR F 72 -30.12 -0.83 -1.58
C THR F 72 -31.30 -0.84 -0.62
N ALA F 73 -31.39 0.13 0.28
CA ALA F 73 -32.47 0.20 1.25
C ALA F 73 -33.74 0.82 0.64
N GLN F 74 -33.56 1.68 -0.37
CA GLN F 74 -34.70 2.25 -1.09
C GLN F 74 -35.50 1.22 -1.90
N LEU F 75 -35.01 -0.01 -2.02
CA LEU F 75 -35.77 -1.06 -2.70
C LEU F 75 -36.96 -1.43 -1.82
N ALA F 76 -36.87 -1.05 -0.54
CA ALA F 76 -37.83 -1.47 0.45
C ALA F 76 -38.99 -0.48 0.63
N ARG F 77 -39.04 0.57 -0.17
CA ARG F 77 -40.14 1.53 0.01
C ARG F 77 -41.47 0.90 -0.37
N GLY F 78 -42.37 0.85 0.62
CA GLY F 78 -43.71 0.33 0.43
C GLY F 78 -43.90 -0.98 1.16
N TYR F 79 -42.79 -1.67 1.42
CA TYR F 79 -42.82 -2.95 2.11
C TYR F 79 -42.88 -2.73 3.60
N ASP F 80 -43.49 -3.69 4.29
CA ASP F 80 -43.67 -3.57 5.71
C ASP F 80 -42.46 -4.09 6.49
N VAL F 81 -41.88 -5.19 6.05
CA VAL F 81 -40.78 -5.81 6.77
C VAL F 81 -39.64 -6.30 5.90
N ALA F 82 -38.42 -6.00 6.35
CA ALA F 82 -37.21 -6.44 5.71
C ALA F 82 -36.53 -7.58 6.51
N VAL F 83 -36.35 -8.72 5.86
CA VAL F 83 -35.66 -9.85 6.44
C VAL F 83 -34.17 -9.83 6.03
N LEU F 84 -33.30 -9.91 7.04
CA LEU F 84 -31.89 -9.63 6.87
C LEU F 84 -31.02 -10.75 7.42
N PHE F 85 -29.75 -10.75 7.04
CA PHE F 85 -28.81 -11.79 7.45
C PHE F 85 -27.54 -11.09 8.00
N VAL F 86 -26.57 -11.87 8.47
CA VAL F 86 -25.43 -11.34 9.24
C VAL F 86 -24.54 -10.33 8.53
N ASN F 87 -24.31 -10.50 7.23
CA ASN F 87 -23.42 -9.58 6.56
C ASN F 87 -24.03 -8.21 6.23
N ASP F 88 -25.35 -8.07 6.34
CA ASP F 88 -26.01 -6.80 5.99
C ASP F 88 -25.73 -5.66 6.97
N ARG F 89 -25.67 -4.44 6.44
CA ARG F 89 -25.48 -3.25 7.27
C ARG F 89 -26.83 -2.60 7.55
N ALA F 90 -27.17 -2.59 8.84
CA ALA F 90 -28.33 -1.93 9.42
C ALA F 90 -28.04 -0.65 10.19
N ASP F 91 -26.88 -0.02 10.01
CA ASP F 91 -26.55 1.16 10.81
C ASP F 91 -27.49 2.36 10.60
N ALA F 92 -27.18 3.47 11.28
CA ALA F 92 -28.10 4.60 11.34
C ALA F 92 -28.46 5.24 10.01
N SER F 93 -27.55 5.23 9.04
CA SER F 93 -27.84 5.87 7.77
C SER F 93 -28.70 4.96 6.91
N VAL F 94 -28.41 3.66 6.95
CA VAL F 94 -29.13 2.68 6.14
C VAL F 94 -30.47 2.32 6.75
N ILE F 95 -30.60 2.50 8.07
CA ILE F 95 -31.86 2.27 8.76
C ILE F 95 -32.94 3.32 8.47
N LYS F 96 -32.52 4.56 8.26
CA LYS F 96 -33.49 5.63 8.14
C LYS F 96 -34.18 5.65 6.80
N GLU F 97 -33.48 5.31 5.72
CA GLU F 97 -34.13 5.38 4.40
C GLU F 97 -35.02 4.18 4.13
N LEU F 98 -34.79 3.08 4.85
CA LEU F 98 -35.78 1.99 4.87
C LEU F 98 -36.96 2.39 5.78
N ALA F 99 -36.66 3.12 6.85
CA ALA F 99 -37.70 3.62 7.75
C ALA F 99 -38.69 4.52 7.01
N LYS F 100 -38.16 5.41 6.16
CA LYS F 100 -38.97 6.27 5.31
C LYS F 100 -39.56 5.49 4.14
N ALA F 101 -38.95 4.34 3.84
CA ALA F 101 -39.48 3.37 2.87
C ALA F 101 -40.78 2.72 3.39
N GLY F 102 -40.99 2.80 4.71
CA GLY F 102 -42.20 2.29 5.31
C GLY F 102 -42.10 1.03 6.16
N VAL F 103 -40.95 0.36 6.17
CA VAL F 103 -40.81 -0.87 6.97
C VAL F 103 -40.67 -0.60 8.48
N LYS F 104 -41.59 -1.18 9.24
CA LYS F 104 -41.56 -1.10 10.70
C LYS F 104 -40.97 -2.35 11.35
N LEU F 105 -40.54 -3.32 10.55
CA LEU F 105 -39.99 -4.53 11.14
C LEU F 105 -38.75 -5.07 10.43
N ILE F 106 -37.73 -5.39 11.22
CA ILE F 106 -36.56 -6.11 10.76
C ILE F 106 -36.49 -7.52 11.34
N ALA F 107 -36.50 -8.52 10.45
CA ALA F 107 -36.39 -9.93 10.84
C ALA F 107 -35.09 -10.58 10.38
N LEU F 108 -34.29 -11.06 11.32
CA LEU F 108 -33.06 -11.75 10.96
C LEU F 108 -33.32 -13.23 10.68
N ARG F 109 -32.71 -13.74 9.60
CA ARG F 109 -32.75 -15.16 9.24
C ARG F 109 -31.64 -15.85 10.02
N CYS F 110 -31.11 -15.14 11.01
CA CYS F 110 -29.98 -15.57 11.81
C CYS F 110 -30.19 -15.14 13.26
N ALA F 111 -29.26 -15.47 14.16
CA ALA F 111 -29.38 -14.96 15.52
C ALA F 111 -28.46 -13.76 15.81
N GLY F 112 -27.72 -13.29 14.80
CA GLY F 112 -26.92 -12.09 14.93
C GLY F 112 -27.65 -10.78 14.70
N PHE F 113 -27.58 -9.88 15.67
CA PHE F 113 -27.99 -8.49 15.47
C PHE F 113 -26.80 -7.54 15.32
N ASP F 114 -25.58 -8.10 15.24
CA ASP F 114 -24.34 -7.31 15.31
C ASP F 114 -24.28 -6.02 14.46
N ARG F 115 -24.67 -6.12 13.19
CA ARG F 115 -24.61 -4.99 12.27
C ARG F 115 -25.83 -4.05 12.31
N VAL F 116 -26.90 -4.43 13.01
CA VAL F 116 -28.05 -3.54 13.15
C VAL F 116 -27.91 -2.57 14.33
N ASP F 117 -28.42 -1.37 14.15
CA ASP F 117 -28.40 -0.38 15.22
C ASP F 117 -29.72 -0.44 15.95
N LEU F 118 -29.69 -0.75 17.24
CA LEU F 118 -30.93 -0.87 17.97
C LEU F 118 -31.38 0.46 18.58
N HIS F 119 -30.44 1.40 18.68
CA HIS F 119 -30.75 2.75 19.15
C HIS F 119 -31.29 3.63 18.03
N ALA F 120 -30.89 3.32 16.80
CA ALA F 120 -31.38 4.03 15.62
C ALA F 120 -32.77 3.52 15.26
N CYS F 121 -33.01 2.24 15.50
CA CYS F 121 -34.31 1.63 15.29
C CYS F 121 -35.27 2.17 16.35
N ALA F 122 -34.73 2.48 17.52
CA ALA F 122 -35.53 3.10 18.58
C ALA F 122 -36.03 4.47 18.13
N GLU F 123 -35.19 5.23 17.43
CA GLU F 123 -35.56 6.57 17.00
C GLU F 123 -36.52 6.55 15.82
N HIS F 124 -36.37 5.53 14.98
CA HIS F 124 -37.14 5.46 13.74
C HIS F 124 -38.37 4.55 13.81
N GLY F 125 -38.64 3.97 14.97
CA GLY F 125 -39.87 3.22 15.17
C GLY F 125 -39.84 1.80 14.61
N VAL F 126 -38.66 1.37 14.20
CA VAL F 126 -38.45 0.05 13.62
C VAL F 126 -38.15 -0.98 14.70
N ARG F 127 -38.80 -2.14 14.62
CA ARG F 127 -38.66 -3.21 15.60
C ARG F 127 -37.82 -4.38 15.11
N VAL F 128 -37.01 -4.97 15.99
CA VAL F 128 -36.11 -6.06 15.61
C VAL F 128 -36.53 -7.42 16.15
N VAL F 129 -36.69 -8.36 15.24
CA VAL F 129 -37.04 -9.73 15.59
C VAL F 129 -35.96 -10.64 15.04
N ARG F 130 -35.84 -11.85 15.57
CA ARG F 130 -34.65 -12.63 15.30
C ARG F 130 -34.81 -14.11 15.58
N VAL F 131 -33.94 -14.94 15.00
CA VAL F 131 -33.95 -16.34 15.37
C VAL F 131 -32.74 -16.68 16.23
N PRO F 132 -32.98 -16.82 17.54
CA PRO F 132 -31.91 -16.98 18.53
C PRO F 132 -31.20 -18.34 18.51
N THR F 133 -31.80 -19.36 17.89
CA THR F 133 -31.25 -20.72 17.92
C THR F 133 -31.26 -21.50 16.60
N TYR F 134 -30.09 -21.99 16.19
CA TYR F 134 -30.04 -23.04 15.18
C TYR F 134 -30.15 -24.37 15.95
N SER F 135 -30.73 -25.41 15.35
CA SER F 135 -30.81 -26.70 16.02
C SER F 135 -29.41 -27.21 16.32
N PRO F 136 -29.12 -27.38 17.59
CA PRO F 136 -27.77 -27.62 18.09
C PRO F 136 -27.15 -28.93 17.61
N GLU F 137 -27.91 -29.92 17.17
CA GLU F 137 -27.29 -31.10 16.58
C GLU F 137 -26.50 -30.72 15.32
N SER F 138 -27.01 -29.82 14.49
CA SER F 138 -26.34 -29.45 13.23
C SER F 138 -24.93 -28.97 13.49
N VAL F 139 -24.83 -28.02 14.42
CA VAL F 139 -23.56 -27.41 14.77
C VAL F 139 -22.67 -28.46 15.46
N ALA F 140 -23.23 -29.26 16.37
CA ALA F 140 -22.43 -30.29 17.05
C ALA F 140 -21.94 -31.35 16.09
N GLU F 141 -22.83 -31.81 15.21
CA GLU F 141 -22.48 -32.84 14.26
C GLU F 141 -21.39 -32.34 13.29
N HIS F 142 -21.33 -31.02 13.06
CA HIS F 142 -20.34 -30.48 12.13
C HIS F 142 -18.96 -30.50 12.77
N ALA F 143 -18.90 -30.16 14.06
CA ALA F 143 -17.66 -30.31 14.84
C ALA F 143 -17.19 -31.78 14.78
N VAL F 144 -18.13 -32.71 14.85
CA VAL F 144 -17.74 -34.10 14.79
C VAL F 144 -17.23 -34.46 13.39
N ALA F 145 -17.91 -33.92 12.39
CA ALA F 145 -17.59 -34.10 10.98
C ALA F 145 -16.16 -33.63 10.63
N LEU F 146 -15.78 -32.45 11.12
CA LEU F 146 -14.43 -31.94 10.95
C LEU F 146 -13.43 -32.93 11.56
N ILE F 147 -13.75 -33.45 12.76
CA ILE F 147 -12.86 -34.33 13.46
C ILE F 147 -12.58 -35.58 12.63
N PHE F 148 -13.64 -36.16 12.11
CA PHE F 148 -13.57 -37.38 11.31
C PHE F 148 -12.77 -37.11 10.00
N ALA F 149 -12.99 -35.94 9.36
CA ALA F 149 -12.34 -35.60 8.08
C ALA F 149 -10.85 -35.51 8.29
N LEU F 150 -10.46 -34.79 9.33
CA LEU F 150 -9.04 -34.65 9.67
C LEU F 150 -8.43 -36.00 10.06
N ASN F 151 -9.17 -36.80 10.84
CA ASN F 151 -8.66 -38.08 11.29
C ASN F 151 -8.22 -38.97 10.15
N ARG F 152 -9.06 -38.98 9.10
CA ARG F 152 -8.91 -39.90 7.96
C ARG F 152 -8.36 -39.21 6.71
N HIS F 153 -7.94 -37.96 6.86
CA HIS F 153 -7.37 -37.23 5.74
C HIS F 153 -8.29 -37.24 4.51
N LEU F 154 -9.58 -37.03 4.71
CA LEU F 154 -10.52 -37.14 3.61
C LEU F 154 -10.33 -36.11 2.48
N THR F 155 -10.00 -34.87 2.80
CA THR F 155 -9.87 -33.86 1.75
C THR F 155 -8.61 -34.16 0.87
N ASP F 156 -7.49 -34.45 1.52
CA ASP F 156 -6.25 -34.96 0.90
C ASP F 156 -6.56 -36.13 -0.02
N ALA F 157 -7.29 -37.10 0.49
CA ALA F 157 -7.63 -38.31 -0.26
C ALA F 157 -8.51 -38.00 -1.46
N TYR F 158 -9.50 -37.13 -1.25
CA TYR F 158 -10.44 -36.79 -2.31
C TYR F 158 -9.73 -36.24 -3.53
N ILE F 159 -8.87 -35.26 -3.28
CA ILE F 159 -8.13 -34.54 -4.32
C ILE F 159 -7.12 -35.44 -5.08
N ARG F 160 -6.36 -36.26 -4.36
CA ARG F 160 -5.48 -37.22 -4.98
C ARG F 160 -6.22 -38.18 -5.89
N VAL F 161 -7.30 -38.73 -5.36
CA VAL F 161 -8.14 -39.64 -6.12
C VAL F 161 -8.71 -38.93 -7.35
N ARG F 162 -9.06 -37.66 -7.22
CA ARG F 162 -9.58 -36.95 -8.37
C ARG F 162 -8.50 -36.78 -9.45
N MET F 163 -7.26 -36.54 -9.04
CA MET F 163 -6.09 -36.48 -9.92
C MET F 163 -5.66 -37.84 -10.47
N GLY F 164 -6.06 -38.91 -9.80
CA GLY F 164 -5.62 -40.25 -10.19
C GLY F 164 -4.43 -40.80 -9.40
N ASN F 165 -4.16 -40.22 -8.23
CA ASN F 165 -3.23 -40.80 -7.27
C ASN F 165 -4.00 -41.66 -6.30
N TYR F 166 -3.87 -42.96 -6.49
CA TYR F 166 -4.52 -43.96 -5.64
C TYR F 166 -3.54 -44.55 -4.61
N SER F 167 -2.35 -43.97 -4.44
CA SER F 167 -1.41 -44.48 -3.45
C SER F 167 -1.85 -44.12 -2.02
N LEU F 168 -1.37 -44.95 -1.08
CA LEU F 168 -1.76 -44.87 0.32
C LEU F 168 -0.98 -43.89 1.19
N SER F 169 0.32 -43.76 1.03
CA SER F 169 1.10 -42.85 1.86
C SER F 169 0.57 -41.47 1.51
N GLY F 170 0.58 -40.41 2.32
CA GLY F 170 0.67 -40.17 3.75
C GLY F 170 -0.79 -39.89 4.21
N LEU F 171 -1.72 -40.70 3.73
CA LEU F 171 -3.12 -40.70 4.14
C LEU F 171 -3.39 -41.48 5.45
N VAL F 172 -2.36 -41.99 6.15
CA VAL F 172 -2.64 -42.86 7.29
C VAL F 172 -3.39 -42.11 8.41
N GLY F 173 -4.54 -42.64 8.81
CA GLY F 173 -5.37 -41.96 9.77
C GLY F 173 -5.26 -42.46 11.19
N VAL F 174 -6.33 -42.20 11.94
CA VAL F 174 -6.40 -42.50 13.36
C VAL F 174 -7.82 -42.89 13.79
N GLU F 175 -7.87 -43.83 14.74
CA GLU F 175 -9.11 -44.29 15.37
C GLU F 175 -9.56 -43.27 16.38
N MET F 176 -10.87 -43.05 16.45
CA MET F 176 -11.40 -42.18 17.47
C MET F 176 -11.79 -42.89 18.77
N ARG F 177 -11.96 -44.21 18.71
CA ARG F 177 -12.72 -44.85 19.79
C ARG F 177 -12.30 -44.56 21.21
N HIS F 178 -11.07 -44.76 21.61
CA HIS F 178 -10.86 -44.58 23.04
C HIS F 178 -10.27 -43.27 23.43
N LYS F 179 -10.20 -42.36 22.46
CA LYS F 179 -9.60 -41.04 22.63
C LYS F 179 -10.30 -40.13 23.65
N VAL F 180 -9.48 -39.31 24.28
CA VAL F 180 -9.92 -38.34 25.26
C VAL F 180 -10.32 -37.04 24.60
N VAL F 181 -11.57 -36.62 24.85
CA VAL F 181 -12.11 -35.41 24.24
C VAL F 181 -12.61 -34.37 25.24
N GLY F 182 -11.93 -33.20 25.32
CA GLY F 182 -12.44 -32.06 26.06
C GLY F 182 -13.52 -31.25 25.34
N VAL F 183 -14.69 -31.12 25.94
CA VAL F 183 -15.69 -30.19 25.38
C VAL F 183 -15.67 -28.90 26.18
N VAL F 184 -15.33 -27.79 25.54
CA VAL F 184 -15.29 -26.50 26.24
C VAL F 184 -16.57 -25.74 25.92
N GLY F 185 -17.42 -25.68 26.92
CA GLY F 185 -18.76 -25.11 26.94
C GLY F 185 -19.82 -26.18 26.70
N THR F 186 -20.77 -26.23 27.64
CA THR F 186 -21.81 -27.25 27.76
C THR F 186 -23.23 -26.76 27.57
N GLY F 187 -23.37 -25.62 26.91
CA GLY F 187 -24.69 -25.11 26.60
C GLY F 187 -25.34 -26.04 25.58
N ALA F 188 -26.41 -25.57 24.94
CA ALA F 188 -27.23 -26.42 24.09
C ALA F 188 -26.41 -27.22 23.09
N ILE F 189 -25.46 -26.55 22.42
CA ILE F 189 -24.60 -27.20 21.41
C ILE F 189 -23.49 -28.11 22.02
N GLY F 190 -22.76 -27.59 22.99
CA GLY F 190 -21.79 -28.40 23.72
C GLY F 190 -22.46 -29.64 24.31
N GLN F 191 -23.70 -29.51 24.80
CA GLN F 191 -24.35 -30.72 25.26
C GLN F 191 -24.45 -31.81 24.18
N GLN F 192 -24.83 -31.43 22.97
CA GLN F 192 -24.99 -32.39 21.90
C GLN F 192 -23.66 -32.94 21.42
N ALA F 193 -22.64 -32.10 21.47
CA ALA F 193 -21.30 -32.54 21.03
C ALA F 193 -20.79 -33.61 22.01
N ALA F 194 -20.98 -33.33 23.31
CA ALA F 194 -20.64 -34.25 24.40
C ALA F 194 -21.39 -35.55 24.24
N ARG F 195 -22.68 -35.49 23.96
CA ARG F 195 -23.45 -36.71 23.74
C ARG F 195 -22.87 -37.47 22.56
N ILE F 196 -22.75 -36.79 21.43
CA ILE F 196 -22.27 -37.47 20.22
C ILE F 196 -20.90 -38.12 20.41
N LEU F 197 -19.98 -37.41 21.05
CA LEU F 197 -18.64 -37.94 21.20
C LEU F 197 -18.67 -39.15 22.15
N LYS F 198 -19.54 -39.12 23.16
CA LYS F 198 -19.71 -40.30 23.99
C LYS F 198 -20.35 -41.45 23.20
N GLY F 199 -21.32 -41.13 22.34
CA GLY F 199 -21.94 -42.23 21.61
C GLY F 199 -20.91 -42.91 20.72
N ILE F 200 -19.97 -42.14 20.18
CA ILE F 200 -18.94 -42.68 19.29
C ILE F 200 -17.95 -43.57 20.02
N GLY F 201 -17.89 -43.44 21.35
CA GLY F 201 -17.00 -44.24 22.16
C GLY F 201 -15.82 -43.53 22.81
N CYS F 202 -15.73 -42.23 22.68
CA CYS F 202 -14.65 -41.46 23.27
C CYS F 202 -14.77 -41.32 24.79
N LYS F 203 -13.65 -41.00 25.44
CA LYS F 203 -13.69 -40.66 26.85
C LYS F 203 -13.84 -39.15 26.94
N VAL F 204 -15.03 -38.67 27.30
CA VAL F 204 -15.31 -37.24 27.23
C VAL F 204 -15.19 -36.58 28.60
N PHE F 205 -14.55 -35.41 28.59
CA PHE F 205 -14.42 -34.54 29.74
C PHE F 205 -14.93 -33.17 29.32
N ALA F 206 -15.37 -32.37 30.28
CA ALA F 206 -15.94 -31.07 29.96
C ALA F 206 -15.43 -29.97 30.88
N TYR F 207 -15.45 -28.74 30.37
CA TYR F 207 -15.23 -27.57 31.20
C TYR F 207 -16.32 -26.56 30.96
N ASP F 208 -16.88 -26.04 32.05
CA ASP F 208 -17.83 -24.93 32.00
C ASP F 208 -17.92 -24.29 33.37
N ILE F 209 -18.44 -23.07 33.42
CA ILE F 209 -18.63 -22.36 34.69
C ILE F 209 -19.82 -22.92 35.42
N LYS F 210 -20.84 -23.29 34.66
CA LYS F 210 -22.02 -23.94 35.20
C LYS F 210 -22.14 -25.32 34.60
N PRO F 211 -22.01 -26.37 35.41
CA PRO F 211 -22.28 -27.73 34.95
C PRO F 211 -23.70 -27.96 34.41
N ASN F 212 -23.77 -28.70 33.32
CA ASN F 212 -25.02 -29.06 32.67
C ASN F 212 -25.46 -30.43 33.19
N PRO F 213 -26.63 -30.49 33.86
CA PRO F 213 -27.02 -31.77 34.50
C PRO F 213 -27.23 -32.94 33.51
N ALA F 214 -27.58 -32.62 32.28
CA ALA F 214 -27.71 -33.63 31.23
C ALA F 214 -26.35 -34.24 30.83
N VAL F 215 -25.30 -33.47 31.03
CA VAL F 215 -23.95 -33.92 30.73
C VAL F 215 -23.43 -34.78 31.87
N GLU F 216 -23.69 -34.30 33.10
CA GLU F 216 -23.41 -35.06 34.29
C GLU F 216 -24.21 -36.36 34.31
N ALA F 217 -25.44 -36.33 33.79
CA ALA F 217 -26.19 -37.57 33.80
C ALA F 217 -25.63 -38.58 32.82
N MET F 218 -24.74 -38.12 31.94
CA MET F 218 -24.09 -39.05 31.02
C MET F 218 -22.81 -39.49 31.67
N GLY F 219 -22.50 -38.95 32.84
CA GLY F 219 -21.26 -39.34 33.49
C GLY F 219 -20.04 -38.75 32.84
N ILE F 220 -20.19 -37.54 32.32
CA ILE F 220 -19.05 -36.85 31.78
C ILE F 220 -18.60 -35.93 32.90
N PRO F 221 -17.35 -36.08 33.35
CA PRO F 221 -16.91 -35.17 34.41
C PRO F 221 -16.63 -33.72 33.95
N TYR F 222 -16.97 -32.76 34.82
CA TYR F 222 -16.56 -31.38 34.66
C TYR F 222 -15.26 -31.16 35.38
N VAL F 223 -14.27 -30.68 34.65
CA VAL F 223 -12.94 -30.55 35.23
C VAL F 223 -12.45 -29.11 35.05
N SER F 224 -11.29 -28.74 35.58
CA SER F 224 -10.79 -27.37 35.35
C SER F 224 -10.31 -27.23 33.90
N LEU F 225 -10.28 -25.99 33.39
CA LEU F 225 -9.86 -25.78 32.01
C LEU F 225 -8.42 -26.25 31.82
N ASP F 226 -7.53 -25.90 32.74
CA ASP F 226 -6.14 -26.34 32.66
C ASP F 226 -6.00 -27.86 32.61
N GLU F 227 -6.85 -28.55 33.37
CA GLU F 227 -6.83 -30.01 33.35
C GLU F 227 -7.31 -30.55 32.02
N LEU F 228 -8.38 -29.99 31.48
CA LEU F 228 -8.94 -30.48 30.22
C LEU F 228 -7.95 -30.27 29.06
N LEU F 229 -7.29 -29.12 29.03
CA LEU F 229 -6.34 -28.85 27.96
C LEU F 229 -5.18 -29.82 28.05
N ALA F 230 -4.84 -30.20 29.26
CA ALA F 230 -3.69 -31.04 29.52
C ALA F 230 -3.89 -32.49 29.14
N MET F 231 -5.09 -33.01 29.36
CA MET F 231 -5.38 -34.42 29.11
C MET F 231 -5.93 -34.74 27.72
N SER F 232 -6.38 -33.73 26.97
CA SER F 232 -7.19 -33.99 25.76
C SER F 232 -6.41 -34.29 24.48
N ASP F 233 -6.88 -35.30 23.76
CA ASP F 233 -6.43 -35.59 22.39
C ASP F 233 -7.16 -34.69 21.39
N ILE F 234 -8.40 -34.36 21.75
CA ILE F 234 -9.25 -33.52 20.97
C ILE F 234 -9.92 -32.52 21.90
N VAL F 235 -9.83 -31.26 21.54
CA VAL F 235 -10.46 -30.18 22.23
C VAL F 235 -11.43 -29.56 21.26
N THR F 236 -12.69 -29.41 21.67
CA THR F 236 -13.66 -28.79 20.78
C THR F 236 -14.38 -27.65 21.49
N LEU F 237 -14.27 -26.42 20.97
CA LEU F 237 -14.77 -25.23 21.68
C LEU F 237 -16.24 -24.98 21.38
N HIS F 238 -17.08 -25.02 22.41
CA HIS F 238 -18.47 -24.59 22.29
C HIS F 238 -18.94 -23.44 23.13
N CYS F 239 -18.06 -22.80 23.86
CA CYS F 239 -18.47 -21.67 24.69
C CYS F 239 -18.75 -20.43 23.84
N PRO F 240 -19.59 -19.51 24.34
CA PRO F 240 -19.79 -18.22 23.67
C PRO F 240 -18.56 -17.31 23.82
N LEU F 241 -18.48 -16.25 23.03
CA LEU F 241 -17.35 -15.34 23.14
C LEU F 241 -17.68 -14.26 24.15
N LEU F 242 -16.97 -14.32 25.27
CA LEU F 242 -17.10 -13.35 26.35
C LEU F 242 -15.69 -12.89 26.68
N PRO F 243 -15.57 -11.75 27.39
CA PRO F 243 -14.25 -11.25 27.80
C PRO F 243 -13.43 -12.33 28.51
N SER F 244 -14.12 -13.19 29.22
CA SER F 244 -13.48 -14.30 29.92
C SER F 244 -12.98 -15.39 28.98
N THR F 245 -13.64 -15.56 27.84
CA THR F 245 -13.27 -16.59 26.86
C THR F 245 -12.42 -16.11 25.66
N ARG F 246 -12.18 -14.81 25.57
CA ARG F 246 -11.50 -14.28 24.41
C ARG F 246 -10.04 -14.71 24.37
N GLN F 247 -9.65 -15.28 23.24
CA GLN F 247 -8.30 -15.81 23.04
C GLN F 247 -8.00 -16.81 24.17
N LEU F 248 -9.03 -17.57 24.49
CA LEU F 248 -8.96 -18.76 25.32
C LEU F 248 -7.77 -19.63 24.84
N ILE F 249 -7.72 -19.89 23.55
CA ILE F 249 -6.55 -20.52 22.96
C ILE F 249 -5.57 -19.42 22.58
N ASN F 250 -4.39 -19.42 23.21
CA ASN F 250 -3.37 -18.44 22.86
C ASN F 250 -1.97 -19.05 22.99
N LYS F 251 -0.93 -18.23 22.91
CA LYS F 251 0.43 -18.77 22.93
C LYS F 251 0.72 -19.58 24.20
N GLU F 252 0.25 -19.06 25.32
CA GLU F 252 0.48 -19.67 26.62
C GLU F 252 -0.36 -20.91 26.88
N SER F 253 -1.67 -20.83 26.62
CA SER F 253 -2.52 -21.99 26.90
C SER F 253 -2.18 -23.14 25.98
N ILE F 254 -1.67 -22.83 24.78
CA ILE F 254 -1.33 -23.86 23.80
C ILE F 254 -0.21 -24.78 24.30
N GLN F 255 0.74 -24.24 25.06
CA GLN F 255 1.79 -25.09 25.62
C GLN F 255 1.26 -25.92 26.81
N LYS F 256 0.09 -25.59 27.32
CA LYS F 256 -0.51 -26.37 28.40
C LYS F 256 -1.15 -27.62 27.80
N MET F 257 -1.34 -27.62 26.48
CA MET F 257 -2.02 -28.75 25.84
C MET F 257 -1.14 -29.96 25.64
N LYS F 258 -1.76 -31.02 25.13
CA LYS F 258 -1.08 -32.28 24.88
C LYS F 258 -0.57 -32.30 23.44
N LYS F 259 0.74 -32.54 23.28
CA LYS F 259 1.37 -32.48 21.97
C LYS F 259 0.64 -33.38 20.98
N GLY F 260 0.21 -32.81 19.86
CA GLY F 260 -0.52 -33.56 18.86
C GLY F 260 -2.01 -33.37 18.94
N VAL F 261 -2.47 -32.46 19.78
CA VAL F 261 -3.89 -32.24 19.97
C VAL F 261 -4.60 -31.74 18.72
N MET F 262 -5.80 -32.26 18.50
CA MET F 262 -6.69 -31.80 17.46
C MET F 262 -7.60 -30.74 18.06
N LEU F 263 -7.53 -29.53 17.53
CA LEU F 263 -8.32 -28.42 18.03
C LEU F 263 -9.40 -28.14 17.03
N ILE F 264 -10.63 -28.07 17.53
CA ILE F 264 -11.81 -27.81 16.71
C ILE F 264 -12.51 -26.58 17.23
N ASN F 265 -12.72 -25.60 16.35
CA ASN F 265 -13.53 -24.44 16.72
C ASN F 265 -14.63 -24.12 15.70
N VAL F 266 -15.83 -24.47 16.09
CA VAL F 266 -17.09 -24.25 15.41
C VAL F 266 -17.92 -23.14 16.08
N SER F 267 -17.39 -22.48 17.10
CA SER F 267 -18.17 -21.45 17.79
C SER F 267 -17.91 -20.05 17.34
N ARG F 268 -16.77 -19.52 17.77
CA ARG F 268 -16.45 -18.12 17.54
C ARG F 268 -14.96 -17.94 17.32
N GLY F 269 -14.59 -17.14 16.32
CA GLY F 269 -13.19 -16.89 16.02
C GLY F 269 -12.38 -16.22 17.15
N GLY F 270 -13.03 -15.41 17.97
CA GLY F 270 -12.33 -14.77 19.08
C GLY F 270 -11.77 -15.72 20.13
N LEU F 271 -12.27 -16.95 20.18
CA LEU F 271 -11.75 -17.90 21.16
C LEU F 271 -10.29 -18.28 20.85
N ILE F 272 -9.86 -18.07 19.60
CA ILE F 272 -8.50 -18.45 19.21
C ILE F 272 -7.70 -17.25 18.73
N ASP F 273 -6.48 -17.14 19.22
CA ASP F 273 -5.56 -16.09 18.77
C ASP F 273 -4.77 -16.71 17.64
N SER F 274 -5.16 -16.33 16.44
CA SER F 274 -4.76 -17.07 15.27
C SER F 274 -3.28 -16.99 14.98
N ALA F 275 -2.65 -15.86 15.33
CA ALA F 275 -1.21 -15.70 15.15
C ALA F 275 -0.43 -16.83 15.81
N ALA F 276 -0.93 -17.29 16.95
CA ALA F 276 -0.21 -18.28 17.72
C ALA F 276 -0.29 -19.69 17.09
N LEU F 277 -1.16 -19.86 16.10
CA LEU F 277 -1.39 -21.18 15.53
C LEU F 277 -0.21 -21.71 14.72
N PHE F 278 0.48 -20.81 14.03
CA PHE F 278 1.52 -21.21 13.09
C PHE F 278 2.73 -21.84 13.77
N ASP F 279 3.27 -21.18 14.80
CA ASP F 279 4.40 -21.78 15.52
C ASP F 279 4.04 -23.14 16.08
N ALA F 280 2.79 -23.24 16.57
CA ALA F 280 2.28 -24.44 17.27
C ALA F 280 2.00 -25.58 16.30
N LEU F 281 1.49 -25.24 15.12
CA LEU F 281 1.32 -26.22 14.06
C LEU F 281 2.67 -26.76 13.61
N GLU F 282 3.61 -25.83 13.48
CA GLU F 282 4.91 -26.16 12.96
C GLU F 282 5.75 -26.85 14.02
N SER F 283 5.44 -26.61 15.30
CA SER F 283 6.19 -27.25 16.38
C SER F 283 5.67 -28.64 16.63
N GLY F 284 4.50 -28.92 16.09
CA GLY F 284 3.84 -30.20 16.30
C GLY F 284 2.98 -30.19 17.56
N GLN F 285 2.98 -29.07 18.28
CA GLN F 285 2.18 -28.87 19.49
C GLN F 285 0.68 -28.99 19.20
N ILE F 286 0.17 -28.24 18.21
CA ILE F 286 -1.17 -28.52 17.72
C ILE F 286 -1.03 -29.48 16.54
N GLY F 287 -1.60 -30.67 16.65
CA GLY F 287 -1.49 -31.67 15.60
C GLY F 287 -2.46 -31.52 14.45
N ALA F 288 -3.61 -30.91 14.71
CA ALA F 288 -4.56 -30.69 13.65
C ALA F 288 -5.58 -29.60 14.07
N LEU F 289 -6.18 -28.92 13.08
CA LEU F 289 -7.10 -27.84 13.35
C LEU F 289 -8.28 -27.87 12.39
N GLY F 290 -9.50 -28.06 12.88
CA GLY F 290 -10.67 -27.75 12.10
C GLY F 290 -11.36 -26.52 12.64
N LEU F 291 -11.82 -25.67 11.73
CA LEU F 291 -12.41 -24.38 12.02
C LEU F 291 -13.58 -24.19 11.11
N ASP F 292 -14.71 -23.78 11.67
CA ASP F 292 -15.82 -23.26 10.89
C ASP F 292 -15.89 -21.73 10.99
N VAL F 293 -14.98 -21.17 11.78
CA VAL F 293 -15.04 -19.74 12.17
C VAL F 293 -13.62 -19.24 12.31
N TYR F 294 -13.45 -17.95 12.11
CA TYR F 294 -12.14 -17.32 12.17
C TYR F 294 -12.32 -15.91 12.71
N GLU F 295 -11.35 -15.42 13.46
CA GLU F 295 -11.53 -14.19 14.25
C GLU F 295 -11.96 -13.00 13.40
N ASN F 296 -11.35 -12.82 12.23
CA ASN F 296 -11.84 -11.83 11.29
C ASN F 296 -12.49 -12.48 10.09
N GLU F 297 -13.79 -12.73 10.18
CA GLU F 297 -14.52 -13.25 9.04
C GLU F 297 -15.46 -12.20 8.42
N GLY F 298 -15.56 -11.03 9.08
CA GLY F 298 -16.41 -9.96 8.61
C GLY F 298 -15.90 -9.34 7.32
N GLY F 299 -16.71 -9.39 6.26
CA GLY F 299 -16.26 -8.90 4.98
C GLY F 299 -15.43 -9.91 4.23
N LEU F 300 -14.99 -10.95 4.96
CA LEU F 300 -14.23 -12.07 4.42
C LEU F 300 -15.17 -13.22 4.07
N PHE F 301 -15.87 -13.73 5.08
CA PHE F 301 -16.82 -14.85 4.94
C PHE F 301 -18.13 -14.44 4.26
N PHE F 302 -18.83 -15.41 3.69
CA PHE F 302 -20.07 -15.16 2.97
C PHE F 302 -19.83 -14.28 1.73
N VAL F 303 -18.59 -14.27 1.28
CA VAL F 303 -18.20 -13.58 0.07
C VAL F 303 -17.46 -14.58 -0.79
N ASP F 304 -17.75 -14.59 -2.09
CA ASP F 304 -16.93 -15.36 -3.00
C ASP F 304 -15.96 -14.38 -3.64
N HIS F 305 -14.72 -14.42 -3.20
CA HIS F 305 -13.72 -13.47 -3.65
C HIS F 305 -13.15 -13.82 -5.03
N THR F 306 -13.45 -15.02 -5.50
CA THR F 306 -12.93 -15.48 -6.77
C THR F 306 -13.62 -14.74 -7.95
N LYS F 307 -14.74 -14.08 -7.71
CA LYS F 307 -15.39 -13.39 -8.83
C LYS F 307 -14.67 -12.07 -9.12
N PHE F 308 -13.77 -11.66 -8.23
CA PHE F 308 -13.02 -10.43 -8.36
C PHE F 308 -11.64 -10.64 -8.97
N ASP F 309 -11.19 -9.63 -9.73
CA ASP F 309 -9.81 -9.54 -10.16
C ASP F 309 -8.82 -9.53 -8.98
N PRO F 310 -7.68 -10.23 -9.10
CA PRO F 310 -6.70 -10.31 -8.00
C PRO F 310 -6.24 -8.95 -7.45
N SER F 311 -6.18 -7.94 -8.31
CA SER F 311 -5.78 -6.60 -7.87
C SER F 311 -6.82 -6.04 -6.92
N VAL F 312 -8.08 -6.41 -7.15
CA VAL F 312 -9.14 -6.03 -6.25
C VAL F 312 -9.09 -6.91 -4.98
N ARG F 313 -8.81 -8.20 -5.16
CA ARG F 313 -8.66 -9.11 -4.01
C ARG F 313 -7.46 -8.73 -3.14
N MET F 314 -6.41 -8.19 -3.74
CA MET F 314 -5.27 -7.81 -2.94
C MET F 314 -5.70 -6.73 -1.93
N GLN F 315 -6.85 -6.10 -2.15
CA GLN F 315 -7.33 -4.99 -1.31
C GLN F 315 -7.85 -5.47 0.03
N LYS F 316 -8.63 -6.55 0.08
CA LYS F 316 -9.04 -7.11 1.37
C LYS F 316 -8.16 -8.29 1.87
N TRP F 317 -7.04 -8.54 1.23
CA TRP F 317 -6.25 -9.77 1.46
C TRP F 317 -5.84 -10.08 2.91
N ASP F 318 -6.19 -11.27 3.36
CA ASP F 318 -5.79 -11.66 4.72
C ASP F 318 -4.66 -12.67 4.63
N ARG F 319 -3.44 -12.18 4.87
CA ARG F 319 -2.25 -12.98 4.65
C ARG F 319 -2.15 -14.11 5.71
N GLN F 320 -2.46 -13.81 6.97
CA GLN F 320 -2.32 -14.84 8.01
C GLN F 320 -3.38 -15.93 7.85
N PHE F 321 -4.60 -15.57 7.42
CA PHE F 321 -5.59 -16.59 7.08
C PHE F 321 -5.16 -17.45 5.89
N ARG F 322 -4.75 -16.82 4.79
CA ARG F 322 -4.35 -17.57 3.59
C ARG F 322 -3.16 -18.49 3.88
N THR F 323 -2.23 -18.05 4.72
CA THR F 323 -1.12 -18.93 5.14
C THR F 323 -1.70 -20.15 5.88
N LEU F 324 -2.64 -19.89 6.79
CA LEU F 324 -3.25 -20.93 7.61
C LEU F 324 -3.85 -22.05 6.75
N LEU F 325 -4.47 -21.68 5.63
CA LEU F 325 -5.04 -22.66 4.69
C LEU F 325 -3.94 -23.49 4.05
N SER F 326 -2.70 -23.06 4.18
CA SER F 326 -1.58 -23.76 3.56
C SER F 326 -1.26 -25.12 4.21
N TYR F 327 -1.62 -25.30 5.49
CA TYR F 327 -1.19 -26.51 6.20
C TYR F 327 -2.06 -27.74 5.87
N PRO F 328 -1.43 -28.91 5.67
CA PRO F 328 -2.15 -30.14 5.30
C PRO F 328 -3.04 -30.69 6.43
N GLN F 329 -2.70 -30.38 7.68
CA GLN F 329 -3.46 -30.86 8.84
C GLN F 329 -4.54 -29.81 9.28
N VAL F 330 -4.76 -28.77 8.47
CA VAL F 330 -5.78 -27.76 8.75
C VAL F 330 -6.99 -27.88 7.83
N LEU F 331 -8.18 -27.75 8.40
CA LEU F 331 -9.37 -27.91 7.59
C LEU F 331 -10.34 -26.82 7.99
N VAL F 332 -10.76 -25.99 7.04
CA VAL F 332 -11.58 -24.84 7.34
C VAL F 332 -12.81 -24.87 6.46
N THR F 333 -13.99 -24.75 7.06
CA THR F 333 -15.23 -24.60 6.31
C THR F 333 -15.73 -23.16 6.51
N PRO F 334 -16.50 -22.64 5.53
CA PRO F 334 -16.89 -21.23 5.57
C PRO F 334 -18.18 -20.99 6.39
N HIS F 335 -18.11 -21.13 7.71
CA HIS F 335 -19.23 -20.91 8.63
C HIS F 335 -20.48 -21.67 8.22
N THR F 336 -20.33 -22.96 7.90
CA THR F 336 -21.46 -23.81 7.53
C THR F 336 -21.96 -24.74 8.66
N ALA F 337 -21.43 -24.61 9.86
CA ALA F 337 -21.86 -25.53 10.91
C ALA F 337 -23.37 -25.51 11.10
N PHE F 338 -23.99 -24.33 10.89
CA PHE F 338 -25.43 -24.17 11.10
C PHE F 338 -26.24 -24.57 9.90
N LEU F 339 -25.54 -24.80 8.79
CA LEU F 339 -26.19 -24.84 7.49
C LEU F 339 -26.62 -26.25 7.10
N THR F 340 -27.90 -26.50 7.31
CA THR F 340 -28.52 -27.81 7.29
C THR F 340 -29.99 -27.68 6.87
N GLU F 341 -30.57 -28.68 6.24
CA GLU F 341 -32.01 -28.71 5.97
C GLU F 341 -32.79 -28.36 7.23
N GLU F 342 -32.59 -29.20 8.23
CA GLU F 342 -33.30 -29.10 9.49
C GLU F 342 -33.12 -27.71 10.11
N ALA F 343 -31.89 -27.22 10.15
CA ALA F 343 -31.66 -25.90 10.74
C ALA F 343 -32.31 -24.79 9.92
N LEU F 344 -32.24 -24.90 8.60
CA LEU F 344 -32.85 -23.89 7.76
C LEU F 344 -34.38 -23.92 7.95
N ASN F 345 -34.98 -25.10 8.16
CA ASN F 345 -36.40 -25.18 8.44
C ASN F 345 -36.76 -24.41 9.71
N ASN F 346 -36.04 -24.69 10.80
CA ASN F 346 -36.23 -24.00 12.08
C ASN F 346 -36.16 -22.50 11.93
N ILE F 347 -35.11 -22.05 11.26
CA ILE F 347 -34.92 -20.63 11.02
C ILE F 347 -36.10 -20.09 10.22
N CYS F 348 -36.56 -20.85 9.22
CA CYS F 348 -37.65 -20.40 8.37
C CYS F 348 -38.95 -20.21 9.16
N THR F 349 -39.36 -21.27 9.85
CA THR F 349 -40.64 -21.24 10.57
C THR F 349 -40.61 -20.24 11.72
N THR F 350 -39.47 -20.09 12.37
CA THR F 350 -39.33 -19.10 13.44
C THR F 350 -39.40 -17.70 12.87
N THR F 351 -38.91 -17.54 11.64
CA THR F 351 -38.96 -16.25 10.98
C THR F 351 -40.38 -15.90 10.59
N ILE F 352 -41.14 -16.90 10.17
CA ILE F 352 -42.51 -16.65 9.74
C ILE F 352 -43.40 -16.44 10.95
N GLN F 353 -43.18 -17.22 12.01
CA GLN F 353 -43.96 -17.02 13.23
C GLN F 353 -43.61 -15.64 13.82
N ASN F 354 -42.35 -15.22 13.67
CA ASN F 354 -41.95 -13.89 14.12
C ASN F 354 -42.73 -12.78 13.43
N ILE F 355 -42.88 -12.91 12.11
CA ILE F 355 -43.63 -11.96 11.31
C ILE F 355 -45.10 -11.93 11.73
N ALA F 356 -45.67 -13.11 11.92
CA ALA F 356 -47.08 -13.26 12.25
C ALA F 356 -47.40 -12.60 13.60
N ASP F 357 -46.54 -12.88 14.58
CA ASP F 357 -46.64 -12.33 15.90
C ASP F 357 -46.55 -10.80 15.87
N TYR F 358 -45.59 -10.27 15.12
CA TYR F 358 -45.55 -8.82 14.96
C TYR F 358 -46.83 -8.27 14.34
N VAL F 359 -47.24 -8.80 13.20
CA VAL F 359 -48.42 -8.30 12.51
C VAL F 359 -49.66 -8.45 13.40
N LEU F 360 -49.72 -9.53 14.18
CA LEU F 360 -50.89 -9.78 15.01
C LEU F 360 -50.76 -9.14 16.39
N ASP F 361 -49.69 -8.38 16.60
CA ASP F 361 -49.54 -7.61 17.84
C ASP F 361 -49.40 -8.52 19.05
N ARG F 362 -48.95 -9.76 18.84
CA ARG F 362 -48.72 -10.68 19.94
C ARG F 362 -47.39 -10.37 20.63
N PRO F 363 -47.17 -10.96 21.81
CA PRO F 363 -45.85 -10.77 22.41
C PRO F 363 -44.77 -11.51 21.59
N LEU F 364 -43.67 -10.82 21.29
CA LEU F 364 -42.67 -11.36 20.40
C LEU F 364 -41.73 -12.35 21.08
N GLY F 365 -40.87 -11.81 21.95
CA GLY F 365 -39.92 -12.63 22.69
C GLY F 365 -38.61 -12.88 21.97
N ASN F 366 -38.63 -12.77 20.65
CA ASN F 366 -37.42 -12.86 19.85
C ASN F 366 -36.91 -11.46 19.51
N GLU F 367 -37.53 -10.47 20.15
CA GLU F 367 -37.25 -9.04 19.96
C GLU F 367 -35.92 -8.43 20.45
N VAL F 368 -35.04 -9.22 21.07
CA VAL F 368 -33.73 -8.69 21.45
C VAL F 368 -32.74 -8.84 20.29
N PRO G 26 -21.86 17.05 -29.61
CA PRO G 26 -22.39 18.40 -29.40
C PRO G 26 -23.67 18.39 -28.57
N GLN G 27 -24.68 19.15 -29.01
CA GLN G 27 -25.99 19.12 -28.36
C GLN G 27 -26.59 17.71 -28.33
N GLU G 28 -26.05 16.82 -29.17
CA GLU G 28 -26.48 15.43 -29.21
C GLU G 28 -26.14 14.60 -27.99
N ALA G 29 -25.20 15.08 -27.18
CA ALA G 29 -24.84 14.33 -25.99
C ALA G 29 -25.95 14.37 -24.95
N ALA G 30 -26.71 15.46 -24.94
CA ALA G 30 -27.82 15.53 -23.99
C ALA G 30 -28.93 14.60 -24.45
N LYS G 31 -29.09 14.48 -25.77
CA LYS G 31 -30.11 13.62 -26.35
C LYS G 31 -29.71 12.17 -26.15
N VAL G 32 -28.44 11.88 -26.35
CA VAL G 32 -27.97 10.53 -26.14
C VAL G 32 -28.15 10.22 -24.66
N ALA G 33 -27.87 11.21 -23.81
CA ALA G 33 -27.95 11.07 -22.36
C ALA G 33 -29.32 10.69 -21.83
N THR G 34 -30.36 11.13 -22.53
CA THR G 34 -31.72 10.85 -22.10
C THR G 34 -32.07 9.42 -22.44
N THR G 35 -31.20 8.76 -23.20
CA THR G 35 -31.44 7.37 -23.49
C THR G 35 -31.45 6.57 -22.20
N ARG G 36 -32.43 5.68 -22.10
CA ARG G 36 -32.61 4.85 -20.93
C ARG G 36 -32.15 3.43 -21.27
N CYS G 37 -31.09 2.99 -20.60
CA CYS G 37 -30.45 1.68 -20.86
C CYS G 37 -30.47 0.75 -19.63
N ILE G 38 -30.98 -0.45 -19.85
CA ILE G 38 -30.91 -1.58 -18.91
C ILE G 38 -29.97 -2.68 -19.43
N CYS G 39 -29.14 -3.25 -18.55
CA CYS G 39 -28.24 -4.36 -18.95
C CYS G 39 -28.55 -5.66 -18.19
N TYR G 40 -28.94 -6.70 -18.94
CA TYR G 40 -29.18 -8.02 -18.36
C TYR G 40 -27.89 -8.81 -18.15
N SER G 41 -27.94 -9.73 -17.21
CA SER G 41 -26.80 -10.60 -16.92
C SER G 41 -25.54 -9.84 -16.52
N THR G 42 -25.69 -8.90 -15.59
CA THR G 42 -24.53 -8.13 -15.17
C THR G 42 -23.90 -8.83 -14.00
N THR G 43 -22.77 -9.47 -14.28
CA THR G 43 -22.01 -10.16 -13.26
C THR G 43 -20.88 -9.22 -12.88
N GLN G 44 -19.96 -9.67 -12.05
CA GLN G 44 -18.94 -8.77 -11.55
C GLN G 44 -18.13 -8.14 -12.68
N TYR G 45 -17.74 -8.95 -13.66
CA TYR G 45 -16.83 -8.49 -14.70
C TYR G 45 -17.59 -7.50 -15.62
N VAL G 46 -18.91 -7.66 -15.77
CA VAL G 46 -19.70 -6.72 -16.55
C VAL G 46 -19.78 -5.35 -15.84
N LYS G 47 -19.89 -5.41 -14.51
CA LYS G 47 -19.86 -4.19 -13.72
C LYS G 47 -18.52 -3.45 -13.93
N ASP G 48 -17.41 -4.17 -13.82
CA ASP G 48 -16.08 -3.58 -13.94
C ASP G 48 -15.85 -2.90 -15.29
N PHE G 49 -16.06 -3.64 -16.38
CA PHE G 49 -15.67 -3.11 -17.67
C PHE G 49 -16.74 -2.20 -18.28
N LEU G 50 -18.01 -2.41 -17.95
CA LEU G 50 -19.10 -1.78 -18.70
C LEU G 50 -19.80 -0.60 -17.99
N ALA G 51 -20.35 -0.84 -16.80
CA ALA G 51 -21.19 0.14 -16.07
C ALA G 51 -20.61 1.56 -15.95
N GLY G 52 -19.30 1.67 -15.69
CA GLY G 52 -18.63 2.95 -15.56
C GLY G 52 -18.65 3.79 -16.83
N PRO G 53 -18.16 3.21 -17.94
CA PRO G 53 -18.21 3.90 -19.25
C PRO G 53 -19.65 4.34 -19.66
N MET G 54 -20.65 3.57 -19.23
CA MET G 54 -22.06 3.81 -19.56
C MET G 54 -22.66 5.02 -18.82
N GLN G 55 -22.22 5.24 -17.58
CA GLN G 55 -22.72 6.33 -16.76
C GLN G 55 -21.99 7.61 -17.12
N LYS G 56 -20.99 7.45 -18.00
CA LYS G 56 -20.28 8.53 -18.67
C LYS G 56 -21.18 9.18 -19.71
N VAL G 57 -22.02 8.36 -20.32
CA VAL G 57 -22.90 8.80 -21.39
C VAL G 57 -24.34 8.90 -20.92
N PHE G 58 -24.88 7.76 -20.50
CA PHE G 58 -26.29 7.66 -20.16
C PHE G 58 -26.56 7.94 -18.69
N THR G 59 -27.51 8.85 -18.48
CA THR G 59 -27.85 9.39 -17.18
C THR G 59 -28.49 8.32 -16.26
N ASP G 60 -29.36 7.49 -16.83
CA ASP G 60 -30.06 6.43 -16.10
C ASP G 60 -29.70 5.11 -16.72
N THR G 61 -29.00 4.30 -15.95
CA THR G 61 -28.60 3.00 -16.45
C THR G 61 -28.84 1.92 -15.42
N TYR G 62 -29.71 0.99 -15.78
CA TYR G 62 -30.17 -0.08 -14.89
C TYR G 62 -29.46 -1.41 -15.14
N PHE G 63 -28.74 -1.90 -14.14
CA PHE G 63 -28.03 -3.18 -14.32
C PHE G 63 -28.67 -4.34 -13.58
N VAL G 64 -29.19 -5.28 -14.35
CA VAL G 64 -29.83 -6.50 -13.84
C VAL G 64 -28.91 -7.76 -13.82
N GLU G 65 -28.75 -8.38 -12.65
CA GLU G 65 -27.90 -9.56 -12.55
C GLU G 65 -28.51 -10.76 -13.30
N PRO G 66 -29.82 -11.01 -13.14
CA PRO G 66 -30.38 -12.16 -13.88
C PRO G 66 -30.40 -11.96 -15.40
N PRO G 67 -30.32 -13.06 -16.15
CA PRO G 67 -30.38 -13.12 -17.62
C PRO G 67 -31.76 -12.78 -18.20
N LEU G 68 -31.87 -12.78 -19.52
CA LEU G 68 -33.13 -12.47 -20.21
C LEU G 68 -33.89 -13.72 -20.68
N ASP G 69 -35.16 -13.83 -20.29
CA ASP G 69 -36.02 -14.90 -20.78
C ASP G 69 -37.43 -14.35 -20.96
N LYS G 70 -38.45 -15.20 -21.02
CA LYS G 70 -39.81 -14.67 -21.21
C LYS G 70 -40.21 -14.12 -19.85
N ASP G 71 -39.90 -14.88 -18.80
CA ASP G 71 -40.24 -14.50 -17.44
C ASP G 71 -39.60 -13.17 -16.98
N THR G 72 -38.38 -12.87 -17.42
CA THR G 72 -37.80 -11.56 -17.11
C THR G 72 -37.73 -10.66 -18.38
N ALA G 73 -38.70 -9.76 -18.49
CA ALA G 73 -38.81 -8.83 -19.61
C ALA G 73 -39.20 -7.47 -19.05
N GLN G 74 -40.22 -7.52 -18.21
CA GLN G 74 -40.84 -6.38 -17.53
C GLN G 74 -39.92 -5.61 -16.59
N LEU G 75 -38.72 -6.11 -16.33
CA LEU G 75 -37.73 -5.40 -15.52
C LEU G 75 -37.28 -4.20 -16.37
N ALA G 76 -37.62 -4.29 -17.65
CA ALA G 76 -37.22 -3.34 -18.68
C ALA G 76 -38.23 -2.20 -18.96
N ARG G 77 -39.31 -2.08 -18.18
CA ARG G 77 -40.32 -1.03 -18.44
C ARG G 77 -39.80 0.42 -18.39
N GLY G 78 -39.99 1.12 -19.51
CA GLY G 78 -39.64 2.51 -19.62
C GLY G 78 -38.31 2.73 -20.31
N TYR G 79 -37.48 1.69 -20.30
CA TYR G 79 -36.14 1.79 -20.84
C TYR G 79 -36.20 1.63 -22.34
N ASP G 80 -35.30 2.33 -22.99
CA ASP G 80 -35.31 2.38 -24.43
C ASP G 80 -34.52 1.22 -25.07
N VAL G 81 -33.42 0.85 -24.43
CA VAL G 81 -32.55 -0.18 -24.98
C VAL G 81 -32.09 -1.18 -23.92
N ALA G 82 -32.13 -2.46 -24.29
CA ALA G 82 -31.66 -3.56 -23.46
C ALA G 82 -30.34 -4.08 -24.00
N VAL G 83 -29.29 -4.05 -23.19
CA VAL G 83 -27.99 -4.61 -23.58
C VAL G 83 -27.78 -6.03 -23.07
N LEU G 84 -27.51 -6.95 -24.00
CA LEU G 84 -27.57 -8.37 -23.71
C LEU G 84 -26.34 -9.15 -24.09
N PHE G 85 -26.31 -10.36 -23.57
CA PHE G 85 -25.19 -11.26 -23.72
C PHE G 85 -25.68 -12.59 -24.25
N VAL G 86 -24.74 -13.45 -24.64
CA VAL G 86 -25.09 -14.71 -25.27
C VAL G 86 -25.93 -15.57 -24.33
N ASN G 87 -25.69 -15.50 -23.03
CA ASN G 87 -26.47 -16.40 -22.17
C ASN G 87 -27.93 -15.96 -22.05
N ASP G 88 -28.25 -14.78 -22.58
CA ASP G 88 -29.63 -14.31 -22.59
C ASP G 88 -30.41 -14.97 -23.74
N ARG G 89 -31.67 -15.36 -23.50
CA ARG G 89 -32.42 -15.99 -24.58
C ARG G 89 -33.24 -14.85 -25.20
N ALA G 90 -33.09 -14.61 -26.51
CA ALA G 90 -34.05 -13.77 -27.22
C ALA G 90 -34.72 -14.57 -28.33
N ASP G 91 -35.88 -15.10 -27.98
CA ASP G 91 -36.80 -15.77 -28.87
C ASP G 91 -37.91 -14.83 -29.27
N ALA G 92 -38.88 -15.36 -30.01
CA ALA G 92 -40.03 -14.57 -30.39
C ALA G 92 -40.84 -14.26 -29.13
N SER G 93 -40.77 -15.16 -28.14
CA SER G 93 -41.55 -15.00 -26.92
C SER G 93 -40.88 -14.00 -25.95
N VAL G 94 -39.56 -13.92 -25.86
CA VAL G 94 -39.00 -12.91 -24.94
C VAL G 94 -39.04 -11.52 -25.56
N ILE G 95 -39.03 -11.48 -26.90
CA ILE G 95 -39.11 -10.24 -27.66
C ILE G 95 -40.48 -9.56 -27.55
N LYS G 96 -41.51 -10.34 -27.24
CA LYS G 96 -42.88 -9.84 -27.27
C LYS G 96 -43.18 -8.83 -26.15
N GLU G 97 -42.74 -9.12 -24.93
CA GLU G 97 -42.96 -8.18 -23.83
C GLU G 97 -41.86 -7.13 -23.64
N LEU G 98 -40.71 -7.34 -24.27
CA LEU G 98 -39.71 -6.29 -24.31
C LEU G 98 -40.29 -5.13 -25.11
N ALA G 99 -41.07 -5.47 -26.13
CA ALA G 99 -41.72 -4.45 -26.93
C ALA G 99 -42.65 -3.60 -26.08
N LYS G 100 -43.48 -4.23 -25.25
CA LYS G 100 -44.40 -3.46 -24.41
C LYS G 100 -43.73 -2.83 -23.17
N ALA G 101 -42.56 -3.33 -22.78
CA ALA G 101 -41.78 -2.68 -21.74
C ALA G 101 -41.27 -1.31 -22.23
N GLY G 102 -41.18 -1.18 -23.54
CA GLY G 102 -40.77 0.05 -24.20
C GLY G 102 -39.41 0.07 -24.90
N VAL G 103 -38.58 -0.95 -24.70
CA VAL G 103 -37.29 -0.99 -25.39
C VAL G 103 -37.52 -1.38 -26.85
N LYS G 104 -37.09 -0.51 -27.75
CA LYS G 104 -37.14 -0.78 -29.18
C LYS G 104 -35.79 -1.22 -29.70
N LEU G 105 -34.81 -1.33 -28.82
CA LEU G 105 -33.46 -1.73 -29.24
C LEU G 105 -32.78 -2.70 -28.29
N ILE G 106 -32.17 -3.74 -28.86
CA ILE G 106 -31.32 -4.66 -28.12
C ILE G 106 -29.86 -4.50 -28.56
N ALA G 107 -28.97 -4.29 -27.59
CA ALA G 107 -27.53 -4.16 -27.86
C ALA G 107 -26.75 -5.34 -27.30
N LEU G 108 -26.09 -6.11 -28.18
CA LEU G 108 -25.31 -7.24 -27.72
C LEU G 108 -23.88 -6.82 -27.34
N ARG G 109 -23.42 -7.26 -26.17
CA ARG G 109 -22.08 -6.94 -25.71
C ARG G 109 -21.11 -7.94 -26.29
N CYS G 110 -21.59 -8.72 -27.24
CA CYS G 110 -20.78 -9.80 -27.80
C CYS G 110 -21.01 -9.96 -29.29
N ALA G 111 -20.26 -10.87 -29.90
CA ALA G 111 -20.51 -11.19 -31.30
C ALA G 111 -21.14 -12.55 -31.49
N GLY G 112 -22.45 -12.55 -31.70
CA GLY G 112 -23.21 -13.69 -32.15
C GLY G 112 -24.61 -13.23 -31.93
N PHE G 113 -25.49 -13.40 -32.92
CA PHE G 113 -26.91 -13.16 -32.70
C PHE G 113 -27.79 -14.41 -32.70
N ASP G 114 -27.21 -15.61 -32.87
CA ASP G 114 -27.99 -16.81 -33.15
C ASP G 114 -29.20 -16.99 -32.26
N ARG G 115 -29.07 -16.65 -30.99
CA ARG G 115 -30.14 -16.94 -30.08
C ARG G 115 -31.32 -15.96 -30.20
N VAL G 116 -31.12 -14.78 -30.81
CA VAL G 116 -32.25 -13.89 -31.13
C VAL G 116 -32.82 -14.08 -32.55
N ASP G 117 -34.14 -13.93 -32.68
CA ASP G 117 -34.80 -13.95 -33.99
C ASP G 117 -35.08 -12.53 -34.51
N LEU G 118 -34.76 -12.29 -35.78
CA LEU G 118 -34.94 -10.98 -36.40
C LEU G 118 -36.37 -10.84 -36.88
N HIS G 119 -37.07 -11.97 -36.93
CA HIS G 119 -38.47 -11.99 -37.34
C HIS G 119 -39.39 -11.55 -36.21
N ALA G 120 -38.97 -11.77 -34.96
CA ALA G 120 -39.73 -11.30 -33.81
C ALA G 120 -39.47 -9.81 -33.60
N CYS G 121 -38.24 -9.40 -33.90
CA CYS G 121 -37.84 -8.00 -33.80
C CYS G 121 -38.49 -7.19 -34.92
N ALA G 122 -38.65 -7.83 -36.08
CA ALA G 122 -39.31 -7.19 -37.21
C ALA G 122 -40.75 -6.85 -36.86
N GLU G 123 -41.40 -7.73 -36.11
CA GLU G 123 -42.81 -7.58 -35.79
C GLU G 123 -43.09 -6.53 -34.71
N HIS G 124 -42.17 -6.38 -33.77
CA HIS G 124 -42.34 -5.45 -32.65
C HIS G 124 -41.59 -4.12 -32.78
N GLY G 125 -40.90 -3.92 -33.90
CA GLY G 125 -40.29 -2.62 -34.14
C GLY G 125 -38.97 -2.48 -33.41
N VAL G 126 -38.49 -3.60 -32.86
CA VAL G 126 -37.23 -3.64 -32.13
C VAL G 126 -36.07 -3.95 -33.09
N ARG G 127 -35.00 -3.18 -32.98
CA ARG G 127 -33.84 -3.26 -33.86
C ARG G 127 -32.65 -3.94 -33.17
N VAL G 128 -31.89 -4.71 -33.93
CA VAL G 128 -30.79 -5.48 -33.35
C VAL G 128 -29.40 -4.95 -33.70
N VAL G 129 -28.65 -4.64 -32.65
CA VAL G 129 -27.27 -4.17 -32.76
C VAL G 129 -26.33 -4.93 -31.82
N ARG G 130 -25.03 -4.79 -32.07
CA ARG G 130 -24.07 -5.73 -31.50
C ARG G 130 -22.62 -5.49 -31.92
N VAL G 131 -21.71 -6.15 -31.22
CA VAL G 131 -20.29 -6.10 -31.57
C VAL G 131 -19.85 -7.34 -32.38
N PRO G 132 -19.66 -7.17 -33.69
CA PRO G 132 -19.37 -8.29 -34.60
C PRO G 132 -17.95 -8.86 -34.47
N THR G 133 -17.02 -8.11 -33.88
CA THR G 133 -15.64 -8.59 -33.77
C THR G 133 -14.95 -8.27 -32.43
N TYR G 134 -14.44 -9.29 -31.74
CA TYR G 134 -13.52 -9.05 -30.64
C TYR G 134 -12.14 -8.86 -31.26
N SER G 135 -11.24 -8.14 -30.58
CA SER G 135 -9.88 -7.99 -31.02
C SER G 135 -9.28 -9.42 -31.12
N PRO G 136 -8.91 -9.79 -32.36
CA PRO G 136 -8.61 -11.18 -32.70
C PRO G 136 -7.31 -11.72 -32.08
N GLU G 137 -6.37 -10.86 -31.71
CA GLU G 137 -5.21 -11.35 -31.00
C GLU G 137 -5.63 -12.07 -29.72
N SER G 138 -6.60 -11.52 -29.01
CA SER G 138 -7.07 -12.09 -27.74
C SER G 138 -7.49 -13.54 -27.91
N VAL G 139 -8.31 -13.78 -28.93
CA VAL G 139 -8.79 -15.12 -29.15
C VAL G 139 -7.65 -16.02 -29.59
N ALA G 140 -6.82 -15.56 -30.53
CA ALA G 140 -5.72 -16.37 -31.02
C ALA G 140 -4.68 -16.61 -29.95
N GLU G 141 -4.36 -15.57 -29.19
CA GLU G 141 -3.35 -15.70 -28.17
C GLU G 141 -3.86 -16.67 -27.08
N HIS G 142 -5.17 -16.82 -26.97
CA HIS G 142 -5.72 -17.77 -25.99
C HIS G 142 -5.53 -19.21 -26.47
N ALA G 143 -5.83 -19.47 -27.72
CA ALA G 143 -5.57 -20.76 -28.33
C ALA G 143 -4.09 -21.14 -28.14
N VAL G 144 -3.21 -20.15 -28.23
CA VAL G 144 -1.80 -20.38 -28.04
C VAL G 144 -1.51 -20.68 -26.56
N ALA G 145 -2.18 -20.00 -25.63
CA ALA G 145 -2.02 -20.25 -24.19
C ALA G 145 -2.32 -21.73 -23.88
N LEU G 146 -3.41 -22.24 -24.47
CA LEU G 146 -3.81 -23.63 -24.32
C LEU G 146 -2.72 -24.61 -24.74
N ILE G 147 -2.11 -24.34 -25.88
CA ILE G 147 -1.06 -25.21 -26.42
C ILE G 147 0.08 -25.27 -25.44
N PHE G 148 0.49 -24.10 -24.97
CA PHE G 148 1.60 -23.98 -24.05
C PHE G 148 1.30 -24.71 -22.71
N ALA G 149 0.08 -24.56 -22.20
CA ALA G 149 -0.30 -25.14 -20.92
C ALA G 149 -0.28 -26.67 -21.02
N LEU G 150 -0.85 -27.21 -22.11
CA LEU G 150 -0.86 -28.65 -22.35
C LEU G 150 0.55 -29.21 -22.58
N ASN G 151 1.37 -28.48 -23.34
CA ASN G 151 2.75 -28.90 -23.60
C ASN G 151 3.58 -29.12 -22.36
N ARG G 152 3.46 -28.18 -21.43
CA ARG G 152 4.28 -28.16 -20.21
C ARG G 152 3.49 -28.65 -18.99
N HIS G 153 2.28 -29.19 -19.20
CA HIS G 153 1.49 -29.75 -18.09
C HIS G 153 1.36 -28.77 -16.93
N LEU G 154 1.07 -27.52 -17.24
CA LEU G 154 0.96 -26.48 -16.24
C LEU G 154 -0.19 -26.70 -15.24
N THR G 155 -1.35 -27.17 -15.68
CA THR G 155 -2.42 -27.29 -14.69
C THR G 155 -2.11 -28.46 -13.72
N ASP G 156 -1.71 -29.60 -14.25
CA ASP G 156 -1.19 -30.68 -13.43
C ASP G 156 -0.17 -30.13 -12.44
N ALA G 157 0.77 -29.36 -12.98
CA ALA G 157 1.90 -28.87 -12.20
C ALA G 157 1.48 -27.96 -11.06
N TYR G 158 0.53 -27.10 -11.34
CA TYR G 158 0.02 -26.13 -10.40
C TYR G 158 -0.57 -26.81 -9.17
N ILE G 159 -1.42 -27.79 -9.45
CA ILE G 159 -2.15 -28.48 -8.40
C ILE G 159 -1.21 -29.27 -7.48
N ARG G 160 -0.28 -30.00 -8.09
CA ARG G 160 0.69 -30.75 -7.33
C ARG G 160 1.50 -29.84 -6.45
N VAL G 161 2.01 -28.76 -7.04
CA VAL G 161 2.81 -27.82 -6.26
C VAL G 161 1.99 -27.23 -5.10
N ARG G 162 0.67 -27.01 -5.30
CA ARG G 162 -0.16 -26.51 -4.24
C ARG G 162 -0.32 -27.53 -3.06
N MET G 163 -0.41 -28.82 -3.38
CA MET G 163 -0.46 -29.92 -2.41
C MET G 163 0.88 -30.23 -1.74
N GLY G 164 1.97 -29.77 -2.33
CA GLY G 164 3.30 -30.04 -1.79
C GLY G 164 4.03 -31.21 -2.44
N ASN G 165 3.55 -31.62 -3.63
CA ASN G 165 4.28 -32.56 -4.48
C ASN G 165 5.10 -31.76 -5.47
N TYR G 166 6.41 -31.73 -5.20
CA TYR G 166 7.38 -31.05 -6.05
C TYR G 166 8.13 -32.07 -6.94
N SER G 167 7.65 -33.31 -7.00
CA SER G 167 8.30 -34.32 -7.85
C SER G 167 8.08 -34.06 -9.35
N LEU G 168 8.99 -34.60 -10.17
CA LEU G 168 8.99 -34.33 -11.61
C LEU G 168 8.12 -35.20 -12.53
N SER G 169 8.03 -36.50 -12.25
CA SER G 169 7.26 -37.45 -13.06
C SER G 169 5.87 -36.95 -12.88
N GLY G 170 4.88 -37.05 -13.76
CA GLY G 170 4.77 -37.26 -15.18
C GLY G 170 4.49 -35.85 -15.78
N LEU G 171 5.25 -34.87 -15.31
CA LEU G 171 5.21 -33.54 -15.84
C LEU G 171 6.09 -33.31 -17.08
N VAL G 172 6.72 -34.35 -17.62
CA VAL G 172 7.64 -34.13 -18.75
C VAL G 172 6.90 -33.57 -19.96
N GLY G 173 7.37 -32.43 -20.45
CA GLY G 173 6.71 -31.77 -21.54
C GLY G 173 7.34 -31.95 -22.94
N VAL G 174 7.03 -30.98 -23.79
CA VAL G 174 7.41 -30.98 -25.20
C VAL G 174 7.74 -29.56 -25.72
N GLU G 175 8.77 -29.49 -26.57
CA GLU G 175 9.18 -28.26 -27.26
C GLU G 175 8.20 -27.92 -28.37
N MET G 176 7.87 -26.65 -28.56
CA MET G 176 7.05 -26.26 -29.70
C MET G 176 7.82 -25.86 -30.96
N ARG G 177 9.11 -25.54 -30.84
CA ARG G 177 9.79 -24.82 -31.90
C ARG G 177 9.69 -25.38 -33.31
N HIS G 178 10.00 -26.63 -33.54
CA HIS G 178 9.98 -26.99 -34.95
C HIS G 178 8.72 -27.76 -35.31
N LYS G 179 7.78 -27.84 -34.40
CA LYS G 179 6.54 -28.60 -34.61
C LYS G 179 5.69 -28.06 -35.74
N VAL G 180 5.01 -28.97 -36.43
CA VAL G 180 4.10 -28.64 -37.52
C VAL G 180 2.69 -28.30 -37.05
N VAL G 181 2.21 -27.12 -37.43
CA VAL G 181 0.95 -26.62 -36.94
C VAL G 181 -0.08 -26.32 -38.04
N GLY G 182 -1.18 -27.07 -38.05
CA GLY G 182 -2.35 -26.73 -38.86
C GLY G 182 -3.26 -25.65 -38.32
N VAL G 183 -3.43 -24.57 -39.07
CA VAL G 183 -4.43 -23.57 -38.73
C VAL G 183 -5.62 -23.77 -39.65
N VAL G 184 -6.77 -24.12 -39.10
CA VAL G 184 -7.93 -24.37 -39.94
C VAL G 184 -8.85 -23.13 -39.93
N GLY G 185 -8.80 -22.39 -41.03
CA GLY G 185 -9.50 -21.15 -41.23
C GLY G 185 -8.60 -19.99 -40.86
N THR G 186 -8.49 -19.08 -41.83
CA THR G 186 -7.58 -17.94 -41.86
C THR G 186 -8.21 -16.55 -41.82
N GLY G 187 -9.43 -16.43 -41.35
CA GLY G 187 -10.02 -15.11 -41.20
C GLY G 187 -9.28 -14.36 -40.10
N ALA G 188 -9.88 -13.28 -39.61
CA ALA G 188 -9.19 -12.34 -38.70
C ALA G 188 -8.47 -13.02 -37.50
N ILE G 189 -9.13 -13.99 -36.85
CA ILE G 189 -8.50 -14.70 -35.72
C ILE G 189 -7.43 -15.74 -36.19
N GLY G 190 -7.79 -16.58 -37.16
CA GLY G 190 -6.85 -17.51 -37.77
C GLY G 190 -5.61 -16.79 -38.32
N GLN G 191 -5.79 -15.59 -38.86
CA GLN G 191 -4.60 -14.87 -39.30
C GLN G 191 -3.61 -14.59 -38.15
N GLN G 192 -4.18 -14.18 -37.03
CA GLN G 192 -3.34 -13.81 -35.89
C GLN G 192 -2.68 -15.07 -35.32
N ALA G 193 -3.43 -16.18 -35.39
CA ALA G 193 -2.93 -17.44 -34.86
C ALA G 193 -1.76 -17.91 -35.69
N ALA G 194 -1.93 -17.83 -37.02
CA ALA G 194 -0.86 -18.18 -37.96
C ALA G 194 0.32 -17.28 -37.74
N ARG G 195 0.08 -15.98 -37.61
CA ARG G 195 1.21 -15.11 -37.34
C ARG G 195 1.93 -15.52 -36.05
N ILE G 196 1.22 -15.64 -34.93
CA ILE G 196 1.87 -15.93 -33.65
C ILE G 196 2.65 -17.25 -33.67
N LEU G 197 2.05 -18.28 -34.24
CA LEU G 197 2.69 -19.59 -34.22
C LEU G 197 3.97 -19.60 -35.09
N LYS G 198 3.96 -18.85 -36.20
CA LYS G 198 5.17 -18.69 -36.97
C LYS G 198 6.20 -17.92 -36.17
N GLY G 199 5.78 -16.90 -35.41
CA GLY G 199 6.76 -16.14 -34.65
C GLY G 199 7.43 -17.03 -33.59
N ILE G 200 6.68 -18.00 -33.08
CA ILE G 200 7.17 -18.88 -32.03
C ILE G 200 8.22 -19.79 -32.60
N GLY G 201 8.21 -19.90 -33.93
CA GLY G 201 9.16 -20.76 -34.62
C GLY G 201 8.57 -22.02 -35.24
N CYS G 202 7.25 -22.19 -35.21
CA CYS G 202 6.61 -23.37 -35.80
C CYS G 202 6.59 -23.42 -37.33
N LYS G 203 6.41 -24.62 -37.86
CA LYS G 203 6.18 -24.79 -39.28
C LYS G 203 4.69 -24.77 -39.45
N VAL G 204 4.17 -23.66 -39.99
CA VAL G 204 2.72 -23.42 -40.06
C VAL G 204 2.17 -23.67 -41.49
N PHE G 205 1.04 -24.36 -41.55
CA PHE G 205 0.28 -24.68 -42.75
C PHE G 205 -1.16 -24.25 -42.50
N ALA G 206 -1.91 -24.01 -43.57
CA ALA G 206 -3.29 -23.53 -43.39
C ALA G 206 -4.29 -24.21 -44.31
N TYR G 207 -5.54 -24.22 -43.90
CA TYR G 207 -6.62 -24.62 -44.79
C TYR G 207 -7.68 -23.56 -44.71
N ASP G 208 -8.18 -23.16 -45.86
CA ASP G 208 -9.33 -22.27 -45.95
C ASP G 208 -9.94 -22.32 -47.34
N ILE G 209 -11.16 -21.82 -47.49
CA ILE G 209 -11.81 -21.75 -48.79
C ILE G 209 -11.14 -20.65 -49.60
N LYS G 210 -10.83 -19.58 -48.89
CA LYS G 210 -10.14 -18.42 -49.45
C LYS G 210 -8.82 -18.17 -48.78
N PRO G 211 -7.72 -18.28 -49.54
CA PRO G 211 -6.42 -17.90 -48.98
C PRO G 211 -6.40 -16.43 -48.55
N ASN G 212 -5.77 -16.18 -47.41
CA ASN G 212 -5.55 -14.84 -46.86
C ASN G 212 -4.16 -14.34 -47.28
N PRO G 213 -4.13 -13.26 -48.05
CA PRO G 213 -2.86 -12.77 -48.63
C PRO G 213 -1.87 -12.35 -47.55
N ALA G 214 -2.39 -11.95 -46.40
CA ALA G 214 -1.50 -11.67 -45.29
C ALA G 214 -0.83 -12.96 -44.80
N VAL G 215 -1.52 -14.08 -44.97
CA VAL G 215 -0.97 -15.37 -44.53
C VAL G 215 0.03 -15.91 -45.55
N GLU G 216 -0.33 -15.83 -46.83
CA GLU G 216 0.54 -16.23 -47.91
C GLU G 216 1.85 -15.40 -47.90
N ALA G 217 1.75 -14.13 -47.54
CA ALA G 217 2.92 -13.27 -47.46
C ALA G 217 3.85 -13.59 -46.29
N MET G 218 3.37 -14.40 -45.33
CA MET G 218 4.19 -14.88 -44.23
C MET G 218 4.82 -16.19 -44.70
N GLY G 219 4.49 -16.57 -45.92
CA GLY G 219 4.99 -17.80 -46.48
C GLY G 219 4.36 -19.03 -45.87
N ILE G 220 3.09 -18.95 -45.52
CA ILE G 220 2.39 -20.11 -45.05
C ILE G 220 1.58 -20.69 -46.18
N PRO G 221 1.90 -21.92 -46.60
CA PRO G 221 1.16 -22.52 -47.72
C PRO G 221 -0.28 -22.94 -47.34
N TYR G 222 -1.21 -22.74 -48.27
CA TYR G 222 -2.52 -23.32 -48.12
C TYR G 222 -2.56 -24.70 -48.75
N VAL G 223 -2.98 -25.69 -47.98
CA VAL G 223 -3.07 -27.06 -48.47
C VAL G 223 -4.49 -27.56 -48.26
N SER G 224 -4.79 -28.76 -48.71
CA SER G 224 -6.12 -29.30 -48.50
C SER G 224 -6.29 -29.65 -47.04
N LEU G 225 -7.54 -29.71 -46.58
CA LEU G 225 -7.81 -30.04 -45.17
C LEU G 225 -7.21 -31.40 -44.85
N ASP G 226 -7.44 -32.37 -45.72
CA ASP G 226 -6.91 -33.71 -45.50
C ASP G 226 -5.38 -33.74 -45.40
N GLU G 227 -4.69 -32.90 -46.16
CA GLU G 227 -3.24 -32.87 -46.07
C GLU G 227 -2.82 -32.25 -44.74
N LEU G 228 -3.52 -31.20 -44.35
CA LEU G 228 -3.21 -30.52 -43.08
C LEU G 228 -3.42 -31.48 -41.90
N LEU G 229 -4.46 -32.28 -41.96
CA LEU G 229 -4.69 -33.21 -40.87
C LEU G 229 -3.57 -34.25 -40.82
N ALA G 230 -3.02 -34.64 -41.97
CA ALA G 230 -2.03 -35.70 -41.99
C ALA G 230 -0.67 -35.27 -41.45
N MET G 231 -0.33 -34.01 -41.66
CA MET G 231 0.97 -33.52 -41.26
C MET G 231 1.04 -32.81 -39.90
N SER G 232 -0.09 -32.49 -39.27
CA SER G 232 -0.02 -31.57 -38.13
C SER G 232 0.29 -32.26 -36.80
N ASP G 233 1.20 -31.65 -36.04
CA ASP G 233 1.42 -32.03 -34.66
C ASP G 233 0.38 -31.36 -33.77
N ILE G 234 0.00 -30.16 -34.18
CA ILE G 234 -0.94 -29.32 -33.49
C ILE G 234 -1.92 -28.80 -34.56
N VAL G 235 -3.19 -28.99 -34.30
CA VAL G 235 -4.23 -28.49 -35.18
C VAL G 235 -5.08 -27.53 -34.40
N THR G 236 -5.25 -26.31 -34.92
CA THR G 236 -6.05 -25.31 -34.22
C THR G 236 -7.16 -24.75 -35.09
N LEU G 237 -8.40 -24.88 -34.61
CA LEU G 237 -9.60 -24.52 -35.38
C LEU G 237 -9.94 -23.06 -35.19
N HIS G 238 -9.88 -22.30 -36.27
CA HIS G 238 -10.39 -20.94 -36.29
C HIS G 238 -11.54 -20.58 -37.25
N CYS G 239 -12.08 -21.58 -37.94
CA CYS G 239 -13.17 -21.31 -38.85
C CYS G 239 -14.42 -21.02 -38.04
N PRO G 240 -15.37 -20.28 -38.62
CA PRO G 240 -16.67 -20.07 -37.99
C PRO G 240 -17.47 -21.36 -38.03
N LEU G 241 -18.56 -21.46 -37.29
CA LEU G 241 -19.39 -22.66 -37.42
C LEU G 241 -20.43 -22.47 -38.54
N LEU G 242 -20.24 -23.19 -39.63
CA LEU G 242 -21.11 -23.13 -40.80
C LEU G 242 -21.48 -24.54 -41.18
N PRO G 243 -22.51 -24.71 -42.02
CA PRO G 243 -22.84 -26.08 -42.45
C PRO G 243 -21.61 -26.83 -43.02
N SER G 244 -20.72 -26.10 -43.65
CA SER G 244 -19.52 -26.70 -44.23
C SER G 244 -18.51 -27.18 -43.16
N THR G 245 -18.47 -26.50 -42.01
CA THR G 245 -17.51 -26.83 -40.94
C THR G 245 -18.04 -27.66 -39.76
N ARG G 246 -19.33 -27.98 -39.74
CA ARG G 246 -19.93 -28.70 -38.61
C ARG G 246 -19.42 -30.11 -38.53
N GLN G 247 -18.93 -30.44 -37.34
CA GLN G 247 -18.33 -31.74 -37.06
C GLN G 247 -17.24 -32.06 -38.06
N LEU G 248 -16.52 -31.00 -38.40
CA LEU G 248 -15.28 -31.07 -39.15
C LEU G 248 -14.39 -32.13 -38.52
N ILE G 249 -14.19 -31.99 -37.22
CA ILE G 249 -13.52 -33.02 -36.46
C ILE G 249 -14.56 -34.06 -36.08
N ASN G 250 -14.41 -35.27 -36.61
CA ASN G 250 -15.31 -36.38 -36.31
C ASN G 250 -14.59 -37.73 -36.31
N LYS G 251 -15.34 -38.81 -36.22
CA LYS G 251 -14.69 -40.11 -36.10
C LYS G 251 -13.79 -40.43 -37.29
N GLU G 252 -14.23 -40.07 -38.50
CA GLU G 252 -13.45 -40.38 -39.70
C GLU G 252 -12.21 -39.49 -39.83
N SER G 253 -12.41 -38.19 -39.72
CA SER G 253 -11.31 -37.28 -39.96
C SER G 253 -10.20 -37.45 -38.93
N ILE G 254 -10.57 -37.85 -37.72
CA ILE G 254 -9.59 -38.04 -36.63
C ILE G 254 -8.61 -39.18 -36.98
N GLN G 255 -9.06 -40.20 -37.68
CA GLN G 255 -8.16 -41.28 -38.07
C GLN G 255 -7.23 -40.80 -39.19
N LYS G 256 -7.57 -39.70 -39.85
CA LYS G 256 -6.70 -39.13 -40.88
C LYS G 256 -5.60 -38.29 -40.23
N MET G 257 -5.75 -37.97 -38.95
CA MET G 257 -4.73 -37.14 -38.30
C MET G 257 -3.46 -37.90 -37.93
N LYS G 258 -2.49 -37.16 -37.41
CA LYS G 258 -1.22 -37.74 -37.05
C LYS G 258 -1.26 -38.14 -35.59
N LYS G 259 -0.92 -39.40 -35.31
CA LYS G 259 -1.04 -39.96 -33.95
C LYS G 259 -0.30 -39.14 -32.89
N GLY G 260 -1.03 -38.72 -31.85
CA GLY G 260 -0.47 -37.90 -30.79
C GLY G 260 -0.77 -36.43 -31.01
N VAL G 261 -1.61 -36.13 -32.00
CA VAL G 261 -1.87 -34.74 -32.35
C VAL G 261 -2.54 -33.94 -31.23
N MET G 262 -2.11 -32.69 -31.05
CA MET G 262 -2.78 -31.79 -30.14
C MET G 262 -3.83 -30.96 -30.88
N LEU G 263 -5.07 -31.14 -30.50
CA LEU G 263 -6.20 -30.47 -31.11
C LEU G 263 -6.68 -29.38 -30.17
N ILE G 264 -6.85 -28.18 -30.74
CA ILE G 264 -7.26 -26.96 -30.06
C ILE G 264 -8.50 -26.38 -30.68
N ASN G 265 -9.53 -26.18 -29.89
CA ASN G 265 -10.71 -25.52 -30.38
C ASN G 265 -11.18 -24.40 -29.48
N VAL G 266 -10.91 -23.20 -29.97
CA VAL G 266 -11.28 -21.93 -29.40
C VAL G 266 -12.42 -21.21 -30.19
N SER G 267 -12.97 -21.84 -31.23
CA SER G 267 -14.02 -21.16 -32.02
C SER G 267 -15.40 -21.53 -31.60
N ARG G 268 -15.80 -22.73 -31.98
CA ARG G 268 -17.16 -23.18 -31.76
C ARG G 268 -17.21 -24.65 -31.47
N GLY G 269 -17.99 -25.02 -30.46
CA GLY G 269 -18.16 -26.40 -30.06
C GLY G 269 -18.75 -27.25 -31.17
N GLY G 270 -19.54 -26.63 -32.06
CA GLY G 270 -20.12 -27.36 -33.19
C GLY G 270 -19.11 -27.95 -34.18
N LEU G 271 -17.88 -27.42 -34.17
CA LEU G 271 -16.84 -27.88 -35.08
C LEU G 271 -16.36 -29.29 -34.73
N ILE G 272 -16.62 -29.74 -33.48
CA ILE G 272 -16.14 -31.04 -33.04
C ILE G 272 -17.29 -31.96 -32.62
N ASP G 273 -17.23 -33.23 -33.05
CA ASP G 273 -18.21 -34.19 -32.57
C ASP G 273 -17.65 -34.90 -31.35
N SER G 274 -18.14 -34.45 -30.20
CA SER G 274 -17.51 -34.73 -28.94
C SER G 274 -17.56 -36.20 -28.58
N ALA G 275 -18.64 -36.89 -28.97
CA ALA G 275 -18.72 -38.33 -28.75
C ALA G 275 -17.46 -39.05 -29.25
N ALA G 276 -16.87 -38.53 -30.34
CA ALA G 276 -15.74 -39.20 -30.98
C ALA G 276 -14.43 -39.02 -30.22
N LEU G 277 -14.41 -38.08 -29.29
CA LEU G 277 -13.16 -37.72 -28.61
C LEU G 277 -12.64 -38.83 -27.66
N PHE G 278 -13.53 -39.57 -27.03
CA PHE G 278 -13.13 -40.48 -25.96
C PHE G 278 -12.26 -41.65 -26.42
N ASP G 279 -12.73 -42.38 -27.42
CA ASP G 279 -11.98 -43.49 -28.00
C ASP G 279 -10.63 -43.01 -28.53
N ALA G 280 -10.61 -41.82 -29.12
CA ALA G 280 -9.40 -41.29 -29.75
C ALA G 280 -8.38 -40.85 -28.69
N LEU G 281 -8.87 -40.31 -27.58
CA LEU G 281 -7.97 -39.95 -26.47
C LEU G 281 -7.30 -41.20 -25.89
N GLU G 282 -8.09 -42.28 -25.81
CA GLU G 282 -7.67 -43.53 -25.21
C GLU G 282 -6.77 -44.42 -26.09
N SER G 283 -6.90 -44.30 -27.41
CA SER G 283 -6.04 -45.02 -28.36
C SER G 283 -4.73 -44.25 -28.53
N GLY G 284 -4.73 -43.01 -28.08
CA GLY G 284 -3.58 -42.14 -28.15
C GLY G 284 -3.49 -41.35 -29.43
N GLN G 285 -4.51 -41.54 -30.29
CA GLN G 285 -4.68 -40.89 -31.58
C GLN G 285 -4.76 -39.38 -31.40
N ILE G 286 -5.64 -38.95 -30.48
CA ILE G 286 -5.57 -37.56 -30.02
C ILE G 286 -4.75 -37.54 -28.73
N GLY G 287 -3.58 -36.91 -28.77
CA GLY G 287 -2.69 -36.87 -27.63
C GLY G 287 -2.96 -35.81 -26.58
N ALA G 288 -3.61 -34.75 -27.01
CA ALA G 288 -3.96 -33.65 -26.13
C ALA G 288 -5.12 -32.81 -26.73
N LEU G 289 -5.90 -32.18 -25.88
CA LEU G 289 -7.06 -31.43 -26.30
C LEU G 289 -7.20 -30.17 -25.48
N GLY G 290 -7.13 -28.98 -26.09
CA GLY G 290 -7.64 -27.79 -25.41
C GLY G 290 -8.94 -27.29 -26.04
N LEU G 291 -9.87 -26.83 -25.21
CA LEU G 291 -11.19 -26.35 -25.65
C LEU G 291 -11.55 -25.12 -24.86
N ASP G 292 -12.00 -24.08 -25.54
CA ASP G 292 -12.64 -22.94 -24.92
C ASP G 292 -14.16 -23.04 -25.14
N VAL G 293 -14.56 -24.06 -25.90
CA VAL G 293 -15.94 -24.22 -26.36
C VAL G 293 -16.26 -25.71 -26.44
N TYR G 294 -17.52 -26.05 -26.26
CA TYR G 294 -18.03 -27.41 -26.29
C TYR G 294 -19.43 -27.36 -26.90
N GLU G 295 -19.81 -28.41 -27.66
CA GLU G 295 -20.98 -28.31 -28.55
C GLU G 295 -22.31 -28.00 -27.87
N ASN G 296 -22.63 -28.63 -26.73
CA ASN G 296 -23.83 -28.16 -26.09
C ASN G 296 -23.45 -27.41 -24.84
N GLU G 297 -23.23 -26.11 -24.99
CA GLU G 297 -22.85 -25.28 -23.87
C GLU G 297 -24.02 -24.44 -23.39
N GLY G 298 -25.15 -24.53 -24.10
CA GLY G 298 -26.34 -23.76 -23.78
C GLY G 298 -26.92 -24.19 -22.45
N GLY G 299 -27.02 -23.26 -21.51
CA GLY G 299 -27.52 -23.64 -20.20
C GLY G 299 -26.42 -24.26 -19.37
N LEU G 300 -25.33 -24.66 -20.02
CA LEU G 300 -24.17 -25.25 -19.35
C LEU G 300 -23.17 -24.17 -18.93
N PHE G 301 -22.65 -23.46 -19.91
CA PHE G 301 -21.64 -22.40 -19.73
C PHE G 301 -22.24 -21.11 -19.16
N PHE G 302 -21.35 -20.27 -18.63
CA PHE G 302 -21.73 -18.97 -18.06
C PHE G 302 -22.62 -19.12 -16.84
N VAL G 303 -22.57 -20.30 -16.23
CA VAL G 303 -23.22 -20.57 -14.97
C VAL G 303 -22.24 -21.19 -14.01
N ASP G 304 -22.24 -20.72 -12.77
CA ASP G 304 -21.54 -21.45 -11.74
C ASP G 304 -22.55 -22.40 -11.08
N HIS G 305 -22.43 -23.66 -11.42
CA HIS G 305 -23.34 -24.70 -10.99
C HIS G 305 -23.09 -25.15 -9.56
N THR G 306 -21.95 -24.72 -9.00
CA THR G 306 -21.57 -25.12 -7.66
C THR G 306 -22.44 -24.41 -6.61
N LYS G 307 -23.18 -23.37 -7.03
CA LYS G 307 -24.05 -22.64 -6.11
C LYS G 307 -25.35 -23.43 -5.87
N PHE G 308 -25.58 -24.45 -6.70
CA PHE G 308 -26.76 -25.28 -6.62
C PHE G 308 -26.49 -26.54 -5.83
N ASP G 309 -27.51 -26.97 -5.09
CA ASP G 309 -27.49 -28.27 -4.46
C ASP G 309 -27.32 -29.36 -5.51
N PRO G 310 -26.56 -30.42 -5.18
CA PRO G 310 -26.30 -31.50 -6.15
C PRO G 310 -27.56 -32.11 -6.80
N SER G 311 -28.66 -32.24 -6.05
CA SER G 311 -29.87 -32.84 -6.60
C SER G 311 -30.46 -32.00 -7.74
N VAL G 312 -30.23 -30.68 -7.65
CA VAL G 312 -30.60 -29.74 -8.72
C VAL G 312 -29.61 -29.80 -9.89
N ARG G 313 -28.31 -29.91 -9.61
CA ARG G 313 -27.32 -30.06 -10.67
C ARG G 313 -27.62 -31.29 -11.51
N MET G 314 -28.23 -32.31 -10.91
CA MET G 314 -28.52 -33.53 -11.65
C MET G 314 -29.53 -33.31 -12.79
N GLN G 315 -30.27 -32.21 -12.77
CA GLN G 315 -31.31 -32.04 -13.78
C GLN G 315 -30.72 -31.73 -15.16
N LYS G 316 -29.75 -30.81 -15.22
CA LYS G 316 -29.03 -30.48 -16.47
C LYS G 316 -27.66 -31.19 -16.66
N TRP G 317 -27.37 -32.21 -15.85
CA TRP G 317 -26.06 -32.85 -15.86
C TRP G 317 -25.65 -33.34 -17.24
N ASP G 318 -24.47 -32.93 -17.66
CA ASP G 318 -23.97 -33.37 -18.93
C ASP G 318 -22.90 -34.45 -18.69
N ARG G 319 -23.27 -35.70 -18.87
CA ARG G 319 -22.38 -36.75 -18.45
C ARG G 319 -21.18 -36.78 -19.36
N GLN G 320 -21.41 -36.63 -20.67
CA GLN G 320 -20.28 -36.81 -21.55
C GLN G 320 -19.30 -35.64 -21.36
N PHE G 321 -19.79 -34.43 -21.09
CA PHE G 321 -18.86 -33.34 -20.78
C PHE G 321 -18.03 -33.60 -19.49
N ARG G 322 -18.71 -33.99 -18.41
CA ARG G 322 -18.02 -34.28 -17.14
C ARG G 322 -16.99 -35.42 -17.28
N THR G 323 -17.31 -36.44 -18.09
CA THR G 323 -16.36 -37.51 -18.36
C THR G 323 -15.12 -36.93 -19.03
N LEU G 324 -15.38 -36.10 -20.03
CA LEU G 324 -14.34 -35.44 -20.79
C LEU G 324 -13.39 -34.65 -19.90
N LEU G 325 -13.92 -33.96 -18.90
CA LEU G 325 -13.05 -33.17 -18.03
C LEU G 325 -12.10 -34.07 -17.25
N SER G 326 -12.39 -35.36 -17.24
CA SER G 326 -11.64 -36.31 -16.43
C SER G 326 -10.21 -36.59 -16.93
N TYR G 327 -9.95 -36.41 -18.23
CA TYR G 327 -8.68 -36.82 -18.80
C TYR G 327 -7.56 -35.82 -18.51
N PRO G 328 -6.37 -36.35 -18.19
CA PRO G 328 -5.22 -35.50 -17.85
C PRO G 328 -4.68 -34.72 -19.04
N GLN G 329 -4.89 -35.21 -20.26
CA GLN G 329 -4.38 -34.50 -21.45
C GLN G 329 -5.46 -33.56 -22.00
N VAL G 330 -6.55 -33.35 -21.23
CA VAL G 330 -7.57 -32.36 -21.62
C VAL G 330 -7.55 -31.07 -20.80
N LEU G 331 -7.73 -29.94 -21.46
CA LEU G 331 -7.74 -28.67 -20.76
C LEU G 331 -8.90 -27.84 -21.29
N VAL G 332 -9.86 -27.49 -20.44
CA VAL G 332 -11.03 -26.78 -20.94
C VAL G 332 -11.20 -25.48 -20.17
N THR G 333 -11.24 -24.36 -20.88
CA THR G 333 -11.54 -23.06 -20.29
C THR G 333 -13.00 -22.75 -20.59
N PRO G 334 -13.63 -21.92 -19.77
CA PRO G 334 -15.06 -21.68 -19.93
C PRO G 334 -15.38 -20.49 -20.88
N HIS G 335 -15.06 -20.62 -22.18
CA HIS G 335 -15.34 -19.57 -23.18
C HIS G 335 -14.75 -18.24 -22.77
N THR G 336 -13.49 -18.24 -22.35
CA THR G 336 -12.79 -17.01 -22.00
C THR G 336 -11.83 -16.48 -23.10
N ALA G 337 -11.81 -17.10 -24.29
CA ALA G 337 -10.83 -16.65 -25.28
C ALA G 337 -10.96 -15.15 -25.58
N PHE G 338 -12.18 -14.60 -25.55
CA PHE G 338 -12.39 -13.17 -25.85
C PHE G 338 -12.13 -12.37 -24.60
N LEU G 339 -11.95 -13.05 -23.48
CA LEU G 339 -12.08 -12.29 -22.29
C LEU G 339 -10.75 -11.68 -21.85
N THR G 340 -10.64 -10.40 -22.21
CA THR G 340 -9.40 -9.64 -22.13
C THR G 340 -9.72 -8.18 -21.87
N GLU G 341 -8.81 -7.47 -21.22
CA GLU G 341 -8.89 -6.04 -21.03
C GLU G 341 -9.22 -5.37 -22.35
N GLU G 342 -8.31 -5.54 -23.31
CA GLU G 342 -8.43 -4.94 -24.62
C GLU G 342 -9.73 -5.32 -25.33
N ALA G 343 -10.06 -6.60 -25.37
CA ALA G 343 -11.26 -7.00 -26.10
C ALA G 343 -12.49 -6.43 -25.43
N LEU G 344 -12.50 -6.41 -24.09
CA LEU G 344 -13.67 -5.87 -23.42
C LEU G 344 -13.79 -4.36 -23.67
N ASN G 345 -12.68 -3.63 -23.68
CA ASN G 345 -12.67 -2.22 -24.02
C ASN G 345 -13.25 -2.00 -25.42
N ASN G 346 -12.81 -2.81 -26.39
CA ASN G 346 -13.41 -2.76 -27.73
C ASN G 346 -14.92 -2.95 -27.71
N ILE G 347 -15.37 -3.98 -27.02
CA ILE G 347 -16.78 -4.31 -26.90
C ILE G 347 -17.59 -3.16 -26.31
N CYS G 348 -17.03 -2.54 -25.28
CA CYS G 348 -17.64 -1.43 -24.60
C CYS G 348 -17.82 -0.27 -25.54
N THR G 349 -16.73 0.16 -26.16
CA THR G 349 -16.80 1.35 -27.00
C THR G 349 -17.63 1.11 -28.25
N THR G 350 -17.58 -0.10 -28.78
CA THR G 350 -18.42 -0.42 -29.94
C THR G 350 -19.90 -0.45 -29.57
N THR G 351 -20.20 -0.84 -28.34
CA THR G 351 -21.58 -0.86 -27.87
C THR G 351 -22.12 0.53 -27.66
N ILE G 352 -21.26 1.43 -27.19
CA ILE G 352 -21.68 2.79 -26.91
C ILE G 352 -21.88 3.56 -28.21
N GLN G 353 -21.03 3.35 -29.20
CA GLN G 353 -21.27 3.93 -30.52
C GLN G 353 -22.53 3.32 -31.14
N ASN G 354 -22.75 2.04 -30.90
CA ASN G 354 -23.97 1.40 -31.39
C ASN G 354 -25.25 2.04 -30.85
N ILE G 355 -25.28 2.32 -29.54
CA ILE G 355 -26.44 2.97 -28.94
C ILE G 355 -26.63 4.37 -29.55
N ALA G 356 -25.54 5.12 -29.62
CA ALA G 356 -25.57 6.50 -30.08
C ALA G 356 -25.99 6.60 -31.54
N ASP G 357 -25.38 5.77 -32.38
CA ASP G 357 -25.70 5.74 -33.81
C ASP G 357 -27.18 5.40 -34.01
N TYR G 358 -27.68 4.44 -33.24
CA TYR G 358 -29.12 4.16 -33.28
C TYR G 358 -29.94 5.41 -32.92
N VAL G 359 -29.66 5.98 -31.75
CA VAL G 359 -30.40 7.10 -31.19
C VAL G 359 -30.40 8.37 -32.08
N LEU G 360 -29.28 8.63 -32.73
CA LEU G 360 -29.15 9.80 -33.57
C LEU G 360 -29.63 9.46 -34.96
N ASP G 361 -30.17 8.25 -35.10
CA ASP G 361 -30.82 7.84 -36.34
C ASP G 361 -29.80 7.73 -37.49
N ARG G 362 -28.53 7.54 -37.15
CA ARG G 362 -27.47 7.36 -38.13
C ARG G 362 -27.47 5.96 -38.73
N PRO G 363 -26.75 5.77 -39.84
CA PRO G 363 -26.68 4.41 -40.38
C PRO G 363 -25.91 3.53 -39.39
N LEU G 364 -26.46 2.36 -39.09
CA LEU G 364 -25.89 1.51 -38.04
C LEU G 364 -24.65 0.78 -38.50
N GLY G 365 -24.86 -0.19 -39.37
CA GLY G 365 -23.80 -1.01 -39.92
C GLY G 365 -23.43 -2.21 -39.07
N ASN G 366 -23.71 -2.16 -37.78
CA ASN G 366 -23.51 -3.32 -36.91
C ASN G 366 -24.87 -4.03 -36.68
N GLU G 367 -25.89 -3.56 -37.39
CA GLU G 367 -27.23 -4.14 -37.39
C GLU G 367 -27.30 -5.54 -38.03
N VAL G 368 -28.05 -6.46 -37.42
CA VAL G 368 -28.39 -7.72 -38.10
C VAL G 368 -29.85 -7.72 -38.57
N THR H 25 31.59 -45.80 -34.35
CA THR H 25 31.59 -46.53 -33.09
C THR H 25 31.69 -48.04 -33.34
N PRO H 26 32.91 -48.52 -33.60
CA PRO H 26 33.26 -49.91 -33.91
C PRO H 26 33.15 -50.80 -32.67
N GLN H 27 33.82 -51.94 -32.74
CA GLN H 27 33.87 -52.93 -31.67
C GLN H 27 34.33 -52.38 -30.33
N GLU H 28 34.66 -51.09 -30.31
CA GLU H 28 34.83 -50.35 -29.08
C GLU H 28 33.50 -50.42 -28.34
N ALA H 29 32.45 -50.84 -29.06
CA ALA H 29 31.14 -50.99 -28.44
C ALA H 29 31.08 -52.16 -27.48
N ALA H 30 31.85 -53.21 -27.73
CA ALA H 30 31.88 -54.37 -26.84
C ALA H 30 32.63 -54.08 -25.54
N LYS H 31 33.64 -53.21 -25.64
CA LYS H 31 34.39 -52.73 -24.47
C LYS H 31 33.52 -51.76 -23.67
N VAL H 32 32.81 -50.87 -24.37
CA VAL H 32 31.92 -49.93 -23.69
C VAL H 32 30.79 -50.70 -23.00
N ALA H 33 30.29 -51.72 -23.69
CA ALA H 33 29.17 -52.53 -23.22
C ALA H 33 29.45 -53.20 -21.89
N THR H 34 30.70 -53.52 -21.62
CA THR H 34 31.08 -54.20 -20.38
C THR H 34 31.09 -53.23 -19.19
N THR H 35 30.94 -51.95 -19.45
CA THR H 35 30.88 -50.98 -18.36
C THR H 35 29.68 -51.28 -17.46
N ARG H 36 29.89 -51.22 -16.15
CA ARG H 36 28.81 -51.42 -15.19
C ARG H 36 28.39 -50.07 -14.61
N CYS H 37 27.13 -49.72 -14.85
CA CYS H 37 26.56 -48.42 -14.51
C CYS H 37 25.43 -48.51 -13.47
N ILE H 38 25.55 -47.75 -12.37
CA ILE H 38 24.43 -47.64 -11.41
C ILE H 38 23.85 -46.23 -11.45
N CYS H 39 22.53 -46.12 -11.49
CA CYS H 39 21.89 -44.80 -11.51
C CYS H 39 21.01 -44.58 -10.30
N TYR H 40 21.39 -43.58 -9.51
CA TYR H 40 20.62 -43.17 -8.35
C TYR H 40 19.45 -42.26 -8.69
N SER H 41 18.45 -42.25 -7.81
CA SER H 41 17.25 -41.43 -8.01
C SER H 41 16.53 -41.75 -9.31
N THR H 42 16.29 -43.03 -9.59
CA THR H 42 15.56 -43.35 -10.80
C THR H 42 14.08 -43.36 -10.42
N THR H 43 13.40 -42.28 -10.79
CA THR H 43 11.97 -42.16 -10.54
C THR H 43 11.38 -42.52 -11.88
N GLN H 44 10.08 -42.38 -12.03
CA GLN H 44 9.45 -42.83 -13.26
C GLN H 44 10.01 -42.16 -14.53
N TYR H 45 10.25 -40.84 -14.52
CA TYR H 45 10.62 -40.14 -15.75
C TYR H 45 12.05 -40.53 -16.14
N VAL H 46 12.85 -40.87 -15.14
CA VAL H 46 14.19 -41.33 -15.39
C VAL H 46 14.11 -42.68 -16.07
N LYS H 47 13.18 -43.52 -15.61
CA LYS H 47 12.96 -44.79 -16.29
C LYS H 47 12.53 -44.49 -17.73
N ASP H 48 11.60 -43.55 -17.89
CA ASP H 48 11.11 -43.26 -19.22
C ASP H 48 12.21 -42.81 -20.19
N PHE H 49 12.99 -41.80 -19.83
CA PHE H 49 13.93 -41.24 -20.78
C PHE H 49 15.28 -41.98 -20.83
N LEU H 50 15.69 -42.57 -19.71
CA LEU H 50 17.08 -42.95 -19.55
C LEU H 50 17.29 -44.46 -19.69
N ALA H 51 16.58 -45.25 -18.88
CA ALA H 51 16.81 -46.69 -18.82
C ALA H 51 16.85 -47.39 -20.17
N GLY H 52 15.99 -46.99 -21.11
CA GLY H 52 15.93 -47.63 -22.42
C GLY H 52 17.21 -47.52 -23.26
N PRO H 53 17.65 -46.28 -23.51
CA PRO H 53 18.91 -46.03 -24.21
C PRO H 53 20.14 -46.64 -23.53
N MET H 54 20.13 -46.70 -22.20
CA MET H 54 21.29 -47.18 -21.46
C MET H 54 21.54 -48.66 -21.63
N GLN H 55 20.46 -49.42 -21.68
CA GLN H 55 20.59 -50.86 -21.75
C GLN H 55 20.81 -51.31 -23.20
N LYS H 56 20.59 -50.43 -24.19
CA LYS H 56 20.99 -50.76 -25.57
C LYS H 56 22.49 -50.65 -25.76
N VAL H 57 23.12 -49.93 -24.85
CA VAL H 57 24.56 -49.71 -24.91
C VAL H 57 25.24 -50.60 -23.85
N PHE H 58 24.86 -50.43 -22.58
CA PHE H 58 25.49 -51.19 -21.48
C PHE H 58 24.81 -52.51 -21.07
N THR H 59 25.62 -53.54 -20.91
CA THR H 59 25.12 -54.87 -20.60
C THR H 59 24.46 -54.95 -19.22
N ASP H 60 25.10 -54.35 -18.22
CA ASP H 60 24.63 -54.31 -16.83
C ASP H 60 24.45 -52.90 -16.36
N THR H 61 23.21 -52.51 -16.12
CA THR H 61 22.93 -51.17 -15.60
C THR H 61 21.91 -51.29 -14.48
N TYR H 62 22.31 -50.85 -13.28
CA TYR H 62 21.50 -50.96 -12.07
C TYR H 62 20.77 -49.65 -11.76
N PHE H 63 19.44 -49.70 -11.79
CA PHE H 63 18.63 -48.49 -11.49
C PHE H 63 18.01 -48.56 -10.09
N VAL H 64 18.51 -47.72 -9.17
CA VAL H 64 18.02 -47.63 -7.80
C VAL H 64 17.10 -46.42 -7.68
N GLU H 65 15.89 -46.66 -7.17
CA GLU H 65 14.87 -45.60 -7.04
C GLU H 65 15.23 -44.56 -5.97
N PRO H 66 15.69 -44.99 -4.78
CA PRO H 66 16.06 -43.93 -3.82
C PRO H 66 17.28 -43.13 -4.26
N PRO H 67 17.41 -41.88 -3.79
CA PRO H 67 18.59 -41.06 -4.12
C PRO H 67 19.90 -41.54 -3.49
N LEU H 68 21.00 -40.84 -3.78
CA LEU H 68 22.32 -41.22 -3.29
C LEU H 68 22.76 -40.50 -2.01
N ASP H 69 23.09 -41.29 -1.00
CA ASP H 69 23.59 -40.79 0.27
C ASP H 69 24.66 -41.70 0.87
N LYS H 70 24.80 -41.64 2.19
CA LYS H 70 25.79 -42.46 2.87
C LYS H 70 25.31 -43.92 2.94
N ASP H 71 24.06 -44.13 3.36
CA ASP H 71 23.43 -45.47 3.32
C ASP H 71 23.16 -46.13 1.94
N THR H 72 22.92 -45.35 0.87
CA THR H 72 22.66 -46.02 -0.42
C THR H 72 23.84 -46.13 -1.37
N ALA H 73 25.04 -45.83 -0.88
CA ALA H 73 26.24 -45.90 -1.70
C ALA H 73 26.79 -47.32 -1.78
N GLN H 74 26.52 -48.14 -0.76
CA GLN H 74 26.94 -49.56 -0.79
C GLN H 74 26.19 -50.32 -1.88
N LEU H 75 25.20 -49.68 -2.48
CA LEU H 75 24.45 -50.28 -3.57
C LEU H 75 25.34 -50.35 -4.81
N ALA H 76 26.41 -49.55 -4.80
CA ALA H 76 27.27 -49.38 -5.96
C ALA H 76 28.46 -50.34 -5.98
N ARG H 77 28.51 -51.27 -5.03
CA ARG H 77 29.62 -52.22 -4.99
C ARG H 77 29.66 -53.02 -6.28
N GLY H 78 30.72 -52.85 -7.06
CA GLY H 78 30.90 -53.60 -8.29
C GLY H 78 30.72 -52.72 -9.52
N TYR H 79 30.05 -51.59 -9.35
CA TYR H 79 29.80 -50.73 -10.49
C TYR H 79 30.96 -49.77 -10.76
N ASP H 80 31.16 -49.49 -12.04
CA ASP H 80 32.27 -48.64 -12.48
C ASP H 80 31.92 -47.18 -12.47
N VAL H 81 30.69 -46.88 -12.86
CA VAL H 81 30.22 -45.50 -13.02
C VAL H 81 28.84 -45.26 -12.42
N ALA H 82 28.74 -44.18 -11.66
CA ALA H 82 27.49 -43.76 -11.02
C ALA H 82 26.86 -42.56 -11.73
N VAL H 83 25.61 -42.69 -12.17
CA VAL H 83 24.87 -41.58 -12.76
C VAL H 83 23.96 -40.90 -11.74
N LEU H 84 24.13 -39.58 -11.58
CA LEU H 84 23.49 -38.83 -10.50
C LEU H 84 22.80 -37.58 -10.99
N PHE H 85 21.96 -37.02 -10.14
CA PHE H 85 21.18 -35.84 -10.48
C PHE H 85 21.38 -34.85 -9.34
N VAL H 86 20.81 -33.65 -9.43
CA VAL H 86 21.04 -32.60 -8.45
C VAL H 86 20.60 -32.94 -7.03
N ASN H 87 19.51 -33.71 -6.88
CA ASN H 87 19.02 -34.05 -5.55
C ASN H 87 19.89 -35.07 -4.83
N ASP H 88 20.78 -35.74 -5.56
CA ASP H 88 21.70 -36.70 -4.97
C ASP H 88 22.78 -35.92 -4.25
N ARG H 89 23.17 -36.36 -3.07
CA ARG H 89 24.25 -35.66 -2.38
C ARG H 89 25.55 -36.45 -2.45
N ALA H 90 26.63 -35.79 -2.89
CA ALA H 90 27.95 -36.33 -2.62
C ALA H 90 28.82 -35.33 -1.87
N ASP H 91 28.89 -35.49 -0.56
CA ASP H 91 29.87 -34.75 0.23
C ASP H 91 31.03 -35.70 0.41
N ALA H 92 32.04 -35.29 1.16
CA ALA H 92 33.27 -36.08 1.24
C ALA H 92 33.06 -37.52 1.72
N SER H 93 32.01 -37.75 2.51
CA SER H 93 31.78 -39.07 3.12
C SER H 93 31.16 -40.10 2.18
N VAL H 94 30.23 -39.67 1.32
CA VAL H 94 29.59 -40.60 0.41
C VAL H 94 30.51 -40.89 -0.77
N ILE H 95 31.46 -39.99 -1.03
CA ILE H 95 32.42 -40.24 -2.09
C ILE H 95 33.34 -41.40 -1.75
N LYS H 96 33.67 -41.59 -0.48
CA LYS H 96 34.65 -42.62 -0.19
C LYS H 96 34.04 -44.02 -0.29
N GLU H 97 32.77 -44.16 0.06
CA GLU H 97 32.17 -45.49 -0.02
C GLU H 97 31.76 -45.82 -1.46
N LEU H 98 31.63 -44.81 -2.30
CA LEU H 98 31.52 -45.04 -3.74
C LEU H 98 32.87 -45.45 -4.32
N ALA H 99 33.94 -44.85 -3.81
CA ALA H 99 35.30 -45.21 -4.24
C ALA H 99 35.56 -46.69 -3.92
N LYS H 100 35.21 -47.11 -2.70
CA LYS H 100 35.41 -48.50 -2.26
C LYS H 100 34.44 -49.49 -2.90
N ALA H 101 33.30 -48.99 -3.37
CA ALA H 101 32.39 -49.80 -4.15
C ALA H 101 33.04 -50.11 -5.49
N GLY H 102 34.03 -49.28 -5.87
CA GLY H 102 34.77 -49.48 -7.10
C GLY H 102 34.55 -48.46 -8.20
N VAL H 103 33.59 -47.55 -8.03
CA VAL H 103 33.29 -46.55 -9.08
C VAL H 103 34.39 -45.48 -9.23
N LYS H 104 34.94 -45.39 -10.44
CA LYS H 104 35.93 -44.38 -10.82
C LYS H 104 35.41 -43.16 -11.61
N LEU H 105 34.13 -43.16 -11.97
CA LEU H 105 33.54 -42.04 -12.71
C LEU H 105 32.14 -41.71 -12.23
N ILE H 106 31.86 -40.43 -12.03
CA ILE H 106 30.51 -39.96 -11.72
C ILE H 106 29.93 -39.17 -12.91
N ALA H 107 28.82 -39.66 -13.43
CA ALA H 107 28.15 -39.02 -14.57
C ALA H 107 26.82 -38.41 -14.14
N LEU H 108 26.75 -37.09 -14.28
CA LEU H 108 25.55 -36.32 -13.95
C LEU H 108 24.59 -36.21 -15.13
N ARG H 109 23.31 -36.43 -14.86
CA ARG H 109 22.25 -36.28 -15.86
C ARG H 109 21.84 -34.83 -15.88
N CYS H 110 22.64 -33.96 -15.27
CA CYS H 110 22.29 -32.56 -15.11
C CYS H 110 23.53 -31.68 -15.29
N ALA H 111 23.38 -30.37 -15.16
CA ALA H 111 24.55 -29.51 -15.17
C ALA H 111 24.97 -28.99 -13.77
N GLY H 112 24.22 -29.33 -12.72
CA GLY H 112 24.64 -28.93 -11.39
C GLY H 112 25.64 -29.90 -10.81
N PHE H 113 26.83 -29.42 -10.45
CA PHE H 113 27.77 -30.21 -9.64
C PHE H 113 27.86 -29.76 -8.17
N ASP H 114 27.09 -28.72 -7.82
CA ASP H 114 27.25 -28.07 -6.51
C ASP H 114 27.24 -29.00 -5.30
N ARG H 115 26.35 -29.97 -5.30
CA ARG H 115 26.23 -30.84 -4.12
C ARG H 115 27.30 -31.94 -4.08
N VAL H 116 28.00 -32.16 -5.18
CA VAL H 116 29.14 -33.06 -5.11
C VAL H 116 30.40 -32.28 -4.75
N ASP H 117 31.26 -32.92 -3.98
CA ASP H 117 32.55 -32.34 -3.60
C ASP H 117 33.63 -32.88 -4.52
N LEU H 118 34.36 -31.98 -5.20
CA LEU H 118 35.36 -32.40 -6.18
C LEU H 118 36.75 -32.66 -5.61
N HIS H 119 37.01 -32.14 -4.42
CA HIS H 119 38.29 -32.38 -3.75
C HIS H 119 38.23 -33.72 -3.03
N ALA H 120 37.02 -34.15 -2.70
CA ALA H 120 36.83 -35.45 -2.09
C ALA H 120 36.96 -36.48 -3.20
N CYS H 121 36.50 -36.09 -4.40
CA CYS H 121 36.62 -36.94 -5.56
C CYS H 121 38.07 -37.03 -6.00
N ALA H 122 38.80 -35.93 -5.83
CA ALA H 122 40.23 -35.93 -6.14
C ALA H 122 40.97 -36.88 -5.23
N GLU H 123 40.57 -36.93 -3.96
CA GLU H 123 41.29 -37.73 -2.98
C GLU H 123 41.01 -39.22 -3.15
N HIS H 124 39.79 -39.52 -3.57
CA HIS H 124 39.35 -40.90 -3.68
C HIS H 124 39.42 -41.40 -5.13
N GLY H 125 39.91 -40.54 -6.02
CA GLY H 125 40.21 -40.91 -7.40
C GLY H 125 39.06 -40.93 -8.39
N VAL H 126 37.90 -40.42 -7.98
CA VAL H 126 36.71 -40.43 -8.84
C VAL H 126 36.62 -39.21 -9.77
N ARG H 127 36.36 -39.45 -11.06
CA ARG H 127 36.25 -38.36 -12.03
C ARG H 127 34.78 -38.10 -12.33
N VAL H 128 34.40 -36.81 -12.42
CA VAL H 128 32.99 -36.45 -12.64
C VAL H 128 32.73 -35.85 -14.01
N VAL H 129 31.70 -36.37 -14.67
CA VAL H 129 31.35 -35.88 -15.96
C VAL H 129 29.92 -35.40 -15.89
N ARG H 130 29.51 -34.61 -16.86
CA ARG H 130 28.30 -33.83 -16.71
C ARG H 130 27.71 -33.36 -18.03
N VAL H 131 26.42 -33.03 -18.03
CA VAL H 131 25.81 -32.40 -19.19
C VAL H 131 25.65 -30.91 -18.93
N PRO H 132 26.49 -30.09 -19.57
CA PRO H 132 26.56 -28.65 -19.31
C PRO H 132 25.37 -27.85 -19.84
N THR H 133 24.62 -28.39 -20.79
CA THR H 133 23.51 -27.63 -21.38
C THR H 133 22.25 -28.42 -21.70
N TYR H 134 21.12 -27.95 -21.19
CA TYR H 134 19.82 -28.39 -21.68
C TYR H 134 19.50 -27.59 -22.94
N SER H 135 18.67 -28.14 -23.81
CA SER H 135 18.19 -27.46 -25.00
C SER H 135 17.46 -26.13 -24.63
N PRO H 136 18.01 -24.99 -25.09
CA PRO H 136 17.63 -23.65 -24.63
C PRO H 136 16.20 -23.23 -25.00
N GLU H 137 15.64 -23.82 -26.06
CA GLU H 137 14.25 -23.60 -26.37
C GLU H 137 13.34 -24.09 -25.26
N SER H 138 13.66 -25.26 -24.72
CA SER H 138 12.82 -25.90 -23.70
C SER H 138 12.57 -24.96 -22.54
N VAL H 139 13.67 -24.42 -22.02
CA VAL H 139 13.68 -23.52 -20.89
C VAL H 139 12.99 -22.21 -21.27
N ALA H 140 13.33 -21.65 -22.43
CA ALA H 140 12.71 -20.38 -22.87
C ALA H 140 11.19 -20.51 -23.11
N GLU H 141 10.76 -21.59 -23.76
CA GLU H 141 9.35 -21.80 -24.01
C GLU H 141 8.60 -21.99 -22.69
N HIS H 142 9.29 -22.44 -21.65
CA HIS H 142 8.60 -22.66 -20.41
C HIS H 142 8.25 -21.36 -19.71
N ALA H 143 9.22 -20.43 -19.68
CA ALA H 143 8.99 -19.09 -19.16
C ALA H 143 7.82 -18.46 -19.89
N VAL H 144 7.79 -18.72 -21.18
CA VAL H 144 6.72 -18.19 -22.04
C VAL H 144 5.40 -18.88 -21.69
N ALA H 145 5.46 -20.17 -21.37
CA ALA H 145 4.26 -20.92 -20.96
C ALA H 145 3.64 -20.23 -19.72
N LEU H 146 4.50 -19.92 -18.75
CA LEU H 146 4.12 -19.23 -17.55
C LEU H 146 3.45 -17.89 -17.85
N ILE H 147 3.98 -17.11 -18.79
CA ILE H 147 3.40 -15.80 -19.10
C ILE H 147 1.95 -15.98 -19.64
N PHE H 148 1.80 -16.90 -20.58
CA PHE H 148 0.49 -17.16 -21.16
C PHE H 148 -0.50 -17.61 -20.08
N ALA H 149 -0.09 -18.56 -19.22
CA ALA H 149 -0.99 -19.13 -18.22
C ALA H 149 -1.47 -18.03 -17.27
N LEU H 150 -0.54 -17.21 -16.82
CA LEU H 150 -0.88 -16.08 -15.96
C LEU H 150 -1.76 -15.04 -16.64
N ASN H 151 -1.46 -14.70 -17.89
CA ASN H 151 -2.29 -13.72 -18.60
C ASN H 151 -3.73 -14.16 -18.67
N ARG H 152 -3.92 -15.44 -18.97
CA ARG H 152 -5.25 -15.95 -19.27
C ARG H 152 -5.90 -16.69 -18.08
N HIS H 153 -5.25 -16.60 -16.90
CA HIS H 153 -5.74 -17.23 -15.66
C HIS H 153 -6.07 -18.68 -15.88
N LEU H 154 -5.21 -19.40 -16.59
CA LEU H 154 -5.52 -20.80 -16.94
C LEU H 154 -5.63 -21.77 -15.73
N THR H 155 -4.80 -21.62 -14.69
CA THR H 155 -4.91 -22.56 -13.57
C THR H 155 -6.23 -22.29 -12.83
N ASP H 156 -6.53 -21.02 -12.52
CA ASP H 156 -7.86 -20.66 -12.02
C ASP H 156 -8.98 -21.26 -12.88
N ALA H 157 -8.93 -21.07 -14.20
CA ALA H 157 -10.03 -21.52 -15.03
C ALA H 157 -10.17 -23.03 -14.98
N TYR H 158 -9.04 -23.72 -15.06
CA TYR H 158 -9.07 -25.17 -15.09
C TYR H 158 -9.79 -25.70 -13.83
N ILE H 159 -9.40 -25.19 -12.67
CA ILE H 159 -9.95 -25.71 -11.42
C ILE H 159 -11.44 -25.45 -11.28
N ARG H 160 -11.84 -24.23 -11.58
CA ARG H 160 -13.25 -23.86 -11.58
C ARG H 160 -14.06 -24.71 -12.53
N VAL H 161 -13.60 -24.84 -13.78
CA VAL H 161 -14.32 -25.68 -14.74
C VAL H 161 -14.42 -27.11 -14.23
N ARG H 162 -13.38 -27.63 -13.57
CA ARG H 162 -13.47 -28.98 -13.02
C ARG H 162 -14.49 -29.09 -11.88
N MET H 163 -14.59 -28.10 -11.01
CA MET H 163 -15.63 -28.12 -9.98
C MET H 163 -17.00 -27.91 -10.61
N GLY H 164 -17.01 -27.32 -11.80
CA GLY H 164 -18.27 -27.01 -12.46
C GLY H 164 -18.71 -25.57 -12.30
N ASN H 165 -17.77 -24.71 -11.93
CA ASN H 165 -18.00 -23.27 -12.01
C ASN H 165 -17.57 -22.82 -13.41
N TYR H 166 -18.57 -22.53 -14.24
CA TYR H 166 -18.35 -22.05 -15.60
C TYR H 166 -18.54 -20.52 -15.74
N SER H 167 -18.63 -19.80 -14.64
CA SER H 167 -18.78 -18.35 -14.75
C SER H 167 -17.49 -17.66 -15.19
N LEU H 168 -17.66 -16.45 -15.72
CA LEU H 168 -16.57 -15.67 -16.31
C LEU H 168 -15.72 -14.80 -15.35
N SER H 169 -16.36 -14.16 -14.36
CA SER H 169 -15.60 -13.37 -13.40
C SER H 169 -14.75 -14.39 -12.64
N GLY H 170 -13.59 -14.11 -12.07
CA GLY H 170 -12.59 -13.07 -12.21
C GLY H 170 -11.49 -13.67 -13.11
N LEU H 171 -11.89 -14.34 -14.20
CA LEU H 171 -10.98 -14.88 -15.20
C LEU H 171 -10.47 -13.89 -16.29
N VAL H 172 -10.81 -12.60 -16.18
CA VAL H 172 -10.45 -11.69 -17.25
C VAL H 172 -8.95 -11.52 -17.47
N GLY H 173 -8.50 -11.77 -18.70
CA GLY H 173 -7.09 -11.72 -19.02
C GLY H 173 -6.56 -10.46 -19.69
N VAL H 174 -5.43 -10.62 -20.36
CA VAL H 174 -4.71 -9.52 -20.99
C VAL H 174 -4.07 -9.98 -22.28
N GLU H 175 -4.04 -9.09 -23.28
CA GLU H 175 -3.38 -9.34 -24.55
C GLU H 175 -1.92 -9.19 -24.41
N MET H 176 -1.19 -10.08 -25.08
CA MET H 176 0.25 -9.94 -25.09
C MET H 176 0.81 -9.11 -26.26
N ARG H 177 0.04 -8.93 -27.32
CA ARG H 177 0.62 -8.49 -28.58
C ARG H 177 1.50 -7.26 -28.49
N HIS H 178 1.04 -6.18 -27.91
CA HIS H 178 1.94 -5.03 -27.97
C HIS H 178 2.71 -4.71 -26.69
N LYS H 179 2.63 -5.58 -25.68
CA LYS H 179 3.28 -5.33 -24.39
C LYS H 179 4.82 -5.22 -24.47
N VAL H 180 5.37 -4.41 -23.58
CA VAL H 180 6.82 -4.26 -23.49
C VAL H 180 7.37 -5.35 -22.56
N VAL H 181 8.36 -6.08 -23.06
CA VAL H 181 8.98 -7.21 -22.40
C VAL H 181 10.49 -7.06 -22.20
N GLY H 182 10.94 -6.93 -20.95
CA GLY H 182 12.36 -7.02 -20.61
C GLY H 182 12.94 -8.43 -20.52
N VAL H 183 13.98 -8.71 -21.30
CA VAL H 183 14.73 -9.95 -21.15
C VAL H 183 15.99 -9.57 -20.40
N VAL H 184 16.15 -10.14 -19.20
CA VAL H 184 17.34 -9.82 -18.43
C VAL H 184 18.33 -10.99 -18.51
N GLY H 185 19.42 -10.75 -19.23
CA GLY H 185 20.46 -11.71 -19.55
C GLY H 185 20.14 -12.32 -20.91
N THR H 186 21.16 -12.26 -21.78
CA THR H 186 21.06 -12.58 -23.21
C THR H 186 21.83 -13.82 -23.67
N GLY H 187 22.18 -14.69 -22.73
CA GLY H 187 22.87 -15.91 -23.09
C GLY H 187 21.95 -16.85 -23.86
N ALA H 188 22.34 -18.11 -23.97
CA ALA H 188 21.66 -19.07 -24.85
C ALA H 188 20.13 -19.13 -24.69
N ILE H 189 19.66 -19.16 -23.43
CA ILE H 189 18.24 -19.21 -23.12
C ILE H 189 17.53 -17.85 -23.27
N GLY H 190 18.17 -16.79 -22.76
CA GLY H 190 17.67 -15.44 -22.97
C GLY H 190 17.51 -15.07 -24.44
N GLN H 191 18.44 -15.53 -25.28
CA GLN H 191 18.31 -15.32 -26.72
C GLN H 191 17.03 -15.94 -27.23
N GLN H 192 16.74 -17.17 -26.78
CA GLN H 192 15.52 -17.83 -27.24
C GLN H 192 14.28 -17.13 -26.70
N ALA H 193 14.34 -16.59 -25.48
CA ALA H 193 13.15 -16.01 -24.89
C ALA H 193 12.81 -14.76 -25.69
N ALA H 194 13.84 -13.98 -25.99
CA ALA H 194 13.76 -12.78 -26.82
C ALA H 194 13.20 -13.09 -28.23
N ARG H 195 13.70 -14.15 -28.87
CA ARG H 195 13.19 -14.57 -30.17
C ARG H 195 11.71 -14.91 -30.09
N ILE H 196 11.37 -15.80 -29.16
CA ILE H 196 9.98 -16.23 -29.03
C ILE H 196 9.03 -15.05 -28.75
N LEU H 197 9.40 -14.18 -27.81
CA LEU H 197 8.53 -13.09 -27.39
C LEU H 197 8.45 -12.02 -28.49
N LYS H 198 9.54 -11.82 -29.22
CA LYS H 198 9.50 -10.92 -30.38
C LYS H 198 8.59 -11.52 -31.44
N GLY H 199 8.66 -12.84 -31.60
CA GLY H 199 7.79 -13.52 -32.57
C GLY H 199 6.31 -13.45 -32.18
N ILE H 200 6.00 -13.43 -30.88
CA ILE H 200 4.60 -13.35 -30.43
C ILE H 200 4.04 -11.99 -30.82
N GLY H 201 4.96 -11.05 -31.03
CA GLY H 201 4.65 -9.69 -31.41
C GLY H 201 4.92 -8.64 -30.35
N CYS H 202 5.49 -9.03 -29.20
CA CYS H 202 5.78 -8.09 -28.13
C CYS H 202 6.92 -7.08 -28.46
N LYS H 203 6.97 -5.97 -27.73
CA LYS H 203 8.08 -5.02 -27.83
C LYS H 203 9.14 -5.47 -26.83
N VAL H 204 10.22 -5.98 -27.38
CA VAL H 204 11.22 -6.62 -26.57
C VAL H 204 12.46 -5.75 -26.37
N PHE H 205 12.93 -5.70 -25.13
CA PHE H 205 14.14 -4.98 -24.80
C PHE H 205 14.99 -5.93 -24.00
N ALA H 206 16.30 -5.71 -24.02
CA ALA H 206 17.17 -6.61 -23.31
C ALA H 206 18.22 -5.83 -22.54
N TYR H 207 18.71 -6.48 -21.48
CA TYR H 207 19.86 -6.02 -20.72
C TYR H 207 20.85 -7.14 -20.58
N ASP H 208 22.12 -6.82 -20.73
CA ASP H 208 23.16 -7.78 -20.43
C ASP H 208 24.42 -7.00 -20.27
N ILE H 209 25.43 -7.60 -19.68
CA ILE H 209 26.69 -6.89 -19.55
C ILE H 209 27.32 -6.84 -20.93
N LYS H 210 27.18 -7.95 -21.67
CA LYS H 210 27.63 -8.00 -23.05
C LYS H 210 26.44 -8.27 -23.96
N PRO H 211 26.13 -7.31 -24.83
CA PRO H 211 25.09 -7.53 -25.85
C PRO H 211 25.41 -8.73 -26.72
N ASN H 212 24.35 -9.48 -27.04
CA ASN H 212 24.42 -10.66 -27.89
C ASN H 212 24.09 -10.27 -29.35
N PRO H 213 25.07 -10.39 -30.25
CA PRO H 213 24.87 -9.88 -31.61
C PRO H 213 23.68 -10.57 -32.29
N ALA H 214 23.38 -11.80 -31.89
CA ALA H 214 22.20 -12.49 -32.37
C ALA H 214 20.92 -11.82 -31.84
N VAL H 215 21.01 -11.19 -30.69
CA VAL H 215 19.81 -10.52 -30.17
C VAL H 215 19.69 -9.18 -30.90
N GLU H 216 20.82 -8.52 -31.09
CA GLU H 216 20.86 -7.28 -31.88
C GLU H 216 20.33 -7.48 -33.30
N ALA H 217 20.69 -8.60 -33.91
CA ALA H 217 20.28 -8.93 -35.27
C ALA H 217 18.80 -9.27 -35.43
N MET H 218 18.10 -9.45 -34.31
CA MET H 218 16.66 -9.69 -34.27
C MET H 218 15.96 -8.38 -34.16
N GLY H 219 16.73 -7.31 -34.07
CA GLY H 219 16.17 -5.98 -33.87
C GLY H 219 15.67 -5.69 -32.47
N ILE H 220 16.33 -6.26 -31.49
CA ILE H 220 15.98 -5.97 -30.09
C ILE H 220 16.97 -5.00 -29.47
N PRO H 221 16.51 -3.81 -29.04
CA PRO H 221 17.45 -2.87 -28.45
C PRO H 221 17.92 -3.28 -27.05
N TYR H 222 19.20 -3.05 -26.76
CA TYR H 222 19.74 -3.17 -25.43
C TYR H 222 19.62 -1.85 -24.71
N VAL H 223 19.12 -1.93 -23.48
CA VAL H 223 18.88 -0.78 -22.65
C VAL H 223 19.56 -1.07 -21.29
N SER H 224 19.64 -0.09 -20.40
CA SER H 224 20.16 -0.34 -19.06
C SER H 224 19.13 -1.10 -18.18
N LEU H 225 19.60 -1.73 -17.11
CA LEU H 225 18.70 -2.48 -16.24
C LEU H 225 17.59 -1.58 -15.67
N ASP H 226 17.95 -0.40 -15.17
CA ASP H 226 16.98 0.54 -14.62
C ASP H 226 15.92 0.97 -15.62
N GLU H 227 16.34 1.14 -16.87
CA GLU H 227 15.42 1.51 -17.95
C GLU H 227 14.52 0.34 -18.27
N LEU H 228 15.13 -0.85 -18.30
CA LEU H 228 14.39 -2.05 -18.62
C LEU H 228 13.30 -2.27 -17.55
N LEU H 229 13.65 -2.07 -16.28
CA LEU H 229 12.71 -2.27 -15.19
C LEU H 229 11.61 -1.23 -15.22
N ALA H 230 11.94 -0.02 -15.62
CA ALA H 230 10.96 1.04 -15.55
C ALA H 230 9.88 0.87 -16.63
N MET H 231 10.28 0.38 -17.80
CA MET H 231 9.38 0.30 -18.94
C MET H 231 8.61 -1.01 -19.16
N SER H 232 8.95 -2.07 -18.45
CA SER H 232 8.44 -3.40 -18.81
C SER H 232 7.09 -3.80 -18.20
N ASP H 233 6.24 -4.37 -19.03
CA ASP H 233 5.01 -4.99 -18.59
C ASP H 233 5.31 -6.37 -18.03
N ILE H 234 6.33 -6.97 -18.64
CA ILE H 234 6.77 -8.31 -18.33
C ILE H 234 8.29 -8.26 -18.27
N VAL H 235 8.82 -8.79 -17.17
CA VAL H 235 10.24 -8.92 -16.95
C VAL H 235 10.56 -10.37 -16.75
N THR H 236 11.48 -10.92 -17.53
CA THR H 236 11.81 -12.33 -17.38
C THR H 236 13.31 -12.54 -17.17
N LEU H 237 13.69 -13.21 -16.06
CA LEU H 237 15.09 -13.34 -15.67
C LEU H 237 15.75 -14.54 -16.32
N HIS H 238 16.74 -14.31 -17.15
CA HIS H 238 17.60 -15.37 -17.69
C HIS H 238 19.11 -15.32 -17.35
N CYS H 239 19.53 -14.34 -16.56
CA CYS H 239 20.94 -14.24 -16.17
C CYS H 239 21.31 -15.33 -15.15
N PRO H 240 22.60 -15.70 -15.07
CA PRO H 240 23.14 -16.65 -14.09
C PRO H 240 23.19 -16.08 -12.69
N LEU H 241 23.38 -16.92 -11.68
CA LEU H 241 23.52 -16.42 -10.35
C LEU H 241 24.98 -16.11 -10.08
N LEU H 242 25.29 -14.82 -9.95
CA LEU H 242 26.63 -14.36 -9.65
C LEU H 242 26.54 -13.38 -8.51
N PRO H 243 27.66 -13.09 -7.84
CA PRO H 243 27.66 -12.07 -6.78
C PRO H 243 27.03 -10.76 -7.29
N SER H 244 27.22 -10.47 -8.57
CA SER H 244 26.65 -9.28 -9.19
C SER H 244 25.12 -9.35 -9.34
N THR H 245 24.60 -10.57 -9.52
CA THR H 245 23.16 -10.78 -9.75
C THR H 245 22.33 -11.22 -8.54
N ARG H 246 22.97 -11.44 -7.41
CA ARG H 246 22.25 -12.01 -6.28
C ARG H 246 21.22 -11.03 -5.73
N GLN H 247 19.97 -11.48 -5.67
CA GLN H 247 18.90 -10.63 -5.20
C GLN H 247 18.83 -9.35 -6.03
N LEU H 248 19.05 -9.53 -7.32
CA LEU H 248 18.82 -8.52 -8.32
C LEU H 248 17.42 -7.91 -8.15
N ILE H 249 16.42 -8.77 -8.05
CA ILE H 249 15.09 -8.34 -7.65
C ILE H 249 15.01 -8.30 -6.13
N ASN H 250 14.80 -7.11 -5.58
CA ASN H 250 14.67 -6.92 -4.14
C ASN H 250 13.68 -5.80 -3.88
N LYS H 251 13.56 -5.38 -2.62
CA LYS H 251 12.57 -4.37 -2.23
C LYS H 251 12.79 -3.08 -3.00
N GLU H 252 14.04 -2.68 -3.12
CA GLU H 252 14.35 -1.42 -3.78
C GLU H 252 14.14 -1.55 -5.28
N SER H 253 14.68 -2.60 -5.89
CA SER H 253 14.56 -2.69 -7.34
C SER H 253 13.09 -2.88 -7.75
N ILE H 254 12.30 -3.49 -6.88
CA ILE H 254 10.88 -3.70 -7.18
C ILE H 254 10.15 -2.34 -7.26
N GLN H 255 10.61 -1.37 -6.47
CA GLN H 255 9.99 -0.07 -6.47
C GLN H 255 10.30 0.70 -7.71
N LYS H 256 11.35 0.27 -8.41
CA LYS H 256 11.73 0.88 -9.67
C LYS H 256 10.97 0.32 -10.86
N MET H 257 10.32 -0.83 -10.68
CA MET H 257 9.60 -1.47 -11.78
C MET H 257 8.27 -0.77 -12.03
N LYS H 258 7.56 -1.21 -13.05
CA LYS H 258 6.29 -0.62 -13.44
C LYS H 258 5.12 -1.32 -12.76
N LYS H 259 4.24 -0.54 -12.13
CA LYS H 259 3.14 -1.10 -11.35
C LYS H 259 2.33 -2.06 -12.20
N GLY H 260 2.17 -3.28 -11.69
CA GLY H 260 1.38 -4.32 -12.32
C GLY H 260 2.21 -5.32 -13.09
N VAL H 261 3.52 -5.14 -13.04
CA VAL H 261 4.45 -5.93 -13.85
C VAL H 261 4.35 -7.41 -13.56
N MET H 262 4.44 -8.22 -14.62
CA MET H 262 4.52 -9.68 -14.49
C MET H 262 6.00 -10.07 -14.45
N LEU H 263 6.41 -10.73 -13.38
CA LEU H 263 7.81 -11.11 -13.19
C LEU H 263 7.93 -12.61 -13.37
N ILE H 264 8.84 -13.08 -14.22
CA ILE H 264 9.02 -14.52 -14.50
C ILE H 264 10.44 -14.93 -14.18
N ASN H 265 10.60 -15.96 -13.36
CA ASN H 265 11.95 -16.43 -13.11
C ASN H 265 12.11 -17.95 -13.28
N VAL H 266 12.75 -18.36 -14.36
CA VAL H 266 13.13 -19.76 -14.60
C VAL H 266 14.66 -20.04 -14.44
N SER H 267 15.45 -19.08 -13.98
CA SER H 267 16.91 -19.30 -13.90
C SER H 267 17.42 -19.85 -12.58
N ARG H 268 17.51 -18.97 -11.58
CA ARG H 268 18.12 -19.30 -10.31
C ARG H 268 17.33 -18.58 -9.24
N GLY H 269 17.01 -19.29 -8.17
CA GLY H 269 16.21 -18.70 -7.12
C GLY H 269 16.87 -17.52 -6.46
N GLY H 270 18.19 -17.54 -6.39
CA GLY H 270 18.97 -16.47 -5.79
C GLY H 270 18.80 -15.11 -6.45
N LEU H 271 18.25 -15.05 -7.66
CA LEU H 271 18.08 -13.75 -8.33
C LEU H 271 17.00 -12.92 -7.65
N ILE H 272 16.11 -13.58 -6.91
CA ILE H 272 14.99 -12.91 -6.26
C ILE H 272 15.05 -13.07 -4.76
N ASP H 273 14.88 -11.97 -4.04
CA ASP H 273 14.84 -12.01 -2.59
C ASP H 273 13.40 -12.14 -2.17
N SER H 274 13.05 -13.36 -1.74
CA SER H 274 11.65 -13.78 -1.64
C SER H 274 10.82 -13.04 -0.60
N ALA H 275 11.44 -12.63 0.50
CA ALA H 275 10.77 -11.87 1.53
C ALA H 275 10.06 -10.66 0.92
N ALA H 276 10.68 -10.08 -0.11
CA ALA H 276 10.23 -8.83 -0.70
C ALA H 276 9.00 -8.98 -1.58
N LEU H 277 8.66 -10.21 -1.94
CA LEU H 277 7.55 -10.45 -2.87
C LEU H 277 6.17 -10.14 -2.30
N PHE H 278 5.97 -10.43 -0.99
CA PHE H 278 4.63 -10.38 -0.37
C PHE H 278 4.02 -8.99 -0.32
N ASP H 279 4.75 -8.00 0.19
CA ASP H 279 4.31 -6.62 0.15
C ASP H 279 4.07 -6.16 -1.32
N ALA H 280 4.94 -6.59 -2.23
CA ALA H 280 4.90 -6.10 -3.59
C ALA H 280 3.68 -6.66 -4.28
N LEU H 281 3.37 -7.90 -3.92
CA LEU H 281 2.16 -8.54 -4.41
C LEU H 281 0.90 -7.90 -3.87
N GLU H 282 0.91 -7.56 -2.58
CA GLU H 282 -0.27 -7.01 -1.91
C GLU H 282 -0.48 -5.52 -2.25
N SER H 283 0.58 -4.81 -2.61
CA SER H 283 0.43 -3.41 -3.01
C SER H 283 0.00 -3.33 -4.45
N GLY H 284 0.16 -4.42 -5.19
CA GLY H 284 -0.12 -4.38 -6.62
C GLY H 284 1.06 -3.95 -7.50
N GLN H 285 2.20 -3.69 -6.85
CA GLN H 285 3.44 -3.34 -7.52
C GLN H 285 3.87 -4.48 -8.46
N ILE H 286 3.93 -5.71 -7.93
CA ILE H 286 3.99 -6.86 -8.81
C ILE H 286 2.57 -7.39 -9.01
N GLY H 287 2.11 -7.32 -10.25
CA GLY H 287 0.76 -7.76 -10.56
C GLY H 287 0.65 -9.27 -10.73
N ALA H 288 1.77 -9.91 -11.07
CA ALA H 288 1.78 -11.34 -11.29
C ALA H 288 3.19 -11.92 -11.23
N LEU H 289 3.29 -13.21 -10.96
CA LEU H 289 4.58 -13.85 -10.76
C LEU H 289 4.54 -15.26 -11.28
N GLY H 290 5.59 -15.70 -11.98
CA GLY H 290 5.68 -17.12 -12.20
C GLY H 290 7.12 -17.52 -12.01
N LEU H 291 7.28 -18.70 -11.39
CA LEU H 291 8.56 -19.23 -10.95
C LEU H 291 8.68 -20.70 -11.26
N ASP H 292 9.79 -21.09 -11.85
CA ASP H 292 10.19 -22.49 -11.92
C ASP H 292 11.28 -22.74 -10.86
N VAL H 293 11.64 -21.66 -10.17
CA VAL H 293 12.75 -21.67 -9.22
C VAL H 293 12.40 -20.74 -8.05
N TYR H 294 12.96 -21.08 -6.89
CA TYR H 294 12.77 -20.37 -5.63
C TYR H 294 14.06 -20.48 -4.82
N GLU H 295 14.42 -19.47 -4.04
CA GLU H 295 15.75 -19.38 -3.43
C GLU H 295 16.17 -20.56 -2.55
N ASN H 296 15.29 -21.11 -1.72
CA ASN H 296 15.70 -22.31 -0.99
C ASN H 296 15.01 -23.57 -1.51
N GLU H 297 15.67 -24.26 -2.41
CA GLU H 297 15.12 -25.45 -3.05
C GLU H 297 15.68 -26.77 -2.51
N GLY H 298 16.68 -26.68 -1.63
CA GLY H 298 17.30 -27.89 -1.08
C GLY H 298 16.42 -28.67 -0.14
N GLY H 299 16.13 -29.93 -0.46
CA GLY H 299 15.25 -30.72 0.38
C GLY H 299 13.79 -30.40 0.12
N LEU H 300 13.59 -29.30 -0.61
CA LEU H 300 12.25 -28.84 -0.93
C LEU H 300 11.79 -29.45 -2.26
N PHE H 301 12.50 -29.12 -3.33
CA PHE H 301 12.14 -29.58 -4.67
C PHE H 301 12.52 -31.04 -4.98
N PHE H 302 11.87 -31.62 -5.98
CA PHE H 302 12.10 -32.99 -6.45
C PHE H 302 11.74 -34.01 -5.38
N VAL H 303 10.91 -33.59 -4.47
CA VAL H 303 10.37 -34.43 -3.42
C VAL H 303 8.86 -34.27 -3.49
N ASP H 304 8.15 -35.38 -3.46
CA ASP H 304 6.72 -35.31 -3.26
C ASP H 304 6.51 -35.44 -1.74
N HIS H 305 6.16 -34.31 -1.12
CA HIS H 305 6.03 -34.28 0.34
C HIS H 305 4.69 -34.84 0.81
N THR H 306 3.76 -35.05 -0.11
CA THR H 306 2.44 -35.54 0.28
C THR H 306 2.47 -36.99 0.72
N LYS H 307 3.56 -37.69 0.43
CA LYS H 307 3.68 -39.09 0.81
C LYS H 307 4.09 -39.23 2.29
N PHE H 308 4.50 -38.12 2.91
CA PHE H 308 4.87 -38.11 4.32
C PHE H 308 3.68 -37.72 5.18
N ASP H 309 3.63 -38.31 6.36
CA ASP H 309 2.72 -37.83 7.37
C ASP H 309 2.97 -36.37 7.69
N PRO H 310 1.90 -35.58 7.89
CA PRO H 310 2.01 -34.14 8.17
C PRO H 310 2.95 -33.77 9.33
N SER H 311 3.06 -34.59 10.38
CA SER H 311 3.99 -34.27 11.44
C SER H 311 5.44 -34.32 10.93
N VAL H 312 5.70 -35.20 9.96
CA VAL H 312 7.01 -35.23 9.31
C VAL H 312 7.11 -34.06 8.30
N ARG H 313 6.02 -33.73 7.60
CA ARG H 313 6.09 -32.59 6.71
C ARG H 313 6.43 -31.31 7.52
N MET H 314 6.01 -31.23 8.79
CA MET H 314 6.28 -30.03 9.61
C MET H 314 7.77 -29.81 9.89
N GLN H 315 8.59 -30.83 9.65
CA GLN H 315 10.03 -30.70 9.89
C GLN H 315 10.72 -29.86 8.80
N LYS H 316 10.41 -30.13 7.53
CA LYS H 316 11.00 -29.33 6.44
C LYS H 316 10.11 -28.18 5.93
N TRP H 317 9.02 -27.88 6.65
CA TRP H 317 8.05 -26.89 6.19
C TRP H 317 8.63 -25.49 5.93
N ASP H 318 8.41 -24.96 4.73
CA ASP H 318 8.89 -23.62 4.38
C ASP H 318 7.69 -22.67 4.41
N ARG H 319 7.56 -21.88 5.47
CA ARG H 319 6.31 -21.12 5.61
C ARG H 319 6.24 -20.02 4.56
N GLN H 320 7.34 -19.33 4.32
CA GLN H 320 7.26 -18.21 3.39
C GLN H 320 7.03 -18.75 1.97
N PHE H 321 7.60 -19.91 1.63
CA PHE H 321 7.22 -20.52 0.35
C PHE H 321 5.75 -20.92 0.28
N ARG H 322 5.27 -21.59 1.31
CA ARG H 322 3.87 -22.01 1.32
C ARG H 322 2.90 -20.80 1.24
N THR H 323 3.29 -19.69 1.87
CA THR H 323 2.54 -18.45 1.81
C THR H 323 2.50 -17.91 0.37
N LEU H 324 3.67 -17.90 -0.29
CA LEU H 324 3.78 -17.42 -1.67
C LEU H 324 2.81 -18.14 -2.58
N LEU H 325 2.66 -19.46 -2.38
CA LEU H 325 1.71 -20.27 -3.15
C LEU H 325 0.26 -19.91 -2.95
N SER H 326 0.00 -19.10 -1.93
CA SER H 326 -1.37 -18.72 -1.56
C SER H 326 -2.07 -17.72 -2.50
N TYR H 327 -1.28 -16.93 -3.22
CA TYR H 327 -1.83 -15.83 -4.02
C TYR H 327 -2.42 -16.30 -5.34
N PRO H 328 -3.56 -15.72 -5.70
CA PRO H 328 -4.17 -16.18 -6.96
C PRO H 328 -3.32 -15.77 -8.20
N GLN H 329 -2.51 -14.72 -8.10
CA GLN H 329 -1.70 -14.24 -9.25
C GLN H 329 -0.25 -14.79 -9.30
N VAL H 330 0.05 -15.77 -8.45
CA VAL H 330 1.34 -16.46 -8.47
C VAL H 330 1.18 -17.85 -9.03
N LEU H 331 2.10 -18.24 -9.90
CA LEU H 331 2.08 -19.56 -10.50
C LEU H 331 3.50 -20.12 -10.45
N VAL H 332 3.64 -21.29 -9.85
CA VAL H 332 4.95 -21.91 -9.60
C VAL H 332 4.96 -23.32 -10.13
N THR H 333 6.01 -23.65 -10.88
CA THR H 333 6.24 -25.01 -11.32
C THR H 333 7.45 -25.57 -10.59
N PRO H 334 7.52 -26.90 -10.43
CA PRO H 334 8.64 -27.45 -9.65
C PRO H 334 9.90 -27.74 -10.49
N HIS H 335 10.60 -26.70 -10.96
CA HIS H 335 11.86 -26.83 -11.73
C HIS H 335 11.74 -27.78 -12.94
N THR H 336 10.69 -27.59 -13.74
CA THR H 336 10.42 -28.33 -14.98
C THR H 336 10.78 -27.60 -16.31
N ALA H 337 11.34 -26.39 -16.22
CA ALA H 337 11.68 -25.66 -17.41
C ALA H 337 12.60 -26.46 -18.38
N PHE H 338 13.50 -27.27 -17.82
CA PHE H 338 14.38 -28.10 -18.63
C PHE H 338 13.64 -29.37 -18.97
N LEU H 339 12.48 -29.58 -18.39
CA LEU H 339 11.96 -30.95 -18.45
C LEU H 339 11.07 -31.19 -19.63
N THR H 340 11.69 -31.77 -20.64
CA THR H 340 11.13 -31.88 -21.96
C THR H 340 11.65 -33.14 -22.63
N GLU H 341 10.82 -33.77 -23.47
CA GLU H 341 11.32 -34.87 -24.31
C GLU H 341 12.64 -34.49 -24.97
N GLU H 342 12.63 -33.43 -25.77
CA GLU H 342 13.81 -33.05 -26.53
C GLU H 342 15.04 -32.83 -25.61
N ALA H 343 14.88 -32.10 -24.50
CA ALA H 343 16.03 -31.85 -23.62
C ALA H 343 16.52 -33.13 -22.90
N LEU H 344 15.61 -34.03 -22.54
CA LEU H 344 16.00 -35.29 -21.90
C LEU H 344 16.79 -36.18 -22.85
N ASN H 345 16.42 -36.14 -24.13
CA ASN H 345 17.14 -36.91 -25.17
C ASN H 345 18.57 -36.45 -25.23
N ASN H 346 18.76 -35.14 -25.34
CA ASN H 346 20.09 -34.55 -25.33
C ASN H 346 20.88 -34.96 -24.10
N ILE H 347 20.26 -34.84 -22.91
CA ILE H 347 20.90 -35.21 -21.63
C ILE H 347 21.32 -36.67 -21.61
N CYS H 348 20.45 -37.53 -22.11
CA CYS H 348 20.70 -38.96 -22.24
C CYS H 348 21.88 -39.27 -23.15
N THR H 349 21.82 -38.78 -24.40
CA THR H 349 22.86 -39.10 -25.36
C THR H 349 24.17 -38.45 -24.97
N THR H 350 24.11 -37.26 -24.35
CA THR H 350 25.34 -36.63 -23.88
C THR H 350 25.95 -37.35 -22.69
N THR H 351 25.11 -37.96 -21.86
CA THR H 351 25.61 -38.72 -20.72
C THR H 351 26.25 -40.00 -21.24
N ILE H 352 25.64 -40.59 -22.27
CA ILE H 352 26.14 -41.86 -22.78
C ILE H 352 27.45 -41.62 -23.55
N GLN H 353 27.52 -40.55 -24.34
CA GLN H 353 28.77 -40.21 -25.01
C GLN H 353 29.85 -39.88 -23.98
N ASN H 354 29.45 -39.28 -22.87
CA ASN H 354 30.38 -39.02 -21.77
C ASN H 354 30.95 -40.33 -21.20
N ILE H 355 30.08 -41.31 -20.99
CA ILE H 355 30.51 -42.60 -20.48
C ILE H 355 31.49 -43.30 -21.45
N ALA H 356 31.13 -43.30 -22.73
CA ALA H 356 31.90 -43.99 -23.75
C ALA H 356 33.29 -43.40 -23.87
N ASP H 357 33.38 -42.07 -23.91
CA ASP H 357 34.67 -41.39 -24.03
C ASP H 357 35.59 -41.71 -22.85
N TYR H 358 35.02 -41.70 -21.65
CA TYR H 358 35.76 -42.07 -20.46
C TYR H 358 36.33 -43.49 -20.62
N VAL H 359 35.46 -44.43 -20.97
CA VAL H 359 35.83 -45.83 -21.17
C VAL H 359 36.87 -46.00 -22.27
N LEU H 360 36.73 -45.19 -23.31
CA LEU H 360 37.57 -45.26 -24.50
C LEU H 360 38.81 -44.39 -24.41
N ASP H 361 39.03 -43.77 -23.26
CA ASP H 361 40.24 -42.98 -23.03
C ASP H 361 40.28 -41.76 -23.94
N ARG H 362 39.13 -41.33 -24.44
CA ARG H 362 39.08 -40.11 -25.24
C ARG H 362 39.11 -38.90 -24.33
N PRO H 363 39.45 -37.74 -24.87
CA PRO H 363 39.37 -36.54 -24.03
C PRO H 363 37.92 -36.23 -23.68
N LEU H 364 37.65 -35.94 -22.42
CA LEU H 364 36.27 -35.82 -21.95
C LEU H 364 35.64 -34.50 -22.38
N GLY H 365 36.15 -33.40 -21.84
CA GLY H 365 35.65 -32.09 -22.18
C GLY H 365 34.45 -31.67 -21.35
N ASN H 366 33.72 -32.62 -20.77
CA ASN H 366 32.68 -32.24 -19.83
C ASN H 366 33.19 -32.49 -18.39
N GLU H 367 33.65 -31.41 -17.76
CA GLU H 367 34.29 -31.38 -16.44
C GLU H 367 35.19 -32.61 -16.25
#